data_5FRG
#
_entry.id   5FRG
#
_cell.length_a   1.000
_cell.length_b   1.000
_cell.length_c   1.000
_cell.angle_alpha   90.00
_cell.angle_beta   90.00
_cell.angle_gamma   90.00
#
_symmetry.space_group_name_H-M   'P 1'
#
_entity_poly.entity_id   1
_entity_poly.type   'polypeptide(L)'
_entity_poly.pdbx_seq_one_letter_code
;GPLGSHMKGPALEDFSHLPPEQRRKRLQQRIDELSRELQKEMDQKDALNKMKDVYEKNPQMGDPSSLHPKIAETTSNIER
LRMEIHKNEAWLSEVEGKVSQRSE
;
_entity_poly.pdbx_strand_id   A
#
# COMPACT_ATOMS: atom_id res chain seq x y z
N GLY A 1 17.99 -6.76 -18.31
CA GLY A 1 17.73 -7.88 -17.39
C GLY A 1 16.37 -7.74 -16.71
N PRO A 2 15.51 -8.77 -16.81
CA PRO A 2 14.17 -8.73 -16.20
C PRO A 2 14.23 -8.66 -14.68
N LEU A 3 15.33 -9.15 -14.11
CA LEU A 3 15.53 -9.12 -12.66
C LEU A 3 16.44 -7.96 -12.26
N GLY A 4 16.50 -6.93 -13.12
CA GLY A 4 17.37 -5.80 -12.87
C GLY A 4 16.75 -4.77 -11.94
N SER A 5 15.88 -5.23 -11.04
CA SER A 5 15.21 -4.37 -10.05
C SER A 5 14.62 -3.11 -10.70
N HIS A 6 13.68 -3.31 -11.61
CA HIS A 6 13.02 -2.19 -12.28
C HIS A 6 11.96 -1.59 -11.36
N MET A 7 12.41 -0.72 -10.47
CA MET A 7 11.54 -0.14 -9.45
C MET A 7 10.99 1.20 -9.89
N LYS A 8 9.80 1.53 -9.40
CA LYS A 8 9.14 2.78 -9.77
C LYS A 8 9.52 3.90 -8.80
N GLY A 9 10.73 4.41 -8.97
CA GLY A 9 11.19 5.55 -8.20
C GLY A 9 11.34 5.24 -6.72
N PRO A 10 10.59 5.94 -5.84
CA PRO A 10 10.66 5.74 -4.40
C PRO A 10 10.14 4.37 -3.97
N ALA A 11 9.37 3.73 -4.85
CA ALA A 11 8.82 2.41 -4.56
C ALA A 11 9.92 1.35 -4.66
N LEU A 12 10.64 1.16 -3.57
CA LEU A 12 11.72 0.19 -3.53
C LEU A 12 11.17 -1.20 -3.24
N GLU A 13 11.59 -2.16 -4.05
CA GLU A 13 11.27 -3.55 -3.81
C GLU A 13 12.54 -4.29 -3.40
N ASP A 14 13.28 -3.67 -2.49
CA ASP A 14 14.59 -4.18 -2.11
C ASP A 14 14.78 -4.10 -0.60
N PHE A 15 15.33 -2.98 -0.13
CA PHE A 15 15.66 -2.79 1.28
C PHE A 15 16.71 -3.81 1.75
N SER A 16 17.27 -4.56 0.82
CA SER A 16 18.20 -5.62 1.15
C SER A 16 19.63 -5.07 1.21
N HIS A 17 19.82 -3.89 0.63
CA HIS A 17 21.15 -3.27 0.60
C HIS A 17 21.54 -2.71 1.98
N LEU A 18 20.62 -2.81 2.92
CA LEU A 18 20.91 -2.48 4.31
C LEU A 18 20.70 -3.72 5.18
N PRO A 19 21.49 -3.86 6.26
CA PRO A 19 21.50 -5.07 7.09
C PRO A 19 20.16 -5.34 7.77
N PRO A 20 19.82 -6.63 7.97
CA PRO A 20 18.54 -7.07 8.52
C PRO A 20 17.99 -6.18 9.64
N GLU A 21 18.83 -5.88 10.63
CA GLU A 21 18.39 -5.11 11.80
C GLU A 21 17.96 -3.70 11.40
N GLN A 22 18.77 -3.04 10.57
CA GLN A 22 18.43 -1.72 10.05
C GLN A 22 17.26 -1.83 9.08
N ARG A 23 17.23 -2.94 8.36
CA ARG A 23 16.20 -3.22 7.38
C ARG A 23 14.81 -3.26 8.00
N ARG A 24 14.63 -4.16 8.97
CA ARG A 24 13.32 -4.34 9.61
C ARG A 24 12.85 -3.04 10.26
N LYS A 25 13.81 -2.23 10.70
CA LYS A 25 13.50 -0.95 11.33
C LYS A 25 12.86 0.00 10.31
N ARG A 26 13.33 -0.06 9.08
CA ARG A 26 12.78 0.76 8.01
C ARG A 26 11.50 0.14 7.46
N LEU A 27 11.45 -1.19 7.46
CA LEU A 27 10.26 -1.91 7.02
C LEU A 27 9.07 -1.58 7.91
N GLN A 28 9.30 -1.55 9.22
CA GLN A 28 8.25 -1.19 10.17
C GLN A 28 7.75 0.23 9.91
N GLN A 29 8.68 1.12 9.59
CA GLN A 29 8.35 2.50 9.28
C GLN A 29 7.60 2.61 7.95
N ARG A 30 7.97 1.75 6.99
CA ARG A 30 7.29 1.70 5.72
C ARG A 30 5.86 1.18 5.88
N ILE A 31 5.71 0.10 6.63
CA ILE A 31 4.39 -0.44 6.96
C ILE A 31 3.56 0.62 7.66
N ASP A 32 4.21 1.40 8.52
CA ASP A 32 3.57 2.51 9.21
C ASP A 32 2.93 3.48 8.22
N GLU A 33 3.73 3.95 7.26
CA GLU A 33 3.26 4.87 6.23
C GLU A 33 2.13 4.24 5.44
N LEU A 34 2.39 3.05 4.92
CA LEU A 34 1.47 2.38 4.02
C LEU A 34 0.14 2.04 4.70
N SER A 35 0.19 1.62 5.96
CA SER A 35 -1.03 1.28 6.69
C SER A 35 -1.85 2.54 6.98
N ARG A 36 -1.15 3.62 7.31
CA ARG A 36 -1.80 4.88 7.61
C ARG A 36 -2.34 5.51 6.32
N GLU A 37 -1.59 5.33 5.24
CA GLU A 37 -1.99 5.81 3.92
C GLU A 37 -3.22 5.01 3.45
N LEU A 38 -3.13 3.70 3.62
CA LEU A 38 -4.20 2.79 3.21
C LEU A 38 -5.48 3.09 3.98
N GLN A 39 -5.35 3.40 5.26
CA GLN A 39 -6.51 3.74 6.10
C GLN A 39 -7.31 4.87 5.46
N LYS A 40 -6.61 5.81 4.83
CA LYS A 40 -7.26 6.92 4.14
C LYS A 40 -8.04 6.41 2.93
N GLU A 41 -7.38 5.58 2.14
CA GLU A 41 -7.97 5.07 0.89
C GLU A 41 -9.14 4.13 1.17
N MET A 42 -9.01 3.27 2.17
CA MET A 42 -10.09 2.37 2.54
C MET A 42 -11.33 3.16 2.95
N ASP A 43 -11.11 4.22 3.72
CA ASP A 43 -12.20 5.11 4.12
C ASP A 43 -12.75 5.86 2.91
N GLN A 44 -11.84 6.30 2.05
CA GLN A 44 -12.21 7.05 0.85
C GLN A 44 -13.13 6.21 -0.04
N LYS A 45 -12.85 4.92 -0.14
CA LYS A 45 -13.67 4.03 -0.94
C LYS A 45 -15.09 3.94 -0.39
N ASP A 46 -15.20 3.75 0.92
CA ASP A 46 -16.51 3.66 1.56
C ASP A 46 -17.27 4.98 1.40
N ALA A 47 -16.52 6.07 1.48
CA ALA A 47 -17.08 7.40 1.27
C ALA A 47 -17.59 7.55 -0.16
N LEU A 48 -16.84 7.01 -1.10
CA LEU A 48 -17.21 7.07 -2.51
C LEU A 48 -18.40 6.16 -2.79
N ASN A 49 -18.42 4.98 -2.17
CA ASN A 49 -19.55 4.06 -2.29
C ASN A 49 -20.80 4.69 -1.70
N LYS A 50 -20.65 5.37 -0.57
CA LYS A 50 -21.74 6.11 0.04
C LYS A 50 -22.17 7.25 -0.85
N MET A 51 -21.18 7.99 -1.37
CA MET A 51 -21.43 9.12 -2.25
C MET A 51 -22.18 8.67 -3.51
N LYS A 52 -21.75 7.56 -4.08
CA LYS A 52 -22.39 6.99 -5.26
C LYS A 52 -23.87 6.72 -4.98
N ASP A 53 -24.14 6.13 -3.82
CA ASP A 53 -25.51 5.84 -3.40
C ASP A 53 -26.34 7.11 -3.31
N VAL A 54 -25.71 8.18 -2.83
CA VAL A 54 -26.38 9.48 -2.74
C VAL A 54 -26.75 9.97 -4.13
N TYR A 55 -25.83 9.81 -5.08
CA TYR A 55 -26.07 10.21 -6.47
C TYR A 55 -27.16 9.36 -7.10
N GLU A 56 -27.36 8.16 -6.56
CA GLU A 56 -28.38 7.25 -7.06
C GLU A 56 -29.75 7.59 -6.46
N LYS A 57 -29.79 7.74 -5.13
CA LYS A 57 -31.03 8.07 -4.44
C LYS A 57 -31.44 9.51 -4.72
N ASN A 58 -30.45 10.38 -4.83
CA ASN A 58 -30.71 11.79 -5.09
C ASN A 58 -29.75 12.33 -6.14
N PRO A 59 -30.15 12.30 -7.42
CA PRO A 59 -29.40 12.90 -8.54
C PRO A 59 -29.08 14.38 -8.33
N GLN A 60 -29.57 14.95 -7.22
CA GLN A 60 -29.27 16.34 -6.84
C GLN A 60 -27.77 16.61 -6.85
N MET A 61 -26.99 15.58 -6.53
CA MET A 61 -25.54 15.71 -6.47
C MET A 61 -24.93 15.67 -7.86
N GLY A 62 -25.42 14.76 -8.69
CA GLY A 62 -24.91 14.63 -10.03
C GLY A 62 -25.08 13.22 -10.58
N ASP A 63 -24.14 12.80 -11.40
CA ASP A 63 -24.19 11.49 -12.03
C ASP A 63 -23.23 10.51 -11.35
N PRO A 64 -23.73 9.32 -10.94
CA PRO A 64 -22.94 8.31 -10.23
C PRO A 64 -21.85 7.68 -11.09
N SER A 65 -22.07 7.65 -12.41
CA SER A 65 -21.10 7.05 -13.31
C SER A 65 -19.83 7.90 -13.35
N SER A 66 -19.98 9.19 -13.08
CA SER A 66 -18.84 10.09 -13.01
C SER A 66 -17.99 9.79 -11.78
N LEU A 67 -18.53 8.99 -10.86
CA LEU A 67 -17.82 8.59 -9.66
C LEU A 67 -17.20 7.21 -9.83
N HIS A 68 -17.44 6.59 -10.98
CA HIS A 68 -16.89 5.27 -11.26
C HIS A 68 -15.35 5.32 -11.33
N PRO A 69 -14.75 6.30 -12.04
CA PRO A 69 -13.29 6.48 -12.02
C PRO A 69 -12.76 6.72 -10.60
N LYS A 70 -13.55 7.44 -9.80
CA LYS A 70 -13.19 7.71 -8.41
C LYS A 70 -12.98 6.41 -7.65
N ILE A 71 -14.00 5.57 -7.62
CA ILE A 71 -13.96 4.32 -6.87
C ILE A 71 -12.89 3.40 -7.43
N ALA A 72 -12.78 3.35 -8.76
CA ALA A 72 -11.81 2.49 -9.42
C ALA A 72 -10.39 2.79 -8.95
N GLU A 73 -9.97 4.05 -9.10
CA GLU A 73 -8.62 4.45 -8.70
C GLU A 73 -8.42 4.32 -7.20
N THR A 74 -9.43 4.70 -6.44
CA THR A 74 -9.38 4.60 -4.99
C THR A 74 -9.12 3.16 -4.54
N THR A 75 -9.81 2.22 -5.17
CA THR A 75 -9.63 0.81 -4.87
C THR A 75 -8.26 0.32 -5.36
N SER A 76 -7.80 0.89 -6.47
CA SER A 76 -6.52 0.54 -7.03
C SER A 76 -5.38 0.97 -6.09
N ASN A 77 -5.55 2.12 -5.47
CA ASN A 77 -4.59 2.59 -4.47
C ASN A 77 -4.66 1.71 -3.22
N ILE A 78 -5.86 1.27 -2.88
CA ILE A 78 -6.06 0.34 -1.78
C ILE A 78 -5.25 -0.93 -1.99
N GLU A 79 -5.41 -1.53 -3.17
CA GLU A 79 -4.65 -2.72 -3.54
C GLU A 79 -3.15 -2.43 -3.52
N ARG A 80 -2.78 -1.33 -4.16
CA ARG A 80 -1.39 -0.89 -4.27
C ARG A 80 -0.74 -0.79 -2.90
N LEU A 81 -1.38 -0.09 -1.99
CA LEU A 81 -0.82 0.13 -0.66
C LEU A 81 -0.79 -1.16 0.16
N ARG A 82 -1.83 -1.98 0.04
CA ARG A 82 -1.91 -3.23 0.79
C ARG A 82 -0.83 -4.21 0.36
N MET A 83 -0.58 -4.31 -0.94
CA MET A 83 0.43 -5.23 -1.44
C MET A 83 1.83 -4.75 -1.07
N GLU A 84 1.98 -3.44 -0.89
CA GLU A 84 3.26 -2.89 -0.45
C GLU A 84 3.48 -3.19 1.02
N ILE A 85 2.39 -3.36 1.77
CA ILE A 85 2.49 -3.83 3.13
C ILE A 85 2.93 -5.29 3.13
N HIS A 86 2.34 -6.07 2.22
CA HIS A 86 2.64 -7.49 2.09
C HIS A 86 4.12 -7.72 1.75
N LYS A 87 4.67 -6.92 0.84
CA LYS A 87 6.07 -7.07 0.45
C LYS A 87 6.98 -6.88 1.66
N ASN A 88 6.63 -5.91 2.50
CA ASN A 88 7.40 -5.62 3.72
C ASN A 88 7.30 -6.79 4.69
N GLU A 89 6.08 -7.29 4.89
CA GLU A 89 5.86 -8.44 5.76
C GLU A 89 6.61 -9.66 5.24
N ALA A 90 6.67 -9.80 3.92
CA ALA A 90 7.37 -10.90 3.30
C ALA A 90 8.86 -10.86 3.63
N TRP A 91 9.44 -9.67 3.60
CA TRP A 91 10.84 -9.50 3.95
C TRP A 91 11.04 -9.71 5.44
N LEU A 92 10.10 -9.24 6.25
CA LEU A 92 10.14 -9.43 7.70
C LEU A 92 10.15 -10.90 8.05
N SER A 93 9.42 -11.70 7.26
CA SER A 93 9.39 -13.15 7.42
C SER A 93 10.81 -13.72 7.38
N GLU A 94 11.65 -13.11 6.55
CA GLU A 94 13.04 -13.52 6.45
C GLU A 94 13.89 -12.85 7.52
N VAL A 95 13.75 -11.52 7.62
CA VAL A 95 14.58 -10.73 8.53
C VAL A 95 14.45 -11.17 9.98
N GLU A 96 13.23 -11.34 10.43
CA GLU A 96 12.99 -11.69 11.83
C GLU A 96 13.32 -13.16 12.09
N GLY A 97 13.55 -13.90 11.01
CA GLY A 97 13.98 -15.27 11.14
C GLY A 97 15.48 -15.37 11.26
N LYS A 98 16.16 -14.28 10.92
CA LYS A 98 17.61 -14.22 10.96
C LYS A 98 18.10 -12.86 11.45
N VAL A 99 17.78 -12.54 12.69
CA VAL A 99 18.15 -11.24 13.26
C VAL A 99 19.64 -11.18 13.61
N SER A 100 20.28 -12.34 13.65
CA SER A 100 21.71 -12.42 13.92
C SER A 100 22.50 -12.29 12.63
N GLN A 101 23.57 -11.52 12.68
CA GLN A 101 24.42 -11.31 11.50
C GLN A 101 25.43 -12.44 11.37
N ARG A 102 24.94 -13.67 11.32
CA ARG A 102 25.78 -14.85 11.20
C ARG A 102 26.72 -14.99 12.41
N SER A 103 27.80 -15.74 12.26
CA SER A 103 28.74 -15.96 13.35
C SER A 103 29.50 -14.69 13.67
N GLU A 104 30.22 -14.70 14.78
CA GLU A 104 31.00 -13.56 15.21
C GLU A 104 32.48 -13.84 15.01
N GLY A 1 17.58 -3.57 -11.37
CA GLY A 1 17.10 -4.91 -11.78
C GLY A 1 17.38 -5.19 -13.23
N PRO A 2 16.67 -6.16 -13.83
CA PRO A 2 16.83 -6.48 -15.25
C PRO A 2 16.24 -5.41 -16.15
N LEU A 3 17.01 -4.34 -16.37
CA LEU A 3 16.59 -3.19 -17.16
C LEU A 3 15.43 -2.45 -16.48
N GLY A 4 14.22 -2.96 -16.62
CA GLY A 4 13.06 -2.36 -16.00
C GLY A 4 12.67 -1.04 -16.65
N SER A 5 12.01 -1.12 -17.79
CA SER A 5 11.56 0.07 -18.49
C SER A 5 10.40 0.73 -17.74
N HIS A 6 9.50 -0.10 -17.24
CA HIS A 6 8.39 0.38 -16.43
C HIS A 6 7.81 -0.77 -15.61
N MET A 7 7.64 -1.92 -16.28
CA MET A 7 7.16 -3.15 -15.65
C MET A 7 5.69 -3.02 -15.23
N LYS A 8 5.45 -2.31 -14.14
CA LYS A 8 4.10 -2.10 -13.62
C LYS A 8 4.16 -1.12 -12.46
N GLY A 9 4.83 -1.54 -11.39
CA GLY A 9 5.03 -0.68 -10.25
C GLY A 9 6.07 -1.25 -9.31
N PRO A 10 7.36 -1.22 -9.72
CA PRO A 10 8.45 -1.83 -8.94
C PRO A 10 8.68 -1.14 -7.61
N ALA A 11 9.25 0.07 -7.66
CA ALA A 11 9.55 0.85 -6.45
C ALA A 11 10.26 -0.02 -5.41
N LEU A 12 11.42 -0.55 -5.77
CA LEU A 12 12.13 -1.46 -4.91
C LEU A 12 12.98 -0.70 -3.88
N GLU A 13 12.55 -0.77 -2.63
CA GLU A 13 13.30 -0.17 -1.53
C GLU A 13 13.62 -1.24 -0.49
N ASP A 14 14.18 -2.34 -0.98
CA ASP A 14 14.54 -3.48 -0.15
C ASP A 14 15.57 -3.13 0.92
N PHE A 15 16.34 -2.07 0.64
CA PHE A 15 17.33 -1.54 1.58
C PHE A 15 18.42 -2.57 1.90
N SER A 16 18.80 -3.39 0.93
CA SER A 16 19.82 -4.42 1.13
C SER A 16 21.19 -3.82 1.48
N HIS A 17 21.38 -2.53 1.20
CA HIS A 17 22.65 -1.90 1.57
C HIS A 17 22.62 -1.44 3.02
N LEU A 18 21.45 -1.54 3.65
CA LEU A 18 21.33 -1.35 5.08
C LEU A 18 21.51 -2.69 5.78
N PRO A 19 22.26 -2.71 6.89
CA PRO A 19 22.43 -3.92 7.70
C PRO A 19 21.08 -4.45 8.19
N PRO A 20 20.92 -5.78 8.24
CA PRO A 20 19.66 -6.46 8.58
C PRO A 20 18.84 -5.76 9.67
N GLU A 21 19.48 -5.41 10.78
CA GLU A 21 18.81 -4.79 11.91
C GLU A 21 18.14 -3.47 11.52
N GLN A 22 18.89 -2.59 10.88
CA GLN A 22 18.36 -1.29 10.46
C GLN A 22 17.45 -1.46 9.24
N ARG A 23 17.75 -2.47 8.43
CA ARG A 23 16.95 -2.77 7.25
C ARG A 23 15.51 -3.09 7.64
N ARG A 24 15.35 -4.06 8.53
CA ARG A 24 14.02 -4.48 8.97
C ARG A 24 13.32 -3.35 9.72
N LYS A 25 14.09 -2.47 10.32
CA LYS A 25 13.52 -1.31 10.99
C LYS A 25 12.82 -0.42 9.97
N ARG A 26 13.51 -0.18 8.85
CA ARG A 26 12.95 0.60 7.75
C ARG A 26 11.68 -0.05 7.23
N LEU A 27 11.72 -1.37 7.07
CA LEU A 27 10.57 -2.14 6.62
C LEU A 27 9.39 -1.97 7.57
N GLN A 28 9.67 -2.02 8.86
CA GLN A 28 8.64 -1.84 9.87
C GLN A 28 8.04 -0.43 9.82
N GLN A 29 8.90 0.57 9.58
CA GLN A 29 8.43 1.95 9.43
C GLN A 29 7.47 2.05 8.26
N ARG A 30 7.84 1.40 7.15
CA ARG A 30 7.00 1.37 5.96
C ARG A 30 5.68 0.66 6.25
N ILE A 31 5.75 -0.54 6.82
CA ILE A 31 4.56 -1.32 7.10
C ILE A 31 3.59 -0.56 8.02
N ASP A 32 4.12 0.02 9.08
CA ASP A 32 3.29 0.81 10.00
C ASP A 32 2.63 1.98 9.26
N GLU A 33 3.41 2.64 8.42
CA GLU A 33 2.92 3.74 7.60
C GLU A 33 1.85 3.26 6.62
N LEU A 34 2.19 2.25 5.85
CA LEU A 34 1.33 1.73 4.80
C LEU A 34 0.05 1.10 5.38
N SER A 35 0.17 0.48 6.55
CA SER A 35 -0.99 -0.11 7.20
C SER A 35 -2.01 0.96 7.56
N ARG A 36 -1.51 2.09 8.04
CA ARG A 36 -2.36 3.23 8.38
C ARG A 36 -2.90 3.88 7.12
N GLU A 37 -2.02 4.02 6.13
CA GLU A 37 -2.37 4.67 4.88
C GLU A 37 -3.40 3.86 4.10
N LEU A 38 -3.16 2.57 3.98
CA LEU A 38 -4.04 1.68 3.24
C LEU A 38 -5.40 1.58 3.91
N GLN A 39 -5.42 1.56 5.23
CA GLN A 39 -6.67 1.53 5.98
C GLN A 39 -7.57 2.68 5.55
N LYS A 40 -6.99 3.87 5.45
CA LYS A 40 -7.72 5.06 5.02
C LYS A 40 -8.25 4.89 3.60
N GLU A 41 -7.40 4.41 2.71
CA GLU A 41 -7.77 4.26 1.30
C GLU A 41 -8.84 3.19 1.10
N MET A 42 -8.69 2.05 1.76
CA MET A 42 -9.68 0.98 1.65
C MET A 42 -11.01 1.42 2.22
N ASP A 43 -10.96 2.12 3.35
CA ASP A 43 -12.17 2.62 3.99
C ASP A 43 -12.82 3.70 3.13
N GLN A 44 -12.00 4.50 2.47
CA GLN A 44 -12.49 5.55 1.59
C GLN A 44 -13.17 4.95 0.37
N LYS A 45 -12.66 3.82 -0.11
CA LYS A 45 -13.27 3.15 -1.26
C LYS A 45 -14.70 2.74 -0.95
N ASP A 46 -14.91 2.22 0.26
CA ASP A 46 -16.25 1.83 0.70
C ASP A 46 -17.11 3.08 0.89
N ALA A 47 -16.49 4.14 1.40
CA ALA A 47 -17.17 5.41 1.55
C ALA A 47 -17.61 5.95 0.20
N LEU A 48 -16.73 5.83 -0.78
CA LEU A 48 -17.01 6.25 -2.14
C LEU A 48 -18.17 5.45 -2.72
N ASN A 49 -18.21 4.15 -2.42
CA ASN A 49 -19.31 3.30 -2.85
C ASN A 49 -20.61 3.74 -2.20
N LYS A 50 -20.56 4.01 -0.90
CA LYS A 50 -21.72 4.51 -0.17
C LYS A 50 -22.20 5.82 -0.76
N MET A 51 -21.27 6.74 -0.95
CA MET A 51 -21.56 8.07 -1.48
C MET A 51 -22.14 7.97 -2.89
N LYS A 52 -21.54 7.12 -3.72
CA LYS A 52 -22.03 6.90 -5.07
C LYS A 52 -23.45 6.38 -5.05
N ASP A 53 -23.71 5.45 -4.13
CA ASP A 53 -25.03 4.88 -3.97
C ASP A 53 -26.04 5.96 -3.58
N VAL A 54 -25.61 6.90 -2.76
CA VAL A 54 -26.46 8.03 -2.39
C VAL A 54 -26.75 8.88 -3.62
N TYR A 55 -25.73 9.12 -4.43
CA TYR A 55 -25.88 9.90 -5.66
C TYR A 55 -26.82 9.24 -6.65
N GLU A 56 -26.77 7.92 -6.71
CA GLU A 56 -27.60 7.16 -7.64
C GLU A 56 -29.06 7.12 -7.16
N LYS A 57 -29.25 7.08 -5.86
CA LYS A 57 -30.59 7.08 -5.29
C LYS A 57 -31.12 8.50 -5.18
N ASN A 58 -30.21 9.46 -5.06
CA ASN A 58 -30.57 10.85 -4.88
C ASN A 58 -29.76 11.74 -5.81
N PRO A 59 -30.23 11.93 -7.06
CA PRO A 59 -29.58 12.82 -8.04
C PRO A 59 -29.40 14.25 -7.52
N GLN A 60 -30.09 14.56 -6.42
CA GLN A 60 -29.96 15.84 -5.74
C GLN A 60 -28.52 16.09 -5.31
N MET A 61 -27.78 15.01 -5.07
CA MET A 61 -26.41 15.11 -4.57
C MET A 61 -25.43 15.48 -5.68
N GLY A 62 -25.84 15.27 -6.92
CA GLY A 62 -24.98 15.58 -8.04
C GLY A 62 -24.93 14.46 -9.07
N ASP A 63 -23.74 14.11 -9.50
CA ASP A 63 -23.56 13.11 -10.54
C ASP A 63 -22.65 11.97 -10.06
N PRO A 64 -23.19 10.74 -10.01
CA PRO A 64 -22.44 9.57 -9.55
C PRO A 64 -21.35 9.13 -10.53
N SER A 65 -21.49 9.54 -11.79
CA SER A 65 -20.51 9.20 -12.81
C SER A 65 -19.19 9.91 -12.53
N SER A 66 -19.28 11.10 -11.98
CA SER A 66 -18.12 11.90 -11.64
C SER A 66 -17.35 11.29 -10.46
N LEU A 67 -17.96 10.32 -9.79
CA LEU A 67 -17.33 9.65 -8.68
C LEU A 67 -16.51 8.46 -9.17
N HIS A 68 -16.78 8.02 -10.39
CA HIS A 68 -16.08 6.87 -10.98
C HIS A 68 -14.55 7.12 -11.06
N PRO A 69 -14.10 8.24 -11.65
CA PRO A 69 -12.65 8.54 -11.75
C PRO A 69 -12.00 8.68 -10.38
N LYS A 70 -12.81 8.97 -9.37
CA LYS A 70 -12.32 9.10 -8.01
C LYS A 70 -12.01 7.72 -7.43
N ILE A 71 -12.97 6.80 -7.58
CA ILE A 71 -12.80 5.43 -7.10
C ILE A 71 -11.66 4.75 -7.85
N ALA A 72 -11.46 5.14 -9.10
CA ALA A 72 -10.37 4.63 -9.91
C ALA A 72 -9.03 4.83 -9.22
N GLU A 73 -8.75 6.06 -8.82
CA GLU A 73 -7.53 6.39 -8.09
C GLU A 73 -7.48 5.66 -6.75
N THR A 74 -8.59 5.72 -6.03
CA THR A 74 -8.71 5.07 -4.74
C THR A 74 -8.36 3.59 -4.81
N THR A 75 -8.84 2.92 -5.85
CA THR A 75 -8.55 1.50 -6.05
C THR A 75 -7.08 1.29 -6.42
N SER A 76 -6.56 2.16 -7.29
CA SER A 76 -5.18 2.07 -7.73
C SER A 76 -4.22 2.32 -6.56
N ASN A 77 -4.58 3.26 -5.70
CA ASN A 77 -3.78 3.57 -4.52
C ASN A 77 -3.79 2.39 -3.55
N ILE A 78 -4.96 1.77 -3.41
CA ILE A 78 -5.10 0.58 -2.58
C ILE A 78 -4.18 -0.54 -3.07
N GLU A 79 -4.25 -0.83 -4.37
CA GLU A 79 -3.42 -1.88 -4.97
C GLU A 79 -1.94 -1.61 -4.71
N ARG A 80 -1.55 -0.35 -4.84
CA ARG A 80 -0.17 0.05 -4.60
C ARG A 80 0.23 -0.23 -3.16
N LEU A 81 -0.50 0.34 -2.22
CA LEU A 81 -0.16 0.25 -0.81
C LEU A 81 -0.14 -1.19 -0.33
N ARG A 82 -1.08 -2.00 -0.81
CA ARG A 82 -1.18 -3.39 -0.38
C ARG A 82 -0.01 -4.22 -0.87
N MET A 83 0.46 -3.96 -2.09
CA MET A 83 1.59 -4.69 -2.62
C MET A 83 2.89 -4.23 -1.96
N GLU A 84 2.94 -2.94 -1.62
CA GLU A 84 4.09 -2.39 -0.91
C GLU A 84 4.26 -3.08 0.43
N ILE A 85 3.15 -3.27 1.13
CA ILE A 85 3.14 -4.01 2.38
C ILE A 85 3.69 -5.42 2.18
N HIS A 86 3.17 -6.11 1.17
CA HIS A 86 3.58 -7.48 0.91
C HIS A 86 5.07 -7.56 0.58
N LYS A 87 5.55 -6.58 -0.17
CA LYS A 87 6.98 -6.49 -0.49
C LYS A 87 7.81 -6.41 0.79
N ASN A 88 7.41 -5.53 1.70
CA ASN A 88 8.10 -5.37 2.98
C ASN A 88 8.05 -6.65 3.78
N GLU A 89 6.90 -7.31 3.77
CA GLU A 89 6.75 -8.59 4.46
C GLU A 89 7.68 -9.64 3.86
N ALA A 90 7.79 -9.62 2.53
CA ALA A 90 8.66 -10.55 1.82
C ALA A 90 10.11 -10.36 2.21
N TRP A 91 10.55 -9.10 2.25
CA TRP A 91 11.91 -8.79 2.65
C TRP A 91 12.13 -9.14 4.12
N LEU A 92 11.11 -8.92 4.94
CA LEU A 92 11.18 -9.30 6.36
C LEU A 92 11.48 -10.77 6.52
N SER A 93 10.79 -11.60 5.73
CA SER A 93 10.96 -13.04 5.80
C SER A 93 12.42 -13.43 5.54
N GLU A 94 13.12 -12.60 4.79
CA GLU A 94 14.53 -12.82 4.51
C GLU A 94 15.41 -12.34 5.66
N VAL A 95 15.01 -11.22 6.27
CA VAL A 95 15.78 -10.63 7.36
C VAL A 95 15.56 -11.40 8.66
N GLU A 96 14.50 -12.21 8.71
CA GLU A 96 14.21 -13.03 9.87
C GLU A 96 15.35 -14.01 10.14
N GLY A 97 16.04 -14.40 9.08
CA GLY A 97 17.18 -15.29 9.23
C GLY A 97 18.48 -14.52 9.35
N LYS A 98 18.36 -13.23 9.65
CA LYS A 98 19.53 -12.37 9.80
C LYS A 98 19.55 -11.72 11.18
N VAL A 99 18.80 -12.31 12.10
CA VAL A 99 18.67 -11.75 13.45
C VAL A 99 19.46 -12.59 14.45
N SER A 100 20.48 -12.00 15.03
CA SER A 100 21.29 -12.66 16.05
C SER A 100 21.34 -11.80 17.30
N GLN A 101 20.17 -11.53 17.87
CA GLN A 101 20.08 -10.70 19.07
C GLN A 101 20.11 -11.56 20.31
N ARG A 102 19.93 -12.87 20.13
CA ARG A 102 20.01 -13.82 21.22
C ARG A 102 21.31 -13.64 21.98
N SER A 103 21.19 -13.19 23.22
CA SER A 103 22.35 -12.85 24.02
C SER A 103 22.80 -14.05 24.86
N GLU A 104 24.02 -13.96 25.35
CA GLU A 104 24.58 -15.01 26.18
C GLU A 104 24.35 -14.71 27.65
N GLY A 1 13.35 5.09 -21.37
CA GLY A 1 14.33 5.58 -22.37
C GLY A 1 15.67 4.90 -22.22
N PRO A 2 16.77 5.64 -22.41
CA PRO A 2 18.12 5.09 -22.29
C PRO A 2 18.55 4.91 -20.83
N LEU A 3 19.73 4.31 -20.63
CA LEU A 3 20.29 4.03 -19.30
C LEU A 3 19.53 2.90 -18.59
N GLY A 4 18.21 3.04 -18.50
CA GLY A 4 17.40 2.03 -17.86
C GLY A 4 17.00 2.42 -16.46
N SER A 5 17.23 1.53 -15.51
CA SER A 5 16.91 1.79 -14.12
C SER A 5 17.94 2.74 -13.52
N HIS A 6 17.45 3.73 -12.77
CA HIS A 6 18.32 4.69 -12.11
C HIS A 6 19.06 4.02 -10.96
N MET A 7 18.36 3.11 -10.28
CA MET A 7 18.97 2.30 -9.24
C MET A 7 18.30 0.92 -9.21
N LYS A 8 17.08 0.87 -8.68
CA LYS A 8 16.32 -0.37 -8.64
C LYS A 8 14.89 -0.13 -9.09
N GLY A 9 14.23 0.84 -8.46
CA GLY A 9 12.87 1.16 -8.80
C GLY A 9 12.07 1.56 -7.58
N PRO A 10 10.79 1.92 -7.76
CA PRO A 10 9.91 2.32 -6.64
C PRO A 10 9.60 1.15 -5.72
N ALA A 11 10.44 0.97 -4.70
CA ALA A 11 10.34 -0.16 -3.78
C ALA A 11 10.40 -1.48 -4.55
N LEU A 12 11.59 -1.77 -5.08
CA LEU A 12 11.79 -2.96 -5.89
C LEU A 12 11.62 -4.20 -5.04
N GLU A 13 11.01 -5.23 -5.61
CA GLU A 13 10.70 -6.46 -4.89
C GLU A 13 11.97 -7.27 -4.64
N ASP A 14 12.76 -6.86 -3.64
CA ASP A 14 13.88 -7.65 -3.17
C ASP A 14 14.40 -7.09 -1.85
N PHE A 15 14.93 -5.85 -1.88
CA PHE A 15 15.63 -5.26 -0.74
C PHE A 15 16.72 -6.18 -0.18
N SER A 16 17.07 -7.21 -0.95
CA SER A 16 18.07 -8.18 -0.53
C SER A 16 19.45 -7.62 -0.78
N HIS A 17 19.50 -6.60 -1.62
CA HIS A 17 20.74 -5.89 -1.91
C HIS A 17 21.12 -4.98 -0.74
N LEU A 18 20.26 -4.96 0.28
CA LEU A 18 20.51 -4.18 1.48
C LEU A 18 20.89 -5.10 2.63
N PRO A 19 21.90 -4.72 3.43
CA PRO A 19 22.28 -5.47 4.62
C PRO A 19 21.13 -5.48 5.63
N PRO A 20 21.01 -6.54 6.44
CA PRO A 20 19.88 -6.74 7.36
C PRO A 20 19.48 -5.47 8.12
N GLU A 21 20.46 -4.79 8.70
CA GLU A 21 20.22 -3.58 9.47
C GLU A 21 19.56 -2.50 8.61
N GLN A 22 20.14 -2.25 7.44
CA GLN A 22 19.63 -1.21 6.55
C GLN A 22 18.34 -1.67 5.88
N ARG A 23 18.23 -2.97 5.68
CA ARG A 23 17.06 -3.56 5.03
C ARG A 23 15.80 -3.26 5.83
N ARG A 24 15.80 -3.66 7.10
CA ARG A 24 14.65 -3.44 7.97
C ARG A 24 14.40 -1.94 8.14
N LYS A 25 15.47 -1.15 8.09
CA LYS A 25 15.38 0.29 8.20
C LYS A 25 14.53 0.86 7.07
N ARG A 26 14.82 0.42 5.85
CA ARG A 26 14.07 0.84 4.68
C ARG A 26 12.67 0.25 4.69
N LEU A 27 12.57 -1.02 5.08
CA LEU A 27 11.29 -1.72 5.15
C LEU A 27 10.31 -0.98 6.05
N GLN A 28 10.79 -0.51 7.20
CA GLN A 28 9.95 0.25 8.12
C GLN A 28 9.47 1.54 7.50
N GLN A 29 10.35 2.20 6.74
CA GLN A 29 10.00 3.45 6.07
C GLN A 29 9.03 3.19 4.92
N ARG A 30 9.23 2.07 4.23
CA ARG A 30 8.32 1.68 3.15
C ARG A 30 6.93 1.40 3.71
N ILE A 31 6.87 0.55 4.74
CA ILE A 31 5.60 0.22 5.39
C ILE A 31 4.92 1.47 5.92
N ASP A 32 5.68 2.32 6.59
CA ASP A 32 5.14 3.55 7.16
C ASP A 32 4.51 4.42 6.09
N GLU A 33 5.22 4.56 4.97
CA GLU A 33 4.74 5.37 3.86
C GLU A 33 3.51 4.75 3.22
N LEU A 34 3.59 3.46 2.96
CA LEU A 34 2.52 2.74 2.28
C LEU A 34 1.27 2.65 3.16
N SER A 35 1.46 2.44 4.45
CA SER A 35 0.33 2.38 5.38
C SER A 35 -0.28 3.77 5.55
N ARG A 36 0.57 4.78 5.43
CA ARG A 36 0.13 6.17 5.48
C ARG A 36 -0.79 6.47 4.30
N GLU A 37 -0.35 6.02 3.13
CA GLU A 37 -1.11 6.17 1.90
C GLU A 37 -2.37 5.31 1.98
N LEU A 38 -2.21 4.12 2.54
CA LEU A 38 -3.31 3.17 2.72
C LEU A 38 -4.41 3.77 3.59
N GLN A 39 -4.00 4.38 4.70
CA GLN A 39 -4.93 5.01 5.63
C GLN A 39 -5.80 6.05 4.92
N LYS A 40 -5.22 6.71 3.93
CA LYS A 40 -5.93 7.71 3.16
C LYS A 40 -7.01 7.07 2.30
N GLU A 41 -6.63 6.08 1.50
CA GLU A 41 -7.55 5.53 0.51
C GLU A 41 -8.53 4.53 1.14
N MET A 42 -8.16 3.92 2.27
CA MET A 42 -9.12 3.07 2.98
C MET A 42 -10.26 3.92 3.53
N ASP A 43 -9.91 5.06 4.10
CA ASP A 43 -10.88 6.02 4.57
C ASP A 43 -11.67 6.58 3.40
N GLN A 44 -10.95 6.92 2.35
CA GLN A 44 -11.56 7.47 1.13
C GLN A 44 -12.58 6.50 0.54
N LYS A 45 -12.25 5.21 0.54
CA LYS A 45 -13.15 4.20 -0.01
C LYS A 45 -14.46 4.20 0.76
N ASP A 46 -14.36 4.07 2.08
CA ASP A 46 -15.53 4.03 2.94
C ASP A 46 -16.35 5.31 2.80
N ALA A 47 -15.67 6.42 2.54
CA ALA A 47 -16.33 7.68 2.27
C ALA A 47 -17.07 7.61 0.94
N LEU A 48 -16.41 7.06 -0.07
CA LEU A 48 -17.01 6.87 -1.38
C LEU A 48 -18.17 5.87 -1.29
N ASN A 49 -18.02 4.89 -0.41
CA ASN A 49 -19.07 3.92 -0.13
C ASN A 49 -20.36 4.63 0.27
N LYS A 50 -20.24 5.58 1.18
CA LYS A 50 -21.39 6.34 1.66
C LYS A 50 -21.83 7.36 0.62
N MET A 51 -20.84 7.97 -0.04
CA MET A 51 -21.11 8.95 -1.09
C MET A 51 -21.97 8.32 -2.20
N LYS A 52 -21.58 7.14 -2.64
CA LYS A 52 -22.36 6.40 -3.62
C LYS A 52 -23.76 6.14 -3.10
N ASP A 53 -23.83 5.73 -1.84
CA ASP A 53 -25.10 5.43 -1.20
C ASP A 53 -26.04 6.64 -1.20
N VAL A 54 -25.46 7.83 -1.11
CA VAL A 54 -26.25 9.06 -1.23
C VAL A 54 -26.72 9.24 -2.66
N TYR A 55 -25.78 9.17 -3.61
CA TYR A 55 -26.09 9.35 -5.03
C TYR A 55 -27.14 8.34 -5.51
N GLU A 56 -27.09 7.13 -4.96
CA GLU A 56 -28.00 6.06 -5.37
C GLU A 56 -29.43 6.33 -4.90
N LYS A 57 -29.61 6.56 -3.61
CA LYS A 57 -30.94 6.75 -3.06
C LYS A 57 -31.42 8.18 -3.26
N ASN A 58 -30.46 9.08 -3.39
CA ASN A 58 -30.75 10.49 -3.61
C ASN A 58 -29.92 11.03 -4.78
N PRO A 59 -30.35 10.74 -6.03
CA PRO A 59 -29.69 11.24 -7.25
C PRO A 59 -29.54 12.77 -7.31
N GLN A 60 -30.06 13.46 -6.31
CA GLN A 60 -29.93 14.91 -6.20
C GLN A 60 -28.47 15.35 -6.27
N MET A 61 -27.57 14.48 -5.81
CA MET A 61 -26.15 14.80 -5.77
C MET A 61 -25.47 14.51 -7.10
N GLY A 62 -26.12 13.71 -7.94
CA GLY A 62 -25.55 13.38 -9.22
C GLY A 62 -25.83 11.95 -9.62
N ASP A 63 -24.94 11.38 -10.41
CA ASP A 63 -25.12 10.02 -10.89
C ASP A 63 -24.16 9.08 -10.17
N PRO A 64 -24.69 8.00 -9.58
CA PRO A 64 -23.88 7.01 -8.86
C PRO A 64 -22.81 6.37 -9.74
N SER A 65 -23.06 6.35 -11.03
CA SER A 65 -22.14 5.78 -12.00
C SER A 65 -20.87 6.60 -12.10
N SER A 66 -20.97 7.91 -11.83
CA SER A 66 -19.81 8.79 -11.89
C SER A 66 -18.84 8.49 -10.76
N LEU A 67 -19.32 7.79 -9.75
CA LEU A 67 -18.52 7.46 -8.59
C LEU A 67 -17.88 6.09 -8.75
N HIS A 68 -18.31 5.33 -9.75
CA HIS A 68 -17.79 3.99 -9.98
C HIS A 68 -16.30 4.01 -10.27
N PRO A 69 -15.82 4.85 -11.23
CA PRO A 69 -14.38 4.98 -11.51
C PRO A 69 -13.61 5.50 -10.30
N LYS A 70 -14.30 6.21 -9.42
CA LYS A 70 -13.70 6.73 -8.20
C LYS A 70 -13.45 5.59 -7.21
N ILE A 71 -14.48 4.78 -6.99
CA ILE A 71 -14.36 3.64 -6.09
C ILE A 71 -13.44 2.57 -6.67
N ALA A 72 -13.51 2.40 -7.98
CA ALA A 72 -12.66 1.44 -8.69
C ALA A 72 -11.19 1.69 -8.39
N GLU A 73 -10.73 2.92 -8.65
CA GLU A 73 -9.36 3.30 -8.35
C GLU A 73 -9.06 3.10 -6.88
N THR A 74 -9.85 3.75 -6.04
CA THR A 74 -9.65 3.75 -4.60
C THR A 74 -9.46 2.32 -4.06
N THR A 75 -10.37 1.43 -4.40
CA THR A 75 -10.30 0.06 -3.91
C THR A 75 -9.08 -0.68 -4.46
N SER A 76 -8.82 -0.52 -5.76
CA SER A 76 -7.72 -1.21 -6.40
C SER A 76 -6.38 -0.69 -5.90
N ASN A 77 -6.32 0.61 -5.59
CA ASN A 77 -5.12 1.21 -5.05
C ASN A 77 -4.82 0.67 -3.66
N ILE A 78 -5.89 0.46 -2.90
CA ILE A 78 -5.77 -0.14 -1.57
C ILE A 78 -5.10 -1.51 -1.66
N GLU A 79 -5.61 -2.34 -2.57
CA GLU A 79 -5.06 -3.67 -2.77
C GLU A 79 -3.60 -3.62 -3.19
N ARG A 80 -3.26 -2.63 -4.01
CA ARG A 80 -1.90 -2.46 -4.50
C ARG A 80 -0.96 -2.05 -3.36
N LEU A 81 -1.44 -1.19 -2.49
CA LEU A 81 -0.67 -0.77 -1.33
C LEU A 81 -0.43 -1.95 -0.39
N ARG A 82 -1.50 -2.69 -0.11
CA ARG A 82 -1.44 -3.82 0.81
C ARG A 82 -0.47 -4.89 0.32
N MET A 83 -0.41 -5.10 -0.99
CA MET A 83 0.46 -6.13 -1.55
C MET A 83 1.93 -5.71 -1.43
N GLU A 84 2.17 -4.42 -1.30
CA GLU A 84 3.52 -3.90 -1.10
C GLU A 84 3.88 -3.96 0.37
N ILE A 85 2.94 -3.59 1.23
CA ILE A 85 3.14 -3.62 2.67
C ILE A 85 3.45 -5.05 3.12
N HIS A 86 2.66 -5.99 2.63
CA HIS A 86 2.79 -7.40 3.01
C HIS A 86 4.17 -7.93 2.63
N LYS A 87 4.71 -7.47 1.51
CA LYS A 87 6.06 -7.86 1.11
C LYS A 87 7.06 -7.50 2.19
N ASN A 88 7.05 -6.23 2.56
CA ASN A 88 7.98 -5.70 3.57
C ASN A 88 7.79 -6.39 4.91
N GLU A 89 6.53 -6.68 5.26
CA GLU A 89 6.23 -7.39 6.50
C GLU A 89 6.80 -8.81 6.45
N ALA A 90 6.65 -9.46 5.31
CA ALA A 90 7.17 -10.81 5.11
C ALA A 90 8.69 -10.82 5.21
N TRP A 91 9.32 -9.79 4.65
CA TRP A 91 10.77 -9.67 4.72
C TRP A 91 11.21 -9.31 6.13
N LEU A 92 10.41 -8.52 6.85
CA LEU A 92 10.67 -8.23 8.26
C LEU A 92 10.72 -9.51 9.06
N SER A 93 9.76 -10.38 8.79
CA SER A 93 9.70 -11.69 9.44
C SER A 93 11.02 -12.45 9.27
N GLU A 94 11.70 -12.18 8.16
CA GLU A 94 12.99 -12.78 7.89
C GLU A 94 14.11 -12.00 8.57
N VAL A 95 14.14 -10.68 8.37
CA VAL A 95 15.22 -9.85 8.89
C VAL A 95 15.25 -9.83 10.41
N GLU A 96 14.09 -9.65 11.02
CA GLU A 96 14.00 -9.55 12.47
C GLU A 96 14.41 -10.87 13.10
N GLY A 97 14.05 -11.98 12.46
CA GLY A 97 14.46 -13.28 12.94
C GLY A 97 15.89 -13.62 12.53
N LYS A 98 16.47 -12.77 11.70
CA LYS A 98 17.83 -12.96 11.23
C LYS A 98 18.81 -12.30 12.20
N VAL A 99 18.35 -11.25 12.86
CA VAL A 99 19.19 -10.52 13.81
C VAL A 99 18.81 -10.87 15.25
N SER A 100 17.52 -10.99 15.53
CA SER A 100 17.06 -11.30 16.87
C SER A 100 16.91 -12.80 17.06
N GLN A 101 17.48 -13.31 18.14
CA GLN A 101 17.38 -14.72 18.45
C GLN A 101 15.98 -15.04 18.97
N ARG A 102 15.29 -15.92 18.29
CA ARG A 102 13.92 -16.25 18.64
C ARG A 102 13.86 -17.54 19.45
N SER A 103 14.26 -17.45 20.70
CA SER A 103 14.24 -18.59 21.61
C SER A 103 12.84 -18.77 22.19
N GLU A 104 12.08 -17.69 22.19
CA GLU A 104 10.74 -17.70 22.72
C GLU A 104 9.85 -16.79 21.88
N GLY A 1 7.51 -3.24 -27.81
CA GLY A 1 7.15 -4.61 -27.36
C GLY A 1 6.36 -4.60 -26.08
N PRO A 2 6.15 -5.77 -25.46
CA PRO A 2 5.36 -5.89 -24.22
C PRO A 2 6.04 -5.23 -23.03
N LEU A 3 7.36 -5.28 -23.00
CA LEU A 3 8.12 -4.69 -21.91
C LEU A 3 8.36 -3.21 -22.16
N GLY A 4 8.41 -2.43 -21.10
CA GLY A 4 8.65 -1.01 -21.22
C GLY A 4 8.02 -0.23 -20.10
N SER A 5 6.78 -0.55 -19.78
CA SER A 5 6.05 0.14 -18.72
C SER A 5 6.34 -0.53 -17.38
N HIS A 6 7.62 -0.64 -17.04
CA HIS A 6 8.03 -1.26 -15.79
C HIS A 6 7.96 -0.23 -14.66
N MET A 7 6.75 0.30 -14.44
CA MET A 7 6.52 1.27 -13.39
C MET A 7 5.27 0.92 -12.62
N LYS A 8 4.85 -0.34 -12.74
CA LYS A 8 3.62 -0.81 -12.12
C LYS A 8 3.88 -1.28 -10.70
N GLY A 9 5.11 -1.09 -10.25
CA GLY A 9 5.47 -1.41 -8.89
C GLY A 9 6.06 -0.22 -8.18
N PRO A 10 6.00 -0.18 -6.84
CA PRO A 10 6.56 0.92 -6.04
C PRO A 10 8.08 1.04 -6.20
N ALA A 11 8.70 -0.04 -6.67
CA ALA A 11 10.13 -0.08 -6.98
C ALA A 11 10.97 0.05 -5.72
N LEU A 12 10.37 -0.14 -4.56
CA LEU A 12 11.09 -0.06 -3.31
C LEU A 12 11.50 -1.44 -2.85
N GLU A 13 12.80 -1.72 -2.96
CA GLU A 13 13.37 -2.99 -2.52
C GLU A 13 14.77 -2.70 -2.02
N ASP A 14 14.89 -1.54 -1.40
CA ASP A 14 16.17 -0.97 -1.05
C ASP A 14 16.50 -1.25 0.41
N PHE A 15 17.04 -0.24 1.09
CA PHE A 15 17.42 -0.34 2.51
C PHE A 15 18.60 -1.29 2.69
N SER A 16 19.22 -1.68 1.58
CA SER A 16 20.33 -2.63 1.61
C SER A 16 21.60 -1.99 2.16
N HIS A 17 21.60 -0.65 2.23
CA HIS A 17 22.74 0.08 2.76
C HIS A 17 22.56 0.35 4.25
N LEU A 18 21.54 -0.26 4.84
CA LEU A 18 21.27 -0.08 6.26
C LEU A 18 21.66 -1.31 7.04
N PRO A 19 22.47 -1.14 8.11
CA PRO A 19 22.83 -2.24 9.01
C PRO A 19 21.59 -2.82 9.68
N PRO A 20 21.60 -4.13 9.99
CA PRO A 20 20.43 -4.87 10.46
C PRO A 20 19.48 -4.08 11.38
N GLU A 21 19.99 -3.61 12.52
CA GLU A 21 19.13 -2.97 13.51
C GLU A 21 18.58 -1.64 13.00
N GLN A 22 19.41 -0.86 12.33
CA GLN A 22 18.97 0.40 11.76
C GLN A 22 17.99 0.15 10.62
N ARG A 23 18.23 -0.92 9.89
CA ARG A 23 17.39 -1.32 8.78
C ARG A 23 15.98 -1.63 9.26
N ARG A 24 15.86 -2.59 10.19
CA ARG A 24 14.55 -3.02 10.65
C ARG A 24 13.82 -1.88 11.36
N LYS A 25 14.58 -0.95 11.92
CA LYS A 25 13.99 0.24 12.53
C LYS A 25 13.26 1.07 11.47
N ARG A 26 13.94 1.32 10.35
CA ARG A 26 13.37 2.10 9.26
C ARG A 26 12.26 1.31 8.56
N LEU A 27 12.46 0.00 8.44
CA LEU A 27 11.48 -0.87 7.83
C LEU A 27 10.13 -0.77 8.53
N GLN A 28 10.14 -0.94 9.85
CA GLN A 28 8.91 -0.89 10.62
C GLN A 28 8.33 0.52 10.59
N GLN A 29 9.20 1.52 10.48
CA GLN A 29 8.78 2.91 10.34
C GLN A 29 8.05 3.11 9.02
N ARG A 30 8.55 2.47 7.97
CA ARG A 30 7.90 2.53 6.66
C ARG A 30 6.51 1.94 6.74
N ILE A 31 6.39 0.82 7.45
CA ILE A 31 5.10 0.18 7.67
C ILE A 31 4.13 1.14 8.36
N ASP A 32 4.58 1.74 9.45
CA ASP A 32 3.77 2.71 10.18
C ASP A 32 3.38 3.88 9.29
N GLU A 33 4.35 4.38 8.54
CA GLU A 33 4.13 5.50 7.61
C GLU A 33 3.06 5.12 6.59
N LEU A 34 3.26 3.97 5.96
CA LEU A 34 2.36 3.50 4.91
C LEU A 34 0.98 3.19 5.46
N SER A 35 0.93 2.63 6.66
CA SER A 35 -0.33 2.29 7.30
C SER A 35 -1.21 3.55 7.45
N ARG A 36 -0.56 4.67 7.75
CA ARG A 36 -1.27 5.94 7.89
C ARG A 36 -1.85 6.39 6.56
N GLU A 37 -1.02 6.35 5.51
CA GLU A 37 -1.43 6.78 4.18
C GLU A 37 -2.46 5.80 3.62
N LEU A 38 -2.28 4.52 3.92
CA LEU A 38 -3.21 3.48 3.53
C LEU A 38 -4.58 3.74 4.13
N GLN A 39 -4.58 4.07 5.42
CA GLN A 39 -5.82 4.36 6.14
C GLN A 39 -6.58 5.50 5.47
N LYS A 40 -5.85 6.47 4.95
CA LYS A 40 -6.45 7.60 4.26
C LYS A 40 -7.19 7.14 3.02
N GLU A 41 -6.54 6.35 2.17
CA GLU A 41 -7.14 5.88 0.94
C GLU A 41 -8.25 4.88 1.20
N MET A 42 -8.09 4.05 2.24
CA MET A 42 -9.13 3.08 2.60
C MET A 42 -10.39 3.80 3.06
N ASP A 43 -10.21 4.83 3.87
CA ASP A 43 -11.33 5.64 4.35
C ASP A 43 -11.91 6.46 3.21
N GLN A 44 -11.03 6.90 2.31
CA GLN A 44 -11.44 7.65 1.14
C GLN A 44 -12.31 6.80 0.23
N LYS A 45 -11.94 5.53 0.07
CA LYS A 45 -12.72 4.61 -0.74
C LYS A 45 -14.10 4.39 -0.12
N ASP A 46 -14.13 4.33 1.21
CA ASP A 46 -15.40 4.23 1.93
C ASP A 46 -16.29 5.42 1.61
N ALA A 47 -15.69 6.61 1.64
CA ALA A 47 -16.39 7.83 1.30
C ALA A 47 -16.83 7.82 -0.17
N LEU A 48 -15.95 7.34 -1.04
CA LEU A 48 -16.24 7.26 -2.47
C LEU A 48 -17.37 6.28 -2.74
N ASN A 49 -17.36 5.15 -2.04
CA ASN A 49 -18.43 4.16 -2.19
C ASN A 49 -19.74 4.70 -1.64
N LYS A 50 -19.66 5.43 -0.53
CA LYS A 50 -20.83 6.09 0.03
C LYS A 50 -21.42 7.08 -0.97
N MET A 51 -20.56 7.93 -1.50
CA MET A 51 -20.98 8.92 -2.49
C MET A 51 -21.52 8.25 -3.73
N LYS A 52 -20.89 7.15 -4.13
CA LYS A 52 -21.37 6.34 -5.24
C LYS A 52 -22.79 5.86 -4.96
N ASP A 53 -23.00 5.36 -3.74
CA ASP A 53 -24.30 4.86 -3.32
C ASP A 53 -25.35 5.97 -3.41
N VAL A 54 -24.96 7.18 -3.04
CA VAL A 54 -25.83 8.34 -3.13
C VAL A 54 -26.25 8.58 -4.59
N TYR A 55 -25.30 8.43 -5.51
CA TYR A 55 -25.58 8.64 -6.93
C TYR A 55 -26.45 7.52 -7.50
N GLU A 56 -26.34 6.34 -6.92
CA GLU A 56 -27.15 5.20 -7.35
C GLU A 56 -28.59 5.34 -6.87
N LYS A 57 -28.75 5.71 -5.61
CA LYS A 57 -30.07 5.89 -5.03
C LYS A 57 -30.70 7.20 -5.49
N ASN A 58 -29.88 8.23 -5.62
CA ASN A 58 -30.35 9.52 -6.08
C ASN A 58 -29.52 10.00 -7.27
N PRO A 59 -29.94 9.61 -8.49
CA PRO A 59 -29.26 10.04 -9.73
C PRO A 59 -29.33 11.55 -9.94
N GLN A 60 -30.02 12.22 -9.03
CA GLN A 60 -30.11 13.68 -9.03
C GLN A 60 -28.72 14.30 -8.88
N MET A 61 -27.82 13.56 -8.23
CA MET A 61 -26.46 14.03 -8.02
C MET A 61 -25.61 13.78 -9.26
N GLY A 62 -26.10 12.94 -10.14
CA GLY A 62 -25.36 12.57 -11.33
C GLY A 62 -25.34 11.08 -11.55
N ASP A 63 -24.38 10.61 -12.32
CA ASP A 63 -24.26 9.18 -12.58
C ASP A 63 -23.03 8.63 -11.88
N PRO A 64 -23.20 7.54 -11.10
CA PRO A 64 -22.13 6.95 -10.30
C PRO A 64 -20.96 6.41 -11.14
N SER A 65 -21.17 6.24 -12.44
CA SER A 65 -20.11 5.75 -13.32
C SER A 65 -18.95 6.75 -13.36
N SER A 66 -19.29 8.04 -13.23
CA SER A 66 -18.29 9.09 -13.25
C SER A 66 -17.39 9.01 -12.01
N LEU A 67 -17.84 8.29 -11.01
CA LEU A 67 -17.10 8.15 -9.76
C LEU A 67 -16.27 6.87 -9.76
N HIS A 68 -16.55 5.99 -10.72
CA HIS A 68 -15.86 4.70 -10.81
C HIS A 68 -14.34 4.87 -11.01
N PRO A 69 -13.89 5.73 -11.97
CA PRO A 69 -12.46 5.98 -12.19
C PRO A 69 -11.74 6.42 -10.92
N LYS A 70 -12.47 7.10 -10.03
CA LYS A 70 -11.92 7.54 -8.76
C LYS A 70 -11.73 6.35 -7.83
N ILE A 71 -12.77 5.53 -7.71
CA ILE A 71 -12.73 4.36 -6.85
C ILE A 71 -11.66 3.38 -7.34
N ALA A 72 -11.53 3.27 -8.66
CA ALA A 72 -10.55 2.39 -9.28
C ALA A 72 -9.12 2.74 -8.82
N GLU A 73 -8.71 3.99 -9.04
CA GLU A 73 -7.36 4.40 -8.67
C GLU A 73 -7.19 4.42 -7.15
N THR A 74 -8.26 4.74 -6.44
CA THR A 74 -8.25 4.73 -4.99
C THR A 74 -7.94 3.33 -4.47
N THR A 75 -8.56 2.33 -5.09
CA THR A 75 -8.29 0.93 -4.76
C THR A 75 -6.87 0.56 -5.18
N SER A 76 -6.42 1.11 -6.30
CA SER A 76 -5.08 0.86 -6.81
C SER A 76 -4.03 1.40 -5.84
N ASN A 77 -4.29 2.57 -5.27
CA ASN A 77 -3.40 3.16 -4.28
C ASN A 77 -3.34 2.29 -3.03
N ILE A 78 -4.51 1.86 -2.58
CA ILE A 78 -4.63 0.99 -1.42
C ILE A 78 -3.74 -0.24 -1.58
N GLU A 79 -3.92 -0.95 -2.68
CA GLU A 79 -3.17 -2.18 -2.93
C GLU A 79 -1.68 -1.90 -3.12
N ARG A 80 -1.35 -0.70 -3.57
CA ARG A 80 0.04 -0.29 -3.77
C ARG A 80 0.77 -0.28 -2.42
N LEU A 81 0.28 0.52 -1.48
CA LEU A 81 0.90 0.60 -0.17
C LEU A 81 0.91 -0.75 0.54
N ARG A 82 -0.12 -1.55 0.30
CA ARG A 82 -0.23 -2.86 0.95
C ARG A 82 0.95 -3.75 0.61
N MET A 83 1.36 -3.77 -0.66
CA MET A 83 2.47 -4.61 -1.07
C MET A 83 3.77 -4.05 -0.50
N GLU A 84 3.86 -2.72 -0.40
CA GLU A 84 5.02 -2.08 0.17
C GLU A 84 5.19 -2.47 1.64
N ILE A 85 4.08 -2.50 2.35
CA ILE A 85 4.08 -2.92 3.75
C ILE A 85 4.56 -4.36 3.88
N HIS A 86 3.99 -5.24 3.06
CA HIS A 86 4.30 -6.66 3.14
C HIS A 86 5.78 -6.92 2.85
N LYS A 87 6.35 -6.16 1.93
CA LYS A 87 7.77 -6.28 1.61
C LYS A 87 8.61 -5.96 2.83
N ASN A 88 8.26 -4.89 3.53
CA ASN A 88 8.97 -4.49 4.74
C ASN A 88 8.79 -5.51 5.85
N GLU A 89 7.59 -6.06 5.95
CA GLU A 89 7.30 -7.10 6.95
C GLU A 89 8.22 -8.30 6.73
N ALA A 90 8.47 -8.62 5.47
CA ALA A 90 9.33 -9.72 5.11
C ALA A 90 10.78 -9.42 5.50
N TRP A 91 11.26 -8.23 5.15
CA TRP A 91 12.63 -7.85 5.45
C TRP A 91 12.85 -7.75 6.96
N LEU A 92 11.81 -7.34 7.69
CA LEU A 92 11.86 -7.29 9.15
C LEU A 92 12.24 -8.65 9.73
N SER A 93 11.70 -9.70 9.12
CA SER A 93 11.99 -11.05 9.57
C SER A 93 13.41 -11.46 9.18
N GLU A 94 13.83 -11.03 7.98
CA GLU A 94 15.16 -11.34 7.48
C GLU A 94 16.24 -10.73 8.36
N VAL A 95 15.96 -9.54 8.87
CA VAL A 95 16.89 -8.84 9.76
C VAL A 95 17.09 -9.63 11.06
N GLU A 96 16.06 -10.37 11.45
CA GLU A 96 16.10 -11.14 12.69
C GLU A 96 16.70 -12.51 12.45
N GLY A 97 17.21 -12.74 11.24
CA GLY A 97 17.90 -13.97 10.94
C GLY A 97 19.17 -14.11 11.74
N LYS A 98 19.69 -12.98 12.23
CA LYS A 98 20.88 -12.98 13.07
C LYS A 98 20.54 -13.35 14.52
N VAL A 99 19.26 -13.42 14.82
CA VAL A 99 18.81 -13.83 16.15
C VAL A 99 18.66 -15.35 16.18
N SER A 100 17.87 -15.86 15.26
CA SER A 100 17.66 -17.29 15.15
C SER A 100 18.51 -17.85 14.00
N GLN A 101 19.77 -18.09 14.29
CA GLN A 101 20.70 -18.58 13.29
C GLN A 101 20.50 -20.07 13.04
N ARG A 102 20.77 -20.87 14.05
CA ARG A 102 20.59 -22.31 13.95
C ARG A 102 19.16 -22.70 14.28
N SER A 103 18.25 -22.29 13.40
CA SER A 103 16.83 -22.56 13.60
C SER A 103 16.49 -23.99 13.18
N GLU A 104 16.86 -24.94 14.02
CA GLU A 104 16.55 -26.35 13.76
C GLU A 104 15.47 -26.81 14.71
N GLY A 1 -3.93 -4.86 -12.84
CA GLY A 1 -3.21 -4.79 -11.55
C GLY A 1 -1.71 -5.00 -11.71
N PRO A 2 -0.93 -4.84 -10.65
CA PRO A 2 0.52 -5.05 -10.68
C PRO A 2 0.88 -6.53 -10.62
N LEU A 3 0.96 -7.16 -11.78
CA LEU A 3 1.32 -8.56 -11.87
C LEU A 3 2.77 -8.77 -11.46
N GLY A 4 2.97 -9.56 -10.42
CA GLY A 4 4.30 -9.81 -9.92
C GLY A 4 4.44 -9.34 -8.49
N SER A 5 4.68 -8.04 -8.32
CA SER A 5 4.80 -7.43 -7.01
C SER A 5 5.99 -8.01 -6.23
N HIS A 6 6.94 -8.58 -6.95
CA HIS A 6 8.18 -9.07 -6.34
C HIS A 6 9.28 -8.03 -6.52
N MET A 7 9.71 -7.89 -7.76
CA MET A 7 10.71 -6.88 -8.11
C MET A 7 10.05 -5.77 -8.93
N LYS A 8 8.96 -6.11 -9.59
CA LYS A 8 8.21 -5.14 -10.39
C LYS A 8 7.28 -4.35 -9.50
N GLY A 9 7.52 -3.05 -9.43
CA GLY A 9 6.71 -2.18 -8.61
C GLY A 9 7.49 -0.96 -8.19
N PRO A 10 7.13 -0.34 -7.07
CA PRO A 10 7.84 0.82 -6.55
C PRO A 10 9.17 0.42 -5.93
N ALA A 11 10.22 0.38 -6.73
CA ALA A 11 11.56 0.02 -6.28
C ALA A 11 12.20 1.15 -5.48
N LEU A 12 11.43 1.71 -4.58
CA LEU A 12 11.89 2.79 -3.71
C LEU A 12 12.32 2.24 -2.37
N GLU A 13 12.92 3.10 -1.56
CA GLU A 13 13.21 2.82 -0.15
C GLU A 13 14.37 1.83 0.02
N ASP A 14 14.13 0.56 -0.29
CA ASP A 14 15.12 -0.51 -0.13
C ASP A 14 15.41 -0.82 1.33
N PHE A 15 15.87 0.20 2.06
CA PHE A 15 16.24 0.09 3.47
C PHE A 15 17.48 -0.78 3.65
N SER A 16 18.17 -1.07 2.55
CA SER A 16 19.29 -1.99 2.54
C SER A 16 20.51 -1.40 3.23
N HIS A 17 20.52 -0.08 3.42
CA HIS A 17 21.63 0.57 4.12
C HIS A 17 21.45 0.43 5.63
N LEU A 18 20.40 -0.27 6.04
CA LEU A 18 20.13 -0.51 7.43
C LEU A 18 20.55 -1.92 7.83
N PRO A 19 21.24 -2.06 8.96
CA PRO A 19 21.59 -3.37 9.52
C PRO A 19 20.35 -4.23 9.74
N PRO A 20 20.49 -5.56 9.66
CA PRO A 20 19.36 -6.51 9.74
C PRO A 20 18.30 -6.12 10.77
N GLU A 21 18.73 -5.94 12.01
CA GLU A 21 17.80 -5.64 13.10
C GLU A 21 17.10 -4.31 12.87
N GLN A 22 17.86 -3.29 12.49
CA GLN A 22 17.31 -1.95 12.29
C GLN A 22 16.44 -1.90 11.04
N ARG A 23 16.84 -2.63 10.01
CA ARG A 23 16.10 -2.66 8.76
C ARG A 23 14.70 -3.20 8.99
N ARG A 24 14.60 -4.37 9.61
CA ARG A 24 13.31 -4.99 9.88
C ARG A 24 12.52 -4.20 10.90
N LYS A 25 13.23 -3.47 11.76
CA LYS A 25 12.57 -2.60 12.74
C LYS A 25 11.83 -1.48 12.01
N ARG A 26 12.47 -0.93 10.99
CA ARG A 26 11.84 0.10 10.17
C ARG A 26 10.76 -0.51 9.29
N LEU A 27 10.96 -1.75 8.87
CA LEU A 27 9.98 -2.45 8.04
C LEU A 27 8.69 -2.68 8.80
N GLN A 28 8.80 -3.05 10.07
CA GLN A 28 7.63 -3.32 10.90
C GLN A 28 6.74 -2.09 11.03
N GLN A 29 7.35 -0.93 11.27
CA GLN A 29 6.59 0.30 11.39
C GLN A 29 6.17 0.81 10.01
N ARG A 30 6.87 0.35 8.98
CA ARG A 30 6.52 0.70 7.61
C ARG A 30 5.28 -0.06 7.19
N ILE A 31 5.22 -1.34 7.53
CA ILE A 31 4.02 -2.14 7.30
C ILE A 31 2.86 -1.57 8.11
N ASP A 32 3.15 -1.18 9.35
CA ASP A 32 2.15 -0.53 10.21
C ASP A 32 1.58 0.70 9.52
N GLU A 33 2.46 1.48 8.90
CA GLU A 33 2.06 2.67 8.16
C GLU A 33 1.17 2.28 6.98
N LEU A 34 1.69 1.41 6.12
CA LEU A 34 1.02 1.05 4.88
C LEU A 34 -0.30 0.32 5.12
N SER A 35 -0.36 -0.51 6.15
CA SER A 35 -1.58 -1.26 6.45
C SER A 35 -2.72 -0.32 6.83
N ARG A 36 -2.43 0.65 7.70
CA ARG A 36 -3.43 1.63 8.10
C ARG A 36 -3.69 2.62 6.96
N GLU A 37 -2.69 2.81 6.10
CA GLU A 37 -2.84 3.65 4.95
C GLU A 37 -3.82 3.01 3.97
N LEU A 38 -3.62 1.72 3.75
CA LEU A 38 -4.50 0.92 2.92
C LEU A 38 -5.91 0.92 3.49
N GLN A 39 -5.99 0.88 4.82
CA GLN A 39 -7.26 0.93 5.52
C GLN A 39 -8.05 2.18 5.12
N LYS A 40 -7.37 3.31 5.03
CA LYS A 40 -8.02 4.56 4.65
C LYS A 40 -8.55 4.48 3.23
N GLU A 41 -7.70 4.03 2.32
CA GLU A 41 -8.05 3.95 0.90
C GLU A 41 -9.15 2.92 0.66
N MET A 42 -9.07 1.77 1.31
CA MET A 42 -10.09 0.74 1.17
C MET A 42 -11.42 1.24 1.69
N ASP A 43 -11.40 1.89 2.85
CA ASP A 43 -12.60 2.47 3.43
C ASP A 43 -13.16 3.54 2.51
N GLN A 44 -12.26 4.37 1.99
CA GLN A 44 -12.63 5.46 1.09
C GLN A 44 -13.26 4.93 -0.18
N LYS A 45 -12.69 3.88 -0.77
CA LYS A 45 -13.24 3.30 -2.00
C LYS A 45 -14.63 2.75 -1.75
N ASP A 46 -14.81 2.06 -0.64
CA ASP A 46 -16.11 1.49 -0.30
C ASP A 46 -17.13 2.60 -0.11
N ALA A 47 -16.67 3.72 0.44
CA ALA A 47 -17.50 4.91 0.60
C ALA A 47 -17.79 5.52 -0.76
N LEU A 48 -16.77 5.59 -1.61
CA LEU A 48 -16.90 6.15 -2.95
C LEU A 48 -17.86 5.34 -3.81
N ASN A 49 -17.81 4.02 -3.67
CA ASN A 49 -18.73 3.14 -4.39
C ASN A 49 -20.17 3.48 -4.04
N LYS A 50 -20.44 3.61 -2.76
CA LYS A 50 -21.77 3.95 -2.27
C LYS A 50 -22.11 5.39 -2.63
N MET A 51 -21.13 6.28 -2.48
CA MET A 51 -21.29 7.69 -2.82
C MET A 51 -21.73 7.84 -4.27
N LYS A 52 -21.01 7.17 -5.17
CA LYS A 52 -21.33 7.20 -6.59
C LYS A 52 -22.75 6.72 -6.83
N ASP A 53 -23.11 5.62 -6.16
CA ASP A 53 -24.44 5.04 -6.30
C ASP A 53 -25.53 6.03 -5.88
N VAL A 54 -25.25 6.80 -4.83
CA VAL A 54 -26.16 7.82 -4.39
C VAL A 54 -26.31 8.90 -5.44
N TYR A 55 -25.17 9.33 -6.01
CA TYR A 55 -25.18 10.36 -7.05
C TYR A 55 -25.92 9.90 -8.31
N GLU A 56 -25.81 8.61 -8.62
CA GLU A 56 -26.47 8.06 -9.80
C GLU A 56 -27.98 8.02 -9.62
N LYS A 57 -28.43 7.42 -8.53
CA LYS A 57 -29.86 7.26 -8.29
C LYS A 57 -30.46 8.55 -7.76
N ASN A 58 -29.63 9.41 -7.21
CA ASN A 58 -30.07 10.70 -6.69
C ASN A 58 -29.11 11.82 -7.08
N PRO A 59 -29.29 12.39 -8.29
CA PRO A 59 -28.53 13.56 -8.76
C PRO A 59 -28.56 14.75 -7.79
N GLN A 60 -29.30 14.63 -6.70
CA GLN A 60 -29.42 15.68 -5.69
C GLN A 60 -28.06 16.15 -5.17
N MET A 61 -27.06 15.27 -5.21
CA MET A 61 -25.75 15.58 -4.65
C MET A 61 -24.78 16.06 -5.73
N GLY A 62 -25.16 15.89 -6.99
CA GLY A 62 -24.30 16.31 -8.07
C GLY A 62 -24.17 15.26 -9.16
N ASP A 63 -22.98 15.18 -9.74
CA ASP A 63 -22.72 14.26 -10.85
C ASP A 63 -21.86 13.09 -10.41
N PRO A 64 -22.33 11.86 -10.67
CA PRO A 64 -21.62 10.63 -10.29
C PRO A 64 -20.36 10.40 -11.12
N SER A 65 -20.33 10.96 -12.32
CA SER A 65 -19.20 10.77 -13.21
C SER A 65 -17.98 11.53 -12.68
N SER A 66 -18.25 12.61 -11.94
CA SER A 66 -17.20 13.41 -11.33
C SER A 66 -16.52 12.65 -10.19
N LEU A 67 -17.14 11.56 -9.76
CA LEU A 67 -16.60 10.75 -8.69
C LEU A 67 -15.76 9.61 -9.24
N HIS A 68 -15.70 9.51 -10.56
CA HIS A 68 -14.91 8.46 -11.21
C HIS A 68 -13.40 8.66 -10.95
N PRO A 69 -12.86 9.90 -11.15
CA PRO A 69 -11.45 10.18 -10.82
C PRO A 69 -11.14 9.91 -9.35
N LYS A 70 -12.16 10.07 -8.50
CA LYS A 70 -12.04 9.77 -7.09
C LYS A 70 -11.77 8.28 -6.88
N ILE A 71 -12.63 7.46 -7.45
CA ILE A 71 -12.49 6.01 -7.36
C ILE A 71 -11.20 5.56 -8.05
N ALA A 72 -10.85 6.26 -9.13
CA ALA A 72 -9.64 5.95 -9.88
C ALA A 72 -8.39 6.00 -9.01
N GLU A 73 -8.12 7.15 -8.39
CA GLU A 73 -6.93 7.31 -7.58
C GLU A 73 -7.00 6.45 -6.33
N THR A 74 -8.17 6.36 -5.74
CA THR A 74 -8.38 5.58 -4.54
C THR A 74 -8.06 4.11 -4.79
N THR A 75 -8.53 3.58 -5.91
CA THR A 75 -8.22 2.21 -6.31
C THR A 75 -6.73 2.05 -6.58
N SER A 76 -6.16 3.04 -7.27
CA SER A 76 -4.75 3.01 -7.64
C SER A 76 -3.86 2.94 -6.40
N ASN A 77 -4.26 3.63 -5.34
CA ASN A 77 -3.52 3.61 -4.08
C ASN A 77 -3.63 2.23 -3.44
N ILE A 78 -4.82 1.66 -3.48
CA ILE A 78 -5.07 0.32 -2.95
C ILE A 78 -4.15 -0.69 -3.62
N GLU A 79 -4.09 -0.63 -4.95
CA GLU A 79 -3.22 -1.51 -5.72
C GLU A 79 -1.76 -1.37 -5.29
N ARG A 80 -1.32 -0.13 -5.11
CA ARG A 80 0.05 0.15 -4.74
C ARG A 80 0.36 -0.30 -3.32
N LEU A 81 -0.45 0.14 -2.36
CA LEU A 81 -0.20 -0.14 -0.96
C LEU A 81 -0.17 -1.64 -0.69
N ARG A 82 -1.01 -2.41 -1.38
CA ARG A 82 -1.05 -3.85 -1.20
C ARG A 82 0.25 -4.51 -1.67
N MET A 83 0.82 -4.04 -2.76
CA MET A 83 2.07 -4.61 -3.25
C MET A 83 3.26 -4.08 -2.44
N GLU A 84 3.11 -2.91 -1.84
CA GLU A 84 4.17 -2.34 -1.03
C GLU A 84 4.23 -3.01 0.33
N ILE A 85 3.09 -3.47 0.82
CA ILE A 85 3.08 -4.32 2.01
C ILE A 85 3.90 -5.56 1.73
N HIS A 86 3.69 -6.14 0.56
CA HIS A 86 4.43 -7.33 0.14
C HIS A 86 5.91 -7.02 -0.02
N LYS A 87 6.23 -5.80 -0.45
CA LYS A 87 7.62 -5.36 -0.56
C LYS A 87 8.34 -5.54 0.77
N ASN A 88 7.73 -5.03 1.83
CA ASN A 88 8.30 -5.09 3.16
C ASN A 88 8.35 -6.53 3.67
N GLU A 89 7.34 -7.31 3.32
CA GLU A 89 7.32 -8.73 3.67
C GLU A 89 8.47 -9.47 2.99
N ALA A 90 8.72 -9.11 1.73
CA ALA A 90 9.81 -9.69 0.97
C ALA A 90 11.15 -9.33 1.59
N TRP A 91 11.29 -8.06 1.95
CA TRP A 91 12.49 -7.60 2.63
C TRP A 91 12.66 -8.33 3.96
N LEU A 92 11.58 -8.40 4.73
CA LEU A 92 11.60 -9.15 5.99
C LEU A 92 12.04 -10.59 5.78
N SER A 93 11.59 -11.18 4.67
CA SER A 93 11.88 -12.57 4.36
C SER A 93 13.39 -12.80 4.29
N GLU A 94 14.11 -11.86 3.68
CA GLU A 94 15.55 -11.98 3.59
C GLU A 94 16.23 -11.42 4.83
N VAL A 95 15.71 -10.31 5.37
CA VAL A 95 16.31 -9.68 6.55
C VAL A 95 16.36 -10.64 7.73
N GLU A 96 15.24 -11.26 8.00
CA GLU A 96 15.13 -12.18 9.12
C GLU A 96 15.70 -13.54 8.73
N GLY A 97 16.23 -13.62 7.52
CA GLY A 97 16.87 -14.82 7.04
C GLY A 97 18.36 -14.65 6.89
N LYS A 98 18.87 -13.49 7.30
CA LYS A 98 20.30 -13.23 7.24
C LYS A 98 20.98 -13.79 8.48
N VAL A 99 21.13 -12.94 9.49
CA VAL A 99 21.68 -13.32 10.78
C VAL A 99 23.08 -13.92 10.62
N SER A 100 23.90 -13.27 9.80
CA SER A 100 25.27 -13.69 9.60
C SER A 100 26.21 -12.74 10.31
N GLN A 101 26.98 -13.26 11.27
CA GLN A 101 27.88 -12.46 12.09
C GLN A 101 27.07 -11.46 12.92
N ARG A 102 26.71 -11.88 14.12
CA ARG A 102 25.77 -11.13 14.96
C ARG A 102 26.48 -10.04 15.76
N SER A 103 27.71 -9.71 15.36
CA SER A 103 28.46 -8.67 16.04
C SER A 103 28.03 -7.28 15.54
N GLU A 104 28.41 -6.25 16.28
CA GLU A 104 28.06 -4.89 15.90
C GLU A 104 29.26 -4.22 15.23
N GLY A 1 7.32 -15.41 -5.93
CA GLY A 1 8.49 -14.66 -6.43
C GLY A 1 8.10 -13.67 -7.52
N PRO A 2 8.75 -12.49 -7.56
CA PRO A 2 8.49 -11.48 -8.57
C PRO A 2 9.20 -11.78 -9.89
N LEU A 3 8.86 -12.92 -10.49
CA LEU A 3 9.47 -13.34 -11.75
C LEU A 3 9.13 -12.37 -12.87
N GLY A 4 9.89 -12.45 -13.95
CA GLY A 4 9.71 -11.52 -15.04
C GLY A 4 10.91 -10.61 -15.19
N SER A 5 12.08 -11.17 -14.95
CA SER A 5 13.34 -10.43 -15.01
C SER A 5 13.40 -9.35 -13.92
N HIS A 6 12.81 -8.19 -14.21
CA HIS A 6 12.78 -7.07 -13.26
C HIS A 6 14.18 -6.62 -12.86
N MET A 7 14.71 -5.64 -13.58
CA MET A 7 16.00 -5.07 -13.23
C MET A 7 15.92 -4.39 -11.87
N LYS A 8 14.97 -3.47 -11.75
CA LYS A 8 14.68 -2.77 -10.49
C LYS A 8 15.85 -1.88 -10.05
N GLY A 9 15.59 -0.59 -9.99
CA GLY A 9 16.58 0.34 -9.52
C GLY A 9 16.56 0.47 -8.00
N PRO A 10 17.71 0.36 -7.34
CA PRO A 10 17.80 0.43 -5.88
C PRO A 10 17.71 1.86 -5.36
N ALA A 11 17.23 2.76 -6.20
CA ALA A 11 17.03 4.14 -5.80
C ALA A 11 15.74 4.29 -5.02
N LEU A 12 14.70 3.66 -5.53
CA LEU A 12 13.39 3.72 -4.91
C LEU A 12 13.35 2.78 -3.72
N GLU A 13 13.31 3.36 -2.52
CA GLU A 13 13.34 2.59 -1.28
C GLU A 13 14.58 1.68 -1.24
N ASP A 14 14.38 0.38 -1.49
CA ASP A 14 15.46 -0.62 -1.48
C ASP A 14 16.14 -0.72 -0.11
N PHE A 15 16.99 0.26 0.20
CA PHE A 15 17.72 0.31 1.46
C PHE A 15 18.63 -0.90 1.65
N SER A 16 19.09 -1.48 0.54
CA SER A 16 19.93 -2.67 0.61
C SER A 16 21.30 -2.34 1.17
N HIS A 17 21.78 -1.13 0.90
CA HIS A 17 23.09 -0.71 1.39
C HIS A 17 23.01 -0.22 2.84
N LEU A 18 21.78 -0.16 3.35
CA LEU A 18 21.56 0.19 4.75
C LEU A 18 21.82 -1.02 5.63
N PRO A 19 22.49 -0.80 6.79
CA PRO A 19 22.71 -1.86 7.78
C PRO A 19 21.38 -2.48 8.18
N PRO A 20 21.30 -3.82 8.18
CA PRO A 20 20.05 -4.57 8.43
C PRO A 20 19.15 -3.97 9.53
N GLU A 21 19.74 -3.70 10.68
CA GLU A 21 18.98 -3.21 11.83
C GLU A 21 18.43 -1.80 11.59
N GLN A 22 19.12 -1.04 10.76
CA GLN A 22 18.66 0.28 10.37
C GLN A 22 17.74 0.18 9.16
N ARG A 23 18.01 -0.82 8.33
CA ARG A 23 17.22 -1.08 7.13
C ARG A 23 15.78 -1.35 7.51
N ARG A 24 15.57 -2.25 8.47
CA ARG A 24 14.23 -2.58 8.93
C ARG A 24 13.56 -1.38 9.56
N LYS A 25 14.36 -0.52 10.18
CA LYS A 25 13.84 0.71 10.77
C LYS A 25 13.30 1.62 9.68
N ARG A 26 14.01 1.66 8.56
CA ARG A 26 13.55 2.43 7.39
C ARG A 26 12.26 1.82 6.85
N LEU A 27 12.22 0.49 6.79
CA LEU A 27 11.05 -0.24 6.30
C LEU A 27 9.83 0.03 7.18
N GLN A 28 10.04 0.01 8.49
CA GLN A 28 8.97 0.26 9.45
C GLN A 28 8.37 1.64 9.26
N GLN A 29 9.24 2.62 9.01
CA GLN A 29 8.81 3.99 8.76
C GLN A 29 7.93 4.08 7.52
N ARG A 30 8.31 3.35 6.48
CA ARG A 30 7.52 3.30 5.25
C ARG A 30 6.17 2.64 5.53
N ILE A 31 6.21 1.47 6.14
CA ILE A 31 5.01 0.72 6.50
C ILE A 31 4.08 1.56 7.38
N ASP A 32 4.67 2.31 8.31
CA ASP A 32 3.89 3.17 9.20
C ASP A 32 3.02 4.12 8.39
N GLU A 33 3.65 4.86 7.49
CA GLU A 33 2.95 5.81 6.64
C GLU A 33 1.96 5.09 5.73
N LEU A 34 2.45 4.07 5.06
CA LEU A 34 1.68 3.37 4.04
C LEU A 34 0.47 2.64 4.60
N SER A 35 0.65 1.93 5.70
CA SER A 35 -0.45 1.15 6.29
C SER A 35 -1.54 2.08 6.80
N ARG A 36 -1.12 3.17 7.43
CA ARG A 36 -2.06 4.16 7.93
C ARG A 36 -2.76 4.86 6.77
N GLU A 37 -1.98 5.20 5.75
CA GLU A 37 -2.51 5.85 4.56
C GLU A 37 -3.50 4.93 3.85
N LEU A 38 -3.10 3.67 3.69
CA LEU A 38 -3.92 2.68 3.03
C LEU A 38 -5.22 2.45 3.82
N GLN A 39 -5.11 2.35 5.14
CA GLN A 39 -6.27 2.13 5.98
C GLN A 39 -7.31 3.22 5.75
N LYS A 40 -6.84 4.46 5.64
CA LYS A 40 -7.72 5.59 5.37
C LYS A 40 -8.32 5.49 3.98
N GLU A 41 -7.52 5.06 3.01
CA GLU A 41 -7.98 4.94 1.64
C GLU A 41 -8.97 3.79 1.48
N MET A 42 -8.70 2.67 2.14
CA MET A 42 -9.63 1.54 2.12
C MET A 42 -10.95 1.96 2.77
N ASP A 43 -10.83 2.69 3.87
CA ASP A 43 -12.00 3.23 4.56
C ASP A 43 -12.76 4.20 3.65
N GLN A 44 -12.00 4.98 2.89
CA GLN A 44 -12.56 5.97 1.99
C GLN A 44 -13.31 5.29 0.85
N LYS A 45 -12.75 4.19 0.34
CA LYS A 45 -13.40 3.44 -0.73
C LYS A 45 -14.74 2.88 -0.26
N ASP A 46 -14.74 2.31 0.94
CA ASP A 46 -15.97 1.81 1.55
C ASP A 46 -17.00 2.93 1.66
N ALA A 47 -16.54 4.11 2.04
CA ALA A 47 -17.40 5.28 2.13
C ALA A 47 -17.93 5.67 0.75
N LEU A 48 -17.03 5.71 -0.22
CA LEU A 48 -17.38 6.07 -1.60
C LEU A 48 -18.38 5.09 -2.18
N ASN A 49 -18.16 3.79 -1.93
CA ASN A 49 -19.05 2.75 -2.44
C ASN A 49 -20.46 2.93 -1.91
N LYS A 50 -20.57 3.14 -0.59
CA LYS A 50 -21.88 3.34 0.03
C LYS A 50 -22.52 4.61 -0.50
N MET A 51 -21.74 5.68 -0.57
CA MET A 51 -22.24 6.96 -1.03
C MET A 51 -22.70 6.85 -2.49
N LYS A 52 -21.97 6.07 -3.29
CA LYS A 52 -22.35 5.84 -4.67
C LYS A 52 -23.69 5.12 -4.74
N ASP A 53 -23.85 4.10 -3.88
CA ASP A 53 -25.10 3.35 -3.81
C ASP A 53 -26.27 4.27 -3.49
N VAL A 54 -26.04 5.23 -2.61
CA VAL A 54 -27.07 6.19 -2.25
C VAL A 54 -27.44 7.04 -3.46
N TYR A 55 -26.44 7.37 -4.28
CA TYR A 55 -26.68 8.13 -5.51
C TYR A 55 -27.42 7.30 -6.55
N GLU A 56 -27.18 5.99 -6.55
CA GLU A 56 -27.83 5.11 -7.50
C GLU A 56 -29.28 4.86 -7.11
N LYS A 57 -29.52 4.66 -5.81
CA LYS A 57 -30.88 4.44 -5.31
C LYS A 57 -31.64 5.76 -5.15
N ASN A 58 -30.90 6.82 -4.89
CA ASN A 58 -31.49 8.14 -4.68
C ASN A 58 -30.78 9.19 -5.51
N PRO A 59 -31.17 9.34 -6.80
CA PRO A 59 -30.61 10.36 -7.69
C PRO A 59 -30.92 11.79 -7.23
N GLN A 60 -31.68 11.90 -6.14
CA GLN A 60 -32.02 13.19 -5.55
C GLN A 60 -30.78 14.04 -5.29
N MET A 61 -29.71 13.41 -4.82
CA MET A 61 -28.49 14.14 -4.49
C MET A 61 -27.69 14.46 -5.74
N GLY A 62 -27.97 13.76 -6.82
CA GLY A 62 -27.27 13.99 -8.06
C GLY A 62 -26.98 12.71 -8.81
N ASP A 63 -25.89 12.71 -9.56
CA ASP A 63 -25.51 11.56 -10.38
C ASP A 63 -24.24 10.91 -9.84
N PRO A 64 -24.27 9.58 -9.65
CA PRO A 64 -23.13 8.82 -9.12
C PRO A 64 -21.89 8.88 -10.01
N SER A 65 -22.09 9.31 -11.25
CA SER A 65 -21.00 9.45 -12.21
C SER A 65 -19.91 10.39 -11.68
N SER A 66 -20.32 11.34 -10.84
CA SER A 66 -19.40 12.31 -10.28
C SER A 66 -18.41 11.66 -9.30
N LEU A 67 -18.80 10.50 -8.77
CA LEU A 67 -17.98 9.82 -7.78
C LEU A 67 -17.02 8.84 -8.45
N HIS A 68 -17.29 8.53 -9.72
CA HIS A 68 -16.47 7.56 -10.45
C HIS A 68 -14.99 7.97 -10.50
N PRO A 69 -14.66 9.21 -10.93
CA PRO A 69 -13.26 9.67 -10.97
C PRO A 69 -12.60 9.63 -9.60
N LYS A 70 -13.40 9.80 -8.55
CA LYS A 70 -12.89 9.77 -7.18
C LYS A 70 -12.58 8.33 -6.79
N ILE A 71 -13.51 7.42 -7.05
CA ILE A 71 -13.31 6.01 -6.75
C ILE A 71 -12.15 5.46 -7.57
N ALA A 72 -11.99 5.98 -8.79
CA ALA A 72 -10.87 5.61 -9.65
C ALA A 72 -9.55 5.91 -8.96
N GLU A 73 -9.43 7.12 -8.41
CA GLU A 73 -8.24 7.51 -7.66
C GLU A 73 -8.07 6.66 -6.42
N THR A 74 -9.14 6.58 -5.63
CA THR A 74 -9.15 5.83 -4.39
C THR A 74 -8.71 4.38 -4.61
N THR A 75 -9.29 3.72 -5.61
CA THR A 75 -8.96 2.34 -5.93
C THR A 75 -7.49 2.21 -6.34
N SER A 76 -7.02 3.12 -7.17
CA SER A 76 -5.64 3.09 -7.64
C SER A 76 -4.66 3.36 -6.51
N ASN A 77 -5.01 4.33 -5.65
CA ASN A 77 -4.18 4.67 -4.50
C ASN A 77 -4.07 3.49 -3.55
N ILE A 78 -5.21 2.85 -3.30
CA ILE A 78 -5.25 1.67 -2.44
C ILE A 78 -4.27 0.61 -2.90
N GLU A 79 -4.37 0.23 -4.16
CA GLU A 79 -3.52 -0.83 -4.71
C GLU A 79 -2.04 -0.42 -4.68
N ARG A 80 -1.78 0.84 -4.97
CA ARG A 80 -0.42 1.37 -4.95
C ARG A 80 0.17 1.32 -3.54
N LEU A 81 -0.63 1.71 -2.56
CA LEU A 81 -0.19 1.70 -1.17
C LEU A 81 -0.01 0.27 -0.67
N ARG A 82 -0.96 -0.61 -1.02
CA ARG A 82 -0.90 -2.00 -0.62
C ARG A 82 0.35 -2.69 -1.15
N MET A 83 0.70 -2.40 -2.39
CA MET A 83 1.87 -3.03 -3.00
C MET A 83 3.16 -2.52 -2.36
N GLU A 84 3.16 -1.25 -1.95
CA GLU A 84 4.34 -0.68 -1.29
C GLU A 84 4.54 -1.29 0.09
N ILE A 85 3.43 -1.51 0.81
CA ILE A 85 3.49 -2.22 2.08
C ILE A 85 4.11 -3.60 1.88
N HIS A 86 3.68 -4.27 0.82
CA HIS A 86 4.18 -5.61 0.48
C HIS A 86 5.66 -5.54 0.14
N LYS A 87 6.07 -4.46 -0.54
CA LYS A 87 7.48 -4.24 -0.87
C LYS A 87 8.31 -4.19 0.40
N ASN A 88 7.83 -3.42 1.37
CA ASN A 88 8.51 -3.27 2.66
C ASN A 88 8.63 -4.62 3.36
N GLU A 89 7.53 -5.37 3.36
CA GLU A 89 7.50 -6.68 4.01
C GLU A 89 8.47 -7.64 3.34
N ALA A 90 8.56 -7.57 2.01
CA ALA A 90 9.47 -8.42 1.25
C ALA A 90 10.91 -8.21 1.70
N TRP A 91 11.26 -6.96 1.97
CA TRP A 91 12.59 -6.62 2.44
C TRP A 91 12.74 -6.97 3.92
N LEU A 92 11.66 -6.82 4.69
CA LEU A 92 11.66 -7.18 6.11
C LEU A 92 11.99 -8.65 6.29
N SER A 93 11.36 -9.50 5.47
CA SER A 93 11.58 -10.93 5.56
C SER A 93 13.04 -11.30 5.31
N GLU A 94 13.73 -10.47 4.52
CA GLU A 94 15.15 -10.67 4.29
C GLU A 94 15.94 -10.23 5.51
N VAL A 95 15.60 -9.07 6.06
CA VAL A 95 16.27 -8.56 7.25
C VAL A 95 16.06 -9.50 8.43
N GLU A 96 14.84 -9.97 8.58
CA GLU A 96 14.49 -10.88 9.67
C GLU A 96 14.86 -12.31 9.29
N GLY A 97 15.49 -12.47 8.15
CA GLY A 97 15.89 -13.79 7.69
C GLY A 97 17.31 -14.13 8.09
N LYS A 98 18.10 -13.10 8.39
CA LYS A 98 19.49 -13.30 8.80
C LYS A 98 19.58 -13.49 10.30
N VAL A 99 18.45 -13.42 10.97
CA VAL A 99 18.39 -13.62 12.41
C VAL A 99 17.49 -14.80 12.75
N SER A 100 18.05 -15.78 13.43
CA SER A 100 17.31 -16.97 13.82
C SER A 100 16.41 -16.67 15.02
N GLN A 101 15.18 -16.27 14.72
CA GLN A 101 14.21 -15.93 15.76
C GLN A 101 13.71 -17.20 16.46
N ARG A 102 13.82 -18.32 15.77
CA ARG A 102 13.43 -19.59 16.33
C ARG A 102 14.63 -20.53 16.38
N SER A 103 15.63 -20.14 17.14
CA SER A 103 16.84 -20.94 17.28
C SER A 103 16.57 -22.17 18.15
N GLU A 104 16.84 -23.34 17.59
CA GLU A 104 16.71 -24.58 18.33
C GLU A 104 17.96 -24.84 19.15
N GLY A 1 8.93 -13.14 -19.74
CA GLY A 1 10.33 -13.62 -19.90
C GLY A 1 11.08 -13.65 -18.58
N PRO A 2 12.26 -14.28 -18.54
CA PRO A 2 13.05 -14.43 -17.31
C PRO A 2 13.36 -13.10 -16.63
N LEU A 3 13.57 -12.06 -17.44
CA LEU A 3 13.91 -10.74 -16.92
C LEU A 3 12.70 -10.07 -16.25
N GLY A 4 11.54 -10.74 -16.28
CA GLY A 4 10.37 -10.22 -15.62
C GLY A 4 10.57 -10.14 -14.12
N SER A 5 11.01 -11.24 -13.55
CA SER A 5 11.33 -11.30 -12.13
C SER A 5 12.70 -10.69 -11.89
N HIS A 6 12.76 -9.62 -11.12
CA HIS A 6 14.00 -8.89 -10.93
C HIS A 6 14.26 -8.59 -9.46
N MET A 7 15.52 -8.68 -9.07
CA MET A 7 15.93 -8.37 -7.71
C MET A 7 16.92 -7.21 -7.73
N LYS A 8 17.37 -6.85 -8.93
CA LYS A 8 18.32 -5.78 -9.12
C LYS A 8 17.79 -4.74 -10.09
N GLY A 9 18.43 -3.59 -10.14
CA GLY A 9 18.02 -2.53 -11.04
C GLY A 9 17.22 -1.46 -10.32
N PRO A 10 15.90 -1.40 -10.56
CA PRO A 10 15.03 -0.46 -9.87
C PRO A 10 14.95 -0.74 -8.37
N ALA A 11 15.66 0.05 -7.59
CA ALA A 11 15.71 -0.14 -6.15
C ALA A 11 14.96 0.98 -5.45
N LEU A 12 13.64 0.93 -5.53
CA LEU A 12 12.79 1.89 -4.85
C LEU A 12 12.78 1.61 -3.36
N GLU A 13 13.16 2.62 -2.57
CA GLU A 13 13.34 2.48 -1.12
C GLU A 13 14.51 1.52 -0.83
N ASP A 14 14.22 0.21 -0.79
CA ASP A 14 15.25 -0.83 -0.67
C ASP A 14 15.95 -0.80 0.70
N PHE A 15 16.83 0.18 0.90
CA PHE A 15 17.53 0.36 2.17
C PHE A 15 18.44 -0.83 2.52
N SER A 16 18.96 -1.53 1.51
CA SER A 16 19.88 -2.63 1.75
C SER A 16 21.23 -2.10 2.24
N HIS A 17 21.46 -0.80 2.03
CA HIS A 17 22.67 -0.16 2.49
C HIS A 17 22.65 0.00 4.02
N LEU A 18 21.50 -0.30 4.62
CA LEU A 18 21.35 -0.20 6.07
C LEU A 18 21.53 -1.55 6.73
N PRO A 19 22.27 -1.60 7.84
CA PRO A 19 22.43 -2.81 8.64
C PRO A 19 21.09 -3.25 9.23
N PRO A 20 20.85 -4.56 9.36
CA PRO A 20 19.55 -5.14 9.77
C PRO A 20 18.80 -4.35 10.83
N GLU A 21 19.45 -4.11 11.97
CA GLU A 21 18.80 -3.46 13.10
C GLU A 21 18.36 -2.03 12.76
N GLN A 22 19.17 -1.32 12.01
CA GLN A 22 18.85 0.04 11.62
C GLN A 22 17.88 0.03 10.44
N ARG A 23 18.01 -1.00 9.60
CA ARG A 23 17.17 -1.15 8.43
C ARG A 23 15.71 -1.35 8.84
N ARG A 24 15.46 -2.28 9.75
CA ARG A 24 14.11 -2.58 10.20
C ARG A 24 13.48 -1.34 10.85
N LYS A 25 14.30 -0.52 11.48
CA LYS A 25 13.83 0.69 12.13
C LYS A 25 13.25 1.65 11.09
N ARG A 26 13.96 1.81 9.99
CA ARG A 26 13.51 2.67 8.89
C ARG A 26 12.32 2.04 8.17
N LEU A 27 12.44 0.75 7.86
CA LEU A 27 11.40 0.01 7.13
C LEU A 27 10.06 0.07 7.86
N GLN A 28 10.07 -0.23 9.15
CA GLN A 28 8.85 -0.22 9.94
C GLN A 28 8.20 1.16 9.94
N GLN A 29 9.02 2.21 10.00
CA GLN A 29 8.51 3.57 9.99
C GLN A 29 7.87 3.91 8.65
N ARG A 30 8.51 3.45 7.56
CA ARG A 30 7.95 3.63 6.22
C ARG A 30 6.64 2.88 6.09
N ILE A 31 6.65 1.62 6.52
CA ILE A 31 5.45 0.78 6.51
C ILE A 31 4.33 1.42 7.32
N ASP A 32 4.66 1.84 8.53
CA ASP A 32 3.69 2.48 9.42
C ASP A 32 3.14 3.76 8.81
N GLU A 33 4.04 4.58 8.26
CA GLU A 33 3.66 5.84 7.63
C GLU A 33 2.65 5.58 6.50
N LEU A 34 2.99 4.63 5.65
CA LEU A 34 2.16 4.29 4.51
C LEU A 34 0.86 3.63 4.93
N SER A 35 0.91 2.79 5.95
CA SER A 35 -0.27 2.09 6.42
C SER A 35 -1.27 3.06 7.05
N ARG A 36 -0.77 4.02 7.82
CA ARG A 36 -1.62 5.04 8.43
C ARG A 36 -2.24 5.92 7.36
N GLU A 37 -1.45 6.28 6.36
CA GLU A 37 -1.92 7.06 5.23
C GLU A 37 -2.98 6.25 4.45
N LEU A 38 -2.63 5.00 4.15
CA LEU A 38 -3.48 4.11 3.39
C LEU A 38 -4.79 3.83 4.11
N GLN A 39 -4.73 3.70 5.42
CA GLN A 39 -5.93 3.45 6.23
C GLN A 39 -7.02 4.47 5.90
N LYS A 40 -6.63 5.73 5.78
CA LYS A 40 -7.57 6.79 5.46
C LYS A 40 -7.99 6.72 3.99
N GLU A 41 -7.06 6.31 3.13
CA GLU A 41 -7.33 6.16 1.70
C GLU A 41 -8.36 5.06 1.47
N MET A 42 -8.20 3.94 2.18
CA MET A 42 -9.15 2.83 2.08
C MET A 42 -10.48 3.21 2.73
N ASP A 43 -10.40 3.97 3.81
CA ASP A 43 -11.59 4.47 4.49
C ASP A 43 -12.37 5.39 3.58
N GLN A 44 -11.64 6.21 2.83
CA GLN A 44 -12.24 7.12 1.87
C GLN A 44 -13.04 6.35 0.82
N LYS A 45 -12.50 5.21 0.40
CA LYS A 45 -13.18 4.38 -0.60
C LYS A 45 -14.48 3.84 -0.04
N ASP A 46 -14.45 3.41 1.22
CA ASP A 46 -15.64 2.88 1.89
C ASP A 46 -16.76 3.92 1.87
N ALA A 47 -16.38 5.16 2.15
CA ALA A 47 -17.34 6.26 2.16
C ALA A 47 -17.86 6.53 0.75
N LEU A 48 -16.98 6.52 -0.23
CA LEU A 48 -17.37 6.77 -1.61
C LEU A 48 -18.22 5.63 -2.16
N ASN A 49 -17.89 4.40 -1.77
CA ASN A 49 -18.67 3.24 -2.17
C ASN A 49 -20.10 3.36 -1.63
N LYS A 50 -20.21 3.68 -0.35
CA LYS A 50 -21.51 3.86 0.28
C LYS A 50 -22.25 5.02 -0.38
N MET A 51 -21.52 6.11 -0.59
CA MET A 51 -22.07 7.29 -1.25
C MET A 51 -22.72 6.92 -2.59
N LYS A 52 -21.93 6.28 -3.44
CA LYS A 52 -22.42 5.88 -4.76
C LYS A 52 -23.59 4.90 -4.62
N ASP A 53 -23.48 4.01 -3.66
CA ASP A 53 -24.52 3.01 -3.39
C ASP A 53 -25.85 3.69 -3.09
N VAL A 54 -25.80 4.78 -2.33
CA VAL A 54 -27.01 5.55 -2.03
C VAL A 54 -27.54 6.21 -3.29
N TYR A 55 -26.65 6.77 -4.09
CA TYR A 55 -27.03 7.46 -5.32
C TYR A 55 -27.66 6.51 -6.35
N GLU A 56 -27.21 5.26 -6.34
CA GLU A 56 -27.77 4.26 -7.23
C GLU A 56 -29.21 3.93 -6.84
N LYS A 57 -29.41 3.70 -5.56
CA LYS A 57 -30.73 3.34 -5.05
C LYS A 57 -31.61 4.59 -4.94
N ASN A 58 -30.98 5.74 -4.83
CA ASN A 58 -31.69 7.00 -4.68
C ASN A 58 -31.09 8.07 -5.59
N PRO A 59 -31.46 8.06 -6.89
CA PRO A 59 -31.06 9.12 -7.83
C PRO A 59 -31.58 10.49 -7.41
N GLN A 60 -32.40 10.50 -6.35
CA GLN A 60 -32.90 11.72 -5.74
C GLN A 60 -31.75 12.65 -5.35
N MET A 61 -30.63 12.06 -4.96
CA MET A 61 -29.48 12.83 -4.49
C MET A 61 -28.63 13.33 -5.66
N GLY A 62 -28.81 12.73 -6.82
CA GLY A 62 -28.04 13.13 -7.97
C GLY A 62 -27.73 11.96 -8.90
N ASP A 63 -26.47 11.85 -9.29
CA ASP A 63 -26.05 10.84 -10.26
C ASP A 63 -24.85 10.05 -9.75
N PRO A 64 -24.96 8.72 -9.70
CA PRO A 64 -23.87 7.84 -9.25
C PRO A 64 -22.74 7.71 -10.28
N SER A 65 -23.01 8.09 -11.51
CA SER A 65 -22.04 7.97 -12.59
C SER A 65 -20.87 8.93 -12.37
N SER A 66 -21.19 10.16 -11.98
CA SER A 66 -20.19 11.18 -11.72
C SER A 66 -19.32 10.84 -10.50
N LEU A 67 -19.77 9.85 -9.72
CA LEU A 67 -19.04 9.43 -8.54
C LEU A 67 -18.04 8.32 -8.89
N HIS A 68 -18.10 7.84 -10.12
CA HIS A 68 -17.21 6.77 -10.57
C HIS A 68 -15.74 7.21 -10.57
N PRO A 69 -15.40 8.36 -11.21
CA PRO A 69 -14.02 8.87 -11.23
C PRO A 69 -13.47 9.12 -9.83
N LYS A 70 -14.36 9.47 -8.90
CA LYS A 70 -13.96 9.71 -7.51
C LYS A 70 -13.44 8.42 -6.88
N ILE A 71 -14.20 7.34 -7.04
CA ILE A 71 -13.80 6.04 -6.50
C ILE A 71 -12.58 5.51 -7.25
N ALA A 72 -12.53 5.80 -8.55
CA ALA A 72 -11.44 5.36 -9.40
C ALA A 72 -10.09 5.85 -8.87
N GLU A 73 -9.96 7.16 -8.69
CA GLU A 73 -8.70 7.73 -8.21
C GLU A 73 -8.40 7.25 -6.80
N THR A 74 -9.45 7.13 -5.99
CA THR A 74 -9.32 6.67 -4.62
C THR A 74 -8.74 5.26 -4.58
N THR A 75 -9.21 4.41 -5.50
CA THR A 75 -8.71 3.06 -5.60
C THR A 75 -7.26 3.05 -6.05
N SER A 76 -6.93 3.91 -7.02
CA SER A 76 -5.57 4.03 -7.53
C SER A 76 -4.62 4.43 -6.40
N ASN A 77 -5.07 5.35 -5.56
CA ASN A 77 -4.29 5.79 -4.40
C ASN A 77 -4.05 4.62 -3.46
N ILE A 78 -5.11 3.86 -3.21
CA ILE A 78 -5.03 2.68 -2.36
C ILE A 78 -3.99 1.70 -2.89
N GLU A 79 -4.14 1.30 -4.15
CA GLU A 79 -3.22 0.35 -4.78
C GLU A 79 -1.80 0.89 -4.80
N ARG A 80 -1.66 2.21 -4.83
CA ARG A 80 -0.34 2.84 -4.84
C ARG A 80 0.36 2.65 -3.50
N LEU A 81 -0.28 3.10 -2.42
CA LEU A 81 0.30 2.94 -1.10
C LEU A 81 0.51 1.49 -0.73
N ARG A 82 -0.46 0.64 -1.07
CA ARG A 82 -0.42 -0.76 -0.69
C ARG A 82 0.80 -1.48 -1.29
N MET A 83 1.19 -1.10 -2.49
CA MET A 83 2.36 -1.73 -3.12
C MET A 83 3.63 -1.22 -2.46
N GLU A 84 3.60 0.02 -1.98
CA GLU A 84 4.73 0.59 -1.26
C GLU A 84 4.86 -0.07 0.10
N ILE A 85 3.72 -0.34 0.73
CA ILE A 85 3.70 -1.09 1.98
C ILE A 85 4.26 -2.49 1.76
N HIS A 86 3.74 -3.14 0.73
CA HIS A 86 4.15 -4.50 0.38
C HIS A 86 5.65 -4.58 0.14
N LYS A 87 6.18 -3.62 -0.59
CA LYS A 87 7.59 -3.65 -0.98
C LYS A 87 8.50 -3.52 0.25
N ASN A 88 8.09 -2.70 1.21
CA ASN A 88 8.87 -2.51 2.44
C ASN A 88 8.75 -3.75 3.33
N GLU A 89 7.57 -4.34 3.33
CA GLU A 89 7.32 -5.56 4.11
C GLU A 89 8.19 -6.71 3.64
N ALA A 90 8.52 -6.72 2.35
CA ALA A 90 9.34 -7.76 1.77
C ALA A 90 10.73 -7.80 2.42
N TRP A 91 11.33 -6.62 2.56
CA TRP A 91 12.67 -6.53 3.14
C TRP A 91 12.60 -6.65 4.65
N LEU A 92 11.47 -6.26 5.22
CA LEU A 92 11.25 -6.38 6.65
C LEU A 92 11.35 -7.84 7.06
N SER A 93 10.71 -8.72 6.28
CA SER A 93 10.76 -10.15 6.53
C SER A 93 12.19 -10.67 6.43
N GLU A 94 12.98 -10.06 5.55
CA GLU A 94 14.37 -10.43 5.37
C GLU A 94 15.19 -10.09 6.61
N VAL A 95 14.96 -8.91 7.16
CA VAL A 95 15.66 -8.46 8.35
C VAL A 95 15.34 -9.35 9.54
N GLU A 96 14.10 -9.82 9.59
CA GLU A 96 13.68 -10.72 10.65
C GLU A 96 14.50 -12.01 10.62
N GLY A 97 14.95 -12.38 9.42
CA GLY A 97 15.76 -13.56 9.27
C GLY A 97 17.23 -13.28 9.52
N LYS A 98 17.57 -12.01 9.72
CA LYS A 98 18.95 -11.63 10.01
C LYS A 98 19.15 -11.51 11.51
N VAL A 99 18.05 -11.31 12.22
CA VAL A 99 18.08 -11.18 13.67
C VAL A 99 17.53 -12.43 14.35
N SER A 100 16.89 -13.30 13.56
CA SER A 100 16.31 -14.52 14.08
C SER A 100 16.54 -15.67 13.11
N GLN A 101 16.82 -16.85 13.65
CA GLN A 101 17.05 -18.03 12.82
C GLN A 101 16.02 -19.11 13.15
N ARG A 102 15.64 -19.89 12.15
CA ARG A 102 14.70 -20.98 12.35
C ARG A 102 14.83 -21.99 11.22
N SER A 103 15.92 -22.73 11.22
CA SER A 103 16.16 -23.75 10.21
C SER A 103 15.57 -25.08 10.67
N GLU A 104 14.27 -25.25 10.40
CA GLU A 104 13.56 -26.44 10.83
C GLU A 104 13.23 -27.31 9.61
N GLY A 1 22.87 -4.09 -13.92
CA GLY A 1 24.00 -3.99 -14.88
C GLY A 1 25.27 -3.48 -14.23
N PRO A 2 26.42 -3.53 -14.92
CA PRO A 2 27.70 -3.05 -14.40
C PRO A 2 27.66 -1.56 -14.05
N LEU A 3 27.10 -0.75 -14.94
CA LEU A 3 26.98 0.67 -14.70
C LEU A 3 25.65 0.97 -14.03
N GLY A 4 24.61 0.29 -14.52
CA GLY A 4 23.30 0.41 -13.90
C GLY A 4 23.13 -0.59 -12.79
N SER A 5 23.90 -0.43 -11.73
CA SER A 5 23.87 -1.35 -10.61
C SER A 5 22.73 -0.99 -9.67
N HIS A 6 21.55 -1.55 -9.95
CA HIS A 6 20.36 -1.27 -9.16
C HIS A 6 19.95 -2.52 -8.38
N MET A 7 20.76 -3.56 -8.52
CA MET A 7 20.53 -4.87 -7.88
C MET A 7 19.34 -5.59 -8.48
N LYS A 8 18.13 -5.11 -8.20
CA LYS A 8 16.93 -5.76 -8.69
C LYS A 8 15.89 -4.71 -9.08
N GLY A 9 15.50 -4.75 -10.34
CA GLY A 9 14.53 -3.79 -10.85
C GLY A 9 15.09 -2.39 -10.93
N PRO A 10 14.23 -1.38 -11.15
CA PRO A 10 14.65 0.01 -11.19
C PRO A 10 15.02 0.54 -9.81
N ALA A 11 14.08 0.45 -8.88
CA ALA A 11 14.31 0.85 -7.50
C ALA A 11 13.32 0.18 -6.58
N LEU A 12 13.35 -1.15 -6.56
CA LEU A 12 12.43 -1.92 -5.73
C LEU A 12 12.73 -1.72 -4.25
N GLU A 13 11.68 -1.71 -3.43
CA GLU A 13 11.80 -1.39 -2.01
C GLU A 13 12.49 -2.51 -1.23
N ASP A 14 12.73 -3.62 -1.91
CA ASP A 14 13.43 -4.77 -1.33
C ASP A 14 14.74 -4.35 -0.68
N PHE A 15 15.62 -3.76 -1.49
CA PHE A 15 16.93 -3.29 -1.02
C PHE A 15 17.62 -4.33 -0.14
N SER A 16 17.70 -5.56 -0.63
CA SER A 16 18.29 -6.65 0.15
C SER A 16 19.80 -6.48 0.35
N HIS A 17 20.37 -5.47 -0.31
CA HIS A 17 21.80 -5.18 -0.16
C HIS A 17 22.04 -4.25 1.03
N LEU A 18 20.98 -3.93 1.75
CA LEU A 18 21.09 -3.11 2.95
C LEU A 18 21.19 -4.01 4.17
N PRO A 19 22.14 -3.71 5.09
CA PRO A 19 22.23 -4.38 6.38
C PRO A 19 20.87 -4.46 7.07
N PRO A 20 20.62 -5.59 7.78
CA PRO A 20 19.31 -5.88 8.41
C PRO A 20 18.63 -4.66 9.03
N GLU A 21 19.33 -3.96 9.92
CA GLU A 21 18.76 -2.83 10.63
C GLU A 21 18.36 -1.71 9.68
N GLN A 22 19.21 -1.44 8.71
CA GLN A 22 18.95 -0.39 7.74
C GLN A 22 17.83 -0.79 6.78
N ARG A 23 17.85 -2.06 6.36
CA ARG A 23 16.82 -2.58 5.46
C ARG A 23 15.45 -2.46 6.11
N ARG A 24 15.32 -3.00 7.32
CA ARG A 24 14.04 -2.96 8.04
C ARG A 24 13.64 -1.51 8.33
N LYS A 25 14.63 -0.64 8.49
CA LYS A 25 14.35 0.77 8.71
C LYS A 25 13.70 1.38 7.48
N ARG A 26 14.29 1.14 6.31
CA ARG A 26 13.74 1.65 5.06
C ARG A 26 12.35 1.08 4.81
N LEU A 27 12.21 -0.21 5.06
CA LEU A 27 10.92 -0.88 4.93
C LEU A 27 9.87 -0.22 5.82
N GLN A 28 10.25 0.10 7.05
CA GLN A 28 9.35 0.78 7.98
C GLN A 28 8.98 2.17 7.48
N GLN A 29 9.96 2.88 6.93
CA GLN A 29 9.70 4.19 6.35
C GLN A 29 8.77 4.08 5.16
N ARG A 30 9.00 3.06 4.34
CA ARG A 30 8.17 2.78 3.18
C ARG A 30 6.73 2.50 3.61
N ILE A 31 6.57 1.61 4.60
CA ILE A 31 5.25 1.30 5.15
C ILE A 31 4.62 2.56 5.73
N ASP A 32 5.43 3.40 6.36
CA ASP A 32 4.95 4.65 6.95
C ASP A 32 4.36 5.53 5.85
N GLU A 33 5.09 5.65 4.74
CA GLU A 33 4.63 6.41 3.58
C GLU A 33 3.32 5.83 3.04
N LEU A 34 3.32 4.51 2.89
CA LEU A 34 2.18 3.80 2.33
C LEU A 34 0.97 3.87 3.25
N SER A 35 1.20 3.78 4.55
CA SER A 35 0.12 3.86 5.52
C SER A 35 -0.47 5.26 5.53
N ARG A 36 0.38 6.27 5.34
CA ARG A 36 -0.07 7.65 5.24
C ARG A 36 -0.96 7.82 4.01
N GLU A 37 -0.49 7.30 2.88
CA GLU A 37 -1.24 7.31 1.64
C GLU A 37 -2.54 6.53 1.82
N LEU A 38 -2.40 5.35 2.42
CA LEU A 38 -3.53 4.44 2.65
C LEU A 38 -4.61 5.11 3.49
N GLN A 39 -4.20 5.76 4.57
CA GLN A 39 -5.12 6.42 5.49
C GLN A 39 -6.05 7.36 4.74
N LYS A 40 -5.48 8.15 3.84
CA LYS A 40 -6.26 9.10 3.05
C LYS A 40 -7.24 8.38 2.13
N GLU A 41 -6.73 7.37 1.44
CA GLU A 41 -7.53 6.66 0.45
C GLU A 41 -8.65 5.86 1.12
N MET A 42 -8.36 5.29 2.28
CA MET A 42 -9.39 4.57 3.04
C MET A 42 -10.46 5.54 3.51
N ASP A 43 -10.03 6.65 4.09
CA ASP A 43 -10.94 7.71 4.54
C ASP A 43 -11.78 8.22 3.37
N GLN A 44 -11.14 8.35 2.21
CA GLN A 44 -11.80 8.80 1.01
C GLN A 44 -12.82 7.76 0.53
N LYS A 45 -12.45 6.49 0.62
CA LYS A 45 -13.35 5.42 0.21
C LYS A 45 -14.60 5.42 1.08
N ASP A 46 -14.41 5.51 2.40
CA ASP A 46 -15.53 5.55 3.33
C ASP A 46 -16.42 6.76 3.06
N ALA A 47 -15.81 7.84 2.58
CA ALA A 47 -16.56 9.03 2.20
C ALA A 47 -17.34 8.79 0.93
N LEU A 48 -16.71 8.12 -0.03
CA LEU A 48 -17.34 7.81 -1.30
C LEU A 48 -18.44 6.77 -1.13
N ASN A 49 -18.21 5.81 -0.24
CA ASN A 49 -19.21 4.80 0.08
C ASN A 49 -20.47 5.46 0.64
N LYS A 50 -20.27 6.37 1.59
CA LYS A 50 -21.38 7.10 2.18
C LYS A 50 -22.10 7.92 1.11
N MET A 51 -21.31 8.54 0.25
CA MET A 51 -21.85 9.33 -0.86
C MET A 51 -22.74 8.45 -1.75
N LYS A 52 -22.25 7.26 -2.08
CA LYS A 52 -22.99 6.33 -2.91
C LYS A 52 -24.31 5.97 -2.25
N ASP A 53 -24.27 5.72 -0.95
CA ASP A 53 -25.47 5.36 -0.19
C ASP A 53 -26.51 6.48 -0.29
N VAL A 54 -26.06 7.72 -0.19
CA VAL A 54 -26.95 8.87 -0.32
C VAL A 54 -27.60 8.89 -1.70
N TYR A 55 -26.81 8.62 -2.73
CA TYR A 55 -27.32 8.58 -4.10
C TYR A 55 -28.28 7.41 -4.31
N GLU A 56 -28.02 6.30 -3.63
CA GLU A 56 -28.87 5.13 -3.72
C GLU A 56 -30.23 5.37 -3.09
N LYS A 57 -30.24 6.08 -1.97
CA LYS A 57 -31.49 6.40 -1.29
C LYS A 57 -32.16 7.59 -1.97
N ASN A 58 -31.35 8.52 -2.45
CA ASN A 58 -31.86 9.74 -3.07
C ASN A 58 -31.18 9.97 -4.42
N PRO A 59 -31.76 9.43 -5.50
CA PRO A 59 -31.28 9.67 -6.87
C PRO A 59 -31.32 11.16 -7.24
N GLN A 60 -31.90 11.95 -6.35
CA GLN A 60 -31.93 13.40 -6.47
C GLN A 60 -30.52 13.96 -6.56
N MET A 61 -29.57 13.25 -5.94
CA MET A 61 -28.18 13.66 -5.93
C MET A 61 -27.51 13.38 -7.27
N GLY A 62 -28.01 12.38 -7.97
CA GLY A 62 -27.42 11.97 -9.22
C GLY A 62 -27.57 10.48 -9.46
N ASP A 63 -26.59 9.89 -10.12
CA ASP A 63 -26.64 8.47 -10.44
C ASP A 63 -25.54 7.71 -9.70
N PRO A 64 -25.93 6.71 -8.89
CA PRO A 64 -24.97 5.90 -8.12
C PRO A 64 -24.01 5.14 -9.03
N SER A 65 -24.42 4.89 -10.27
CA SER A 65 -23.60 4.19 -11.24
C SER A 65 -22.37 5.01 -11.59
N SER A 66 -22.54 6.32 -11.68
CA SER A 66 -21.46 7.23 -12.05
C SER A 66 -20.40 7.31 -10.94
N LEU A 67 -20.75 6.82 -9.76
CA LEU A 67 -19.88 6.89 -8.61
C LEU A 67 -18.95 5.67 -8.54
N HIS A 68 -19.28 4.64 -9.32
CA HIS A 68 -18.49 3.41 -9.32
C HIS A 68 -17.04 3.67 -9.75
N PRO A 69 -16.80 4.32 -10.91
CA PRO A 69 -15.43 4.66 -11.34
C PRO A 69 -14.67 5.50 -10.32
N LYS A 70 -15.41 6.21 -9.46
CA LYS A 70 -14.80 7.02 -8.42
C LYS A 70 -14.29 6.14 -7.29
N ILE A 71 -15.12 5.19 -6.87
CA ILE A 71 -14.75 4.28 -5.80
C ILE A 71 -13.72 3.26 -6.29
N ALA A 72 -13.83 2.90 -7.57
CA ALA A 72 -12.92 1.93 -8.19
C ALA A 72 -11.46 2.30 -7.99
N GLU A 73 -11.09 3.49 -8.44
CA GLU A 73 -9.71 3.95 -8.33
C GLU A 73 -9.30 4.10 -6.87
N THR A 74 -10.25 4.49 -6.04
CA THR A 74 -10.01 4.68 -4.62
C THR A 74 -9.68 3.35 -3.97
N THR A 75 -10.47 2.33 -4.26
CA THR A 75 -10.22 0.98 -3.76
C THR A 75 -8.95 0.42 -4.38
N SER A 76 -8.75 0.70 -5.67
CA SER A 76 -7.56 0.24 -6.38
C SER A 76 -6.29 0.74 -5.70
N ASN A 77 -6.31 2.00 -5.26
CA ASN A 77 -5.17 2.57 -4.54
C ASN A 77 -4.95 1.82 -3.24
N ILE A 78 -6.04 1.61 -2.51
CA ILE A 78 -6.00 0.91 -1.23
C ILE A 78 -5.40 -0.49 -1.39
N GLU A 79 -5.90 -1.24 -2.36
CA GLU A 79 -5.42 -2.59 -2.62
C GLU A 79 -3.93 -2.59 -2.92
N ARG A 80 -3.50 -1.66 -3.75
CA ARG A 80 -2.07 -1.52 -4.09
C ARG A 80 -1.25 -1.25 -2.84
N LEU A 81 -1.66 -0.26 -2.07
CA LEU A 81 -0.93 0.16 -0.90
C LEU A 81 -0.82 -0.96 0.13
N ARG A 82 -1.92 -1.69 0.31
CA ARG A 82 -1.95 -2.78 1.28
C ARG A 82 -1.02 -3.92 0.86
N MET A 83 -1.04 -4.27 -0.43
CA MET A 83 -0.17 -5.33 -0.92
C MET A 83 1.29 -4.90 -0.84
N GLU A 84 1.54 -3.62 -1.08
CA GLU A 84 2.90 -3.08 -0.97
C GLU A 84 3.35 -3.08 0.48
N ILE A 85 2.46 -2.71 1.38
CA ILE A 85 2.73 -2.77 2.81
C ILE A 85 3.14 -4.17 3.22
N HIS A 86 2.33 -5.14 2.81
CA HIS A 86 2.56 -6.51 3.23
C HIS A 86 3.79 -7.11 2.55
N LYS A 87 4.16 -6.57 1.39
CA LYS A 87 5.41 -6.92 0.76
C LYS A 87 6.57 -6.56 1.69
N ASN A 88 6.52 -5.34 2.22
CA ASN A 88 7.52 -4.87 3.15
C ASN A 88 7.51 -5.72 4.41
N GLU A 89 6.31 -6.08 4.88
CA GLU A 89 6.15 -6.95 6.04
C GLU A 89 6.81 -8.30 5.76
N ALA A 90 6.69 -8.78 4.54
CA ALA A 90 7.28 -10.05 4.14
C ALA A 90 8.80 -9.97 4.17
N TRP A 91 9.34 -8.84 3.75
CA TRP A 91 10.78 -8.62 3.78
C TRP A 91 11.26 -8.40 5.22
N LEU A 92 10.40 -7.79 6.03
CA LEU A 92 10.69 -7.63 7.45
C LEU A 92 10.84 -8.98 8.11
N SER A 93 9.99 -9.92 7.69
CA SER A 93 10.04 -11.29 8.19
C SER A 93 11.40 -11.90 7.85
N GLU A 94 11.93 -11.55 6.69
CA GLU A 94 13.26 -11.99 6.29
C GLU A 94 14.32 -11.39 7.18
N VAL A 95 14.22 -10.07 7.40
CA VAL A 95 15.17 -9.36 8.24
C VAL A 95 15.18 -9.90 9.66
N GLU A 96 13.99 -10.17 10.18
CA GLU A 96 13.86 -10.75 11.51
C GLU A 96 14.44 -12.15 11.53
N GLY A 97 14.38 -12.82 10.39
CA GLY A 97 14.94 -14.15 10.27
C GLY A 97 16.45 -14.13 10.08
N LYS A 98 17.00 -12.94 9.87
CA LYS A 98 18.45 -12.77 9.77
C LYS A 98 19.04 -12.49 11.14
N VAL A 99 18.36 -11.65 11.90
CA VAL A 99 18.83 -11.24 13.21
C VAL A 99 18.47 -12.27 14.27
N SER A 100 17.40 -13.03 14.03
CA SER A 100 16.93 -14.01 14.97
C SER A 100 16.27 -15.18 14.25
N GLN A 101 15.80 -16.17 15.02
CA GLN A 101 15.09 -17.29 14.45
C GLN A 101 13.62 -16.94 14.24
N ARG A 102 13.25 -16.64 13.01
CA ARG A 102 11.90 -16.23 12.69
C ARG A 102 10.97 -17.44 12.69
N SER A 103 10.36 -17.72 13.83
CA SER A 103 9.40 -18.80 13.97
C SER A 103 10.03 -20.13 13.55
N GLU A 104 9.22 -21.06 13.07
CA GLU A 104 9.72 -22.34 12.61
C GLU A 104 9.27 -22.60 11.18
N GLY A 1 27.02 -16.53 -6.71
CA GLY A 1 26.87 -15.60 -5.56
C GLY A 1 25.72 -14.64 -5.75
N PRO A 2 25.84 -13.41 -5.24
CA PRO A 2 24.81 -12.36 -5.40
C PRO A 2 24.53 -12.08 -6.87
N LEU A 3 23.26 -11.87 -7.19
CA LEU A 3 22.83 -11.66 -8.57
C LEU A 3 23.04 -10.22 -8.98
N GLY A 4 23.13 -9.99 -10.28
CA GLY A 4 23.34 -8.64 -10.79
C GLY A 4 22.05 -7.88 -10.96
N SER A 5 21.26 -7.83 -9.89
CA SER A 5 19.97 -7.16 -9.91
C SER A 5 20.15 -5.65 -9.83
N HIS A 6 20.35 -5.03 -10.99
CA HIS A 6 20.53 -3.58 -11.06
C HIS A 6 19.21 -2.90 -11.40
N MET A 7 18.48 -3.48 -12.34
CA MET A 7 17.20 -2.94 -12.74
C MET A 7 16.21 -4.09 -12.97
N LYS A 8 16.05 -4.91 -11.94
CA LYS A 8 15.16 -6.07 -12.02
C LYS A 8 13.87 -5.81 -11.26
N GLY A 9 13.70 -4.58 -10.78
CA GLY A 9 12.48 -4.22 -10.08
C GLY A 9 12.03 -2.82 -10.41
N PRO A 10 10.94 -2.67 -11.18
CA PRO A 10 10.45 -1.36 -11.62
C PRO A 10 9.92 -0.50 -10.48
N ALA A 11 9.56 -1.14 -9.37
CA ALA A 11 9.05 -0.42 -8.21
C ALA A 11 9.69 -0.94 -6.93
N LEU A 12 10.92 -1.42 -7.06
CA LEU A 12 11.62 -2.03 -5.93
C LEU A 12 12.53 -1.03 -5.24
N GLU A 13 12.23 -0.75 -3.97
CA GLU A 13 13.07 0.10 -3.15
C GLU A 13 14.14 -0.73 -2.45
N ASP A 14 13.84 -2.03 -2.27
CA ASP A 14 14.83 -3.02 -1.81
C ASP A 14 15.25 -2.83 -0.36
N PHE A 15 16.23 -1.93 -0.13
CA PHE A 15 16.79 -1.69 1.20
C PHE A 15 17.50 -2.93 1.76
N SER A 16 18.10 -3.73 0.89
CA SER A 16 18.78 -4.95 1.35
C SER A 16 20.13 -4.62 1.99
N HIS A 17 20.62 -3.41 1.77
CA HIS A 17 21.89 -2.97 2.34
C HIS A 17 21.72 -2.53 3.78
N LEU A 18 20.51 -2.66 4.30
CA LEU A 18 20.22 -2.29 5.66
C LEU A 18 20.15 -3.53 6.55
N PRO A 19 21.00 -3.60 7.58
CA PRO A 19 20.97 -4.68 8.58
C PRO A 19 19.57 -4.83 9.18
N PRO A 20 19.22 -6.04 9.63
CA PRO A 20 17.87 -6.40 10.10
C PRO A 20 17.15 -5.29 10.85
N GLU A 21 17.73 -4.84 11.96
CA GLU A 21 17.10 -3.85 12.81
C GLU A 21 16.88 -2.51 12.09
N GLN A 22 17.93 -2.02 11.42
CA GLN A 22 17.83 -0.75 10.73
C GLN A 22 16.88 -0.87 9.53
N ARG A 23 16.84 -2.03 8.91
CA ARG A 23 15.98 -2.25 7.76
C ARG A 23 14.51 -2.14 8.16
N ARG A 24 14.08 -2.95 9.13
CA ARG A 24 12.69 -2.91 9.57
C ARG A 24 12.37 -1.58 10.23
N LYS A 25 13.40 -0.88 10.70
CA LYS A 25 13.24 0.43 11.28
C LYS A 25 12.82 1.44 10.21
N ARG A 26 13.28 1.21 8.99
CA ARG A 26 12.92 2.06 7.86
C ARG A 26 11.61 1.60 7.23
N LEU A 27 11.45 0.28 7.15
CA LEU A 27 10.24 -0.31 6.57
C LEU A 27 8.99 0.11 7.30
N GLN A 28 9.02 0.07 8.64
CA GLN A 28 7.86 0.41 9.44
C GLN A 28 7.41 1.85 9.20
N GLN A 29 8.36 2.73 8.90
CA GLN A 29 8.04 4.12 8.58
C GLN A 29 7.17 4.17 7.34
N ARG A 30 7.49 3.33 6.36
CA ARG A 30 6.75 3.29 5.12
C ARG A 30 5.46 2.50 5.30
N ILE A 31 5.54 1.41 6.06
CA ILE A 31 4.38 0.57 6.33
C ILE A 31 3.27 1.36 7.01
N ASP A 32 3.61 2.10 8.06
CA ASP A 32 2.64 2.93 8.75
C ASP A 32 2.05 3.97 7.81
N GLU A 33 2.91 4.58 7.00
CA GLU A 33 2.50 5.55 6.00
C GLU A 33 1.46 4.94 5.07
N LEU A 34 1.80 3.78 4.50
CA LEU A 34 0.94 3.11 3.54
C LEU A 34 -0.33 2.60 4.21
N SER A 35 -0.20 2.08 5.42
CA SER A 35 -1.33 1.55 6.16
C SER A 35 -2.33 2.67 6.46
N ARG A 36 -1.82 3.83 6.88
CA ARG A 36 -2.68 4.96 7.19
C ARG A 36 -3.22 5.58 5.92
N GLU A 37 -2.41 5.54 4.86
CA GLU A 37 -2.84 6.02 3.55
C GLU A 37 -4.01 5.18 3.07
N LEU A 38 -3.83 3.87 3.13
CA LEU A 38 -4.85 2.91 2.73
C LEU A 38 -6.07 3.02 3.64
N GLN A 39 -5.84 3.24 4.93
CA GLN A 39 -6.92 3.43 5.90
C GLN A 39 -7.90 4.49 5.41
N LYS A 40 -7.35 5.62 4.98
CA LYS A 40 -8.17 6.72 4.46
C LYS A 40 -8.93 6.28 3.22
N GLU A 41 -8.24 5.61 2.31
CA GLU A 41 -8.82 5.24 1.02
C GLU A 41 -9.90 4.16 1.16
N MET A 42 -9.67 3.17 2.03
CA MET A 42 -10.68 2.14 2.27
C MET A 42 -11.96 2.78 2.79
N ASP A 43 -11.79 3.65 3.77
CA ASP A 43 -12.92 4.38 4.35
C ASP A 43 -13.54 5.31 3.32
N GLN A 44 -12.68 5.87 2.45
CA GLN A 44 -13.13 6.76 1.40
C GLN A 44 -14.06 6.04 0.43
N LYS A 45 -13.66 4.85 -0.02
CA LYS A 45 -14.47 4.09 -0.96
C LYS A 45 -15.84 3.78 -0.36
N ASP A 46 -15.86 3.41 0.92
CA ASP A 46 -17.12 3.08 1.58
C ASP A 46 -17.99 4.33 1.67
N ALA A 47 -17.36 5.46 1.95
CA ALA A 47 -18.06 6.74 2.02
C ALA A 47 -18.57 7.14 0.63
N LEU A 48 -17.75 6.90 -0.38
CA LEU A 48 -18.11 7.19 -1.75
C LEU A 48 -19.24 6.27 -2.21
N ASN A 49 -19.14 4.99 -1.86
CA ASN A 49 -20.19 4.01 -2.15
C ASN A 49 -21.51 4.43 -1.54
N LYS A 50 -21.47 4.79 -0.26
CA LYS A 50 -22.65 5.25 0.45
C LYS A 50 -23.24 6.49 -0.23
N MET A 51 -22.38 7.47 -0.48
CA MET A 51 -22.80 8.72 -1.09
C MET A 51 -23.34 8.48 -2.50
N LYS A 52 -22.73 7.55 -3.23
CA LYS A 52 -23.21 7.19 -4.55
C LYS A 52 -24.62 6.61 -4.45
N ASP A 53 -24.82 5.75 -3.48
CA ASP A 53 -26.12 5.14 -3.24
C ASP A 53 -27.16 6.21 -2.94
N VAL A 54 -26.72 7.26 -2.24
CA VAL A 54 -27.56 8.42 -1.99
C VAL A 54 -27.92 9.09 -3.31
N TYR A 55 -26.92 9.35 -4.13
CA TYR A 55 -27.12 9.99 -5.44
C TYR A 55 -28.02 9.14 -6.34
N GLU A 56 -27.83 7.83 -6.31
CA GLU A 56 -28.57 6.91 -7.16
C GLU A 56 -30.05 6.84 -6.76
N LYS A 57 -30.30 6.71 -5.47
CA LYS A 57 -31.67 6.62 -4.99
C LYS A 57 -32.31 7.99 -4.87
N ASN A 58 -31.48 9.00 -4.61
CA ASN A 58 -31.95 10.36 -4.44
C ASN A 58 -31.07 11.35 -5.20
N PRO A 59 -31.36 11.56 -6.49
CA PRO A 59 -30.69 12.56 -7.34
C PRO A 59 -30.67 13.97 -6.75
N GLN A 60 -31.33 14.15 -5.61
CA GLN A 60 -31.36 15.43 -4.90
C GLN A 60 -29.96 15.95 -4.60
N MET A 61 -28.99 15.05 -4.56
CA MET A 61 -27.62 15.41 -4.21
C MET A 61 -26.75 15.59 -5.45
N GLY A 62 -27.28 15.24 -6.61
CA GLY A 62 -26.51 15.37 -7.84
C GLY A 62 -26.57 14.12 -8.70
N ASP A 63 -25.57 13.93 -9.54
CA ASP A 63 -25.52 12.75 -10.40
C ASP A 63 -24.47 11.77 -9.90
N PRO A 64 -24.86 10.48 -9.76
CA PRO A 64 -23.97 9.43 -9.26
C PRO A 64 -22.86 9.10 -10.25
N SER A 65 -23.04 9.52 -11.50
CA SER A 65 -22.07 9.29 -12.55
C SER A 65 -20.75 10.00 -12.26
N SER A 66 -20.86 11.20 -11.69
CA SER A 66 -19.69 12.00 -11.36
C SER A 66 -18.86 11.34 -10.25
N LEU A 67 -19.47 10.42 -9.52
CA LEU A 67 -18.80 9.76 -8.42
C LEU A 67 -18.08 8.51 -8.90
N HIS A 68 -18.38 8.06 -10.11
CA HIS A 68 -17.77 6.86 -10.67
C HIS A 68 -16.26 7.00 -10.82
N PRO A 69 -15.74 8.05 -11.50
CA PRO A 69 -14.29 8.25 -11.66
C PRO A 69 -13.58 8.38 -10.33
N LYS A 70 -14.30 8.90 -9.33
CA LYS A 70 -13.75 9.05 -8.00
C LYS A 70 -13.55 7.69 -7.35
N ILE A 71 -14.59 6.87 -7.35
CA ILE A 71 -14.52 5.54 -6.76
C ILE A 71 -13.55 4.66 -7.53
N ALA A 72 -13.51 4.84 -8.85
CA ALA A 72 -12.60 4.10 -9.71
C ALA A 72 -11.15 4.28 -9.24
N GLU A 73 -10.73 5.52 -9.08
CA GLU A 73 -9.39 5.82 -8.58
C GLU A 73 -9.23 5.32 -7.16
N THR A 74 -10.22 5.63 -6.32
CA THR A 74 -10.21 5.25 -4.92
C THR A 74 -9.97 3.75 -4.75
N THR A 75 -10.73 2.94 -5.48
CA THR A 75 -10.61 1.49 -5.39
C THR A 75 -9.26 1.00 -5.93
N SER A 76 -8.78 1.64 -6.99
CA SER A 76 -7.50 1.28 -7.58
C SER A 76 -6.36 1.65 -6.64
N ASN A 77 -6.44 2.83 -6.04
CA ASN A 77 -5.42 3.30 -5.12
C ASN A 77 -5.41 2.42 -3.87
N ILE A 78 -6.58 1.95 -3.48
CA ILE A 78 -6.71 1.00 -2.37
C ILE A 78 -5.83 -0.23 -2.60
N GLU A 79 -6.00 -0.86 -3.77
CA GLU A 79 -5.22 -2.04 -4.11
C GLU A 79 -3.75 -1.71 -4.26
N ARG A 80 -3.47 -0.52 -4.79
CA ARG A 80 -2.10 -0.06 -4.99
C ARG A 80 -1.39 0.07 -3.65
N LEU A 81 -2.06 0.68 -2.68
CA LEU A 81 -1.49 0.87 -1.35
C LEU A 81 -1.40 -0.44 -0.58
N ARG A 82 -2.36 -1.33 -0.83
CA ARG A 82 -2.38 -2.64 -0.18
C ARG A 82 -1.15 -3.47 -0.56
N MET A 83 -0.80 -3.46 -1.84
CA MET A 83 0.35 -4.23 -2.30
C MET A 83 1.65 -3.61 -1.79
N GLU A 84 1.62 -2.29 -1.56
CA GLU A 84 2.78 -1.59 -1.02
C GLU A 84 2.98 -1.97 0.45
N ILE A 85 1.90 -2.21 1.17
CA ILE A 85 2.01 -2.74 2.53
C ILE A 85 2.63 -4.12 2.47
N HIS A 86 2.03 -4.96 1.64
CA HIS A 86 2.39 -6.37 1.55
C HIS A 86 3.88 -6.55 1.25
N LYS A 87 4.42 -5.70 0.39
CA LYS A 87 5.82 -5.82 -0.01
C LYS A 87 6.76 -5.49 1.14
N ASN A 88 6.52 -4.39 1.83
CA ASN A 88 7.38 -3.95 2.92
C ASN A 88 7.25 -4.88 4.12
N GLU A 89 6.02 -5.33 4.39
CA GLU A 89 5.77 -6.19 5.54
C GLU A 89 6.33 -7.58 5.30
N ALA A 90 6.37 -7.96 4.04
CA ALA A 90 6.95 -9.24 3.64
C ALA A 90 8.46 -9.23 3.86
N TRP A 91 9.06 -8.05 3.69
CA TRP A 91 10.48 -7.88 3.93
C TRP A 91 10.79 -7.95 5.42
N LEU A 92 9.78 -7.70 6.24
CA LEU A 92 9.92 -7.87 7.69
C LEU A 92 10.21 -9.32 8.01
N SER A 93 9.59 -10.22 7.27
CA SER A 93 9.83 -11.65 7.42
C SER A 93 11.25 -11.97 6.98
N GLU A 94 11.73 -11.23 5.98
CA GLU A 94 13.12 -11.31 5.57
C GLU A 94 14.04 -10.84 6.68
N VAL A 95 13.63 -9.76 7.36
CA VAL A 95 14.36 -9.23 8.50
C VAL A 95 14.47 -10.28 9.61
N GLU A 96 13.41 -11.06 9.78
CA GLU A 96 13.40 -12.13 10.76
C GLU A 96 14.37 -13.24 10.35
N GLY A 97 14.71 -13.28 9.08
CA GLY A 97 15.66 -14.26 8.59
C GLY A 97 17.07 -13.71 8.55
N LYS A 98 17.21 -12.42 8.86
CA LYS A 98 18.52 -11.78 8.90
C LYS A 98 19.13 -11.91 10.29
N VAL A 99 18.26 -11.97 11.28
CA VAL A 99 18.70 -12.10 12.67
C VAL A 99 19.19 -13.52 12.96
N SER A 100 19.62 -13.76 14.19
CA SER A 100 20.22 -15.03 14.56
C SER A 100 21.49 -15.25 13.75
N GLN A 101 22.43 -14.33 13.90
CA GLN A 101 23.66 -14.36 13.13
C GLN A 101 24.48 -15.60 13.46
N ARG A 102 24.63 -16.45 12.47
CA ARG A 102 25.35 -17.71 12.63
C ARG A 102 26.70 -17.65 11.93
N SER A 103 26.99 -16.47 11.36
CA SER A 103 28.23 -16.19 10.64
C SER A 103 28.45 -17.15 9.48
N GLU A 104 29.63 -17.11 8.89
CA GLU A 104 29.95 -17.97 7.77
C GLU A 104 31.41 -18.36 7.83
N GLY A 1 24.90 -5.42 -0.66
CA GLY A 1 24.16 -6.67 -0.97
C GLY A 1 24.46 -7.75 0.05
N PRO A 2 23.79 -8.91 -0.06
CA PRO A 2 24.00 -10.04 0.85
C PRO A 2 25.39 -10.65 0.68
N LEU A 3 25.62 -11.28 -0.46
CA LEU A 3 26.92 -11.82 -0.78
C LEU A 3 27.68 -10.83 -1.66
N GLY A 4 26.93 -10.10 -2.46
CA GLY A 4 27.51 -9.09 -3.31
C GLY A 4 26.48 -8.08 -3.78
N SER A 5 26.95 -6.96 -4.32
CA SER A 5 26.08 -5.92 -4.82
C SER A 5 26.57 -5.47 -6.20
N HIS A 6 26.33 -6.30 -7.19
CA HIS A 6 26.85 -6.06 -8.54
C HIS A 6 25.99 -5.04 -9.26
N MET A 7 24.88 -5.49 -9.82
CA MET A 7 24.01 -4.63 -10.60
C MET A 7 22.73 -4.31 -9.84
N LYS A 8 22.05 -5.36 -9.37
CA LYS A 8 20.75 -5.20 -8.75
C LYS A 8 20.50 -6.28 -7.71
N GLY A 9 19.37 -6.17 -7.02
CA GLY A 9 18.99 -7.19 -6.06
C GLY A 9 18.01 -8.18 -6.65
N PRO A 10 17.56 -9.18 -5.87
CA PRO A 10 16.63 -10.21 -6.35
C PRO A 10 15.28 -9.63 -6.80
N ALA A 11 14.52 -9.11 -5.86
CA ALA A 11 13.21 -8.54 -6.18
C ALA A 11 13.11 -7.10 -5.72
N LEU A 12 14.22 -6.57 -5.20
CA LEU A 12 14.27 -5.22 -4.69
C LEU A 12 14.18 -4.20 -5.84
N GLU A 13 13.06 -3.51 -5.91
CA GLU A 13 12.87 -2.44 -6.89
C GLU A 13 13.81 -1.29 -6.60
N ASP A 14 14.03 -1.04 -5.32
CA ASP A 14 14.93 0.01 -4.87
C ASP A 14 15.38 -0.31 -3.45
N PHE A 15 15.96 0.67 -2.76
CA PHE A 15 16.42 0.52 -1.39
C PHE A 15 17.58 -0.48 -1.31
N SER A 16 18.16 -0.79 -2.47
CA SER A 16 19.25 -1.75 -2.55
C SER A 16 20.54 -1.17 -1.96
N HIS A 17 20.57 0.15 -1.82
CA HIS A 17 21.72 0.83 -1.25
C HIS A 17 21.57 0.99 0.27
N LEU A 18 20.62 0.27 0.85
CA LEU A 18 20.42 0.29 2.29
C LEU A 18 20.83 -1.04 2.89
N PRO A 19 21.71 -1.02 3.91
CA PRO A 19 22.07 -2.23 4.66
C PRO A 19 20.84 -2.82 5.34
N PRO A 20 20.78 -4.15 5.50
CA PRO A 20 19.61 -4.84 6.05
C PRO A 20 18.99 -4.14 7.25
N GLU A 21 19.84 -3.76 8.21
CA GLU A 21 19.42 -3.08 9.43
C GLU A 21 18.55 -1.85 9.14
N GLN A 22 18.96 -1.06 8.17
CA GLN A 22 18.25 0.16 7.82
C GLN A 22 17.13 -0.13 6.82
N ARG A 23 17.41 -1.05 5.91
CA ARG A 23 16.47 -1.41 4.85
C ARG A 23 15.13 -1.84 5.46
N ARG A 24 15.19 -2.76 6.42
CA ARG A 24 13.98 -3.30 7.04
C ARG A 24 13.17 -2.22 7.75
N LYS A 25 13.85 -1.18 8.22
CA LYS A 25 13.17 -0.10 8.91
C LYS A 25 12.57 0.86 7.89
N ARG A 26 13.41 1.30 6.96
CA ARG A 26 13.02 2.23 5.91
C ARG A 26 11.80 1.72 5.15
N LEU A 27 11.83 0.43 4.82
CA LEU A 27 10.74 -0.22 4.11
C LEU A 27 9.41 -0.03 4.84
N GLN A 28 9.39 -0.36 6.12
CA GLN A 28 8.13 -0.31 6.86
C GLN A 28 7.77 1.11 7.27
N GLN A 29 8.73 2.03 7.22
CA GLN A 29 8.39 3.44 7.39
C GLN A 29 7.47 3.87 6.27
N ARG A 30 7.74 3.38 5.07
CA ARG A 30 6.85 3.58 3.94
C ARG A 30 5.55 2.80 4.16
N ILE A 31 5.65 1.63 4.77
CA ILE A 31 4.47 0.84 5.13
C ILE A 31 3.53 1.65 6.02
N ASP A 32 4.07 2.30 7.04
CA ASP A 32 3.26 3.15 7.92
C ASP A 32 2.65 4.31 7.15
N GLU A 33 3.45 4.92 6.29
CA GLU A 33 2.98 6.01 5.44
C GLU A 33 1.84 5.54 4.53
N LEU A 34 2.08 4.44 3.84
CA LEU A 34 1.14 3.92 2.86
C LEU A 34 -0.13 3.38 3.52
N SER A 35 0.02 2.74 4.68
CA SER A 35 -1.14 2.22 5.40
C SER A 35 -1.95 3.37 5.98
N ARG A 36 -1.27 4.45 6.32
CA ARG A 36 -1.93 5.67 6.79
C ARG A 36 -2.73 6.28 5.66
N GLU A 37 -2.11 6.36 4.49
CA GLU A 37 -2.75 6.87 3.28
C GLU A 37 -3.91 5.96 2.89
N LEU A 38 -3.65 4.66 2.97
CA LEU A 38 -4.62 3.63 2.63
C LEU A 38 -5.84 3.70 3.54
N GLN A 39 -5.58 3.92 4.82
CA GLN A 39 -6.64 4.02 5.82
C GLN A 39 -7.65 5.09 5.43
N LYS A 40 -7.15 6.19 4.89
CA LYS A 40 -7.99 7.29 4.44
C LYS A 40 -8.88 6.84 3.29
N GLU A 41 -8.27 6.25 2.28
CA GLU A 41 -8.96 5.89 1.05
C GLU A 41 -9.95 4.76 1.30
N MET A 42 -9.61 3.81 2.17
CA MET A 42 -10.53 2.73 2.51
C MET A 42 -11.76 3.29 3.21
N ASP A 43 -11.54 4.16 4.18
CA ASP A 43 -12.63 4.85 4.88
C ASP A 43 -13.43 5.69 3.90
N GLN A 44 -12.72 6.42 3.05
CA GLN A 44 -13.35 7.29 2.07
C GLN A 44 -14.21 6.50 1.10
N LYS A 45 -13.72 5.35 0.66
CA LYS A 45 -14.46 4.52 -0.28
C LYS A 45 -15.74 4.03 0.34
N ASP A 46 -15.66 3.54 1.57
CA ASP A 46 -16.84 3.06 2.27
C ASP A 46 -17.87 4.19 2.43
N ALA A 47 -17.37 5.38 2.70
CA ALA A 47 -18.22 6.56 2.82
C ALA A 47 -18.81 6.94 1.46
N LEU A 48 -18.03 6.79 0.41
CA LEU A 48 -18.48 7.08 -0.95
C LEU A 48 -19.49 6.03 -1.39
N ASN A 49 -19.25 4.78 -1.01
CA ASN A 49 -20.17 3.68 -1.28
C ASN A 49 -21.53 3.98 -0.68
N LYS A 50 -21.53 4.32 0.60
CA LYS A 50 -22.76 4.61 1.32
C LYS A 50 -23.48 5.81 0.72
N MET A 51 -22.74 6.87 0.45
CA MET A 51 -23.31 8.08 -0.13
C MET A 51 -23.92 7.78 -1.49
N LYS A 52 -23.27 6.90 -2.25
CA LYS A 52 -23.81 6.45 -3.53
C LYS A 52 -25.16 5.79 -3.34
N ASP A 53 -25.24 4.90 -2.35
CA ASP A 53 -26.47 4.18 -2.05
C ASP A 53 -27.58 5.14 -1.64
N VAL A 54 -27.22 6.15 -0.86
CA VAL A 54 -28.18 7.18 -0.46
C VAL A 54 -28.71 7.92 -1.68
N TYR A 55 -27.83 8.22 -2.62
CA TYR A 55 -28.23 8.90 -3.85
C TYR A 55 -29.12 8.01 -4.73
N GLU A 56 -28.87 6.70 -4.67
CA GLU A 56 -29.67 5.75 -5.44
C GLU A 56 -31.08 5.64 -4.87
N LYS A 57 -31.17 5.54 -3.56
CA LYS A 57 -32.46 5.43 -2.88
C LYS A 57 -33.14 6.78 -2.78
N ASN A 58 -32.35 7.83 -2.71
CA ASN A 58 -32.87 9.19 -2.58
C ASN A 58 -32.19 10.12 -3.58
N PRO A 59 -32.66 10.13 -4.83
CA PRO A 59 -32.20 11.08 -5.86
C PRO A 59 -32.39 12.54 -5.45
N GLN A 60 -33.03 12.74 -4.31
CA GLN A 60 -33.25 14.05 -3.74
C GLN A 60 -31.92 14.78 -3.52
N MET A 61 -30.86 14.02 -3.28
CA MET A 61 -29.55 14.61 -3.02
C MET A 61 -28.76 14.87 -4.30
N GLY A 62 -29.19 14.24 -5.39
CA GLY A 62 -28.50 14.41 -6.65
C GLY A 62 -28.42 13.14 -7.45
N ASP A 63 -27.34 12.99 -8.21
CA ASP A 63 -27.16 11.84 -9.09
C ASP A 63 -26.03 10.93 -8.61
N PRO A 64 -26.35 9.64 -8.35
CA PRO A 64 -25.38 8.67 -7.83
C PRO A 64 -24.29 8.31 -8.83
N SER A 65 -24.57 8.47 -10.12
CA SER A 65 -23.59 8.15 -11.15
C SER A 65 -22.45 9.15 -11.15
N SER A 66 -22.75 10.37 -10.71
CA SER A 66 -21.75 11.42 -10.61
C SER A 66 -20.74 11.09 -9.51
N LEU A 67 -21.09 10.14 -8.65
CA LEU A 67 -20.22 9.72 -7.56
C LEU A 67 -19.34 8.56 -7.99
N HIS A 68 -19.63 7.97 -9.15
CA HIS A 68 -18.88 6.82 -9.64
C HIS A 68 -17.40 7.15 -9.85
N PRO A 69 -17.06 8.26 -10.55
CA PRO A 69 -15.66 8.65 -10.76
C PRO A 69 -14.91 8.88 -9.45
N LYS A 70 -15.65 9.30 -8.41
CA LYS A 70 -15.07 9.50 -7.10
C LYS A 70 -14.67 8.16 -6.49
N ILE A 71 -15.55 7.17 -6.63
CA ILE A 71 -15.27 5.83 -6.14
C ILE A 71 -14.12 5.22 -6.93
N ALA A 72 -14.03 5.57 -8.21
CA ALA A 72 -12.97 5.06 -9.08
C ALA A 72 -11.59 5.47 -8.59
N GLU A 73 -11.39 6.78 -8.44
CA GLU A 73 -10.09 7.30 -8.00
C GLU A 73 -9.76 6.84 -6.59
N THR A 74 -10.79 6.68 -5.77
CA THR A 74 -10.62 6.24 -4.40
C THR A 74 -10.19 4.77 -4.37
N THR A 75 -10.69 3.98 -5.32
CA THR A 75 -10.33 2.58 -5.42
C THR A 75 -8.93 2.40 -6.00
N SER A 76 -8.61 3.18 -7.03
CA SER A 76 -7.31 3.08 -7.69
C SER A 76 -6.18 3.40 -6.71
N ASN A 77 -6.41 4.38 -5.83
CA ASN A 77 -5.45 4.74 -4.79
C ASN A 77 -5.23 3.57 -3.84
N ILE A 78 -6.33 2.92 -3.45
CA ILE A 78 -6.29 1.81 -2.52
C ILE A 78 -5.36 0.70 -3.01
N GLU A 79 -5.63 0.19 -4.21
CA GLU A 79 -4.85 -0.91 -4.75
C GLU A 79 -3.41 -0.49 -5.06
N ARG A 80 -3.23 0.80 -5.35
CA ARG A 80 -1.90 1.32 -5.62
C ARG A 80 -1.06 1.30 -4.36
N LEU A 81 -1.64 1.73 -3.26
CA LEU A 81 -0.95 1.77 -1.99
C LEU A 81 -0.69 0.35 -1.48
N ARG A 82 -1.69 -0.52 -1.65
CA ARG A 82 -1.59 -1.90 -1.20
C ARG A 82 -0.44 -2.63 -1.90
N MET A 83 -0.30 -2.43 -3.20
CA MET A 83 0.75 -3.12 -3.95
C MET A 83 2.13 -2.65 -3.48
N GLU A 84 2.23 -1.38 -3.11
CA GLU A 84 3.50 -0.83 -2.63
C GLU A 84 3.83 -1.37 -1.25
N ILE A 85 2.81 -1.47 -0.39
CA ILE A 85 2.97 -2.10 0.91
C ILE A 85 3.41 -3.54 0.74
N HIS A 86 2.70 -4.25 -0.13
CA HIS A 86 2.99 -5.64 -0.44
C HIS A 86 4.43 -5.82 -0.92
N LYS A 87 4.89 -4.91 -1.77
CA LYS A 87 6.26 -4.93 -2.26
C LYS A 87 7.26 -4.81 -1.11
N ASN A 88 7.01 -3.86 -0.22
CA ASN A 88 7.89 -3.65 0.92
C ASN A 88 7.89 -4.86 1.84
N GLU A 89 6.70 -5.45 2.04
CA GLU A 89 6.58 -6.64 2.87
C GLU A 89 7.34 -7.81 2.26
N ALA A 90 7.31 -7.91 0.95
CA ALA A 90 8.02 -8.97 0.25
C ALA A 90 9.52 -8.83 0.45
N TRP A 91 10.00 -7.59 0.42
CA TRP A 91 11.41 -7.32 0.63
C TRP A 91 11.79 -7.51 2.10
N LEU A 92 10.87 -7.17 2.99
CA LEU A 92 11.04 -7.42 4.42
C LEU A 92 11.20 -8.90 4.68
N SER A 93 10.41 -9.69 3.95
CA SER A 93 10.49 -11.14 4.03
C SER A 93 11.87 -11.64 3.64
N GLU A 94 12.55 -10.86 2.80
CA GLU A 94 13.91 -11.18 2.40
C GLU A 94 14.92 -10.70 3.44
N VAL A 95 14.62 -9.58 4.09
CA VAL A 95 15.54 -9.03 5.08
C VAL A 95 15.54 -9.85 6.36
N GLU A 96 14.35 -10.24 6.81
CA GLU A 96 14.22 -11.05 8.02
C GLU A 96 14.87 -12.42 7.81
N GLY A 97 14.93 -12.85 6.55
CA GLY A 97 15.57 -14.10 6.21
C GLY A 97 17.08 -13.98 6.18
N LYS A 98 17.57 -12.75 6.35
CA LYS A 98 19.00 -12.50 6.41
C LYS A 98 19.46 -12.41 7.86
N VAL A 99 18.49 -12.40 8.76
CA VAL A 99 18.77 -12.30 10.18
C VAL A 99 18.65 -13.66 10.84
N SER A 100 19.74 -14.09 11.46
CA SER A 100 19.76 -15.37 12.14
C SER A 100 19.13 -15.23 13.53
N GLN A 101 17.81 -15.41 13.58
CA GLN A 101 17.09 -15.31 14.83
C GLN A 101 16.01 -16.39 14.90
N ARG A 102 16.44 -17.63 15.13
CA ARG A 102 15.51 -18.76 15.20
C ARG A 102 15.05 -18.97 16.65
N SER A 103 15.01 -17.90 17.42
CA SER A 103 14.59 -17.95 18.80
C SER A 103 13.13 -18.38 18.90
N GLU A 104 12.86 -19.32 19.79
CA GLU A 104 11.52 -19.84 19.98
C GLU A 104 10.67 -18.87 20.81
N GLY A 1 2.11 -2.19 -20.20
CA GLY A 1 2.58 -3.59 -20.41
C GLY A 1 1.57 -4.61 -19.91
N PRO A 2 0.54 -4.92 -20.72
CA PRO A 2 -0.51 -5.87 -20.34
C PRO A 2 0.05 -7.27 -20.10
N LEU A 3 -0.06 -7.74 -18.86
CA LEU A 3 0.41 -9.07 -18.46
C LEU A 3 1.90 -9.21 -18.73
N GLY A 4 2.64 -8.13 -18.53
CA GLY A 4 4.07 -8.17 -18.77
C GLY A 4 4.84 -7.35 -17.75
N SER A 5 5.20 -6.13 -18.13
CA SER A 5 5.96 -5.25 -17.25
C SER A 5 5.05 -4.64 -16.18
N HIS A 6 4.85 -5.37 -15.10
CA HIS A 6 3.98 -4.91 -14.02
C HIS A 6 4.82 -4.38 -12.85
N MET A 7 6.12 -4.67 -12.88
CA MET A 7 7.02 -4.22 -11.84
C MET A 7 7.75 -2.96 -12.29
N LYS A 8 7.07 -1.83 -12.18
CA LYS A 8 7.65 -0.56 -12.56
C LYS A 8 8.00 0.27 -11.34
N GLY A 9 7.96 -0.36 -10.17
CA GLY A 9 8.30 0.31 -8.95
C GLY A 9 9.57 -0.23 -8.35
N PRO A 10 10.73 0.38 -8.66
CA PRO A 10 12.02 -0.05 -8.14
C PRO A 10 12.35 0.63 -6.81
N ALA A 11 11.31 0.94 -6.04
CA ALA A 11 11.48 1.60 -4.76
C ALA A 11 11.84 0.59 -3.67
N LEU A 12 12.98 -0.05 -3.84
CA LEU A 12 13.47 -1.00 -2.86
C LEU A 12 14.35 -0.28 -1.84
N GLU A 13 13.88 -0.24 -0.61
CA GLU A 13 14.61 0.44 0.45
C GLU A 13 15.66 -0.49 1.06
N ASP A 14 15.18 -1.59 1.64
CA ASP A 14 16.04 -2.63 2.25
C ASP A 14 16.76 -2.14 3.51
N PHE A 15 17.46 -1.02 3.40
CA PHE A 15 18.20 -0.44 4.51
C PHE A 15 19.30 -1.37 4.99
N SER A 16 20.02 -1.97 4.04
CA SER A 16 21.08 -2.92 4.37
C SER A 16 22.27 -2.19 5.02
N HIS A 17 22.24 -0.86 4.95
CA HIS A 17 23.27 -0.05 5.59
C HIS A 17 22.96 0.13 7.08
N LEU A 18 21.75 -0.24 7.48
CA LEU A 18 21.35 -0.14 8.88
C LEU A 18 21.57 -1.48 9.57
N PRO A 19 22.09 -1.44 10.80
CA PRO A 19 22.24 -2.63 11.64
C PRO A 19 20.90 -3.32 11.87
N PRO A 20 20.90 -4.67 11.97
CA PRO A 20 19.68 -5.47 12.09
C PRO A 20 18.60 -4.84 12.97
N GLU A 21 18.99 -4.44 14.18
CA GLU A 21 18.07 -3.86 15.16
C GLU A 21 17.38 -2.61 14.61
N GLN A 22 18.17 -1.66 14.14
CA GLN A 22 17.62 -0.41 13.62
C GLN A 22 16.91 -0.63 12.30
N ARG A 23 17.43 -1.54 11.49
CA ARG A 23 16.88 -1.82 10.17
C ARG A 23 15.41 -2.25 10.29
N ARG A 24 15.18 -3.33 11.00
CA ARG A 24 13.82 -3.88 11.16
C ARG A 24 12.90 -2.89 11.85
N LYS A 25 13.48 -1.98 12.63
CA LYS A 25 12.71 -0.96 13.30
C LYS A 25 12.22 0.09 12.31
N ARG A 26 13.14 0.55 11.46
CA ARG A 26 12.81 1.55 10.45
C ARG A 26 11.83 0.97 9.43
N LEU A 27 11.98 -0.33 9.16
CA LEU A 27 11.09 -1.04 8.26
C LEU A 27 9.64 -0.92 8.71
N GLN A 28 9.37 -1.27 9.96
CA GLN A 28 8.00 -1.23 10.44
C GLN A 28 7.55 0.19 10.75
N GLN A 29 8.49 1.11 10.90
CA GLN A 29 8.15 2.52 11.01
C GLN A 29 7.55 3.00 9.70
N ARG A 30 8.05 2.46 8.59
CA ARG A 30 7.43 2.70 7.29
C ARG A 30 6.10 1.95 7.21
N ILE A 31 6.04 0.77 7.83
CA ILE A 31 4.80 0.01 7.92
C ILE A 31 3.70 0.85 8.56
N ASP A 32 3.95 1.32 9.79
CA ASP A 32 2.98 2.14 10.50
C ASP A 32 2.60 3.39 9.69
N GLU A 33 3.59 3.95 9.01
CA GLU A 33 3.39 5.12 8.18
C GLU A 33 2.46 4.80 7.00
N LEU A 34 2.86 3.81 6.23
CA LEU A 34 2.10 3.41 5.04
C LEU A 34 0.75 2.85 5.42
N SER A 35 0.68 2.20 6.57
CA SER A 35 -0.59 1.66 7.06
C SER A 35 -1.55 2.78 7.43
N ARG A 36 -1.02 3.89 7.93
CA ARG A 36 -1.84 5.06 8.23
C ARG A 36 -2.27 5.75 6.93
N GLU A 37 -1.34 5.82 5.99
CA GLU A 37 -1.61 6.39 4.67
C GLU A 37 -2.67 5.55 3.96
N LEU A 38 -2.47 4.24 3.98
CA LEU A 38 -3.40 3.29 3.38
C LEU A 38 -4.75 3.34 4.09
N GLN A 39 -4.72 3.52 5.40
CA GLN A 39 -5.93 3.63 6.21
C GLN A 39 -6.89 4.66 5.60
N LYS A 40 -6.32 5.81 5.22
CA LYS A 40 -7.10 6.88 4.61
C LYS A 40 -7.66 6.45 3.26
N GLU A 41 -6.82 5.84 2.44
CA GLU A 41 -7.21 5.43 1.10
C GLU A 41 -8.31 4.37 1.14
N MET A 42 -8.14 3.37 2.01
CA MET A 42 -9.15 2.32 2.16
C MET A 42 -10.47 2.90 2.63
N ASP A 43 -10.40 3.78 3.63
CA ASP A 43 -11.60 4.40 4.18
C ASP A 43 -12.26 5.31 3.15
N GLN A 44 -11.43 5.92 2.30
CA GLN A 44 -11.93 6.80 1.26
C GLN A 44 -12.57 5.99 0.14
N LYS A 45 -12.03 4.82 -0.17
CA LYS A 45 -12.61 3.95 -1.17
C LYS A 45 -14.05 3.62 -0.77
N ASP A 46 -14.23 3.35 0.51
CA ASP A 46 -15.56 3.14 1.08
C ASP A 46 -16.39 4.42 1.00
N ALA A 47 -15.77 5.54 1.38
CA ALA A 47 -16.41 6.85 1.34
C ALA A 47 -16.91 7.17 -0.07
N LEU A 48 -16.07 6.87 -1.06
CA LEU A 48 -16.40 7.13 -2.45
C LEU A 48 -17.44 6.12 -2.95
N ASN A 49 -17.33 4.87 -2.52
CA ASN A 49 -18.28 3.84 -2.92
C ASN A 49 -19.67 4.15 -2.41
N LYS A 50 -19.77 4.61 -1.16
CA LYS A 50 -21.05 4.97 -0.60
C LYS A 50 -21.66 6.15 -1.35
N MET A 51 -20.85 7.17 -1.61
CA MET A 51 -21.28 8.32 -2.39
C MET A 51 -21.74 7.88 -3.77
N LYS A 52 -20.96 7.01 -4.39
CA LYS A 52 -21.29 6.43 -5.69
C LYS A 52 -22.66 5.76 -5.63
N ASP A 53 -22.86 4.93 -4.62
CA ASP A 53 -24.09 4.18 -4.46
C ASP A 53 -25.29 5.12 -4.33
N VAL A 54 -25.09 6.25 -3.66
CA VAL A 54 -26.15 7.23 -3.52
C VAL A 54 -26.49 7.83 -4.89
N TYR A 55 -25.47 8.07 -5.69
CA TYR A 55 -25.65 8.56 -7.05
C TYR A 55 -26.37 7.52 -7.92
N GLU A 56 -26.02 6.26 -7.73
CA GLU A 56 -26.64 5.18 -8.50
C GLU A 56 -28.09 4.98 -8.10
N LYS A 57 -28.38 5.15 -6.80
CA LYS A 57 -29.75 5.06 -6.31
C LYS A 57 -30.54 6.32 -6.66
N ASN A 58 -29.88 7.47 -6.61
CA ASN A 58 -30.53 8.73 -6.87
C ASN A 58 -29.68 9.61 -7.79
N PRO A 59 -29.94 9.56 -9.11
CA PRO A 59 -29.26 10.42 -10.09
C PRO A 59 -29.55 11.91 -9.86
N GLN A 60 -30.38 12.18 -8.86
CA GLN A 60 -30.76 13.55 -8.50
C GLN A 60 -29.54 14.45 -8.26
N MET A 61 -28.47 13.88 -7.73
CA MET A 61 -27.30 14.68 -7.38
C MET A 61 -26.33 14.77 -8.56
N GLY A 62 -26.57 13.99 -9.59
CA GLY A 62 -25.69 14.00 -10.74
C GLY A 62 -25.50 12.62 -11.34
N ASP A 63 -24.30 12.34 -11.82
CA ASP A 63 -24.00 11.04 -12.41
C ASP A 63 -22.84 10.37 -11.68
N PRO A 64 -23.02 9.09 -11.35
CA PRO A 64 -22.00 8.29 -10.66
C PRO A 64 -20.81 7.95 -11.56
N SER A 65 -21.01 8.10 -12.86
CA SER A 65 -19.98 7.83 -13.85
C SER A 65 -18.73 8.68 -13.61
N SER A 66 -18.95 9.93 -13.24
CA SER A 66 -17.84 10.85 -12.97
C SER A 66 -17.06 10.46 -11.71
N LEU A 67 -17.64 9.56 -10.92
CA LEU A 67 -16.99 9.13 -9.68
C LEU A 67 -16.07 7.94 -9.92
N HIS A 68 -16.19 7.33 -11.10
CA HIS A 68 -15.38 6.16 -11.45
C HIS A 68 -13.88 6.46 -11.38
N PRO A 69 -13.39 7.51 -12.08
CA PRO A 69 -11.95 7.87 -12.05
C PRO A 69 -11.46 8.17 -10.64
N LYS A 70 -12.35 8.69 -9.80
CA LYS A 70 -12.01 9.03 -8.42
C LYS A 70 -11.76 7.76 -7.61
N ILE A 71 -12.67 6.81 -7.71
CA ILE A 71 -12.52 5.54 -7.02
C ILE A 71 -11.35 4.75 -7.60
N ALA A 72 -11.15 4.91 -8.91
CA ALA A 72 -10.06 4.22 -9.61
C ALA A 72 -8.70 4.56 -8.98
N GLU A 73 -8.38 5.84 -8.86
CA GLU A 73 -7.10 6.26 -8.32
C GLU A 73 -7.00 5.92 -6.82
N THR A 74 -8.15 5.98 -6.15
CA THR A 74 -8.22 5.62 -4.75
C THR A 74 -7.90 4.14 -4.57
N THR A 75 -8.37 3.33 -5.52
CA THR A 75 -8.12 1.91 -5.52
C THR A 75 -6.64 1.62 -5.82
N SER A 76 -6.08 2.31 -6.80
CA SER A 76 -4.69 2.09 -7.18
C SER A 76 -3.72 2.55 -6.08
N ASN A 77 -4.12 3.56 -5.32
CA ASN A 77 -3.32 3.98 -4.17
C ASN A 77 -3.29 2.87 -3.14
N ILE A 78 -4.44 2.27 -2.91
CA ILE A 78 -4.56 1.13 -2.00
C ILE A 78 -3.64 0.00 -2.44
N GLU A 79 -3.68 -0.34 -3.73
CA GLU A 79 -2.83 -1.37 -4.29
C GLU A 79 -1.36 -1.05 -4.06
N ARG A 80 -1.01 0.20 -4.32
CA ARG A 80 0.37 0.66 -4.16
C ARG A 80 0.80 0.61 -2.70
N LEU A 81 0.00 1.19 -1.83
CA LEU A 81 0.35 1.27 -0.42
C LEU A 81 0.38 -0.11 0.24
N ARG A 82 -0.57 -0.97 -0.14
CA ARG A 82 -0.61 -2.33 0.38
C ARG A 82 0.65 -3.12 -0.01
N MET A 83 1.09 -2.95 -1.26
CA MET A 83 2.25 -3.69 -1.73
C MET A 83 3.52 -3.14 -1.08
N GLU A 84 3.54 -1.84 -0.81
CA GLU A 84 4.66 -1.22 -0.10
C GLU A 84 4.76 -1.79 1.31
N ILE A 85 3.63 -1.95 1.96
CA ILE A 85 3.58 -2.58 3.28
C ILE A 85 4.09 -4.02 3.17
N HIS A 86 3.62 -4.74 2.15
CA HIS A 86 4.04 -6.10 1.90
C HIS A 86 5.56 -6.18 1.74
N LYS A 87 6.12 -5.23 0.99
CA LYS A 87 7.56 -5.16 0.80
C LYS A 87 8.30 -5.02 2.12
N ASN A 88 7.79 -4.15 2.99
CA ASN A 88 8.40 -3.94 4.30
C ASN A 88 8.26 -5.18 5.16
N GLU A 89 7.13 -5.87 5.07
CA GLU A 89 6.92 -7.13 5.77
C GLU A 89 7.90 -8.18 5.25
N ALA A 90 8.13 -8.16 3.94
CA ALA A 90 9.08 -9.07 3.30
C ALA A 90 10.50 -8.80 3.79
N TRP A 91 10.86 -7.52 3.90
CA TRP A 91 12.18 -7.14 4.39
C TRP A 91 12.36 -7.50 5.86
N LEU A 92 11.27 -7.42 6.63
CA LEU A 92 11.29 -7.86 8.01
C LEU A 92 11.67 -9.33 8.08
N SER A 93 11.01 -10.14 7.27
CA SER A 93 11.31 -11.56 7.18
C SER A 93 12.78 -11.77 6.83
N GLU A 94 13.29 -10.90 5.94
CA GLU A 94 14.69 -10.97 5.55
C GLU A 94 15.61 -10.73 6.74
N VAL A 95 15.23 -9.78 7.60
CA VAL A 95 16.03 -9.48 8.78
C VAL A 95 15.98 -10.64 9.76
N GLU A 96 14.76 -11.12 10.02
CA GLU A 96 14.54 -12.21 10.99
C GLU A 96 15.28 -13.47 10.58
N GLY A 97 15.45 -13.65 9.28
CA GLY A 97 16.13 -14.83 8.77
C GLY A 97 17.63 -14.82 9.05
N LYS A 98 18.32 -13.80 8.54
CA LYS A 98 19.78 -13.76 8.62
C LYS A 98 20.29 -13.49 10.02
N VAL A 99 19.43 -13.04 10.91
CA VAL A 99 19.83 -12.84 12.31
C VAL A 99 19.72 -14.15 13.08
N SER A 100 19.26 -15.20 12.41
CA SER A 100 19.13 -16.51 13.01
C SER A 100 20.02 -17.53 12.30
N GLN A 101 19.90 -17.60 10.98
CA GLN A 101 20.64 -18.60 10.19
C GLN A 101 22.14 -18.33 10.23
N ARG A 102 22.53 -17.10 10.52
CA ARG A 102 23.95 -16.76 10.61
C ARG A 102 24.46 -16.96 12.02
N SER A 103 24.16 -18.11 12.59
CA SER A 103 24.61 -18.47 13.91
C SER A 103 25.43 -19.75 13.83
N GLU A 104 26.53 -19.70 13.08
CA GLU A 104 27.36 -20.87 12.86
C GLU A 104 28.12 -21.22 14.13
N GLY A 1 20.00 -15.67 1.75
CA GLY A 1 21.27 -15.21 1.14
C GLY A 1 21.41 -13.70 1.20
N PRO A 2 22.64 -13.17 1.29
CA PRO A 2 22.90 -11.74 1.38
C PRO A 2 22.75 -11.01 0.04
N LEU A 3 21.72 -11.36 -0.70
CA LEU A 3 21.48 -10.77 -2.02
C LEU A 3 20.36 -9.75 -1.96
N GLY A 4 20.38 -8.81 -2.89
CA GLY A 4 19.36 -7.80 -2.95
C GLY A 4 18.76 -7.67 -4.32
N SER A 5 17.56 -7.12 -4.40
CA SER A 5 16.87 -6.97 -5.68
C SER A 5 17.29 -5.68 -6.37
N HIS A 6 17.64 -5.78 -7.63
CA HIS A 6 18.11 -4.62 -8.39
C HIS A 6 17.12 -4.28 -9.50
N MET A 7 16.29 -5.23 -9.89
CA MET A 7 15.32 -5.03 -10.94
C MET A 7 13.99 -5.67 -10.56
N LYS A 8 13.19 -4.94 -9.78
CA LYS A 8 11.93 -5.45 -9.31
C LYS A 8 10.92 -4.30 -9.18
N GLY A 9 10.66 -3.63 -10.29
CA GLY A 9 9.69 -2.55 -10.29
C GLY A 9 10.35 -1.19 -10.39
N PRO A 10 9.68 -0.22 -11.05
CA PRO A 10 10.20 1.16 -11.17
C PRO A 10 10.47 1.80 -9.81
N ALA A 11 9.60 1.53 -8.86
CA ALA A 11 9.77 2.05 -7.51
C ALA A 11 10.09 0.92 -6.54
N LEU A 12 11.32 0.43 -6.63
CA LEU A 12 11.76 -0.63 -5.75
C LEU A 12 12.52 -0.05 -4.56
N GLU A 13 11.93 -0.19 -3.39
CA GLU A 13 12.57 0.21 -2.15
C GLU A 13 13.81 -0.66 -1.90
N ASP A 14 13.56 -1.96 -1.77
CA ASP A 14 14.62 -2.97 -1.57
C ASP A 14 15.40 -2.73 -0.28
N PHE A 15 16.32 -1.77 -0.30
CA PHE A 15 17.17 -1.44 0.85
C PHE A 15 17.97 -2.66 1.34
N SER A 16 18.24 -3.60 0.44
CA SER A 16 18.99 -4.80 0.79
C SER A 16 20.47 -4.46 0.99
N HIS A 17 20.84 -3.26 0.55
CA HIS A 17 22.19 -2.77 0.73
C HIS A 17 22.38 -2.13 2.10
N LEU A 18 21.32 -2.20 2.92
CA LEU A 18 21.39 -1.69 4.28
C LEU A 18 21.52 -2.84 5.26
N PRO A 19 22.20 -2.59 6.39
CA PRO A 19 22.29 -3.57 7.49
C PRO A 19 20.90 -3.97 7.96
N PRO A 20 20.69 -5.27 8.25
CA PRO A 20 19.37 -5.83 8.60
C PRO A 20 18.53 -4.95 9.51
N GLU A 21 19.14 -4.49 10.61
CA GLU A 21 18.43 -3.68 11.60
C GLU A 21 17.96 -2.37 10.97
N GLN A 22 18.86 -1.71 10.26
CA GLN A 22 18.56 -0.44 9.61
C GLN A 22 17.57 -0.65 8.47
N ARG A 23 17.73 -1.75 7.75
CA ARG A 23 16.87 -2.06 6.62
C ARG A 23 15.41 -2.13 7.05
N ARG A 24 15.12 -3.02 8.01
CA ARG A 24 13.74 -3.23 8.45
C ARG A 24 13.17 -1.97 9.07
N LYS A 25 14.06 -1.13 9.60
CA LYS A 25 13.66 0.13 10.20
C LYS A 25 13.08 1.05 9.14
N ARG A 26 13.74 1.13 8.00
CA ARG A 26 13.28 1.98 6.89
C ARG A 26 12.09 1.34 6.18
N LEU A 27 12.14 0.01 6.07
CA LEU A 27 11.09 -0.76 5.41
C LEU A 27 9.71 -0.42 5.97
N GLN A 28 9.53 -0.54 7.28
CA GLN A 28 8.23 -0.32 7.87
C GLN A 28 7.92 1.17 7.98
N GLN A 29 8.93 2.02 7.85
CA GLN A 29 8.68 3.46 7.76
C GLN A 29 7.91 3.76 6.49
N ARG A 30 8.14 2.96 5.45
CA ARG A 30 7.30 3.01 4.26
C ARG A 30 5.89 2.58 4.63
N ILE A 31 5.80 1.49 5.37
CA ILE A 31 4.54 0.96 5.86
C ILE A 31 3.76 2.03 6.64
N ASP A 32 4.46 2.74 7.52
CA ASP A 32 3.83 3.80 8.32
C ASP A 32 3.17 4.84 7.42
N GLU A 33 3.89 5.25 6.39
CA GLU A 33 3.36 6.20 5.41
C GLU A 33 2.18 5.59 4.66
N LEU A 34 2.39 4.40 4.14
CA LEU A 34 1.41 3.72 3.30
C LEU A 34 0.14 3.36 4.08
N SER A 35 0.30 2.88 5.31
CA SER A 35 -0.85 2.50 6.13
C SER A 35 -1.72 3.71 6.43
N ARG A 36 -1.08 4.83 6.73
CA ARG A 36 -1.78 6.09 6.99
C ARG A 36 -2.45 6.58 5.71
N GLU A 37 -1.75 6.42 4.60
CA GLU A 37 -2.25 6.86 3.31
C GLU A 37 -3.44 6.01 2.87
N LEU A 38 -3.23 4.71 2.87
CA LEU A 38 -4.22 3.73 2.45
C LEU A 38 -5.47 3.81 3.34
N GLN A 39 -5.25 4.05 4.62
CA GLN A 39 -6.36 4.15 5.57
C GLN A 39 -7.39 5.18 5.12
N LYS A 40 -6.92 6.24 4.46
CA LYS A 40 -7.82 7.26 3.95
C LYS A 40 -8.50 6.79 2.67
N GLU A 41 -7.79 6.03 1.85
CA GLU A 41 -8.30 5.58 0.57
C GLU A 41 -9.38 4.51 0.74
N MET A 42 -9.13 3.55 1.62
CA MET A 42 -10.12 2.49 1.88
C MET A 42 -11.39 3.09 2.47
N ASP A 43 -11.22 3.99 3.42
CA ASP A 43 -12.34 4.69 4.03
C ASP A 43 -13.09 5.52 3.00
N GLN A 44 -12.35 6.11 2.08
CA GLN A 44 -12.92 6.96 1.04
C GLN A 44 -13.81 6.14 0.10
N LYS A 45 -13.34 4.95 -0.28
CA LYS A 45 -14.08 4.09 -1.19
C LYS A 45 -15.44 3.71 -0.61
N ASP A 46 -15.43 3.30 0.65
CA ASP A 46 -16.67 2.87 1.31
C ASP A 46 -17.65 4.04 1.42
N ALA A 47 -17.11 5.23 1.65
CA ALA A 47 -17.92 6.44 1.70
C ALA A 47 -18.48 6.77 0.33
N LEU A 48 -17.64 6.64 -0.69
CA LEU A 48 -18.06 6.89 -2.07
C LEU A 48 -19.13 5.91 -2.50
N ASN A 49 -19.02 4.68 -2.03
CA ASN A 49 -20.00 3.65 -2.34
C ASN A 49 -21.36 3.98 -1.73
N LYS A 50 -21.34 4.50 -0.52
CA LYS A 50 -22.57 4.92 0.14
C LYS A 50 -23.16 6.13 -0.58
N MET A 51 -22.30 7.10 -0.88
CA MET A 51 -22.74 8.31 -1.55
C MET A 51 -23.28 8.00 -2.94
N LYS A 52 -22.66 7.03 -3.62
CA LYS A 52 -23.17 6.57 -4.90
C LYS A 52 -24.57 6.01 -4.73
N ASP A 53 -24.73 5.18 -3.70
CA ASP A 53 -26.00 4.53 -3.40
C ASP A 53 -27.10 5.57 -3.19
N VAL A 54 -26.75 6.65 -2.50
CA VAL A 54 -27.67 7.76 -2.28
C VAL A 54 -28.05 8.42 -3.60
N TYR A 55 -27.05 8.78 -4.40
CA TYR A 55 -27.28 9.47 -5.66
C TYR A 55 -28.09 8.62 -6.64
N GLU A 56 -27.97 7.30 -6.53
CA GLU A 56 -28.72 6.39 -7.37
C GLU A 56 -30.18 6.35 -6.98
N LYS A 57 -30.44 6.08 -5.71
CA LYS A 57 -31.82 5.98 -5.22
C LYS A 57 -32.47 7.34 -5.18
N ASN A 58 -31.70 8.34 -4.80
CA ASN A 58 -32.21 9.70 -4.65
C ASN A 58 -31.32 10.70 -5.40
N PRO A 59 -31.63 10.93 -6.69
CA PRO A 59 -30.97 11.96 -7.52
C PRO A 59 -30.99 13.36 -6.90
N GLN A 60 -31.64 13.51 -5.75
CA GLN A 60 -31.71 14.78 -5.03
C GLN A 60 -30.33 15.39 -4.83
N MET A 61 -29.32 14.54 -4.65
CA MET A 61 -27.97 15.01 -4.37
C MET A 61 -27.13 15.08 -5.64
N GLY A 62 -27.71 14.67 -6.76
CA GLY A 62 -27.00 14.69 -8.02
C GLY A 62 -27.02 13.34 -8.70
N ASP A 63 -26.09 13.14 -9.63
CA ASP A 63 -26.03 11.89 -10.38
C ASP A 63 -24.80 11.10 -9.98
N PRO A 64 -24.96 9.79 -9.72
CA PRO A 64 -23.87 8.92 -9.26
C PRO A 64 -22.78 8.72 -10.32
N SER A 65 -23.09 9.04 -11.57
CA SER A 65 -22.11 8.91 -12.65
C SER A 65 -20.89 9.78 -12.38
N SER A 66 -21.12 10.96 -11.84
CA SER A 66 -20.05 11.91 -11.53
C SER A 66 -19.12 11.34 -10.46
N LEU A 67 -19.61 10.35 -9.73
CA LEU A 67 -18.83 9.74 -8.65
C LEU A 67 -18.04 8.54 -9.16
N HIS A 68 -18.37 8.08 -10.35
CA HIS A 68 -17.74 6.88 -10.92
C HIS A 68 -16.23 7.06 -11.10
N PRO A 69 -15.76 8.14 -11.78
CA PRO A 69 -14.33 8.40 -11.94
C PRO A 69 -13.61 8.50 -10.59
N LYS A 70 -14.32 8.99 -9.58
CA LYS A 70 -13.76 9.11 -8.24
C LYS A 70 -13.53 7.74 -7.64
N ILE A 71 -14.56 6.90 -7.65
CA ILE A 71 -14.47 5.55 -7.10
C ILE A 71 -13.38 4.76 -7.82
N ALA A 72 -13.25 5.01 -9.12
CA ALA A 72 -12.25 4.34 -9.94
C ALA A 72 -10.84 4.57 -9.40
N GLU A 73 -10.46 5.84 -9.28
CA GLU A 73 -9.12 6.18 -8.80
C GLU A 73 -8.95 5.83 -7.33
N THR A 74 -10.03 5.92 -6.57
CA THR A 74 -10.01 5.59 -5.15
C THR A 74 -9.64 4.12 -4.97
N THR A 75 -10.25 3.26 -5.78
CA THR A 75 -10.01 1.83 -5.70
C THR A 75 -8.61 1.46 -6.19
N SER A 76 -8.15 2.15 -7.23
CA SER A 76 -6.84 1.87 -7.81
C SER A 76 -5.72 2.28 -6.85
N ASN A 77 -5.96 3.33 -6.06
CA ASN A 77 -5.01 3.75 -5.03
C ASN A 77 -4.91 2.69 -3.95
N ILE A 78 -6.07 2.16 -3.56
CA ILE A 78 -6.14 1.13 -2.53
C ILE A 78 -5.25 -0.05 -2.86
N GLU A 79 -5.44 -0.63 -4.04
CA GLU A 79 -4.64 -1.77 -4.48
C GLU A 79 -3.15 -1.42 -4.48
N ARG A 80 -2.82 -0.27 -5.05
CA ARG A 80 -1.44 0.18 -5.17
C ARG A 80 -0.77 0.30 -3.80
N LEU A 81 -1.47 0.91 -2.87
CA LEU A 81 -0.90 1.16 -1.54
C LEU A 81 -0.80 -0.12 -0.72
N ARG A 82 -1.80 -0.98 -0.81
CA ARG A 82 -1.82 -2.20 -0.01
C ARG A 82 -0.74 -3.18 -0.44
N MET A 83 -0.48 -3.23 -1.75
CA MET A 83 0.55 -4.12 -2.27
C MET A 83 1.93 -3.63 -1.87
N GLU A 84 2.07 -2.31 -1.73
CA GLU A 84 3.33 -1.73 -1.28
C GLU A 84 3.61 -2.09 0.18
N ILE A 85 2.55 -2.11 0.98
CA ILE A 85 2.66 -2.55 2.35
C ILE A 85 3.10 -4.02 2.38
N HIS A 86 2.47 -4.82 1.52
CA HIS A 86 2.82 -6.24 1.40
C HIS A 86 4.29 -6.41 1.02
N LYS A 87 4.76 -5.59 0.10
CA LYS A 87 6.17 -5.62 -0.32
C LYS A 87 7.09 -5.49 0.88
N ASN A 88 6.87 -4.47 1.68
CA ASN A 88 7.73 -4.19 2.82
C ASN A 88 7.56 -5.25 3.91
N GLU A 89 6.33 -5.71 4.11
CA GLU A 89 6.06 -6.78 5.07
C GLU A 89 6.82 -8.04 4.70
N ALA A 90 6.88 -8.30 3.39
CA ALA A 90 7.61 -9.45 2.88
C ALA A 90 9.08 -9.37 3.22
N TRP A 91 9.67 -8.20 3.02
CA TRP A 91 11.08 -7.99 3.30
C TRP A 91 11.34 -8.01 4.81
N LEU A 92 10.41 -7.45 5.58
CA LEU A 92 10.50 -7.48 7.04
C LEU A 92 10.62 -8.92 7.54
N SER A 93 9.75 -9.77 7.02
CA SER A 93 9.75 -11.19 7.39
C SER A 93 11.08 -11.83 7.02
N GLU A 94 11.66 -11.40 5.90
CA GLU A 94 12.96 -11.90 5.47
C GLU A 94 14.05 -11.45 6.45
N VAL A 95 14.06 -10.15 6.76
CA VAL A 95 15.05 -9.60 7.67
C VAL A 95 14.98 -10.29 9.03
N GLU A 96 13.75 -10.41 9.55
CA GLU A 96 13.54 -11.02 10.86
C GLU A 96 13.78 -12.51 10.84
N GLY A 97 13.91 -13.07 9.65
CA GLY A 97 14.16 -14.49 9.51
C GLY A 97 15.63 -14.80 9.38
N LYS A 98 16.40 -13.84 8.89
CA LYS A 98 17.83 -14.05 8.65
C LYS A 98 18.69 -13.48 9.78
N VAL A 99 18.04 -13.08 10.87
CA VAL A 99 18.78 -12.59 12.03
C VAL A 99 19.39 -13.76 12.80
N SER A 100 18.72 -14.91 12.73
CA SER A 100 19.20 -16.11 13.36
C SER A 100 20.03 -16.94 12.39
N GLN A 101 21.23 -16.46 12.12
CA GLN A 101 22.13 -17.11 11.18
C GLN A 101 22.86 -18.26 11.85
N ARG A 102 23.32 -19.20 11.03
CA ARG A 102 24.03 -20.36 11.53
C ARG A 102 25.46 -20.34 11.01
N SER A 103 26.41 -20.21 11.91
CA SER A 103 27.82 -20.13 11.56
C SER A 103 28.07 -18.88 10.70
N GLU A 104 27.93 -17.71 11.32
CA GLU A 104 28.14 -16.45 10.63
C GLU A 104 29.53 -15.91 10.91
N GLY A 1 17.27 -6.23 -22.51
CA GLY A 1 18.37 -6.24 -23.49
C GLY A 1 19.06 -4.89 -23.59
N PRO A 2 20.21 -4.80 -24.29
CA PRO A 2 20.97 -3.55 -24.41
C PRO A 2 20.16 -2.44 -25.07
N LEU A 3 19.35 -2.79 -26.06
CA LEU A 3 18.54 -1.82 -26.77
C LEU A 3 17.20 -1.63 -26.07
N GLY A 4 16.98 -2.42 -25.03
CA GLY A 4 15.76 -2.35 -24.27
C GLY A 4 15.70 -1.09 -23.42
N SER A 5 15.09 -0.05 -23.97
CA SER A 5 14.99 1.22 -23.30
C SER A 5 13.77 1.25 -22.38
N HIS A 6 13.92 0.69 -21.18
CA HIS A 6 12.84 0.66 -20.21
C HIS A 6 13.40 0.47 -18.81
N MET A 7 13.23 1.48 -17.96
CA MET A 7 13.73 1.43 -16.61
C MET A 7 12.98 0.38 -15.79
N LYS A 8 13.70 -0.62 -15.35
CA LYS A 8 13.12 -1.70 -14.55
C LYS A 8 12.97 -1.25 -13.10
N GLY A 9 14.09 -0.87 -12.51
CA GLY A 9 14.09 -0.45 -11.12
C GLY A 9 13.74 -1.58 -10.16
N PRO A 10 14.69 -2.48 -9.91
CA PRO A 10 14.48 -3.61 -8.99
C PRO A 10 14.56 -3.17 -7.52
N ALA A 11 14.56 -4.14 -6.62
CA ALA A 11 14.66 -3.90 -5.18
C ALA A 11 13.50 -3.06 -4.68
N LEU A 12 12.30 -3.61 -4.78
CA LEU A 12 11.11 -2.94 -4.27
C LEU A 12 11.04 -3.13 -2.76
N GLU A 13 11.26 -2.04 -2.04
CA GLU A 13 11.42 -2.09 -0.59
C GLU A 13 12.68 -2.89 -0.24
N ASP A 14 12.50 -4.13 0.22
CA ASP A 14 13.61 -5.02 0.60
C ASP A 14 14.47 -4.42 1.71
N PHE A 15 15.32 -3.46 1.36
CA PHE A 15 16.26 -2.86 2.29
C PHE A 15 17.25 -3.90 2.79
N SER A 16 17.53 -4.88 1.94
CA SER A 16 18.44 -5.98 2.28
C SER A 16 19.88 -5.50 2.40
N HIS A 17 20.19 -4.38 1.74
CA HIS A 17 21.53 -3.79 1.88
C HIS A 17 21.67 -3.08 3.21
N LEU A 18 20.56 -2.88 3.91
CA LEU A 18 20.57 -2.42 5.28
C LEU A 18 20.69 -3.62 6.21
N PRO A 19 21.51 -3.54 7.26
CA PRO A 19 21.63 -4.58 8.27
C PRO A 19 20.31 -4.77 9.02
N PRO A 20 20.07 -5.96 9.58
CA PRO A 20 18.79 -6.33 10.21
C PRO A 20 18.16 -5.21 11.04
N GLU A 21 18.93 -4.62 11.95
CA GLU A 21 18.41 -3.60 12.86
C GLU A 21 17.92 -2.36 12.08
N GLN A 22 18.77 -1.86 11.18
CA GLN A 22 18.42 -0.70 10.38
C GLN A 22 17.35 -1.03 9.35
N ARG A 23 17.38 -2.27 8.86
CA ARG A 23 16.43 -2.74 7.87
C ARG A 23 15.01 -2.67 8.41
N ARG A 24 14.77 -3.37 9.52
CA ARG A 24 13.44 -3.42 10.11
C ARG A 24 13.00 -2.04 10.55
N LYS A 25 13.97 -1.18 10.85
CA LYS A 25 13.69 0.20 11.21
C LYS A 25 13.05 0.93 10.04
N ARG A 26 13.58 0.69 8.85
CA ARG A 26 13.07 1.35 7.64
C ARG A 26 11.78 0.67 7.16
N LEU A 27 11.68 -0.63 7.38
CA LEU A 27 10.46 -1.35 7.07
C LEU A 27 9.30 -0.83 7.93
N GLN A 28 9.58 -0.64 9.21
CA GLN A 28 8.57 -0.07 10.13
C GLN A 28 8.11 1.30 9.65
N GLN A 29 9.05 2.07 9.13
CA GLN A 29 8.74 3.39 8.58
C GLN A 29 7.81 3.27 7.40
N ARG A 30 8.13 2.36 6.48
CA ARG A 30 7.30 2.13 5.30
C ARG A 30 5.96 1.54 5.68
N ILE A 31 5.95 0.61 6.64
CA ILE A 31 4.71 0.04 7.15
C ILE A 31 3.80 1.15 7.69
N ASP A 32 4.34 1.95 8.61
CA ASP A 32 3.59 3.04 9.20
C ASP A 32 3.11 4.02 8.14
N GLU A 33 4.02 4.39 7.25
CA GLU A 33 3.73 5.33 6.17
C GLU A 33 2.59 4.83 5.29
N LEU A 34 2.73 3.60 4.80
CA LEU A 34 1.75 3.01 3.91
C LEU A 34 0.44 2.73 4.66
N SER A 35 0.56 2.35 5.92
CA SER A 35 -0.62 2.10 6.75
C SER A 35 -1.43 3.38 6.95
N ARG A 36 -0.72 4.48 7.20
CA ARG A 36 -1.36 5.78 7.40
C ARG A 36 -1.99 6.25 6.10
N GLU A 37 -1.32 5.95 5.00
CA GLU A 37 -1.82 6.30 3.67
C GLU A 37 -3.05 5.47 3.34
N LEU A 38 -2.95 4.17 3.58
CA LEU A 38 -4.03 3.24 3.28
C LEU A 38 -5.27 3.57 4.11
N GLN A 39 -5.04 3.93 5.37
CA GLN A 39 -6.14 4.31 6.26
C GLN A 39 -7.01 5.39 5.63
N LYS A 40 -6.35 6.37 5.01
CA LYS A 40 -7.06 7.47 4.37
C LYS A 40 -7.78 6.99 3.11
N GLU A 41 -7.17 6.05 2.39
CA GLU A 41 -7.73 5.54 1.15
C GLU A 41 -8.93 4.62 1.41
N MET A 42 -8.81 3.73 2.39
CA MET A 42 -9.92 2.83 2.72
C MET A 42 -11.09 3.62 3.26
N ASP A 43 -10.80 4.66 4.03
CA ASP A 43 -11.85 5.54 4.54
C ASP A 43 -12.47 6.33 3.39
N GLN A 44 -11.64 6.69 2.42
CA GLN A 44 -12.10 7.41 1.24
C GLN A 44 -13.10 6.56 0.47
N LYS A 45 -12.74 5.29 0.23
CA LYS A 45 -13.63 4.38 -0.49
C LYS A 45 -14.88 4.10 0.31
N ASP A 46 -14.72 3.98 1.63
CA ASP A 46 -15.85 3.79 2.53
C ASP A 46 -16.85 4.94 2.37
N ALA A 47 -16.32 6.14 2.23
CA ALA A 47 -17.14 7.32 2.00
C ALA A 47 -17.69 7.34 0.57
N LEU A 48 -16.82 7.03 -0.38
CA LEU A 48 -17.19 7.04 -1.80
C LEU A 48 -18.33 6.07 -2.10
N ASN A 49 -18.22 4.85 -1.58
CA ASN A 49 -19.25 3.83 -1.78
C ASN A 49 -20.57 4.27 -1.17
N LYS A 50 -20.50 4.89 0.00
CA LYS A 50 -21.69 5.41 0.66
C LYS A 50 -22.29 6.54 -0.14
N MET A 51 -21.44 7.48 -0.55
CA MET A 51 -21.87 8.64 -1.32
C MET A 51 -22.47 8.20 -2.65
N LYS A 52 -21.87 7.18 -3.26
CA LYS A 52 -22.39 6.62 -4.50
C LYS A 52 -23.79 6.09 -4.29
N ASP A 53 -24.00 5.40 -3.17
CA ASP A 53 -25.30 4.85 -2.82
C ASP A 53 -26.34 5.97 -2.72
N VAL A 54 -25.94 7.07 -2.10
CA VAL A 54 -26.80 8.23 -1.99
C VAL A 54 -27.15 8.78 -3.38
N TYR A 55 -26.16 8.80 -4.26
CA TYR A 55 -26.35 9.32 -5.61
C TYR A 55 -27.14 8.33 -6.49
N GLU A 56 -27.08 7.06 -6.12
CA GLU A 56 -27.82 6.03 -6.83
C GLU A 56 -29.29 6.06 -6.45
N LYS A 57 -29.56 6.27 -5.18
CA LYS A 57 -30.94 6.38 -4.70
C LYS A 57 -31.48 7.78 -4.98
N ASN A 58 -30.61 8.76 -4.93
CA ASN A 58 -31.00 10.15 -5.18
C ASN A 58 -30.03 10.83 -6.14
N PRO A 59 -30.30 10.75 -7.45
CA PRO A 59 -29.54 11.47 -8.48
C PRO A 59 -29.58 12.99 -8.27
N GLN A 60 -30.42 13.42 -7.33
CA GLN A 60 -30.51 14.82 -6.94
C GLN A 60 -29.16 15.33 -6.45
N MET A 61 -28.43 14.45 -5.77
CA MET A 61 -27.13 14.81 -5.20
C MET A 61 -26.07 14.92 -6.29
N GLY A 62 -26.20 14.11 -7.32
CA GLY A 62 -25.22 14.12 -8.40
C GLY A 62 -25.33 12.90 -9.28
N ASP A 63 -24.18 12.42 -9.75
CA ASP A 63 -24.14 11.28 -10.63
C ASP A 63 -23.16 10.22 -10.10
N PRO A 64 -23.68 9.02 -9.78
CA PRO A 64 -22.87 7.93 -9.24
C PRO A 64 -21.89 7.37 -10.26
N SER A 65 -22.16 7.60 -11.54
CA SER A 65 -21.30 7.12 -12.60
C SER A 65 -19.98 7.92 -12.59
N SER A 66 -20.08 9.19 -12.25
CA SER A 66 -18.92 10.05 -12.13
C SER A 66 -18.05 9.64 -10.94
N LEU A 67 -18.63 8.87 -10.04
CA LEU A 67 -17.91 8.40 -8.86
C LEU A 67 -17.18 7.09 -9.15
N HIS A 68 -17.52 6.46 -10.27
CA HIS A 68 -16.91 5.18 -10.64
C HIS A 68 -15.39 5.30 -10.81
N PRO A 69 -14.89 6.25 -11.63
CA PRO A 69 -13.44 6.44 -11.80
C PRO A 69 -12.76 6.85 -10.49
N LYS A 70 -13.52 7.50 -9.62
CA LYS A 70 -13.00 7.95 -8.33
C LYS A 70 -12.83 6.77 -7.39
N ILE A 71 -13.81 5.87 -7.38
CA ILE A 71 -13.73 4.66 -6.59
C ILE A 71 -12.66 3.72 -7.18
N ALA A 72 -12.53 3.76 -8.50
CA ALA A 72 -11.55 2.95 -9.21
C ALA A 72 -10.14 3.23 -8.71
N GLU A 73 -9.72 4.49 -8.82
CA GLU A 73 -8.38 4.88 -8.39
C GLU A 73 -8.20 4.69 -6.89
N THR A 74 -9.24 4.97 -6.13
CA THR A 74 -9.22 4.80 -4.69
C THR A 74 -9.01 3.32 -4.33
N THR A 75 -9.66 2.43 -5.06
CA THR A 75 -9.46 1.00 -4.87
C THR A 75 -8.06 0.59 -5.33
N SER A 76 -7.61 1.18 -6.44
CA SER A 76 -6.27 0.91 -6.96
C SER A 76 -5.21 1.21 -5.90
N ASN A 77 -5.38 2.34 -5.22
CA ASN A 77 -4.46 2.74 -4.16
C ASN A 77 -4.55 1.77 -2.99
N ILE A 78 -5.78 1.43 -2.60
CA ILE A 78 -6.00 0.48 -1.51
C ILE A 78 -5.29 -0.84 -1.77
N GLU A 79 -5.54 -1.40 -2.95
CA GLU A 79 -4.93 -2.67 -3.34
C GLU A 79 -3.40 -2.57 -3.28
N ARG A 80 -2.85 -1.50 -3.82
CA ARG A 80 -1.41 -1.30 -3.82
C ARG A 80 -0.87 -1.13 -2.41
N LEU A 81 -1.40 -0.16 -1.69
CA LEU A 81 -0.91 0.18 -0.36
C LEU A 81 -0.96 -1.03 0.57
N ARG A 82 -2.08 -1.75 0.56
CA ARG A 82 -2.26 -2.88 1.45
C ARG A 82 -1.23 -3.97 1.19
N MET A 83 -0.96 -4.25 -0.08
CA MET A 83 0.00 -5.30 -0.42
C MET A 83 1.42 -4.84 -0.13
N GLU A 84 1.68 -3.54 -0.27
CA GLU A 84 3.00 -2.99 0.00
C GLU A 84 3.27 -2.98 1.51
N ILE A 85 2.22 -2.78 2.30
CA ILE A 85 2.33 -2.95 3.75
C ILE A 85 2.69 -4.40 4.06
N HIS A 86 1.93 -5.31 3.45
CA HIS A 86 2.13 -6.74 3.64
C HIS A 86 3.55 -7.16 3.28
N LYS A 87 4.10 -6.58 2.22
CA LYS A 87 5.47 -6.85 1.81
C LYS A 87 6.44 -6.59 2.95
N ASN A 88 6.37 -5.39 3.51
CA ASN A 88 7.27 -4.99 4.58
C ASN A 88 7.05 -5.84 5.83
N GLU A 89 5.79 -6.16 6.12
CA GLU A 89 5.47 -7.00 7.27
C GLU A 89 6.06 -8.40 7.12
N ALA A 90 6.12 -8.88 5.88
CA ALA A 90 6.65 -10.20 5.60
C ALA A 90 8.13 -10.27 5.96
N TRP A 91 8.91 -9.34 5.44
CA TRP A 91 10.33 -9.31 5.72
C TRP A 91 10.59 -8.93 7.17
N LEU A 92 9.70 -8.12 7.73
CA LEU A 92 9.80 -7.73 9.14
C LEU A 92 9.86 -8.98 10.02
N SER A 93 8.93 -9.91 9.76
CA SER A 93 8.87 -11.15 10.50
C SER A 93 10.17 -11.95 10.31
N GLU A 94 10.75 -11.84 9.13
CA GLU A 94 12.02 -12.51 8.85
C GLU A 94 13.13 -11.90 9.68
N VAL A 95 13.18 -10.57 9.72
CA VAL A 95 14.20 -9.85 10.48
C VAL A 95 14.05 -10.08 11.98
N GLU A 96 12.83 -10.41 12.41
CA GLU A 96 12.58 -10.72 13.81
C GLU A 96 13.35 -11.97 14.24
N GLY A 97 13.70 -12.79 13.26
CA GLY A 97 14.48 -13.98 13.54
C GLY A 97 15.96 -13.66 13.68
N LYS A 98 16.33 -12.44 13.27
CA LYS A 98 17.71 -11.98 13.36
C LYS A 98 18.01 -11.43 14.74
N VAL A 99 17.71 -12.23 15.74
CA VAL A 99 18.05 -11.90 17.12
C VAL A 99 19.22 -12.76 17.57
N SER A 100 20.19 -12.91 16.65
CA SER A 100 21.33 -13.82 16.82
C SER A 100 20.85 -15.19 17.27
N GLN A 101 19.90 -15.75 16.51
CA GLN A 101 19.25 -16.99 16.88
C GLN A 101 20.11 -18.20 16.50
N ARG A 102 20.18 -18.50 15.21
CA ARG A 102 20.87 -19.69 14.76
C ARG A 102 22.20 -19.33 14.09
N SER A 103 23.06 -18.63 14.84
CA SER A 103 24.38 -18.24 14.33
C SER A 103 24.25 -17.49 13.01
N GLU A 104 23.42 -16.45 13.00
CA GLU A 104 23.15 -15.71 11.79
C GLU A 104 23.54 -14.24 11.97
N GLY A 1 13.19 -14.16 -22.54
CA GLY A 1 14.64 -13.85 -22.52
C GLY A 1 15.10 -13.35 -21.18
N PRO A 2 16.38 -12.94 -21.06
CA PRO A 2 16.95 -12.45 -19.81
C PRO A 2 16.50 -11.03 -19.48
N LEU A 3 15.19 -10.83 -19.43
CA LEU A 3 14.63 -9.53 -19.07
C LEU A 3 14.41 -9.47 -17.57
N GLY A 4 14.90 -8.41 -16.95
CA GLY A 4 14.73 -8.25 -15.51
C GLY A 4 13.31 -7.88 -15.16
N SER A 5 12.57 -8.85 -14.64
CA SER A 5 11.19 -8.63 -14.22
C SER A 5 11.15 -7.75 -12.98
N HIS A 6 12.12 -7.96 -12.08
CA HIS A 6 12.22 -7.17 -10.87
C HIS A 6 13.01 -5.89 -11.17
N MET A 7 12.37 -4.96 -11.85
CA MET A 7 13.01 -3.70 -12.18
C MET A 7 12.18 -2.54 -11.65
N LYS A 8 12.77 -1.77 -10.73
CA LYS A 8 12.11 -0.62 -10.11
C LYS A 8 10.93 -1.06 -9.24
N GLY A 9 10.24 -0.10 -8.64
CA GLY A 9 9.10 -0.42 -7.82
C GLY A 9 8.59 0.80 -7.05
N PRO A 10 7.27 0.95 -6.91
CA PRO A 10 6.66 2.08 -6.18
C PRO A 10 7.22 2.25 -4.77
N ALA A 11 7.37 1.13 -4.07
CA ALA A 11 7.90 1.16 -2.72
C ALA A 11 9.19 0.36 -2.65
N LEU A 12 10.23 0.84 -3.30
CA LEU A 12 11.54 0.22 -3.21
C LEU A 12 12.36 0.96 -2.15
N GLU A 13 12.58 0.30 -1.02
CA GLU A 13 13.24 0.93 0.12
C GLU A 13 14.66 0.43 0.30
N ASP A 14 14.87 -0.84 -0.05
CA ASP A 14 16.18 -1.50 0.06
C ASP A 14 16.55 -1.72 1.53
N PHE A 15 17.10 -0.67 2.16
CA PHE A 15 17.55 -0.73 3.55
C PHE A 15 18.63 -1.81 3.73
N SER A 16 19.33 -2.12 2.66
CA SER A 16 20.35 -3.16 2.68
C SER A 16 21.57 -2.71 3.48
N HIS A 17 21.74 -1.39 3.64
CA HIS A 17 22.85 -0.86 4.42
C HIS A 17 22.46 -0.71 5.89
N LEU A 18 21.24 -1.11 6.22
CA LEU A 18 20.76 -1.02 7.58
C LEU A 18 20.84 -2.37 8.27
N PRO A 19 21.45 -2.40 9.47
CA PRO A 19 21.50 -3.61 10.30
C PRO A 19 20.10 -4.15 10.59
N PRO A 20 19.97 -5.47 10.81
CA PRO A 20 18.67 -6.14 10.98
C PRO A 20 17.67 -5.36 11.84
N GLU A 21 18.11 -4.94 13.03
CA GLU A 21 17.25 -4.20 13.94
C GLU A 21 16.70 -2.92 13.31
N GLN A 22 17.59 -2.17 12.66
CA GLN A 22 17.24 -0.89 12.08
C GLN A 22 16.46 -1.09 10.79
N ARG A 23 16.87 -2.10 10.03
CA ARG A 23 16.24 -2.42 8.76
C ARG A 23 14.75 -2.69 8.94
N ARG A 24 14.43 -3.65 9.81
CA ARG A 24 13.03 -4.02 10.04
C ARG A 24 12.30 -2.94 10.81
N LYS A 25 13.04 -2.11 11.54
CA LYS A 25 12.45 -0.98 12.21
C LYS A 25 11.87 -0.02 11.18
N ARG A 26 12.65 0.27 10.16
CA ARG A 26 12.23 1.15 9.09
C ARG A 26 11.12 0.52 8.26
N LEU A 27 11.22 -0.79 8.05
CA LEU A 27 10.20 -1.54 7.33
C LEU A 27 8.83 -1.37 7.98
N GLN A 28 8.77 -1.64 9.29
CA GLN A 28 7.52 -1.56 10.02
C GLN A 28 6.98 -0.14 10.08
N GLN A 29 7.88 0.85 10.08
CA GLN A 29 7.46 2.25 10.04
C GLN A 29 6.79 2.57 8.70
N ARG A 30 7.36 2.03 7.63
CA ARG A 30 6.81 2.21 6.30
C ARG A 30 5.50 1.44 6.16
N ILE A 31 5.47 0.23 6.71
CA ILE A 31 4.24 -0.56 6.73
C ILE A 31 3.14 0.19 7.48
N ASP A 32 3.47 0.73 8.64
CA ASP A 32 2.52 1.52 9.42
C ASP A 32 2.08 2.76 8.66
N GLU A 33 3.05 3.41 8.03
CA GLU A 33 2.79 4.60 7.22
C GLU A 33 1.84 4.28 6.07
N LEU A 34 2.15 3.22 5.35
CA LEU A 34 1.33 2.79 4.22
C LEU A 34 -0.04 2.29 4.70
N SER A 35 -0.06 1.66 5.86
CA SER A 35 -1.30 1.21 6.46
C SER A 35 -2.20 2.41 6.78
N ARG A 36 -1.58 3.48 7.28
CA ARG A 36 -2.29 4.72 7.56
C ARG A 36 -2.88 5.30 6.27
N GLU A 37 -2.05 5.38 5.24
CA GLU A 37 -2.48 5.91 3.95
C GLU A 37 -3.57 5.03 3.35
N LEU A 38 -3.36 3.72 3.44
CA LEU A 38 -4.31 2.75 2.90
C LEU A 38 -5.63 2.81 3.68
N GLN A 39 -5.53 2.96 4.99
CA GLN A 39 -6.71 3.12 5.85
C GLN A 39 -7.64 4.19 5.30
N LYS A 40 -7.05 5.33 4.95
CA LYS A 40 -7.81 6.44 4.42
C LYS A 40 -8.44 6.09 3.08
N GLU A 41 -7.67 5.45 2.21
CA GLU A 41 -8.14 5.14 0.86
C GLU A 41 -9.21 4.04 0.86
N MET A 42 -9.04 3.03 1.72
CA MET A 42 -10.05 1.98 1.83
C MET A 42 -11.36 2.56 2.36
N ASP A 43 -11.23 3.45 3.33
CA ASP A 43 -12.38 4.12 3.93
C ASP A 43 -12.98 5.10 2.91
N GLN A 44 -12.11 5.70 2.11
CA GLN A 44 -12.53 6.62 1.07
C GLN A 44 -13.38 5.91 0.02
N LYS A 45 -12.95 4.73 -0.39
CA LYS A 45 -13.68 3.95 -1.40
C LYS A 45 -15.08 3.63 -0.88
N ASP A 46 -15.16 3.28 0.39
CA ASP A 46 -16.43 2.94 1.00
C ASP A 46 -17.36 4.15 1.01
N ALA A 47 -16.78 5.30 1.37
CA ALA A 47 -17.50 6.56 1.37
C ALA A 47 -17.95 6.94 -0.04
N LEU A 48 -17.05 6.75 -1.00
CA LEU A 48 -17.33 7.09 -2.40
C LEU A 48 -18.47 6.22 -2.95
N ASN A 49 -18.45 4.94 -2.60
CA ASN A 49 -19.50 4.02 -3.05
C ASN A 49 -20.81 4.31 -2.35
N LYS A 50 -20.73 4.77 -1.10
CA LYS A 50 -21.93 5.14 -0.36
C LYS A 50 -22.51 6.42 -0.94
N MET A 51 -21.65 7.40 -1.19
CA MET A 51 -22.06 8.64 -1.82
C MET A 51 -22.62 8.37 -3.21
N LYS A 52 -22.04 7.39 -3.89
CA LYS A 52 -22.54 6.92 -5.18
C LYS A 52 -23.98 6.44 -5.03
N ASP A 53 -24.21 5.59 -4.03
CA ASP A 53 -25.54 5.05 -3.75
C ASP A 53 -26.52 6.18 -3.41
N VAL A 54 -26.04 7.16 -2.66
CA VAL A 54 -26.84 8.34 -2.35
C VAL A 54 -27.26 9.06 -3.62
N TYR A 55 -26.30 9.26 -4.52
CA TYR A 55 -26.56 9.96 -5.78
C TYR A 55 -27.42 9.09 -6.71
N GLU A 56 -27.28 7.77 -6.58
CA GLU A 56 -28.08 6.83 -7.36
C GLU A 56 -29.56 6.99 -7.04
N LYS A 57 -29.89 6.97 -5.76
CA LYS A 57 -31.27 7.04 -5.33
C LYS A 57 -31.73 8.49 -5.20
N ASN A 58 -30.77 9.40 -5.07
CA ASN A 58 -31.08 10.82 -4.97
C ASN A 58 -30.19 11.62 -5.90
N PRO A 59 -30.55 11.69 -7.20
CA PRO A 59 -29.83 12.51 -8.19
C PRO A 59 -29.80 13.99 -7.80
N GLN A 60 -30.55 14.31 -6.76
CA GLN A 60 -30.62 15.66 -6.23
C GLN A 60 -29.25 16.17 -5.82
N MET A 61 -28.45 15.30 -5.23
CA MET A 61 -27.15 15.69 -4.70
C MET A 61 -26.08 15.74 -5.79
N GLY A 62 -26.32 15.06 -6.89
CA GLY A 62 -25.36 15.06 -7.98
C GLY A 62 -25.49 13.86 -8.89
N ASP A 63 -24.38 13.45 -9.49
CA ASP A 63 -24.38 12.35 -10.44
C ASP A 63 -23.36 11.28 -10.03
N PRO A 64 -23.80 10.01 -9.90
CA PRO A 64 -22.93 8.92 -9.47
C PRO A 64 -21.94 8.49 -10.55
N SER A 65 -22.24 8.83 -11.80
CA SER A 65 -21.34 8.52 -12.90
C SER A 65 -20.04 9.29 -12.75
N SER A 66 -20.16 10.53 -12.31
CA SER A 66 -19.01 11.39 -12.09
C SER A 66 -18.12 10.84 -10.97
N LEU A 67 -18.68 9.97 -10.15
CA LEU A 67 -17.95 9.39 -9.03
C LEU A 67 -17.21 8.13 -9.46
N HIS A 68 -17.54 7.62 -10.65
CA HIS A 68 -16.92 6.39 -11.14
C HIS A 68 -15.42 6.57 -11.37
N PRO A 69 -14.98 7.62 -12.10
CA PRO A 69 -13.55 7.89 -12.27
C PRO A 69 -12.86 8.20 -10.95
N LYS A 70 -13.65 8.62 -9.97
CA LYS A 70 -13.13 8.91 -8.64
C LYS A 70 -12.77 7.61 -7.92
N ILE A 71 -13.73 6.69 -7.89
CA ILE A 71 -13.53 5.40 -7.24
C ILE A 71 -12.41 4.62 -7.94
N ALA A 72 -12.23 4.88 -9.23
CA ALA A 72 -11.19 4.23 -10.02
C ALA A 72 -9.81 4.45 -9.40
N GLU A 73 -9.41 5.71 -9.26
CA GLU A 73 -8.10 6.03 -8.71
C GLU A 73 -8.01 5.66 -7.23
N THR A 74 -9.12 5.80 -6.53
CA THR A 74 -9.19 5.44 -5.12
C THR A 74 -8.86 3.96 -4.92
N THR A 75 -9.48 3.11 -5.74
CA THR A 75 -9.22 1.68 -5.68
C THR A 75 -7.80 1.37 -6.16
N SER A 76 -7.32 2.15 -7.11
CA SER A 76 -5.98 1.96 -7.65
C SER A 76 -4.94 2.28 -6.57
N ASN A 77 -5.25 3.25 -5.72
CA ASN A 77 -4.39 3.57 -4.58
C ASN A 77 -4.40 2.41 -3.59
N ILE A 78 -5.59 1.88 -3.34
CA ILE A 78 -5.76 0.75 -2.43
C ILE A 78 -4.90 -0.43 -2.86
N GLU A 79 -5.01 -0.82 -4.13
CA GLU A 79 -4.22 -1.92 -4.68
C GLU A 79 -2.73 -1.63 -4.56
N ARG A 80 -2.34 -0.38 -4.82
CA ARG A 80 -0.94 0.00 -4.74
C ARG A 80 -0.41 -0.11 -3.31
N LEU A 81 -1.08 0.60 -2.39
CA LEU A 81 -0.63 0.68 -1.02
C LEU A 81 -0.53 -0.69 -0.37
N ARG A 82 -1.46 -1.57 -0.72
CA ARG A 82 -1.46 -2.93 -0.18
C ARG A 82 -0.21 -3.70 -0.62
N MET A 83 0.17 -3.57 -1.89
CA MET A 83 1.34 -4.30 -2.38
C MET A 83 2.63 -3.64 -1.91
N GLU A 84 2.58 -2.33 -1.66
CA GLU A 84 3.72 -1.62 -1.09
C GLU A 84 4.00 -2.15 0.31
N ILE A 85 2.92 -2.39 1.06
CA ILE A 85 3.02 -3.02 2.37
C ILE A 85 3.63 -4.41 2.23
N HIS A 86 3.10 -5.17 1.27
CA HIS A 86 3.54 -6.54 1.03
C HIS A 86 5.03 -6.61 0.66
N LYS A 87 5.54 -5.56 0.02
CA LYS A 87 6.96 -5.49 -0.32
C LYS A 87 7.80 -5.43 0.95
N ASN A 88 7.35 -4.61 1.89
CA ASN A 88 8.06 -4.43 3.15
C ASN A 88 7.94 -5.68 4.02
N GLU A 89 6.79 -6.36 3.94
CA GLU A 89 6.60 -7.62 4.64
C GLU A 89 7.59 -8.67 4.14
N ALA A 90 7.83 -8.64 2.83
CA ALA A 90 8.76 -9.56 2.20
C ALA A 90 10.19 -9.31 2.70
N TRP A 91 10.51 -8.05 2.94
CA TRP A 91 11.82 -7.71 3.46
C TRP A 91 11.93 -8.09 4.94
N LEU A 92 10.82 -8.02 5.67
CA LEU A 92 10.80 -8.51 7.04
C LEU A 92 11.20 -9.98 7.10
N SER A 93 10.78 -10.73 6.09
CA SER A 93 11.11 -12.13 5.99
C SER A 93 12.60 -12.33 5.72
N GLU A 94 13.21 -11.44 4.95
CA GLU A 94 14.64 -11.56 4.65
C GLU A 94 15.46 -11.03 5.83
N VAL A 95 14.86 -10.16 6.64
CA VAL A 95 15.47 -9.73 7.89
C VAL A 95 15.58 -10.92 8.83
N GLU A 96 14.58 -11.79 8.78
CA GLU A 96 14.60 -13.03 9.56
C GLU A 96 15.75 -13.91 9.12
N GLY A 97 16.11 -13.81 7.84
CA GLY A 97 17.24 -14.55 7.32
C GLY A 97 18.56 -13.85 7.59
N LYS A 98 18.49 -12.67 8.19
CA LYS A 98 19.68 -11.94 8.59
C LYS A 98 19.96 -12.14 10.07
N VAL A 99 18.89 -12.26 10.84
CA VAL A 99 19.00 -12.46 12.28
C VAL A 99 19.20 -13.95 12.61
N SER A 100 19.23 -14.77 11.57
CA SER A 100 19.46 -16.20 11.73
C SER A 100 20.96 -16.46 11.85
N GLN A 101 21.77 -15.43 11.61
CA GLN A 101 23.20 -15.55 11.74
C GLN A 101 23.62 -15.15 13.15
N ARG A 102 24.23 -16.09 13.86
CA ARG A 102 24.74 -15.82 15.20
C ARG A 102 26.17 -16.29 15.31
N SER A 103 27.08 -15.54 14.70
CA SER A 103 28.49 -15.86 14.67
C SER A 103 29.15 -15.48 16.00
N GLU A 104 28.65 -16.05 17.08
CA GLU A 104 29.15 -15.77 18.42
C GLU A 104 28.80 -16.91 19.36
N GLY A 1 -2.77 -5.92 -18.30
CA GLY A 1 -2.67 -4.96 -19.43
C GLY A 1 -1.29 -4.37 -19.54
N PRO A 2 -1.03 -3.58 -20.61
CA PRO A 2 0.29 -3.00 -20.88
C PRO A 2 0.76 -2.10 -19.74
N LEU A 3 -0.15 -1.28 -19.23
CA LEU A 3 0.17 -0.38 -18.13
C LEU A 3 0.57 -1.16 -16.88
N GLY A 4 -0.09 -2.29 -16.64
CA GLY A 4 0.20 -3.10 -15.48
C GLY A 4 1.62 -3.63 -15.49
N SER A 5 2.07 -4.05 -16.67
CA SER A 5 3.43 -4.56 -16.82
C SER A 5 4.44 -3.41 -16.92
N HIS A 6 3.95 -2.23 -17.24
CA HIS A 6 4.80 -1.07 -17.43
C HIS A 6 5.08 -0.39 -16.09
N MET A 7 4.23 -0.65 -15.11
CA MET A 7 4.39 -0.08 -13.77
C MET A 7 5.72 -0.49 -13.15
N LYS A 8 6.62 0.47 -13.05
CA LYS A 8 7.93 0.23 -12.43
C LYS A 8 8.30 1.39 -11.52
N GLY A 9 7.39 2.33 -11.37
CA GLY A 9 7.63 3.47 -10.51
C GLY A 9 7.36 3.18 -9.04
N PRO A 10 6.11 2.82 -8.69
CA PRO A 10 5.73 2.55 -7.29
C PRO A 10 6.43 1.33 -6.71
N ALA A 11 6.21 1.09 -5.42
CA ALA A 11 6.84 -0.01 -4.70
C ALA A 11 8.36 0.13 -4.71
N LEU A 12 8.86 0.99 -3.85
CA LEU A 12 10.29 1.27 -3.78
C LEU A 12 11.02 0.13 -3.09
N GLU A 13 11.84 -0.58 -3.85
CA GLU A 13 12.61 -1.69 -3.30
C GLU A 13 14.03 -1.22 -3.00
N ASP A 14 14.25 -0.81 -1.77
CA ASP A 14 15.54 -0.29 -1.35
C ASP A 14 15.80 -0.71 0.10
N PHE A 15 16.54 0.11 0.84
CA PHE A 15 16.83 -0.10 2.27
C PHE A 15 17.75 -1.31 2.47
N SER A 16 18.28 -1.84 1.38
CA SER A 16 19.14 -3.02 1.45
C SER A 16 20.59 -2.62 1.72
N HIS A 17 20.87 -1.32 1.61
CA HIS A 17 22.20 -0.81 1.92
C HIS A 17 22.31 -0.48 3.41
N LEU A 18 21.22 -0.67 4.13
CA LEU A 18 21.17 -0.39 5.56
C LEU A 18 21.57 -1.61 6.36
N PRO A 19 22.40 -1.42 7.40
CA PRO A 19 22.76 -2.50 8.32
C PRO A 19 21.53 -3.06 9.03
N PRO A 20 21.53 -4.35 9.37
CA PRO A 20 20.38 -5.04 9.98
C PRO A 20 19.61 -4.18 10.99
N GLU A 21 20.31 -3.64 11.98
CA GLU A 21 19.66 -2.88 13.05
C GLU A 21 18.97 -1.63 12.51
N GLN A 22 19.68 -0.87 11.68
CA GLN A 22 19.11 0.35 11.12
C GLN A 22 18.04 0.02 10.10
N ARG A 23 18.25 -1.05 9.35
CA ARG A 23 17.31 -1.49 8.34
C ARG A 23 15.95 -1.77 8.96
N ARG A 24 15.93 -2.67 9.95
CA ARG A 24 14.67 -3.06 10.60
C ARG A 24 13.99 -1.87 11.26
N LYS A 25 14.79 -0.90 11.68
CA LYS A 25 14.26 0.32 12.25
C LYS A 25 13.41 1.06 11.22
N ARG A 26 14.02 1.29 10.06
CA ARG A 26 13.35 2.01 8.97
C ARG A 26 12.19 1.18 8.42
N LEU A 27 12.35 -0.14 8.43
CA LEU A 27 11.31 -1.04 7.95
C LEU A 27 10.05 -0.89 8.78
N GLN A 28 10.18 -0.98 10.10
CA GLN A 28 9.05 -0.82 11.00
C GLN A 28 8.41 0.56 10.85
N GLN A 29 9.24 1.56 10.56
CA GLN A 29 8.74 2.92 10.31
C GLN A 29 7.88 2.94 9.06
N ARG A 30 8.39 2.34 7.99
CA ARG A 30 7.69 2.28 6.73
C ARG A 30 6.41 1.46 6.83
N ILE A 31 6.48 0.35 7.58
CA ILE A 31 5.30 -0.47 7.82
C ILE A 31 4.22 0.36 8.52
N ASP A 32 4.61 1.06 9.58
CA ASP A 32 3.68 1.92 10.31
C ASP A 32 3.13 3.03 9.41
N GLU A 33 4.01 3.60 8.61
CA GLU A 33 3.64 4.65 7.66
C GLU A 33 2.59 4.13 6.68
N LEU A 34 2.93 3.07 5.97
CA LEU A 34 2.08 2.52 4.94
C LEU A 34 0.79 1.96 5.51
N SER A 35 0.87 1.39 6.71
CA SER A 35 -0.31 0.83 7.36
C SER A 35 -1.31 1.93 7.72
N ARG A 36 -0.79 3.09 8.11
CA ARG A 36 -1.65 4.21 8.44
C ARG A 36 -2.21 4.85 7.18
N GLU A 37 -1.34 5.00 6.18
CA GLU A 37 -1.75 5.56 4.90
C GLU A 37 -2.78 4.67 4.25
N LEU A 38 -2.62 3.37 4.45
CA LEU A 38 -3.54 2.35 3.96
C LEU A 38 -4.94 2.60 4.50
N GLN A 39 -5.01 2.98 5.77
CA GLN A 39 -6.29 3.23 6.44
C GLN A 39 -7.01 4.40 5.77
N LYS A 40 -6.24 5.37 5.30
CA LYS A 40 -6.81 6.54 4.64
C LYS A 40 -7.46 6.14 3.32
N GLU A 41 -6.77 5.28 2.58
CA GLU A 41 -7.28 4.82 1.29
C GLU A 41 -8.43 3.83 1.47
N MET A 42 -8.31 2.95 2.45
CA MET A 42 -9.37 1.98 2.74
C MET A 42 -10.67 2.70 3.12
N ASP A 43 -10.53 3.71 3.96
CA ASP A 43 -11.67 4.53 4.38
C ASP A 43 -12.29 5.23 3.18
N GLN A 44 -11.42 5.76 2.32
CA GLN A 44 -11.87 6.53 1.16
C GLN A 44 -12.58 5.62 0.15
N LYS A 45 -12.13 4.37 0.03
CA LYS A 45 -12.74 3.45 -0.92
C LYS A 45 -14.21 3.20 -0.60
N ASP A 46 -14.50 2.88 0.66
CA ASP A 46 -15.87 2.64 1.08
C ASP A 46 -16.70 3.91 0.95
N ALA A 47 -16.06 5.04 1.20
CA ALA A 47 -16.69 6.34 1.02
C ALA A 47 -17.04 6.55 -0.45
N LEU A 48 -16.10 6.21 -1.33
CA LEU A 48 -16.30 6.30 -2.77
C LEU A 48 -17.38 5.33 -3.24
N ASN A 49 -17.38 4.13 -2.67
CA ASN A 49 -18.37 3.12 -3.00
C ASN A 49 -19.77 3.63 -2.70
N LYS A 50 -19.97 4.13 -1.48
CA LYS A 50 -21.26 4.68 -1.09
C LYS A 50 -21.55 5.95 -1.87
N MET A 51 -20.51 6.74 -2.13
CA MET A 51 -20.63 7.96 -2.90
C MET A 51 -21.20 7.65 -4.29
N LYS A 52 -20.59 6.67 -4.95
CA LYS A 52 -21.05 6.25 -6.27
C LYS A 52 -22.50 5.80 -6.20
N ASP A 53 -22.83 5.05 -5.17
CA ASP A 53 -24.19 4.55 -4.97
C ASP A 53 -25.20 5.70 -4.89
N VAL A 54 -24.82 6.75 -4.15
CA VAL A 54 -25.65 7.93 -4.04
C VAL A 54 -25.86 8.58 -5.40
N TYR A 55 -24.81 8.62 -6.20
CA TYR A 55 -24.87 9.22 -7.53
C TYR A 55 -25.69 8.36 -8.49
N GLU A 56 -25.64 7.05 -8.31
CA GLU A 56 -26.41 6.13 -9.14
C GLU A 56 -27.89 6.22 -8.83
N LYS A 57 -28.21 6.37 -7.55
CA LYS A 57 -29.60 6.48 -7.13
C LYS A 57 -30.10 7.92 -7.34
N ASN A 58 -29.21 8.88 -7.15
CA ASN A 58 -29.55 10.28 -7.32
C ASN A 58 -28.50 10.99 -8.17
N PRO A 59 -28.68 11.02 -9.50
CA PRO A 59 -27.78 11.72 -10.42
C PRO A 59 -27.75 13.22 -10.18
N GLN A 60 -28.58 13.68 -9.26
CA GLN A 60 -28.60 15.07 -8.81
C GLN A 60 -27.25 15.46 -8.22
N MET A 61 -26.56 14.47 -7.64
CA MET A 61 -25.28 14.71 -7.01
C MET A 61 -24.15 14.80 -8.04
N GLY A 62 -24.40 14.27 -9.23
CA GLY A 62 -23.41 14.30 -10.27
C GLY A 62 -23.44 13.04 -11.10
N ASP A 63 -22.31 12.71 -11.70
CA ASP A 63 -22.21 11.53 -12.56
C ASP A 63 -21.47 10.42 -11.83
N PRO A 64 -22.09 9.24 -11.72
CA PRO A 64 -21.44 8.06 -11.14
C PRO A 64 -20.24 7.64 -11.98
N SER A 65 -20.29 8.00 -13.25
CA SER A 65 -19.22 7.72 -14.19
C SER A 65 -17.92 8.42 -13.76
N SER A 66 -18.07 9.63 -13.23
CA SER A 66 -16.94 10.44 -12.84
C SER A 66 -16.25 9.87 -11.61
N LEU A 67 -16.95 9.00 -10.89
CA LEU A 67 -16.41 8.43 -9.66
C LEU A 67 -15.72 7.09 -9.93
N HIS A 68 -15.76 6.64 -11.17
CA HIS A 68 -15.11 5.40 -11.55
C HIS A 68 -13.58 5.50 -11.46
N PRO A 69 -12.96 6.57 -12.01
CA PRO A 69 -11.51 6.79 -11.85
C PRO A 69 -11.12 6.98 -10.39
N LYS A 70 -12.07 7.46 -9.60
CA LYS A 70 -11.85 7.65 -8.17
C LYS A 70 -11.64 6.32 -7.47
N ILE A 71 -12.60 5.42 -7.61
CA ILE A 71 -12.51 4.10 -6.97
C ILE A 71 -11.31 3.34 -7.53
N ALA A 72 -11.00 3.56 -8.79
CA ALA A 72 -9.87 2.90 -9.45
C ALA A 72 -8.55 3.25 -8.76
N GLU A 73 -8.27 4.54 -8.62
CA GLU A 73 -7.01 4.99 -8.02
C GLU A 73 -6.95 4.59 -6.56
N THR A 74 -8.08 4.74 -5.86
CA THR A 74 -8.16 4.45 -4.45
C THR A 74 -7.88 2.98 -4.17
N THR A 75 -8.47 2.11 -4.97
CA THR A 75 -8.22 0.68 -4.86
C THR A 75 -6.76 0.36 -5.20
N SER A 76 -6.25 1.02 -6.25
CA SER A 76 -4.87 0.81 -6.68
C SER A 76 -3.89 1.17 -5.56
N ASN A 77 -4.18 2.26 -4.85
CA ASN A 77 -3.33 2.70 -3.75
C ASN A 77 -3.36 1.69 -2.62
N ILE A 78 -4.56 1.22 -2.27
CA ILE A 78 -4.74 0.24 -1.21
C ILE A 78 -3.91 -1.02 -1.47
N GLU A 79 -4.06 -1.58 -2.66
CA GLU A 79 -3.36 -2.81 -3.03
C GLU A 79 -1.85 -2.58 -3.04
N ARG A 80 -1.44 -1.39 -3.44
CA ARG A 80 -0.03 -1.03 -3.52
C ARG A 80 0.57 -0.94 -2.13
N LEU A 81 -0.08 -0.18 -1.26
CA LEU A 81 0.43 0.04 0.10
C LEU A 81 0.61 -1.28 0.84
N ARG A 82 -0.34 -2.19 0.67
CA ARG A 82 -0.28 -3.49 1.33
C ARG A 82 0.91 -4.30 0.85
N MET A 83 1.16 -4.30 -0.46
CA MET A 83 2.25 -5.08 -1.01
C MET A 83 3.60 -4.47 -0.64
N GLU A 84 3.62 -3.16 -0.46
CA GLU A 84 4.82 -2.48 0.00
C GLU A 84 5.10 -2.83 1.46
N ILE A 85 4.03 -2.96 2.24
CA ILE A 85 4.16 -3.46 3.61
C ILE A 85 4.72 -4.86 3.60
N HIS A 86 4.18 -5.69 2.71
CA HIS A 86 4.65 -7.06 2.54
C HIS A 86 6.15 -7.10 2.23
N LYS A 87 6.60 -6.18 1.39
CA LYS A 87 8.02 -6.09 1.07
C LYS A 87 8.83 -5.75 2.32
N ASN A 88 8.35 -4.80 3.09
CA ASN A 88 9.03 -4.39 4.32
C ASN A 88 9.11 -5.53 5.32
N GLU A 89 8.02 -6.31 5.40
CA GLU A 89 8.01 -7.50 6.26
C GLU A 89 9.00 -8.53 5.77
N ALA A 90 9.12 -8.66 4.46
CA ALA A 90 10.08 -9.57 3.85
C ALA A 90 11.50 -9.15 4.18
N TRP A 91 11.77 -7.85 4.07
CA TRP A 91 13.06 -7.30 4.42
C TRP A 91 13.33 -7.48 5.92
N LEU A 92 12.28 -7.30 6.73
CA LEU A 92 12.36 -7.51 8.17
C LEU A 92 12.79 -8.94 8.46
N SER A 93 12.19 -9.87 7.72
CA SER A 93 12.48 -11.29 7.86
C SER A 93 13.93 -11.58 7.48
N GLU A 94 14.44 -10.83 6.51
CA GLU A 94 15.83 -10.96 6.09
C GLU A 94 16.76 -10.43 7.17
N VAL A 95 16.36 -9.33 7.81
CA VAL A 95 17.14 -8.75 8.91
C VAL A 95 17.31 -9.76 10.03
N GLU A 96 16.22 -10.37 10.44
CA GLU A 96 16.25 -11.35 11.52
C GLU A 96 16.85 -12.66 11.03
N GLY A 97 17.15 -12.72 9.74
CA GLY A 97 17.79 -13.89 9.18
C GLY A 97 19.29 -13.71 9.06
N LYS A 98 19.77 -12.51 9.39
CA LYS A 98 21.20 -12.23 9.36
C LYS A 98 21.86 -12.84 10.59
N VAL A 99 21.09 -12.98 11.64
CA VAL A 99 21.53 -13.61 12.87
C VAL A 99 20.76 -14.90 13.09
N SER A 100 21.48 -15.98 13.36
CA SER A 100 20.88 -17.29 13.55
C SER A 100 20.21 -17.38 14.92
N GLN A 101 20.97 -17.13 15.98
CA GLN A 101 20.46 -17.19 17.34
C GLN A 101 19.81 -18.55 17.60
N ARG A 102 20.57 -19.60 17.36
CA ARG A 102 20.09 -20.97 17.50
C ARG A 102 20.21 -21.42 18.95
N SER A 103 19.25 -22.20 19.41
CA SER A 103 19.25 -22.70 20.78
C SER A 103 20.16 -23.92 20.89
N GLU A 104 21.46 -23.69 20.77
CA GLU A 104 22.43 -24.75 20.83
C GLU A 104 23.15 -24.73 22.17
N GLY A 1 10.41 -10.44 -18.82
CA GLY A 1 10.00 -11.76 -19.34
C GLY A 1 9.06 -12.47 -18.40
N PRO A 2 8.24 -13.40 -18.92
CA PRO A 2 7.23 -14.12 -18.13
C PRO A 2 7.83 -14.95 -16.99
N LEU A 3 8.96 -15.58 -17.26
CA LEU A 3 9.62 -16.42 -16.26
C LEU A 3 10.66 -15.62 -15.51
N GLY A 4 10.87 -14.38 -15.94
CA GLY A 4 11.84 -13.53 -15.30
C GLY A 4 11.20 -12.28 -14.75
N SER A 5 10.04 -12.44 -14.15
CA SER A 5 9.34 -11.33 -13.52
C SER A 5 9.68 -11.26 -12.04
N HIS A 6 10.62 -12.09 -11.62
CA HIS A 6 11.00 -12.16 -10.22
C HIS A 6 12.13 -11.16 -9.94
N MET A 7 11.78 -9.88 -9.93
CA MET A 7 12.74 -8.86 -9.57
C MET A 7 13.10 -8.98 -8.10
N LYS A 8 14.39 -9.07 -7.82
CA LYS A 8 14.88 -9.21 -6.46
C LYS A 8 14.96 -7.84 -5.78
N GLY A 9 13.84 -7.14 -5.82
CA GLY A 9 13.77 -5.80 -5.30
C GLY A 9 12.63 -5.03 -5.92
N PRO A 10 11.49 -4.92 -5.23
CA PRO A 10 10.30 -4.23 -5.75
C PRO A 10 10.52 -2.73 -5.91
N ALA A 11 10.98 -2.34 -7.10
CA ALA A 11 11.26 -0.94 -7.42
C ALA A 11 12.39 -0.39 -6.55
N LEU A 12 12.45 0.91 -6.36
CA LEU A 12 13.52 1.54 -5.60
C LEU A 12 13.53 1.04 -4.16
N GLU A 13 14.72 0.81 -3.62
CA GLU A 13 14.86 0.34 -2.26
C GLU A 13 15.08 1.51 -1.31
N ASP A 14 14.21 1.61 -0.31
CA ASP A 14 14.29 2.69 0.65
C ASP A 14 14.88 2.18 1.96
N PHE A 15 15.29 3.11 2.83
CA PHE A 15 15.85 2.78 4.15
C PHE A 15 17.14 1.96 4.02
N SER A 16 17.75 1.98 2.85
CA SER A 16 18.95 1.17 2.60
C SER A 16 20.16 1.77 3.30
N HIS A 17 19.98 3.01 3.76
CA HIS A 17 21.02 3.72 4.51
C HIS A 17 21.00 3.30 5.99
N LEU A 18 20.21 2.27 6.31
CA LEU A 18 20.08 1.82 7.67
C LEU A 18 20.65 0.42 7.84
N PRO A 19 21.22 0.11 9.01
CA PRO A 19 21.73 -1.22 9.33
C PRO A 19 20.60 -2.23 9.43
N PRO A 20 20.90 -3.53 9.20
CA PRO A 20 19.89 -4.60 9.16
C PRO A 20 18.79 -4.47 10.22
N GLU A 21 19.18 -4.45 11.49
CA GLU A 21 18.21 -4.44 12.58
C GLU A 21 17.33 -3.20 12.57
N GLN A 22 17.92 -2.05 12.28
CA GLN A 22 17.16 -0.80 12.28
C GLN A 22 16.34 -0.68 11.00
N ARG A 23 16.88 -1.22 9.91
CA ARG A 23 16.20 -1.21 8.63
C ARG A 23 14.92 -2.02 8.71
N ARG A 24 15.03 -3.27 9.14
CA ARG A 24 13.88 -4.16 9.27
C ARG A 24 12.86 -3.59 10.26
N LYS A 25 13.36 -2.81 11.21
CA LYS A 25 12.50 -2.18 12.20
C LYS A 25 11.62 -1.12 11.53
N ARG A 26 12.26 -0.26 10.73
CA ARG A 26 11.54 0.78 10.00
C ARG A 26 10.65 0.17 8.92
N LEU A 27 11.18 -0.86 8.25
CA LEU A 27 10.41 -1.59 7.25
C LEU A 27 9.11 -2.13 7.84
N GLN A 28 9.22 -2.74 9.00
CA GLN A 28 8.10 -3.36 9.66
C GLN A 28 7.11 -2.30 10.17
N GLN A 29 7.65 -1.17 10.65
CA GLN A 29 6.81 -0.06 11.09
C GLN A 29 6.11 0.58 9.90
N ARG A 30 6.82 0.67 8.77
CA ARG A 30 6.27 1.21 7.54
C ARG A 30 5.06 0.40 7.09
N ILE A 31 5.15 -0.92 7.24
CA ILE A 31 4.04 -1.81 6.91
C ILE A 31 2.83 -1.47 7.76
N ASP A 32 3.05 -1.37 9.07
CA ASP A 32 1.98 -1.08 10.00
C ASP A 32 1.31 0.26 9.69
N GLU A 33 2.13 1.26 9.41
CA GLU A 33 1.63 2.58 9.05
C GLU A 33 0.73 2.51 7.83
N LEU A 34 1.24 1.89 6.77
CA LEU A 34 0.52 1.79 5.51
C LEU A 34 -0.69 0.88 5.64
N SER A 35 -0.59 -0.12 6.50
CA SER A 35 -1.67 -1.06 6.73
C SER A 35 -2.92 -0.34 7.23
N ARG A 36 -2.73 0.51 8.24
CA ARG A 36 -3.83 1.27 8.82
C ARG A 36 -4.31 2.35 7.85
N GLU A 37 -3.36 2.97 7.15
CA GLU A 37 -3.66 3.99 6.17
C GLU A 37 -4.48 3.41 5.02
N LEU A 38 -4.06 2.26 4.54
CA LEU A 38 -4.76 1.57 3.45
C LEU A 38 -6.12 1.08 3.92
N GLN A 39 -6.18 0.59 5.15
CA GLN A 39 -7.44 0.13 5.73
C GLN A 39 -8.49 1.25 5.68
N LYS A 40 -8.04 2.48 5.90
CA LYS A 40 -8.92 3.63 5.80
C LYS A 40 -9.37 3.86 4.36
N GLU A 41 -8.42 3.85 3.44
CA GLU A 41 -8.67 4.15 2.05
C GLU A 41 -9.56 3.09 1.38
N MET A 42 -9.30 1.82 1.68
CA MET A 42 -10.11 0.73 1.12
C MET A 42 -11.57 0.89 1.52
N ASP A 43 -11.79 1.19 2.80
CA ASP A 43 -13.13 1.39 3.33
C ASP A 43 -13.74 2.67 2.75
N GLN A 44 -12.88 3.67 2.56
CA GLN A 44 -13.30 4.93 1.97
C GLN A 44 -13.87 4.72 0.57
N LYS A 45 -13.18 3.91 -0.23
CA LYS A 45 -13.64 3.61 -1.58
C LYS A 45 -14.97 2.88 -1.53
N ASP A 46 -15.12 1.96 -0.59
CA ASP A 46 -16.38 1.23 -0.43
C ASP A 46 -17.51 2.19 -0.12
N ALA A 47 -17.24 3.14 0.77
CA ALA A 47 -18.20 4.17 1.14
C ALA A 47 -18.52 5.04 -0.06
N LEU A 48 -17.50 5.45 -0.79
CA LEU A 48 -17.66 6.30 -1.95
C LEU A 48 -18.42 5.57 -3.07
N ASN A 49 -18.11 4.29 -3.25
CA ASN A 49 -18.75 3.48 -4.27
C ASN A 49 -20.24 3.33 -3.99
N LYS A 50 -20.60 3.07 -2.74
CA LYS A 50 -22.00 2.97 -2.37
C LYS A 50 -22.70 4.31 -2.55
N MET A 51 -22.00 5.38 -2.17
CA MET A 51 -22.53 6.73 -2.33
C MET A 51 -22.76 7.03 -3.82
N LYS A 52 -21.80 6.61 -4.64
CA LYS A 52 -21.94 6.75 -6.10
C LYS A 52 -23.18 6.00 -6.57
N ASP A 53 -23.35 4.81 -6.03
CA ASP A 53 -24.50 3.98 -6.37
C ASP A 53 -25.80 4.67 -5.98
N VAL A 54 -25.76 5.43 -4.88
CA VAL A 54 -26.91 6.21 -4.46
C VAL A 54 -27.22 7.30 -5.48
N TYR A 55 -26.17 7.94 -6.00
CA TYR A 55 -26.31 8.99 -7.00
C TYR A 55 -26.82 8.43 -8.32
N GLU A 56 -26.44 7.20 -8.61
CA GLU A 56 -26.84 6.55 -9.85
C GLU A 56 -28.29 6.07 -9.79
N LYS A 57 -28.75 5.75 -8.57
CA LYS A 57 -30.14 5.37 -8.37
C LYS A 57 -31.00 6.59 -8.11
N ASN A 58 -30.42 7.58 -7.43
CA ASN A 58 -31.14 8.81 -7.11
C ASN A 58 -30.25 10.03 -7.35
N PRO A 59 -30.33 10.63 -8.55
CA PRO A 59 -29.56 11.83 -8.90
C PRO A 59 -29.94 13.05 -8.05
N GLN A 60 -30.92 12.86 -7.17
CA GLN A 60 -31.35 13.91 -6.25
C GLN A 60 -30.22 14.29 -5.30
N MET A 61 -29.29 13.36 -5.08
CA MET A 61 -28.16 13.59 -4.19
C MET A 61 -27.05 14.35 -4.93
N GLY A 62 -27.20 14.46 -6.24
CA GLY A 62 -26.21 15.11 -7.05
C GLY A 62 -25.86 14.27 -8.26
N ASP A 63 -24.83 14.67 -8.99
CA ASP A 63 -24.39 13.91 -10.15
C ASP A 63 -23.22 13.02 -9.80
N PRO A 64 -23.31 11.72 -10.15
CA PRO A 64 -22.26 10.75 -9.85
C PRO A 64 -20.94 11.07 -10.53
N SER A 65 -20.98 11.96 -11.53
CA SER A 65 -19.78 12.41 -12.22
C SER A 65 -18.89 13.19 -11.25
N SER A 66 -19.52 13.93 -10.35
CA SER A 66 -18.81 14.73 -9.35
C SER A 66 -18.05 13.83 -8.38
N LEU A 67 -18.44 12.56 -8.33
CA LEU A 67 -17.84 11.62 -7.40
C LEU A 67 -16.65 10.90 -8.04
N HIS A 68 -16.51 11.05 -9.36
CA HIS A 68 -15.41 10.41 -10.09
C HIS A 68 -14.05 10.83 -9.53
N PRO A 69 -13.76 12.14 -9.39
CA PRO A 69 -12.47 12.60 -8.84
C PRO A 69 -12.24 12.10 -7.41
N LYS A 70 -13.32 11.95 -6.66
CA LYS A 70 -13.24 11.47 -5.29
C LYS A 70 -12.78 10.01 -5.26
N ILE A 71 -13.45 9.19 -6.04
CA ILE A 71 -13.11 7.77 -6.10
C ILE A 71 -11.75 7.57 -6.76
N ALA A 72 -11.43 8.43 -7.71
CA ALA A 72 -10.15 8.37 -8.43
C ALA A 72 -8.98 8.43 -7.46
N GLU A 73 -8.90 9.50 -6.68
CA GLU A 73 -7.80 9.67 -5.74
C GLU A 73 -7.81 8.58 -4.68
N THR A 74 -9.00 8.20 -4.24
CA THR A 74 -9.16 7.16 -3.24
C THR A 74 -8.58 5.83 -3.74
N THR A 75 -8.91 5.48 -4.97
CA THR A 75 -8.41 4.24 -5.55
C THR A 75 -6.90 4.34 -5.80
N SER A 76 -6.45 5.54 -6.15
CA SER A 76 -5.04 5.80 -6.35
C SER A 76 -4.27 5.57 -5.05
N ASN A 77 -4.79 6.10 -3.95
CA ASN A 77 -4.17 5.92 -2.64
C ASN A 77 -4.11 4.45 -2.29
N ILE A 78 -5.21 3.75 -2.52
CA ILE A 78 -5.30 2.33 -2.24
C ILE A 78 -4.16 1.57 -2.91
N GLU A 79 -4.05 1.69 -4.22
CA GLU A 79 -3.03 0.97 -4.97
C GLU A 79 -1.63 1.44 -4.60
N ARG A 80 -1.49 2.72 -4.31
CA ARG A 80 -0.20 3.28 -3.86
C ARG A 80 0.24 2.60 -2.57
N LEU A 81 -0.64 2.59 -1.60
CA LEU A 81 -0.33 2.02 -0.29
C LEU A 81 -0.12 0.52 -0.39
N ARG A 82 -0.95 -0.15 -1.18
CA ARG A 82 -0.84 -1.60 -1.36
C ARG A 82 0.50 -1.97 -1.99
N MET A 83 0.91 -1.24 -3.02
CA MET A 83 2.15 -1.55 -3.71
C MET A 83 3.36 -1.23 -2.84
N GLU A 84 3.20 -0.26 -1.94
CA GLU A 84 4.25 0.05 -0.97
C GLU A 84 4.34 -1.05 0.07
N ILE A 85 3.19 -1.56 0.50
CA ILE A 85 3.15 -2.72 1.38
C ILE A 85 3.84 -3.91 0.71
N HIS A 86 3.59 -4.09 -0.57
CA HIS A 86 4.19 -5.17 -1.30
C HIS A 86 5.71 -4.97 -1.40
N LYS A 87 6.14 -3.72 -1.33
CA LYS A 87 7.56 -3.39 -1.38
C LYS A 87 8.24 -3.72 -0.05
N ASN A 88 7.70 -3.21 1.04
CA ASN A 88 8.36 -3.31 2.35
C ASN A 88 8.36 -4.74 2.89
N GLU A 89 7.26 -5.47 2.69
CA GLU A 89 7.20 -6.86 3.10
C GLU A 89 8.31 -7.68 2.43
N ALA A 90 8.59 -7.36 1.18
CA ALA A 90 9.60 -8.08 0.42
C ALA A 90 10.98 -7.92 1.05
N TRP A 91 11.35 -6.68 1.35
CA TRP A 91 12.64 -6.39 1.96
C TRP A 91 12.69 -6.92 3.38
N LEU A 92 11.61 -6.70 4.13
CA LEU A 92 11.53 -7.14 5.53
C LEU A 92 11.84 -8.63 5.63
N SER A 93 11.22 -9.41 4.77
CA SER A 93 11.39 -10.86 4.79
C SER A 93 12.83 -11.26 4.49
N GLU A 94 13.55 -10.42 3.76
CA GLU A 94 14.94 -10.69 3.44
C GLU A 94 15.85 -10.25 4.58
N VAL A 95 15.59 -9.06 5.12
CA VAL A 95 16.42 -8.51 6.19
C VAL A 95 16.34 -9.37 7.44
N GLU A 96 15.14 -9.85 7.76
CA GLU A 96 14.95 -10.71 8.92
C GLU A 96 15.63 -12.06 8.70
N GLY A 97 15.84 -12.40 7.45
CA GLY A 97 16.55 -13.63 7.12
C GLY A 97 18.05 -13.44 7.23
N LYS A 98 18.48 -12.19 7.31
CA LYS A 98 19.89 -11.86 7.45
C LYS A 98 20.26 -11.76 8.93
N VAL A 99 19.28 -12.02 9.78
CA VAL A 99 19.49 -12.00 11.22
C VAL A 99 20.08 -13.33 11.67
N SER A 100 21.36 -13.51 11.42
CA SER A 100 22.07 -14.71 11.82
C SER A 100 22.52 -14.59 13.27
N GLN A 101 21.65 -15.00 14.18
CA GLN A 101 21.86 -14.79 15.61
C GLN A 101 22.99 -15.67 16.14
N ARG A 102 23.32 -16.73 15.43
CA ARG A 102 24.40 -17.61 15.86
C ARG A 102 25.72 -17.23 15.18
N SER A 103 25.66 -16.21 14.34
CA SER A 103 26.86 -15.69 13.67
C SER A 103 27.17 -14.29 14.18
N GLU A 104 26.13 -13.47 14.28
CA GLU A 104 26.22 -12.10 14.79
C GLU A 104 27.20 -11.28 13.96
N GLY A 1 15.07 15.62 -14.95
CA GLY A 1 14.65 14.48 -15.81
C GLY A 1 13.26 13.99 -15.45
N PRO A 2 12.52 13.43 -16.42
CA PRO A 2 11.17 12.92 -16.18
C PRO A 2 11.15 11.73 -15.24
N LEU A 3 10.33 11.82 -14.20
CA LEU A 3 10.24 10.75 -13.20
C LEU A 3 8.94 9.98 -13.36
N GLY A 4 8.85 9.20 -14.42
CA GLY A 4 7.66 8.39 -14.65
C GLY A 4 7.61 7.20 -13.73
N SER A 5 6.47 6.97 -13.10
CA SER A 5 6.29 5.86 -12.19
C SER A 5 6.04 4.57 -12.98
N HIS A 6 7.06 4.14 -13.70
CA HIS A 6 6.95 2.93 -14.52
C HIS A 6 8.09 1.98 -14.19
N MET A 7 7.76 0.88 -13.52
CA MET A 7 8.74 -0.12 -13.14
C MET A 7 9.13 -0.98 -14.33
N LYS A 8 10.42 -1.00 -14.65
CA LYS A 8 10.93 -1.82 -15.74
C LYS A 8 11.34 -3.19 -15.21
N GLY A 9 10.51 -4.19 -15.44
CA GLY A 9 10.76 -5.51 -14.91
C GLY A 9 10.46 -5.58 -13.43
N PRO A 10 11.11 -6.48 -12.69
CA PRO A 10 10.95 -6.57 -11.25
C PRO A 10 11.53 -5.35 -10.54
N ALA A 11 10.79 -4.79 -9.61
CA ALA A 11 11.27 -3.67 -8.82
C ALA A 11 11.59 -4.15 -7.40
N LEU A 12 12.11 -5.37 -7.33
CA LEU A 12 12.43 -5.98 -6.06
C LEU A 12 13.79 -5.49 -5.58
N GLU A 13 13.78 -4.67 -4.54
CA GLU A 13 15.02 -4.17 -3.96
C GLU A 13 15.54 -5.14 -2.92
N ASP A 14 14.61 -5.74 -2.16
CA ASP A 14 14.92 -6.71 -1.10
C ASP A 14 15.58 -6.05 0.10
N PHE A 15 16.57 -5.19 -0.15
CA PHE A 15 17.34 -4.50 0.88
C PHE A 15 18.25 -5.47 1.62
N SER A 16 18.41 -6.66 1.04
CA SER A 16 19.17 -7.73 1.67
C SER A 16 20.66 -7.37 1.80
N HIS A 17 21.09 -6.38 1.02
CA HIS A 17 22.48 -5.92 1.08
C HIS A 17 22.71 -5.07 2.33
N LEU A 18 21.63 -4.79 3.05
CA LEU A 18 21.71 -4.03 4.29
C LEU A 18 21.83 -4.98 5.48
N PRO A 19 22.66 -4.62 6.46
CA PRO A 19 22.76 -5.37 7.72
C PRO A 19 21.41 -5.45 8.42
N PRO A 20 21.15 -6.54 9.17
CA PRO A 20 19.85 -6.81 9.81
C PRO A 20 19.22 -5.58 10.46
N GLU A 21 19.94 -4.97 11.40
CA GLU A 21 19.40 -3.86 12.17
C GLU A 21 19.19 -2.62 11.31
N GLN A 22 19.95 -2.51 10.22
CA GLN A 22 19.84 -1.39 9.31
C GLN A 22 18.69 -1.62 8.34
N ARG A 23 18.57 -2.86 7.87
CA ARG A 23 17.55 -3.24 6.90
C ARG A 23 16.16 -2.94 7.44
N ARG A 24 15.84 -3.49 8.61
CA ARG A 24 14.51 -3.28 9.21
C ARG A 24 14.28 -1.81 9.52
N LYS A 25 15.35 -1.08 9.80
CA LYS A 25 15.24 0.33 10.14
C LYS A 25 14.75 1.14 8.94
N ARG A 26 15.18 0.75 7.75
CA ARG A 26 14.74 1.42 6.53
C ARG A 26 13.36 0.92 6.13
N LEU A 27 13.12 -0.37 6.34
CA LEU A 27 11.83 -0.98 6.02
C LEU A 27 10.71 -0.35 6.83
N GLN A 28 10.96 -0.11 8.11
CA GLN A 28 9.97 0.52 8.97
C GLN A 28 9.62 1.92 8.47
N GLN A 29 10.63 2.63 7.96
CA GLN A 29 10.42 3.95 7.40
C GLN A 29 9.59 3.89 6.12
N ARG A 30 9.81 2.86 5.32
CA ARG A 30 9.01 2.64 4.13
C ARG A 30 7.58 2.27 4.48
N ILE A 31 7.44 1.36 5.46
CA ILE A 31 6.12 0.97 5.94
C ILE A 31 5.38 2.18 6.51
N ASP A 32 6.13 3.05 7.19
CA ASP A 32 5.58 4.31 7.71
C ASP A 32 4.92 5.11 6.58
N GLU A 33 5.66 5.29 5.49
CA GLU A 33 5.17 6.05 4.35
C GLU A 33 3.93 5.39 3.76
N LEU A 34 4.03 4.09 3.52
CA LEU A 34 2.99 3.35 2.84
C LEU A 34 1.73 3.23 3.68
N SER A 35 1.88 3.03 4.98
CA SER A 35 0.73 2.86 5.86
C SER A 35 -0.10 4.12 5.95
N ARG A 36 0.55 5.27 5.94
CA ARG A 36 -0.15 6.55 5.99
C ARG A 36 -0.79 6.86 4.64
N GLU A 37 -0.06 6.60 3.57
CA GLU A 37 -0.57 6.76 2.22
C GLU A 37 -1.79 5.88 2.01
N LEU A 38 -1.67 4.62 2.42
CA LEU A 38 -2.74 3.64 2.30
C LEU A 38 -3.92 4.01 3.20
N GLN A 39 -3.62 4.52 4.40
CA GLN A 39 -4.66 4.93 5.34
C GLN A 39 -5.69 5.83 4.65
N LYS A 40 -5.21 6.79 3.88
CA LYS A 40 -6.08 7.67 3.12
C LYS A 40 -6.89 6.87 2.10
N GLU A 41 -6.21 6.04 1.33
CA GLU A 41 -6.83 5.31 0.23
C GLU A 41 -7.94 4.40 0.74
N MET A 42 -7.70 3.72 1.87
CA MET A 42 -8.71 2.85 2.46
C MET A 42 -9.92 3.64 2.90
N ASP A 43 -9.68 4.74 3.61
CA ASP A 43 -10.75 5.58 4.13
C ASP A 43 -11.50 6.25 2.99
N GLN A 44 -10.77 6.56 1.93
CA GLN A 44 -11.34 7.15 0.72
C GLN A 44 -12.35 6.19 0.09
N LYS A 45 -12.00 4.91 0.04
CA LYS A 45 -12.89 3.91 -0.54
C LYS A 45 -14.19 3.84 0.25
N ASP A 46 -14.09 3.91 1.57
CA ASP A 46 -15.25 3.93 2.44
C ASP A 46 -16.14 5.12 2.11
N ALA A 47 -15.49 6.27 1.92
CA ALA A 47 -16.20 7.49 1.57
C ALA A 47 -16.86 7.37 0.21
N LEU A 48 -16.15 6.76 -0.74
CA LEU A 48 -16.64 6.60 -2.09
C LEU A 48 -17.77 5.58 -2.16
N ASN A 49 -17.66 4.50 -1.39
CA ASN A 49 -18.71 3.49 -1.31
C ASN A 49 -20.01 4.13 -0.86
N LYS A 50 -19.95 4.84 0.25
CA LYS A 50 -21.11 5.54 0.79
C LYS A 50 -21.59 6.60 -0.19
N MET A 51 -20.65 7.30 -0.79
CA MET A 51 -20.96 8.34 -1.78
C MET A 51 -21.77 7.76 -2.93
N LYS A 52 -21.29 6.66 -3.49
CA LYS A 52 -21.97 6.03 -4.61
C LYS A 52 -23.37 5.61 -4.21
N ASP A 53 -23.49 5.00 -3.04
CA ASP A 53 -24.79 4.56 -2.52
C ASP A 53 -25.78 5.72 -2.44
N VAL A 54 -25.28 6.88 -2.00
CA VAL A 54 -26.11 8.08 -1.96
C VAL A 54 -26.53 8.51 -3.36
N TYR A 55 -25.57 8.57 -4.26
CA TYR A 55 -25.81 9.05 -5.62
C TYR A 55 -26.71 8.09 -6.40
N GLU A 56 -26.61 6.79 -6.10
CA GLU A 56 -27.46 5.79 -6.77
C GLU A 56 -28.91 5.93 -6.33
N LYS A 57 -29.12 6.09 -5.04
CA LYS A 57 -30.48 6.20 -4.51
C LYS A 57 -31.05 7.59 -4.77
N ASN A 58 -30.17 8.58 -4.81
CA ASN A 58 -30.58 9.94 -5.11
C ASN A 58 -29.60 10.59 -6.07
N PRO A 59 -29.87 10.51 -7.39
CA PRO A 59 -29.00 11.10 -8.42
C PRO A 59 -28.95 12.62 -8.30
N GLN A 60 -29.75 13.16 -7.40
CA GLN A 60 -29.76 14.58 -7.09
C GLN A 60 -28.40 15.03 -6.61
N MET A 61 -27.68 14.12 -5.97
CA MET A 61 -26.39 14.43 -5.37
C MET A 61 -25.27 14.35 -6.41
N GLY A 62 -25.56 13.74 -7.55
CA GLY A 62 -24.56 13.59 -8.59
C GLY A 62 -24.79 12.34 -9.43
N ASP A 63 -23.79 11.97 -10.21
CA ASP A 63 -23.89 10.80 -11.08
C ASP A 63 -23.14 9.61 -10.48
N PRO A 64 -23.82 8.46 -10.32
CA PRO A 64 -23.22 7.26 -9.73
C PRO A 64 -22.23 6.58 -10.68
N SER A 65 -22.40 6.81 -11.97
CA SER A 65 -21.56 6.16 -12.98
C SER A 65 -20.12 6.67 -12.91
N SER A 66 -19.98 7.98 -12.91
CA SER A 66 -18.67 8.62 -12.89
C SER A 66 -17.91 8.33 -11.59
N LEU A 67 -18.60 7.78 -10.60
CA LEU A 67 -17.97 7.45 -9.33
C LEU A 67 -17.25 6.12 -9.41
N HIS A 68 -17.62 5.28 -10.36
CA HIS A 68 -17.04 3.94 -10.49
C HIS A 68 -15.53 4.00 -10.75
N PRO A 69 -15.07 4.75 -11.78
CA PRO A 69 -13.63 4.90 -12.06
C PRO A 69 -12.86 5.44 -10.85
N LYS A 70 -13.53 6.26 -10.04
CA LYS A 70 -12.92 6.80 -8.83
C LYS A 70 -12.64 5.68 -7.84
N ILE A 71 -13.65 4.86 -7.57
CA ILE A 71 -13.50 3.73 -6.67
C ILE A 71 -12.48 2.74 -7.21
N ALA A 72 -12.47 2.59 -8.52
CA ALA A 72 -11.55 1.67 -9.20
C ALA A 72 -10.10 2.00 -8.86
N GLU A 73 -9.68 3.24 -9.10
CA GLU A 73 -8.31 3.64 -8.82
C GLU A 73 -8.03 3.64 -7.32
N THR A 74 -9.07 3.93 -6.55
CA THR A 74 -8.96 3.92 -5.10
C THR A 74 -8.60 2.51 -4.62
N THR A 75 -9.35 1.52 -5.08
CA THR A 75 -9.05 0.12 -4.77
C THR A 75 -7.70 -0.28 -5.36
N SER A 76 -7.41 0.25 -6.54
CA SER A 76 -6.15 -0.01 -7.23
C SER A 76 -4.96 0.43 -6.36
N ASN A 77 -5.10 1.58 -5.71
CA ASN A 77 -4.06 2.08 -4.82
C ASN A 77 -4.00 1.24 -3.56
N ILE A 78 -5.16 0.97 -2.97
CA ILE A 78 -5.25 0.20 -1.75
C ILE A 78 -4.50 -1.13 -1.86
N GLU A 79 -4.87 -1.92 -2.85
CA GLU A 79 -4.30 -3.26 -3.01
C GLU A 79 -2.81 -3.19 -3.32
N ARG A 80 -2.38 -2.11 -3.95
CA ARG A 80 -0.97 -1.92 -4.25
C ARG A 80 -0.16 -1.78 -2.97
N LEU A 81 -0.45 -0.75 -2.19
CA LEU A 81 0.31 -0.48 -0.99
C LEU A 81 0.22 -1.62 0.01
N ARG A 82 -0.95 -2.23 0.13
CA ARG A 82 -1.14 -3.34 1.06
C ARG A 82 -0.18 -4.49 0.77
N MET A 83 0.02 -4.78 -0.51
CA MET A 83 0.93 -5.88 -0.88
C MET A 83 2.38 -5.42 -0.74
N GLU A 84 2.63 -4.13 -0.96
CA GLU A 84 3.97 -3.58 -0.79
C GLU A 84 4.36 -3.63 0.69
N ILE A 85 3.42 -3.29 1.57
CA ILE A 85 3.62 -3.44 3.01
C ILE A 85 3.94 -4.89 3.35
N HIS A 86 3.18 -5.80 2.75
CA HIS A 86 3.38 -7.23 2.93
C HIS A 86 4.80 -7.63 2.51
N LYS A 87 5.27 -7.06 1.40
CA LYS A 87 6.61 -7.36 0.90
C LYS A 87 7.67 -6.96 1.92
N ASN A 88 7.46 -5.82 2.57
CA ASN A 88 8.38 -5.35 3.59
C ASN A 88 8.38 -6.28 4.80
N GLU A 89 7.21 -6.79 5.16
CA GLU A 89 7.08 -7.70 6.27
C GLU A 89 7.75 -9.03 5.95
N ALA A 90 7.71 -9.42 4.68
CA ALA A 90 8.38 -10.62 4.23
C ALA A 90 9.89 -10.48 4.40
N TRP A 91 10.39 -9.29 4.14
CA TRP A 91 11.82 -9.00 4.32
C TRP A 91 12.14 -8.89 5.81
N LEU A 92 11.18 -8.40 6.60
CA LEU A 92 11.33 -8.33 8.04
C LEU A 92 11.43 -9.74 8.63
N SER A 93 10.77 -10.69 8.00
CA SER A 93 10.84 -12.08 8.41
C SER A 93 12.25 -12.62 8.20
N GLU A 94 12.95 -12.05 7.23
CA GLU A 94 14.33 -12.41 6.95
C GLU A 94 15.25 -11.74 7.96
N VAL A 95 14.93 -10.50 8.32
CA VAL A 95 15.73 -9.71 9.26
C VAL A 95 15.72 -10.33 10.65
N GLU A 96 14.54 -10.66 11.13
CA GLU A 96 14.37 -11.20 12.48
C GLU A 96 15.09 -12.53 12.62
N GLY A 97 15.31 -13.20 11.49
CA GLY A 97 16.03 -14.46 11.50
C GLY A 97 17.51 -14.27 11.76
N LYS A 98 18.01 -13.07 11.49
CA LYS A 98 19.43 -12.76 11.65
C LYS A 98 19.72 -12.32 13.08
N VAL A 99 18.67 -11.94 13.79
CA VAL A 99 18.80 -11.46 15.16
C VAL A 99 18.08 -12.42 16.11
N SER A 100 17.75 -13.59 15.59
CA SER A 100 17.05 -14.60 16.37
C SER A 100 18.06 -15.40 17.20
N GLN A 101 18.78 -14.68 18.04
CA GLN A 101 19.81 -15.27 18.88
C GLN A 101 19.14 -15.99 20.05
N ARG A 102 18.16 -15.32 20.65
CA ARG A 102 17.43 -15.88 21.76
C ARG A 102 16.15 -16.53 21.26
N SER A 103 16.29 -17.75 20.76
CA SER A 103 15.16 -18.48 20.22
C SER A 103 14.33 -19.09 21.34
N GLU A 104 13.04 -19.25 21.09
CA GLU A 104 12.13 -19.79 22.09
C GLU A 104 11.71 -21.21 21.70
N GLY A 1 19.74 -6.33 -26.17
CA GLY A 1 20.50 -6.61 -24.93
C GLY A 1 19.77 -6.14 -23.69
N PRO A 2 20.29 -6.46 -22.49
CA PRO A 2 19.70 -6.02 -21.23
C PRO A 2 20.29 -4.70 -20.75
N LEU A 3 20.64 -3.82 -21.69
CA LEU A 3 21.29 -2.57 -21.37
C LEU A 3 20.27 -1.44 -21.21
N GLY A 4 19.02 -1.82 -21.03
CA GLY A 4 17.97 -0.84 -20.80
C GLY A 4 17.40 -0.96 -19.41
N SER A 5 18.19 -1.52 -18.50
CA SER A 5 17.77 -1.75 -17.13
C SER A 5 17.42 -0.45 -16.43
N HIS A 6 16.30 -0.46 -15.72
CA HIS A 6 15.83 0.73 -15.03
C HIS A 6 16.02 0.56 -13.52
N MET A 7 17.23 0.20 -13.12
CA MET A 7 17.54 -0.01 -11.71
C MET A 7 17.92 1.31 -11.05
N LYS A 8 18.34 1.24 -9.78
CA LYS A 8 18.79 2.40 -9.02
C LYS A 8 17.60 3.33 -8.73
N GLY A 9 16.69 2.85 -7.90
CA GLY A 9 15.52 3.63 -7.55
C GLY A 9 14.98 3.28 -6.18
N PRO A 10 13.65 3.22 -6.03
CA PRO A 10 13.00 2.90 -4.75
C PRO A 10 13.24 1.45 -4.31
N ALA A 11 13.82 0.66 -5.21
CA ALA A 11 14.18 -0.73 -4.94
C ALA A 11 12.95 -1.58 -4.60
N LEU A 12 11.84 -1.27 -5.26
CA LEU A 12 10.61 -2.00 -5.04
C LEU A 12 10.77 -3.45 -5.51
N GLU A 13 10.17 -4.38 -4.77
CA GLU A 13 10.34 -5.81 -5.02
C GLU A 13 11.79 -6.25 -4.80
N ASP A 14 12.47 -5.54 -3.89
CA ASP A 14 13.84 -5.91 -3.53
C ASP A 14 14.07 -5.67 -2.04
N PHE A 15 14.64 -4.51 -1.71
CA PHE A 15 14.98 -4.14 -0.34
C PHE A 15 15.89 -5.18 0.33
N SER A 16 16.42 -6.12 -0.44
CA SER A 16 17.21 -7.21 0.12
C SER A 16 18.67 -6.81 0.25
N HIS A 17 19.02 -5.67 -0.34
CA HIS A 17 20.38 -5.14 -0.26
C HIS A 17 20.54 -4.29 0.99
N LEU A 18 19.69 -4.53 1.98
CA LEU A 18 19.73 -3.79 3.23
C LEU A 18 20.12 -4.71 4.37
N PRO A 19 21.09 -4.29 5.21
CA PRO A 19 21.49 -5.02 6.41
C PRO A 19 20.29 -5.22 7.35
N PRO A 20 20.27 -6.34 8.11
CA PRO A 20 19.12 -6.76 8.91
C PRO A 20 18.46 -5.61 9.70
N GLU A 21 19.23 -4.96 10.57
CA GLU A 21 18.66 -3.96 11.46
C GLU A 21 18.24 -2.69 10.72
N GLN A 22 18.78 -2.50 9.52
CA GLN A 22 18.40 -1.35 8.70
C GLN A 22 17.24 -1.71 7.77
N ARG A 23 17.21 -2.96 7.33
CA ARG A 23 16.14 -3.44 6.46
C ARG A 23 14.81 -3.35 7.19
N ARG A 24 14.76 -3.92 8.40
CA ARG A 24 13.55 -3.87 9.21
C ARG A 24 13.16 -2.43 9.52
N LYS A 25 14.16 -1.57 9.70
CA LYS A 25 13.94 -0.18 10.02
C LYS A 25 13.27 0.53 8.84
N ARG A 26 13.85 0.39 7.66
CA ARG A 26 13.31 1.00 6.46
C ARG A 26 11.94 0.43 6.12
N LEU A 27 11.78 -0.87 6.35
CA LEU A 27 10.51 -1.54 6.13
C LEU A 27 9.43 -0.99 7.05
N GLN A 28 9.76 -0.85 8.34
CA GLN A 28 8.80 -0.31 9.32
C GLN A 28 8.33 1.07 8.89
N GLN A 29 9.26 1.86 8.37
CA GLN A 29 8.95 3.21 7.89
C GLN A 29 7.93 3.15 6.75
N ARG A 30 8.10 2.19 5.85
CA ARG A 30 7.20 2.05 4.71
C ARG A 30 5.89 1.38 5.12
N ILE A 31 5.96 0.41 6.01
CA ILE A 31 4.76 -0.28 6.48
C ILE A 31 3.76 0.70 7.10
N ASP A 32 4.25 1.54 8.02
CA ASP A 32 3.39 2.54 8.66
C ASP A 32 2.81 3.48 7.62
N GLU A 33 3.65 3.90 6.69
CA GLU A 33 3.25 4.79 5.61
C GLU A 33 2.14 4.17 4.76
N LEU A 34 2.40 2.96 4.28
CA LEU A 34 1.47 2.26 3.42
C LEU A 34 0.19 1.90 4.15
N SER A 35 0.33 1.54 5.42
CA SER A 35 -0.81 1.19 6.24
C SER A 35 -1.76 2.39 6.36
N ARG A 36 -1.20 3.56 6.64
CA ARG A 36 -2.01 4.75 6.79
C ARG A 36 -2.52 5.24 5.43
N GLU A 37 -1.69 5.11 4.41
CA GLU A 37 -2.08 5.46 3.05
C GLU A 37 -3.28 4.64 2.62
N LEU A 38 -3.22 3.35 2.87
CA LEU A 38 -4.31 2.44 2.57
C LEU A 38 -5.53 2.75 3.44
N GLN A 39 -5.29 3.04 4.70
CA GLN A 39 -6.36 3.38 5.63
C GLN A 39 -7.16 4.57 5.11
N LYS A 40 -6.48 5.53 4.50
CA LYS A 40 -7.14 6.69 3.90
C LYS A 40 -7.95 6.27 2.68
N GLU A 41 -7.37 5.40 1.84
CA GLU A 41 -8.04 4.96 0.62
C GLU A 41 -9.25 4.07 0.93
N MET A 42 -9.12 3.19 1.92
CA MET A 42 -10.22 2.33 2.32
C MET A 42 -11.38 3.17 2.83
N ASP A 43 -11.07 4.18 3.64
CA ASP A 43 -12.09 5.09 4.14
C ASP A 43 -12.67 5.92 3.01
N GLN A 44 -11.83 6.20 2.02
CA GLN A 44 -12.26 6.95 0.85
C GLN A 44 -13.35 6.19 0.11
N LYS A 45 -13.16 4.89 -0.05
CA LYS A 45 -14.15 4.06 -0.71
C LYS A 45 -15.39 3.93 0.15
N ASP A 46 -15.19 3.85 1.46
CA ASP A 46 -16.31 3.82 2.41
C ASP A 46 -17.21 5.04 2.19
N ALA A 47 -16.59 6.20 2.09
CA ALA A 47 -17.29 7.44 1.83
C ALA A 47 -17.95 7.40 0.45
N LEU A 48 -17.21 6.88 -0.53
CA LEU A 48 -17.69 6.82 -1.91
C LEU A 48 -18.90 5.88 -2.03
N ASN A 49 -18.82 4.73 -1.38
CA ASN A 49 -19.92 3.76 -1.39
C ASN A 49 -21.19 4.41 -0.86
N LYS A 50 -21.08 5.01 0.31
CA LYS A 50 -22.19 5.68 0.96
C LYS A 50 -22.71 6.84 0.10
N MET A 51 -21.78 7.64 -0.40
CA MET A 51 -22.14 8.82 -1.18
C MET A 51 -22.81 8.42 -2.51
N LYS A 52 -22.38 7.30 -3.08
CA LYS A 52 -23.00 6.80 -4.30
C LYS A 52 -24.46 6.47 -4.04
N ASP A 53 -24.72 5.84 -2.90
CA ASP A 53 -26.08 5.51 -2.48
C ASP A 53 -26.92 6.78 -2.35
N VAL A 54 -26.32 7.81 -1.76
CA VAL A 54 -26.98 9.09 -1.61
C VAL A 54 -27.34 9.68 -2.97
N TYR A 55 -26.41 9.60 -3.91
CA TYR A 55 -26.59 10.17 -5.24
C TYR A 55 -27.63 9.38 -6.04
N GLU A 56 -27.75 8.09 -5.77
CA GLU A 56 -28.75 7.27 -6.45
C GLU A 56 -30.15 7.59 -5.95
N LYS A 57 -30.30 7.67 -4.64
CA LYS A 57 -31.60 7.94 -4.05
C LYS A 57 -31.95 9.42 -4.15
N ASN A 58 -30.92 10.26 -4.11
CA ASN A 58 -31.10 11.71 -4.16
C ASN A 58 -30.10 12.34 -5.12
N PRO A 59 -30.40 12.31 -6.43
CA PRO A 59 -29.56 12.94 -7.47
C PRO A 59 -29.42 14.45 -7.27
N GLN A 60 -30.10 14.97 -6.26
CA GLN A 60 -30.02 16.37 -5.88
C GLN A 60 -28.60 16.74 -5.45
N MET A 61 -27.87 15.76 -4.96
CA MET A 61 -26.50 15.97 -4.52
C MET A 61 -25.52 15.82 -5.69
N GLY A 62 -26.06 15.36 -6.82
CA GLY A 62 -25.24 15.12 -7.99
C GLY A 62 -25.56 13.78 -8.62
N ASP A 63 -24.94 13.50 -9.75
CA ASP A 63 -25.15 12.23 -10.44
C ASP A 63 -24.23 11.15 -9.86
N PRO A 64 -24.76 9.95 -9.63
CA PRO A 64 -23.98 8.83 -9.09
C PRO A 64 -23.01 8.25 -10.11
N SER A 65 -23.22 8.58 -11.38
CA SER A 65 -22.41 8.03 -12.46
C SER A 65 -20.98 8.53 -12.37
N SER A 66 -20.81 9.82 -12.14
CA SER A 66 -19.48 10.43 -12.07
C SER A 66 -18.65 9.88 -10.90
N LEU A 67 -19.32 9.20 -9.97
CA LEU A 67 -18.63 8.62 -8.83
C LEU A 67 -18.01 7.27 -9.17
N HIS A 68 -18.52 6.63 -10.24
CA HIS A 68 -18.04 5.31 -10.64
C HIS A 68 -16.53 5.31 -10.94
N PRO A 69 -16.03 6.21 -11.81
CA PRO A 69 -14.59 6.28 -12.10
C PRO A 69 -13.77 6.65 -10.86
N LYS A 70 -14.42 7.32 -9.91
CA LYS A 70 -13.77 7.73 -8.68
C LYS A 70 -13.60 6.54 -7.74
N ILE A 71 -14.59 5.66 -7.70
CA ILE A 71 -14.49 4.44 -6.91
C ILE A 71 -13.47 3.50 -7.55
N ALA A 72 -13.37 3.59 -8.88
CA ALA A 72 -12.42 2.80 -9.63
C ALA A 72 -10.98 3.08 -9.20
N GLU A 73 -10.57 4.34 -9.24
CA GLU A 73 -9.22 4.73 -8.84
C GLU A 73 -8.99 4.43 -7.36
N THR A 74 -10.04 4.62 -6.57
CA THR A 74 -9.97 4.38 -5.14
C THR A 74 -9.73 2.89 -4.86
N THR A 75 -10.48 2.02 -5.54
CA THR A 75 -10.30 0.58 -5.38
C THR A 75 -8.93 0.16 -5.90
N SER A 76 -8.51 0.77 -7.00
CA SER A 76 -7.20 0.50 -7.59
C SER A 76 -6.08 0.78 -6.59
N ASN A 77 -6.20 1.90 -5.88
CA ASN A 77 -5.21 2.27 -4.87
C ASN A 77 -5.25 1.28 -3.71
N ILE A 78 -6.46 0.98 -3.24
CA ILE A 78 -6.66 0.06 -2.13
C ILE A 78 -5.94 -1.27 -2.36
N GLU A 79 -6.27 -1.93 -3.45
CA GLU A 79 -5.71 -3.25 -3.74
C GLU A 79 -4.20 -3.19 -3.93
N ARG A 80 -3.71 -2.06 -4.44
CA ARG A 80 -2.28 -1.86 -4.61
C ARG A 80 -1.59 -1.74 -3.26
N LEU A 81 -2.09 -0.82 -2.45
CA LEU A 81 -1.48 -0.51 -1.17
C LEU A 81 -1.55 -1.71 -0.22
N ARG A 82 -2.60 -2.50 -0.34
CA ARG A 82 -2.75 -3.70 0.50
C ARG A 82 -1.61 -4.67 0.28
N MET A 83 -1.19 -4.85 -0.98
CA MET A 83 -0.08 -5.75 -1.27
C MET A 83 1.24 -5.07 -0.93
N GLU A 84 1.26 -3.74 -0.99
CA GLU A 84 2.44 -2.97 -0.60
C GLU A 84 2.74 -3.21 0.88
N ILE A 85 1.70 -3.16 1.70
CA ILE A 85 1.85 -3.46 3.12
C ILE A 85 2.34 -4.88 3.31
N HIS A 86 1.68 -5.81 2.62
CA HIS A 86 1.95 -7.24 2.79
C HIS A 86 3.37 -7.61 2.35
N LYS A 87 3.84 -7.02 1.27
CA LYS A 87 5.18 -7.34 0.77
C LYS A 87 6.25 -6.92 1.76
N ASN A 88 6.09 -5.74 2.35
CA ASN A 88 7.01 -5.27 3.37
C ASN A 88 6.97 -6.17 4.59
N GLU A 89 5.77 -6.65 4.94
CA GLU A 89 5.63 -7.60 6.03
C GLU A 89 6.38 -8.89 5.75
N ALA A 90 6.31 -9.34 4.50
CA ALA A 90 6.97 -10.57 4.09
C ALA A 90 8.49 -10.44 4.23
N TRP A 91 9.02 -9.33 3.76
CA TRP A 91 10.46 -9.07 3.88
C TRP A 91 10.85 -8.86 5.34
N LEU A 92 9.95 -8.24 6.09
CA LEU A 92 10.16 -8.01 7.52
C LEU A 92 10.24 -9.34 8.26
N SER A 93 9.37 -10.27 7.88
CA SER A 93 9.34 -11.60 8.48
C SER A 93 10.70 -12.28 8.34
N GLU A 94 11.35 -12.04 7.19
CA GLU A 94 12.69 -12.55 6.95
C GLU A 94 13.65 -11.98 7.99
N VAL A 95 13.63 -10.66 8.12
CA VAL A 95 14.56 -9.96 9.00
C VAL A 95 14.36 -10.35 10.45
N GLU A 96 13.11 -10.37 10.89
CA GLU A 96 12.79 -10.68 12.27
C GLU A 96 13.11 -12.15 12.60
N GLY A 97 13.31 -12.94 11.55
CA GLY A 97 13.76 -14.31 11.72
C GLY A 97 15.27 -14.42 11.64
N LYS A 98 15.91 -13.42 11.04
CA LYS A 98 17.35 -13.39 10.89
C LYS A 98 18.02 -13.00 12.20
N VAL A 99 17.43 -12.05 12.89
CA VAL A 99 17.98 -11.55 14.14
C VAL A 99 18.03 -12.66 15.19
N SER A 100 19.21 -12.89 15.74
CA SER A 100 19.41 -13.94 16.71
C SER A 100 20.47 -13.55 17.74
N GLN A 101 20.18 -13.78 19.01
CA GLN A 101 21.13 -13.50 20.07
C GLN A 101 22.04 -14.71 20.27
N ARG A 102 22.88 -14.96 19.27
CA ARG A 102 23.80 -16.10 19.31
C ARG A 102 24.88 -15.89 20.35
N SER A 103 25.31 -16.97 20.97
CA SER A 103 26.33 -16.91 22.00
C SER A 103 27.56 -17.70 21.58
N GLU A 104 28.62 -17.00 21.23
CA GLU A 104 29.87 -17.63 20.83
C GLU A 104 31.02 -17.08 21.68
N GLY A 1 -2.49 2.30 -13.82
CA GLY A 1 -1.25 3.10 -13.70
C GLY A 1 -0.58 3.30 -15.04
N PRO A 2 0.74 3.51 -15.06
CA PRO A 2 1.49 3.69 -16.29
C PRO A 2 1.47 2.44 -17.16
N LEU A 3 0.89 2.55 -18.35
CA LEU A 3 0.82 1.43 -19.27
C LEU A 3 2.20 1.11 -19.84
N GLY A 4 3.01 2.14 -19.99
CA GLY A 4 4.36 1.96 -20.47
C GLY A 4 5.36 1.93 -19.33
N SER A 5 6.39 1.10 -19.46
CA SER A 5 7.42 0.96 -18.44
C SER A 5 6.85 0.39 -17.15
N HIS A 6 7.61 0.51 -16.06
CA HIS A 6 7.19 0.05 -14.73
C HIS A 6 7.17 -1.49 -14.67
N MET A 7 7.71 -2.11 -15.72
CA MET A 7 7.81 -3.56 -15.80
C MET A 7 9.00 -4.04 -14.96
N LYS A 8 10.03 -3.20 -14.90
CA LYS A 8 11.18 -3.45 -14.07
C LYS A 8 11.88 -2.13 -13.76
N GLY A 9 11.57 -1.58 -12.60
CA GLY A 9 12.23 -0.37 -12.16
C GLY A 9 12.83 -0.56 -10.78
N PRO A 10 12.45 0.27 -9.81
CA PRO A 10 12.87 0.12 -8.42
C PRO A 10 12.32 -1.16 -7.81
N ALA A 11 13.11 -2.22 -7.85
CA ALA A 11 12.70 -3.51 -7.35
C ALA A 11 12.93 -3.61 -5.84
N LEU A 12 13.16 -4.82 -5.34
CA LEU A 12 13.45 -5.02 -3.93
C LEU A 12 14.78 -4.36 -3.58
N GLU A 13 14.72 -3.32 -2.76
CA GLU A 13 15.91 -2.59 -2.35
C GLU A 13 16.86 -3.50 -1.58
N ASP A 14 16.30 -4.35 -0.72
CA ASP A 14 17.03 -5.36 0.04
C ASP A 14 17.82 -4.74 1.20
N PHE A 15 18.37 -3.54 0.94
CA PHE A 15 19.04 -2.73 1.96
C PHE A 15 20.30 -3.41 2.48
N SER A 16 20.89 -4.24 1.62
CA SER A 16 22.09 -5.00 1.97
C SER A 16 23.27 -4.08 2.25
N HIS A 17 23.21 -2.84 1.74
CA HIS A 17 24.31 -1.90 1.92
C HIS A 17 24.37 -1.38 3.37
N LEU A 18 23.29 -1.56 4.12
CA LEU A 18 23.25 -1.09 5.49
C LEU A 18 23.04 -2.26 6.45
N PRO A 19 23.57 -2.16 7.69
CA PRO A 19 23.48 -3.22 8.70
C PRO A 19 22.03 -3.49 9.14
N PRO A 20 21.72 -4.78 9.38
CA PRO A 20 20.36 -5.26 9.70
C PRO A 20 19.70 -4.53 10.86
N GLU A 21 20.49 -4.08 11.83
CA GLU A 21 19.96 -3.33 12.96
C GLU A 21 19.25 -2.06 12.48
N GLN A 22 19.85 -1.40 11.51
CA GLN A 22 19.27 -0.20 10.92
C GLN A 22 18.24 -0.58 9.87
N ARG A 23 18.40 -1.76 9.30
CA ARG A 23 17.49 -2.23 8.27
C ARG A 23 16.07 -2.30 8.82
N ARG A 24 15.89 -3.00 9.93
CA ARG A 24 14.58 -3.09 10.56
C ARG A 24 14.11 -1.72 11.05
N LYS A 25 15.05 -0.89 11.50
CA LYS A 25 14.72 0.45 11.99
C LYS A 25 14.14 1.31 10.87
N ARG A 26 14.69 1.16 9.68
CA ARG A 26 14.21 1.91 8.52
C ARG A 26 12.91 1.31 7.99
N LEU A 27 12.82 -0.02 8.07
CA LEU A 27 11.64 -0.75 7.62
C LEU A 27 10.42 -0.44 8.49
N GLN A 28 10.60 -0.51 9.81
CA GLN A 28 9.52 -0.27 10.76
C GLN A 28 8.88 1.11 10.52
N GLN A 29 9.72 2.12 10.37
CA GLN A 29 9.26 3.48 10.13
C GLN A 29 8.56 3.60 8.78
N ARG A 30 9.02 2.82 7.82
CA ARG A 30 8.43 2.82 6.49
C ARG A 30 7.06 2.15 6.53
N ILE A 31 6.97 1.03 7.22
CA ILE A 31 5.70 0.33 7.40
C ILE A 31 4.70 1.22 8.14
N ASP A 32 5.18 1.87 9.19
CA ASP A 32 4.36 2.80 9.97
C ASP A 32 3.84 3.92 9.07
N GLU A 33 4.72 4.40 8.20
CA GLU A 33 4.37 5.43 7.23
C GLU A 33 3.33 4.92 6.24
N LEU A 34 3.61 3.77 5.65
CA LEU A 34 2.75 3.18 4.63
C LEU A 34 1.37 2.84 5.18
N SER A 35 1.32 2.30 6.39
CA SER A 35 0.05 1.93 6.99
C SER A 35 -0.81 3.17 7.29
N ARG A 36 -0.15 4.29 7.52
CA ARG A 36 -0.86 5.56 7.69
C ARG A 36 -1.35 6.07 6.34
N GLU A 37 -0.47 6.02 5.35
CA GLU A 37 -0.80 6.44 4.00
C GLU A 37 -1.96 5.59 3.48
N LEU A 38 -1.83 4.28 3.66
CA LEU A 38 -2.84 3.31 3.27
C LEU A 38 -4.16 3.56 3.97
N GLN A 39 -4.09 3.97 5.23
CA GLN A 39 -5.28 4.22 6.03
C GLN A 39 -6.17 5.24 5.35
N LYS A 40 -5.57 6.31 4.83
CA LYS A 40 -6.31 7.36 4.15
C LYS A 40 -6.94 6.84 2.86
N GLU A 41 -6.18 6.03 2.13
CA GLU A 41 -6.63 5.52 0.84
C GLU A 41 -7.77 4.51 1.04
N MET A 42 -7.63 3.67 2.07
CA MET A 42 -8.69 2.71 2.41
C MET A 42 -9.93 3.44 2.92
N ASP A 43 -9.70 4.45 3.75
CA ASP A 43 -10.78 5.30 4.27
C ASP A 43 -11.50 5.99 3.13
N GLN A 44 -10.74 6.44 2.15
CA GLN A 44 -11.28 7.11 0.98
C GLN A 44 -12.12 6.14 0.15
N LYS A 45 -11.61 4.93 -0.07
CA LYS A 45 -12.33 3.92 -0.84
C LYS A 45 -13.64 3.56 -0.13
N ASP A 46 -13.54 3.36 1.18
CA ASP A 46 -14.71 3.00 1.97
C ASP A 46 -15.77 4.08 1.88
N ALA A 47 -15.31 5.33 1.82
CA ALA A 47 -16.20 6.46 1.66
C ALA A 47 -16.76 6.51 0.24
N LEU A 48 -15.90 6.27 -0.74
CA LEU A 48 -16.29 6.31 -2.15
C LEU A 48 -17.30 5.22 -2.48
N ASN A 49 -17.15 4.06 -1.84
CA ASN A 49 -18.09 2.96 -2.03
C ASN A 49 -19.48 3.39 -1.59
N LYS A 50 -19.56 3.97 -0.39
CA LYS A 50 -20.83 4.48 0.14
C LYS A 50 -21.34 5.61 -0.75
N MET A 51 -20.44 6.50 -1.14
CA MET A 51 -20.78 7.62 -1.99
C MET A 51 -21.46 7.15 -3.27
N LYS A 52 -20.82 6.21 -3.96
CA LYS A 52 -21.38 5.66 -5.18
C LYS A 52 -22.76 5.07 -4.92
N ASP A 53 -22.89 4.36 -3.80
CA ASP A 53 -24.13 3.71 -3.44
C ASP A 53 -25.26 4.73 -3.28
N VAL A 54 -24.94 5.84 -2.63
CA VAL A 54 -25.91 6.92 -2.43
C VAL A 54 -26.35 7.51 -3.78
N TYR A 55 -25.39 7.67 -4.68
CA TYR A 55 -25.69 8.22 -6.01
C TYR A 55 -26.47 7.22 -6.86
N GLU A 56 -26.20 5.94 -6.64
CA GLU A 56 -26.90 4.88 -7.37
C GLU A 56 -28.35 4.79 -6.92
N LYS A 57 -28.56 4.80 -5.62
CA LYS A 57 -29.91 4.69 -5.07
C LYS A 57 -30.64 6.03 -5.16
N ASN A 58 -29.88 7.12 -5.12
CA ASN A 58 -30.46 8.45 -5.24
C ASN A 58 -29.66 9.31 -6.21
N PRO A 59 -29.99 9.24 -7.51
CA PRO A 59 -29.38 10.10 -8.55
C PRO A 59 -29.56 11.59 -8.27
N GLN A 60 -30.30 11.91 -7.21
CA GLN A 60 -30.46 13.30 -6.76
C GLN A 60 -29.11 13.91 -6.39
N MET A 61 -28.18 13.05 -5.97
CA MET A 61 -26.83 13.49 -5.60
C MET A 61 -26.00 13.76 -6.85
N GLY A 62 -26.42 13.18 -7.96
CA GLY A 62 -25.67 13.32 -9.19
C GLY A 62 -25.61 12.02 -9.95
N ASP A 63 -24.48 11.75 -10.59
CA ASP A 63 -24.31 10.53 -11.34
C ASP A 63 -23.24 9.65 -10.70
N PRO A 64 -23.48 8.34 -10.61
CA PRO A 64 -22.51 7.38 -10.06
C PRO A 64 -21.36 7.10 -11.04
N SER A 65 -21.55 7.48 -12.30
CA SER A 65 -20.56 7.23 -13.33
C SER A 65 -19.26 7.96 -13.03
N SER A 66 -19.36 9.23 -12.69
CA SER A 66 -18.19 10.05 -12.38
C SER A 66 -17.48 9.57 -11.13
N LEU A 67 -18.12 8.68 -10.37
CA LEU A 67 -17.53 8.15 -9.15
C LEU A 67 -16.71 6.91 -9.44
N HIS A 68 -16.91 6.33 -10.63
CA HIS A 68 -16.21 5.10 -11.00
C HIS A 68 -14.70 5.34 -11.12
N PRO A 69 -14.25 6.36 -11.89
CA PRO A 69 -12.82 6.69 -11.99
C PRO A 69 -12.21 7.06 -10.63
N LYS A 70 -13.06 7.60 -9.75
CA LYS A 70 -12.62 7.97 -8.41
C LYS A 70 -12.32 6.72 -7.58
N ILE A 71 -13.18 5.72 -7.69
CA ILE A 71 -12.97 4.46 -6.98
C ILE A 71 -11.80 3.70 -7.58
N ALA A 72 -11.62 3.83 -8.89
CA ALA A 72 -10.56 3.15 -9.61
C ALA A 72 -9.19 3.48 -9.01
N GLU A 73 -8.83 4.76 -9.00
CA GLU A 73 -7.54 5.19 -8.47
C GLU A 73 -7.38 4.76 -7.02
N THR A 74 -8.47 4.81 -6.28
CA THR A 74 -8.47 4.52 -4.86
C THR A 74 -8.39 3.02 -4.62
N THR A 75 -8.76 2.23 -5.62
CA THR A 75 -8.59 0.79 -5.54
C THR A 75 -7.11 0.44 -5.72
N SER A 76 -6.45 1.16 -6.63
CA SER A 76 -5.07 0.87 -6.97
C SER A 76 -4.10 1.33 -5.89
N ASN A 77 -4.31 2.53 -5.36
CA ASN A 77 -3.38 3.07 -4.36
C ASN A 77 -3.30 2.18 -3.13
N ILE A 78 -4.43 1.58 -2.77
CA ILE A 78 -4.49 0.63 -1.67
C ILE A 78 -3.62 -0.60 -1.98
N GLU A 79 -3.84 -1.20 -3.13
CA GLU A 79 -3.08 -2.39 -3.54
C GLU A 79 -1.58 -2.08 -3.58
N ARG A 80 -1.27 -0.94 -4.19
CA ARG A 80 0.11 -0.50 -4.36
C ARG A 80 0.81 -0.31 -3.01
N LEU A 81 0.09 0.23 -2.04
CA LEU A 81 0.67 0.48 -0.73
C LEU A 81 0.77 -0.81 0.08
N ARG A 82 -0.15 -1.75 -0.15
CA ARG A 82 -0.14 -3.02 0.56
C ARG A 82 1.09 -3.85 0.17
N MET A 83 1.42 -3.85 -1.12
CA MET A 83 2.59 -4.59 -1.59
C MET A 83 3.87 -3.97 -1.04
N GLU A 84 3.86 -2.65 -0.87
CA GLU A 84 5.01 -1.96 -0.29
C GLU A 84 5.25 -2.44 1.14
N ILE A 85 4.18 -2.57 1.89
CA ILE A 85 4.26 -3.09 3.25
C ILE A 85 4.78 -4.53 3.23
N HIS A 86 4.24 -5.33 2.34
CA HIS A 86 4.64 -6.73 2.18
C HIS A 86 6.13 -6.83 1.86
N LYS A 87 6.62 -5.94 1.00
CA LYS A 87 8.02 -5.90 0.63
C LYS A 87 8.91 -5.66 1.86
N ASN A 88 8.47 -4.75 2.72
CA ASN A 88 9.23 -4.42 3.92
C ASN A 88 9.19 -5.57 4.93
N GLU A 89 8.05 -6.24 5.02
CA GLU A 89 7.90 -7.37 5.92
C GLU A 89 8.79 -8.53 5.50
N ALA A 90 9.01 -8.67 4.20
CA ALA A 90 9.89 -9.70 3.69
C ALA A 90 11.32 -9.47 4.14
N TRP A 91 11.76 -8.22 4.10
CA TRP A 91 13.10 -7.85 4.53
C TRP A 91 13.25 -8.04 6.04
N LEU A 92 12.18 -7.77 6.78
CA LEU A 92 12.19 -7.99 8.23
C LEU A 92 12.52 -9.43 8.56
N SER A 93 12.00 -10.35 7.75
CA SER A 93 12.20 -11.77 7.97
C SER A 93 13.68 -12.15 7.82
N GLU A 94 14.40 -11.46 6.95
CA GLU A 94 15.81 -11.75 6.76
C GLU A 94 16.66 -10.96 7.76
N VAL A 95 16.09 -9.90 8.32
CA VAL A 95 16.75 -9.14 9.38
C VAL A 95 16.75 -9.94 10.69
N GLU A 96 15.64 -10.58 10.98
CA GLU A 96 15.50 -11.34 12.22
C GLU A 96 16.02 -12.77 12.06
N GLY A 97 15.89 -13.31 10.85
CA GLY A 97 16.22 -14.70 10.60
C GLY A 97 17.70 -15.01 10.76
N LYS A 98 18.53 -13.98 10.96
CA LYS A 98 19.95 -14.19 11.16
C LYS A 98 20.27 -14.46 12.62
N VAL A 99 19.25 -14.35 13.48
CA VAL A 99 19.43 -14.65 14.90
C VAL A 99 18.24 -15.45 15.44
N SER A 100 17.03 -14.96 15.19
CA SER A 100 15.82 -15.62 15.66
C SER A 100 15.03 -16.18 14.49
N GLN A 101 14.85 -17.50 14.49
CA GLN A 101 14.22 -18.21 13.39
C GLN A 101 12.79 -17.72 13.15
N ARG A 102 12.04 -17.53 14.22
CA ARG A 102 10.66 -17.08 14.09
C ARG A 102 10.38 -15.91 15.01
N SER A 103 11.35 -15.59 15.86
CA SER A 103 11.27 -14.47 16.80
C SER A 103 10.06 -14.61 17.72
N GLU A 104 9.76 -15.84 18.11
CA GLU A 104 8.59 -16.12 18.90
C GLU A 104 8.94 -17.07 20.05
N GLY A 1 22.91 -7.37 -13.50
CA GLY A 1 24.19 -7.31 -12.74
C GLY A 1 23.99 -7.62 -11.26
N PRO A 2 25.01 -7.36 -10.43
CA PRO A 2 24.95 -7.60 -8.98
C PRO A 2 23.92 -6.70 -8.30
N LEU A 3 22.76 -7.28 -7.97
CA LEU A 3 21.69 -6.55 -7.30
C LEU A 3 21.22 -5.37 -8.14
N GLY A 4 20.53 -4.43 -7.51
CA GLY A 4 19.98 -3.29 -8.24
C GLY A 4 18.67 -3.65 -8.89
N SER A 5 18.67 -3.76 -10.20
CA SER A 5 17.49 -4.17 -10.93
C SER A 5 17.25 -5.66 -10.76
N HIS A 6 16.13 -6.00 -10.15
CA HIS A 6 15.76 -7.39 -9.92
C HIS A 6 14.95 -7.90 -11.10
N MET A 7 13.87 -7.21 -11.38
CA MET A 7 13.02 -7.50 -12.52
C MET A 7 12.08 -6.32 -12.76
N LYS A 8 12.60 -5.32 -13.46
CA LYS A 8 11.89 -4.06 -13.67
C LYS A 8 11.67 -3.33 -12.35
N GLY A 9 10.58 -3.67 -11.67
CA GLY A 9 10.24 -3.02 -10.42
C GLY A 9 9.79 -1.60 -10.61
N PRO A 10 8.47 -1.34 -10.58
CA PRO A 10 7.92 0.00 -10.86
C PRO A 10 8.48 1.05 -9.91
N ALA A 11 8.66 0.69 -8.65
CA ALA A 11 9.20 1.60 -7.65
C ALA A 11 9.84 0.84 -6.50
N LEU A 12 10.63 -0.18 -6.83
CA LEU A 12 11.27 -1.01 -5.81
C LEU A 12 12.45 -0.27 -5.16
N GLU A 13 12.29 0.09 -3.90
CA GLU A 13 13.37 0.68 -3.14
C GLU A 13 14.39 -0.38 -2.79
N ASP A 14 13.87 -1.57 -2.44
CA ASP A 14 14.69 -2.78 -2.21
C ASP A 14 15.43 -2.74 -0.87
N PHE A 15 16.28 -1.73 -0.69
CA PHE A 15 17.01 -1.52 0.57
C PHE A 15 17.97 -2.67 0.91
N SER A 16 18.32 -3.49 -0.07
CA SER A 16 19.17 -4.65 0.18
C SER A 16 20.60 -4.22 0.50
N HIS A 17 20.94 -2.97 0.20
CA HIS A 17 22.27 -2.44 0.51
C HIS A 17 22.37 -2.00 1.97
N LEU A 18 21.36 -2.35 2.76
CA LEU A 18 21.33 -1.99 4.17
C LEU A 18 21.47 -3.23 5.03
N PRO A 19 22.19 -3.09 6.17
CA PRO A 19 22.29 -4.16 7.16
C PRO A 19 20.94 -4.40 7.84
N PRO A 20 20.72 -5.60 8.43
CA PRO A 20 19.46 -6.00 9.02
C PRO A 20 18.81 -4.89 9.85
N GLU A 21 19.57 -4.33 10.79
CA GLU A 21 19.08 -3.30 11.68
C GLU A 21 18.51 -2.10 10.91
N GLN A 22 19.33 -1.53 10.04
CA GLN A 22 18.94 -0.33 9.29
C GLN A 22 17.86 -0.64 8.28
N ARG A 23 17.95 -1.80 7.65
CA ARG A 23 16.99 -2.17 6.62
C ARG A 23 15.58 -2.28 7.23
N ARG A 24 15.44 -3.07 8.28
CA ARG A 24 14.14 -3.24 8.91
C ARG A 24 13.67 -1.94 9.55
N LYS A 25 14.62 -1.13 9.99
CA LYS A 25 14.31 0.16 10.60
C LYS A 25 13.67 1.08 9.57
N ARG A 26 14.30 1.18 8.40
CA ARG A 26 13.77 1.97 7.30
C ARG A 26 12.42 1.44 6.86
N LEU A 27 12.32 0.12 6.76
CA LEU A 27 11.07 -0.54 6.37
C LEU A 27 9.94 -0.20 7.33
N GLN A 28 10.23 -0.20 8.63
CA GLN A 28 9.24 0.12 9.65
C GLN A 28 8.74 1.55 9.47
N GLN A 29 9.64 2.47 9.18
CA GLN A 29 9.29 3.86 8.97
C GLN A 29 8.42 4.01 7.72
N ARG A 30 8.72 3.19 6.71
CA ARG A 30 7.91 3.17 5.49
C ARG A 30 6.51 2.66 5.79
N ILE A 31 6.42 1.50 6.44
CA ILE A 31 5.14 0.92 6.83
C ILE A 31 4.34 1.88 7.70
N ASP A 32 5.04 2.56 8.61
CA ASP A 32 4.42 3.55 9.48
C ASP A 32 3.71 4.62 8.67
N GLU A 33 4.38 5.11 7.63
CA GLU A 33 3.82 6.12 6.75
C GLU A 33 2.67 5.55 5.93
N LEU A 34 2.93 4.38 5.34
CA LEU A 34 2.01 3.75 4.40
C LEU A 34 0.71 3.32 5.07
N SER A 35 0.80 2.79 6.29
CA SER A 35 -0.38 2.33 7.00
C SER A 35 -1.38 3.46 7.18
N ARG A 36 -0.89 4.63 7.57
CA ARG A 36 -1.73 5.80 7.75
C ARG A 36 -2.17 6.34 6.40
N GLU A 37 -1.26 6.31 5.43
CA GLU A 37 -1.55 6.79 4.08
C GLU A 37 -2.69 5.97 3.47
N LEU A 38 -2.60 4.65 3.63
CA LEU A 38 -3.62 3.74 3.13
C LEU A 38 -4.94 3.94 3.87
N GLN A 39 -4.84 4.14 5.19
CA GLN A 39 -6.03 4.27 6.06
C GLN A 39 -7.03 5.31 5.55
N LYS A 40 -6.55 6.30 4.83
CA LYS A 40 -7.40 7.36 4.31
C LYS A 40 -8.11 6.94 3.03
N GLU A 41 -7.49 6.02 2.30
CA GLU A 41 -7.94 5.67 0.96
C GLU A 41 -9.06 4.64 0.96
N MET A 42 -8.96 3.63 1.82
CA MET A 42 -9.91 2.55 1.79
C MET A 42 -11.20 2.98 2.49
N ASP A 43 -11.04 3.87 3.46
CA ASP A 43 -12.19 4.46 4.14
C ASP A 43 -12.88 5.44 3.22
N GLN A 44 -12.08 6.13 2.39
CA GLN A 44 -12.61 7.02 1.37
C GLN A 44 -13.52 6.25 0.42
N LYS A 45 -13.11 5.04 0.07
CA LYS A 45 -13.90 4.20 -0.81
C LYS A 45 -15.24 3.86 -0.17
N ASP A 46 -15.23 3.55 1.12
CA ASP A 46 -16.47 3.22 1.82
C ASP A 46 -17.39 4.43 1.86
N ALA A 47 -16.80 5.60 2.05
CA ALA A 47 -17.55 6.85 1.99
C ALA A 47 -18.15 7.04 0.60
N LEU A 48 -17.34 6.76 -0.42
CA LEU A 48 -17.80 6.84 -1.80
C LEU A 48 -18.92 5.83 -2.06
N ASN A 49 -18.78 4.63 -1.51
CA ASN A 49 -19.81 3.59 -1.63
C ASN A 49 -21.12 4.07 -1.04
N LYS A 50 -21.06 4.61 0.17
CA LYS A 50 -22.24 5.11 0.85
C LYS A 50 -22.87 6.26 0.07
N MET A 51 -22.03 7.20 -0.35
CA MET A 51 -22.51 8.33 -1.13
C MET A 51 -23.12 7.88 -2.45
N LYS A 52 -22.54 6.84 -3.05
CA LYS A 52 -23.07 6.27 -4.28
C LYS A 52 -24.45 5.67 -4.02
N ASP A 53 -24.58 5.00 -2.89
CA ASP A 53 -25.84 4.39 -2.47
C ASP A 53 -26.91 5.45 -2.30
N VAL A 54 -26.53 6.57 -1.69
CA VAL A 54 -27.43 7.70 -1.50
C VAL A 54 -27.85 8.28 -2.85
N TYR A 55 -26.93 8.32 -3.80
CA TYR A 55 -27.22 8.86 -5.12
C TYR A 55 -28.10 7.91 -5.94
N GLU A 56 -28.04 6.63 -5.63
CA GLU A 56 -28.90 5.65 -6.28
C GLU A 56 -30.33 5.80 -5.78
N LYS A 57 -30.47 5.96 -4.48
CA LYS A 57 -31.79 6.10 -3.87
C LYS A 57 -32.32 7.52 -4.02
N ASN A 58 -31.39 8.48 -4.10
CA ASN A 58 -31.76 9.88 -4.22
C ASN A 58 -30.87 10.58 -5.24
N PRO A 59 -31.25 10.53 -6.53
CA PRO A 59 -30.53 11.23 -7.60
C PRO A 59 -30.60 12.75 -7.44
N GLN A 60 -31.34 13.19 -6.42
CA GLN A 60 -31.45 14.59 -6.07
C GLN A 60 -30.08 15.20 -5.78
N MET A 61 -29.18 14.40 -5.20
CA MET A 61 -27.88 14.90 -4.78
C MET A 61 -26.85 14.81 -5.90
N GLY A 62 -27.08 13.93 -6.86
CA GLY A 62 -26.13 13.78 -7.95
C GLY A 62 -26.33 12.50 -8.73
N ASP A 63 -25.25 12.02 -9.34
CA ASP A 63 -25.31 10.85 -10.19
C ASP A 63 -24.31 9.79 -9.71
N PRO A 64 -24.80 8.55 -9.49
CA PRO A 64 -23.93 7.43 -9.12
C PRO A 64 -22.94 7.11 -10.24
N SER A 65 -23.30 7.50 -11.45
CA SER A 65 -22.47 7.28 -12.62
C SER A 65 -21.19 8.11 -12.53
N SER A 66 -21.32 9.35 -12.05
CA SER A 66 -20.19 10.27 -11.96
C SER A 66 -19.23 9.85 -10.85
N LEU A 67 -19.68 8.94 -10.00
CA LEU A 67 -18.86 8.45 -8.90
C LEU A 67 -18.05 7.23 -9.34
N HIS A 68 -18.39 6.67 -10.50
CA HIS A 68 -17.70 5.47 -11.00
C HIS A 68 -16.20 5.72 -11.17
N PRO A 69 -15.79 6.76 -11.95
CA PRO A 69 -14.36 7.05 -12.15
C PRO A 69 -13.65 7.38 -10.84
N LYS A 70 -14.39 7.94 -9.89
CA LYS A 70 -13.84 8.30 -8.60
C LYS A 70 -13.52 7.05 -7.79
N ILE A 71 -14.50 6.16 -7.69
CA ILE A 71 -14.31 4.90 -6.97
C ILE A 71 -13.22 4.07 -7.63
N ALA A 72 -13.19 4.10 -8.96
CA ALA A 72 -12.19 3.37 -9.73
C ALA A 72 -10.77 3.74 -9.31
N GLU A 73 -10.46 5.04 -9.31
CA GLU A 73 -9.13 5.49 -8.94
C GLU A 73 -8.89 5.34 -7.44
N THR A 74 -9.96 5.46 -6.66
CA THR A 74 -9.87 5.26 -5.23
C THR A 74 -9.42 3.83 -4.91
N THR A 75 -10.00 2.86 -5.61
CA THR A 75 -9.62 1.46 -5.44
C THR A 75 -8.16 1.23 -5.83
N SER A 76 -7.73 1.85 -6.92
CA SER A 76 -6.37 1.67 -7.40
C SER A 76 -5.36 2.34 -6.46
N ASN A 77 -5.78 3.39 -5.76
CA ASN A 77 -4.92 4.02 -4.76
C ASN A 77 -4.74 3.11 -3.56
N ILE A 78 -5.83 2.45 -3.18
CA ILE A 78 -5.82 1.52 -2.05
C ILE A 78 -4.79 0.42 -2.26
N GLU A 79 -4.90 -0.28 -3.38
CA GLU A 79 -3.98 -1.38 -3.70
C GLU A 79 -2.56 -0.86 -3.91
N ARG A 80 -2.45 0.38 -4.38
CA ARG A 80 -1.15 1.00 -4.62
C ARG A 80 -0.39 1.15 -3.30
N LEU A 81 -1.09 1.54 -2.26
CA LEU A 81 -0.46 1.74 -0.97
C LEU A 81 -0.33 0.42 -0.22
N ARG A 82 -1.27 -0.49 -0.46
CA ARG A 82 -1.21 -1.82 0.14
C ARG A 82 -0.01 -2.60 -0.37
N MET A 83 0.24 -2.52 -1.68
CA MET A 83 1.37 -3.24 -2.26
C MET A 83 2.69 -2.70 -1.71
N GLU A 84 2.71 -1.42 -1.37
CA GLU A 84 3.89 -0.80 -0.79
C GLU A 84 4.18 -1.39 0.58
N ILE A 85 3.12 -1.58 1.38
CA ILE A 85 3.26 -2.23 2.68
C ILE A 85 3.74 -3.66 2.48
N HIS A 86 3.12 -4.35 1.53
CA HIS A 86 3.45 -5.73 1.19
C HIS A 86 4.92 -5.84 0.78
N LYS A 87 5.40 -4.89 -0.01
CA LYS A 87 6.79 -4.84 -0.43
C LYS A 87 7.71 -4.81 0.79
N ASN A 88 7.39 -3.96 1.75
CA ASN A 88 8.19 -3.82 2.96
C ASN A 88 8.18 -5.12 3.77
N GLU A 89 7.04 -5.80 3.78
CA GLU A 89 6.94 -7.10 4.46
C GLU A 89 7.83 -8.12 3.77
N ALA A 90 7.91 -8.02 2.45
CA ALA A 90 8.74 -8.94 1.66
C ALA A 90 10.22 -8.73 1.96
N TRP A 91 10.60 -7.50 2.29
CA TRP A 91 11.98 -7.20 2.63
C TRP A 91 12.23 -7.44 4.11
N LEU A 92 11.19 -7.33 4.94
CA LEU A 92 11.30 -7.65 6.36
C LEU A 92 11.63 -9.11 6.55
N SER A 93 10.97 -9.97 5.77
CA SER A 93 11.24 -11.40 5.82
C SER A 93 12.65 -11.69 5.32
N GLU A 94 13.17 -10.81 4.46
CA GLU A 94 14.56 -10.90 4.04
C GLU A 94 15.48 -10.59 5.22
N VAL A 95 15.10 -9.59 6.02
CA VAL A 95 15.85 -9.25 7.21
C VAL A 95 15.78 -10.39 8.22
N GLU A 96 14.63 -11.04 8.30
CA GLU A 96 14.46 -12.20 9.15
C GLU A 96 15.33 -13.36 8.67
N GLY A 97 15.53 -13.43 7.36
CA GLY A 97 16.40 -14.44 6.80
C GLY A 97 17.85 -14.21 7.17
N LYS A 98 18.20 -12.94 7.33
CA LYS A 98 19.56 -12.56 7.72
C LYS A 98 19.91 -13.10 9.10
N VAL A 99 19.00 -12.91 10.03
CA VAL A 99 19.20 -13.37 11.40
C VAL A 99 18.89 -14.86 11.52
N SER A 100 17.99 -15.33 10.65
CA SER A 100 17.54 -16.72 10.64
C SER A 100 16.75 -17.02 11.92
N GLN A 101 17.47 -17.37 12.98
CA GLN A 101 16.86 -17.68 14.26
C GLN A 101 17.76 -17.17 15.38
N ARG A 102 17.20 -16.98 16.55
CA ARG A 102 17.95 -16.50 17.69
C ARG A 102 17.68 -17.38 18.91
N SER A 103 17.35 -18.64 18.64
CA SER A 103 17.01 -19.59 19.69
C SER A 103 18.18 -20.52 20.00
N GLU A 104 18.98 -20.79 18.96
CA GLU A 104 20.11 -21.73 19.07
C GLU A 104 19.65 -23.09 19.59
N GLY A 1 24.18 -11.44 -13.17
CA GLY A 1 24.65 -10.74 -11.96
C GLY A 1 26.17 -10.65 -11.92
N PRO A 2 26.76 -10.52 -10.73
CA PRO A 2 28.22 -10.46 -10.57
C PRO A 2 28.89 -11.74 -11.04
N LEU A 3 30.08 -11.60 -11.61
CA LEU A 3 30.82 -12.72 -12.19
C LEU A 3 30.00 -13.38 -13.30
N GLY A 4 29.96 -12.72 -14.43
CA GLY A 4 29.21 -13.22 -15.56
C GLY A 4 28.75 -12.10 -16.47
N SER A 5 27.57 -11.58 -16.21
CA SER A 5 27.00 -10.50 -16.99
C SER A 5 26.07 -9.65 -16.14
N HIS A 6 26.26 -8.35 -16.16
CA HIS A 6 25.45 -7.44 -15.38
C HIS A 6 25.08 -6.22 -16.21
N MET A 7 24.19 -6.41 -17.17
CA MET A 7 23.73 -5.32 -18.00
C MET A 7 22.68 -4.50 -17.25
N LYS A 8 21.66 -5.19 -16.77
CA LYS A 8 20.57 -4.53 -16.06
C LYS A 8 20.99 -4.21 -14.63
N GLY A 9 20.49 -3.10 -14.12
CA GLY A 9 20.70 -2.75 -12.74
C GLY A 9 19.43 -3.00 -11.94
N PRO A 10 19.34 -4.13 -11.24
CA PRO A 10 18.12 -4.52 -10.52
C PRO A 10 17.93 -3.76 -9.21
N ALA A 11 17.78 -2.45 -9.33
CA ALA A 11 17.55 -1.60 -8.17
C ALA A 11 16.08 -1.63 -7.77
N LEU A 12 15.71 -2.64 -7.01
CA LEU A 12 14.34 -2.79 -6.54
C LEU A 12 14.07 -1.80 -5.42
N GLU A 13 12.80 -1.45 -5.25
CA GLU A 13 12.38 -0.49 -4.25
C GLU A 13 12.29 -1.13 -2.85
N ASP A 14 12.95 -2.26 -2.69
CA ASP A 14 13.04 -2.96 -1.40
C ASP A 14 13.95 -2.22 -0.42
N PHE A 15 14.40 -1.04 -0.83
CA PHE A 15 15.30 -0.22 -0.03
C PHE A 15 16.61 -0.97 0.20
N SER A 16 17.21 -1.39 -0.91
CA SER A 16 18.38 -2.26 -0.89
C SER A 16 19.54 -1.67 -0.09
N HIS A 17 19.61 -0.35 -0.01
CA HIS A 17 20.71 0.33 0.67
C HIS A 17 20.49 0.42 2.18
N LEU A 18 19.44 -0.21 2.69
CA LEU A 18 19.15 -0.18 4.11
C LEU A 18 19.60 -1.46 4.79
N PRO A 19 20.44 -1.34 5.84
CA PRO A 19 20.83 -2.48 6.68
C PRO A 19 19.63 -3.09 7.39
N PRO A 20 19.70 -4.38 7.76
CA PRO A 20 18.60 -5.13 8.39
C PRO A 20 17.78 -4.31 9.40
N GLU A 21 18.44 -3.77 10.41
CA GLU A 21 17.76 -3.03 11.48
C GLU A 21 17.02 -1.82 10.93
N GLN A 22 17.74 -1.00 10.16
CA GLN A 22 17.17 0.23 9.62
C GLN A 22 16.09 -0.08 8.60
N ARG A 23 16.28 -1.14 7.82
CA ARG A 23 15.33 -1.51 6.79
C ARG A 23 13.98 -1.81 7.39
N ARG A 24 13.90 -2.80 8.27
CA ARG A 24 12.62 -3.18 8.86
C ARG A 24 12.06 -2.06 9.72
N LYS A 25 12.93 -1.21 10.24
CA LYS A 25 12.51 -0.03 10.98
C LYS A 25 11.74 0.93 10.05
N ARG A 26 12.34 1.19 8.89
CA ARG A 26 11.72 2.06 7.90
C ARG A 26 10.46 1.42 7.31
N LEU A 27 10.50 0.10 7.11
CA LEU A 27 9.35 -0.63 6.60
C LEU A 27 8.17 -0.52 7.56
N GLN A 28 8.44 -0.62 8.86
CA GLN A 28 7.40 -0.45 9.87
C GLN A 28 6.78 0.94 9.77
N GLN A 29 7.63 1.93 9.53
CA GLN A 29 7.19 3.31 9.39
C GLN A 29 6.33 3.47 8.15
N ARG A 30 6.71 2.79 7.07
CA ARG A 30 5.93 2.81 5.84
C ARG A 30 4.58 2.14 6.05
N ILE A 31 4.61 0.93 6.58
CA ILE A 31 3.39 0.15 6.80
C ILE A 31 2.46 0.87 7.76
N ASP A 32 3.02 1.47 8.81
CA ASP A 32 2.24 2.25 9.77
C ASP A 32 1.45 3.35 9.06
N GLU A 33 2.12 4.04 8.14
CA GLU A 33 1.51 5.10 7.38
C GLU A 33 0.50 4.55 6.38
N LEU A 34 0.92 3.54 5.64
CA LEU A 34 0.11 2.96 4.57
C LEU A 34 -1.17 2.33 5.10
N SER A 35 -1.10 1.68 6.26
CA SER A 35 -2.29 1.06 6.85
C SER A 35 -3.27 2.13 7.31
N ARG A 36 -2.74 3.20 7.90
CA ARG A 36 -3.56 4.32 8.34
C ARG A 36 -4.16 5.04 7.15
N GLU A 37 -3.35 5.20 6.10
CA GLU A 37 -3.80 5.81 4.86
C GLU A 37 -4.89 4.96 4.22
N LEU A 38 -4.66 3.65 4.21
CA LEU A 38 -5.60 2.69 3.68
C LEU A 38 -6.92 2.75 4.43
N GLN A 39 -6.83 2.89 5.76
CA GLN A 39 -8.03 2.96 6.59
C GLN A 39 -8.94 4.10 6.12
N LYS A 40 -8.33 5.22 5.77
CA LYS A 40 -9.09 6.35 5.25
C LYS A 40 -9.81 5.97 3.97
N GLU A 41 -9.06 5.42 3.02
CA GLU A 41 -9.60 5.06 1.72
C GLU A 41 -10.70 4.01 1.83
N MET A 42 -10.47 2.97 2.63
CA MET A 42 -11.45 1.91 2.79
C MET A 42 -12.73 2.44 3.45
N ASP A 43 -12.55 3.30 4.43
CA ASP A 43 -13.70 3.94 5.10
C ASP A 43 -14.42 4.86 4.13
N GLN A 44 -13.63 5.60 3.35
CA GLN A 44 -14.16 6.50 2.35
C GLN A 44 -14.96 5.73 1.30
N LYS A 45 -14.49 4.55 0.93
CA LYS A 45 -15.19 3.74 -0.06
C LYS A 45 -16.59 3.38 0.42
N ASP A 46 -16.70 3.05 1.70
CA ASP A 46 -18.01 2.74 2.29
C ASP A 46 -18.90 3.96 2.22
N ALA A 47 -18.34 5.10 2.59
CA ALA A 47 -19.05 6.38 2.54
C ALA A 47 -19.49 6.70 1.11
N LEU A 48 -18.56 6.58 0.17
CA LEU A 48 -18.83 6.90 -1.23
C LEU A 48 -19.93 6.01 -1.80
N ASN A 49 -19.87 4.72 -1.50
CA ASN A 49 -20.89 3.79 -1.99
C ASN A 49 -22.24 4.08 -1.35
N LYS A 50 -22.24 4.35 -0.05
CA LYS A 50 -23.48 4.68 0.67
C LYS A 50 -24.06 5.98 0.15
N MET A 51 -23.21 6.99 0.04
CA MET A 51 -23.62 8.31 -0.42
C MET A 51 -24.12 8.25 -1.87
N LYS A 52 -23.48 7.40 -2.68
CA LYS A 52 -23.90 7.24 -4.07
C LYS A 52 -25.34 6.74 -4.13
N ASP A 53 -25.63 5.73 -3.31
CA ASP A 53 -26.97 5.16 -3.23
C ASP A 53 -27.98 6.22 -2.83
N VAL A 54 -27.58 7.09 -1.90
CA VAL A 54 -28.44 8.17 -1.45
C VAL A 54 -28.72 9.15 -2.59
N TYR A 55 -27.70 9.45 -3.39
CA TYR A 55 -27.86 10.35 -4.53
C TYR A 55 -28.78 9.77 -5.58
N GLU A 56 -28.81 8.45 -5.68
CA GLU A 56 -29.70 7.79 -6.63
C GLU A 56 -31.14 7.87 -6.14
N LYS A 57 -31.34 7.55 -4.87
CA LYS A 57 -32.66 7.57 -4.26
C LYS A 57 -33.16 9.00 -4.08
N ASN A 58 -32.23 9.91 -3.85
CA ASN A 58 -32.56 11.30 -3.61
C ASN A 58 -31.75 12.23 -4.50
N PRO A 59 -32.25 12.49 -5.73
CA PRO A 59 -31.68 13.49 -6.65
C PRO A 59 -31.52 14.86 -5.99
N GLN A 60 -32.20 15.04 -4.86
CA GLN A 60 -32.12 16.27 -4.08
C GLN A 60 -30.68 16.66 -3.78
N MET A 61 -29.84 15.67 -3.49
CA MET A 61 -28.46 15.94 -3.08
C MET A 61 -27.55 16.12 -4.28
N GLY A 62 -28.00 15.70 -5.45
CA GLY A 62 -27.22 15.87 -6.65
C GLY A 62 -27.24 14.64 -7.53
N ASP A 63 -26.18 14.46 -8.30
CA ASP A 63 -26.09 13.35 -9.24
C ASP A 63 -25.03 12.35 -8.80
N PRO A 64 -25.40 11.06 -8.73
CA PRO A 64 -24.49 9.99 -8.30
C PRO A 64 -23.39 9.69 -9.32
N SER A 65 -23.58 10.17 -10.55
CA SER A 65 -22.61 9.93 -11.62
C SER A 65 -21.21 10.42 -11.24
N SER A 66 -21.13 11.63 -10.68
CA SER A 66 -19.84 12.22 -10.31
C SER A 66 -19.18 11.45 -9.15
N LEU A 67 -19.95 10.58 -8.50
CA LEU A 67 -19.42 9.80 -7.40
C LEU A 67 -18.77 8.52 -7.92
N HIS A 68 -19.03 8.20 -9.18
CA HIS A 68 -18.48 6.99 -9.79
C HIS A 68 -16.95 7.05 -9.88
N PRO A 69 -16.37 8.10 -10.51
CA PRO A 69 -14.91 8.24 -10.62
C PRO A 69 -14.24 8.38 -9.26
N LYS A 70 -15.01 8.86 -8.28
CA LYS A 70 -14.52 9.02 -6.93
C LYS A 70 -14.34 7.66 -6.26
N ILE A 71 -15.30 6.77 -6.47
CA ILE A 71 -15.19 5.41 -5.95
C ILE A 71 -14.07 4.67 -6.67
N ALA A 72 -13.91 4.95 -7.96
CA ALA A 72 -12.87 4.33 -8.77
C ALA A 72 -11.48 4.61 -8.19
N GLU A 73 -11.16 5.89 -7.99
CA GLU A 73 -9.85 6.26 -7.45
C GLU A 73 -9.68 5.73 -6.02
N THR A 74 -10.75 5.80 -5.24
CA THR A 74 -10.74 5.34 -3.86
C THR A 74 -10.42 3.86 -3.79
N THR A 75 -11.09 3.05 -4.61
CA THR A 75 -10.82 1.62 -4.66
C THR A 75 -9.40 1.35 -5.19
N SER A 76 -8.96 2.19 -6.13
CA SER A 76 -7.62 2.08 -6.69
C SER A 76 -6.58 2.33 -5.60
N ASN A 77 -6.83 3.34 -4.78
CA ASN A 77 -5.93 3.66 -3.66
C ASN A 77 -5.91 2.49 -2.67
N ILE A 78 -7.08 1.93 -2.41
CA ILE A 78 -7.20 0.78 -1.53
C ILE A 78 -6.30 -0.36 -2.01
N GLU A 79 -6.45 -0.74 -3.27
CA GLU A 79 -5.64 -1.79 -3.86
C GLU A 79 -4.16 -1.44 -3.79
N ARG A 80 -3.85 -0.18 -4.10
CA ARG A 80 -2.47 0.30 -4.07
C ARG A 80 -1.87 0.20 -2.68
N LEU A 81 -2.47 0.89 -1.72
CA LEU A 81 -1.92 1.00 -0.38
C LEU A 81 -1.74 -0.36 0.27
N ARG A 82 -2.66 -1.27 -0.01
CA ARG A 82 -2.59 -2.62 0.54
C ARG A 82 -1.46 -3.42 -0.10
N MET A 83 -1.27 -3.25 -1.41
CA MET A 83 -0.20 -3.98 -2.09
C MET A 83 1.16 -3.36 -1.76
N GLU A 84 1.16 -2.06 -1.46
CA GLU A 84 2.37 -1.40 -0.99
C GLU A 84 2.80 -1.97 0.35
N ILE A 85 1.83 -2.22 1.21
CA ILE A 85 2.07 -2.91 2.47
C ILE A 85 2.59 -4.31 2.18
N HIS A 86 1.96 -4.99 1.22
CA HIS A 86 2.34 -6.35 0.85
C HIS A 86 3.80 -6.42 0.42
N LYS A 87 4.25 -5.43 -0.34
CA LYS A 87 5.65 -5.37 -0.76
C LYS A 87 6.57 -5.30 0.47
N ASN A 88 6.26 -4.38 1.38
CA ASN A 88 7.04 -4.22 2.60
C ASN A 88 6.98 -5.50 3.45
N GLU A 89 5.80 -6.10 3.53
CA GLU A 89 5.62 -7.36 4.25
C GLU A 89 6.51 -8.45 3.68
N ALA A 90 6.60 -8.51 2.36
CA ALA A 90 7.41 -9.51 1.68
C ALA A 90 8.89 -9.29 1.96
N TRP A 91 9.28 -8.05 2.15
CA TRP A 91 10.66 -7.73 2.45
C TRP A 91 10.96 -7.97 3.92
N LEU A 92 9.96 -7.80 4.77
CA LEU A 92 10.12 -8.08 6.20
C LEU A 92 10.48 -9.54 6.44
N SER A 93 9.76 -10.43 5.78
CA SER A 93 10.01 -11.86 5.92
C SER A 93 11.40 -12.22 5.36
N GLU A 94 11.91 -11.38 4.48
CA GLU A 94 13.27 -11.55 3.97
C GLU A 94 14.28 -11.07 5.00
N VAL A 95 14.00 -9.92 5.61
CA VAL A 95 14.86 -9.36 6.65
C VAL A 95 14.92 -10.30 7.84
N GLU A 96 13.76 -10.75 8.27
CA GLU A 96 13.66 -11.67 9.40
C GLU A 96 14.16 -13.06 9.04
N GLY A 97 14.46 -13.27 7.77
CA GLY A 97 14.95 -14.55 7.31
C GLY A 97 16.47 -14.58 7.25
N LYS A 98 17.10 -13.41 7.20
CA LYS A 98 18.54 -13.34 7.09
C LYS A 98 19.20 -12.93 8.40
N VAL A 99 18.41 -12.85 9.46
CA VAL A 99 18.92 -12.50 10.78
C VAL A 99 19.60 -13.70 11.43
N SER A 100 20.57 -13.42 12.27
CA SER A 100 21.32 -14.47 12.95
C SER A 100 21.37 -14.19 14.45
N GLN A 101 20.30 -13.59 14.95
CA GLN A 101 20.23 -13.19 16.35
C GLN A 101 20.03 -14.38 17.26
N ARG A 102 19.71 -15.53 16.66
CA ARG A 102 19.60 -16.77 17.40
C ARG A 102 20.99 -17.27 17.79
N SER A 103 21.99 -16.90 17.00
CA SER A 103 23.36 -17.32 17.24
C SER A 103 24.06 -16.33 18.14
N GLU A 104 23.45 -16.05 19.28
CA GLU A 104 23.97 -15.08 20.22
C GLU A 104 23.67 -15.52 21.65
N GLY A 1 18.28 11.13 -11.53
CA GLY A 1 17.43 12.31 -11.26
C GLY A 1 15.96 11.95 -11.21
N PRO A 2 15.11 12.79 -10.60
CA PRO A 2 13.68 12.55 -10.51
C PRO A 2 12.98 12.80 -11.84
N LEU A 3 13.00 11.79 -12.70
CA LEU A 3 12.33 11.88 -13.98
C LEU A 3 11.18 10.87 -14.04
N GLY A 4 11.06 10.08 -12.99
CA GLY A 4 10.03 9.06 -12.94
C GLY A 4 10.62 7.67 -12.82
N SER A 5 11.12 7.36 -11.64
CA SER A 5 11.74 6.06 -11.38
C SER A 5 10.73 4.93 -11.54
N HIS A 6 10.65 4.36 -12.73
CA HIS A 6 9.73 3.28 -13.02
C HIS A 6 10.43 2.14 -13.73
N MET A 7 11.57 1.72 -13.19
CA MET A 7 12.30 0.59 -13.74
C MET A 7 11.48 -0.69 -13.56
N LYS A 8 10.89 -1.14 -14.67
CA LYS A 8 9.94 -2.25 -14.65
C LYS A 8 8.72 -1.89 -13.81
N GLY A 9 8.39 -0.60 -13.81
CA GLY A 9 7.31 -0.10 -12.99
C GLY A 9 7.77 0.17 -11.58
N PRO A 10 6.85 0.51 -10.66
CA PRO A 10 7.18 0.71 -9.26
C PRO A 10 7.16 -0.61 -8.49
N ALA A 11 7.99 -1.55 -8.93
CA ALA A 11 8.00 -2.88 -8.36
C ALA A 11 9.12 -3.04 -7.33
N LEU A 12 8.80 -2.78 -6.07
CA LEU A 12 9.74 -3.00 -4.98
C LEU A 12 9.51 -4.38 -4.38
N GLU A 13 10.44 -5.29 -4.63
CA GLU A 13 10.30 -6.66 -4.15
C GLU A 13 11.68 -7.31 -4.06
N ASP A 14 12.66 -6.55 -3.62
CA ASP A 14 14.03 -7.04 -3.56
C ASP A 14 14.67 -6.69 -2.23
N PHE A 15 15.27 -5.50 -2.16
CA PHE A 15 16.02 -5.06 -0.99
C PHE A 15 17.12 -6.07 -0.67
N SER A 16 17.73 -6.59 -1.74
CA SER A 16 18.69 -7.67 -1.63
C SER A 16 20.10 -7.16 -1.33
N HIS A 17 20.36 -5.89 -1.70
CA HIS A 17 21.66 -5.29 -1.44
C HIS A 17 21.71 -4.69 -0.03
N LEU A 18 20.79 -5.12 0.82
CA LEU A 18 20.71 -4.62 2.18
C LEU A 18 20.90 -5.76 3.18
N PRO A 19 21.94 -5.69 4.02
CA PRO A 19 22.13 -6.63 5.12
C PRO A 19 21.02 -6.48 6.17
N PRO A 20 20.74 -7.53 6.96
CA PRO A 20 19.61 -7.56 7.90
C PRO A 20 19.33 -6.23 8.61
N GLU A 21 20.34 -5.68 9.27
CA GLU A 21 20.16 -4.46 10.06
C GLU A 21 19.78 -3.26 9.18
N GLN A 22 20.41 -3.15 8.04
CA GLN A 22 20.14 -2.02 7.15
C GLN A 22 18.85 -2.26 6.38
N ARG A 23 18.53 -3.53 6.16
CA ARG A 23 17.33 -3.89 5.43
C ARG A 23 16.09 -3.50 6.23
N ARG A 24 16.03 -3.94 7.49
CA ARG A 24 14.90 -3.58 8.37
C ARG A 24 14.77 -2.07 8.50
N LYS A 25 15.91 -1.38 8.42
CA LYS A 25 15.92 0.07 8.49
C LYS A 25 15.13 0.69 7.33
N ARG A 26 15.38 0.20 6.13
CA ARG A 26 14.66 0.67 4.95
C ARG A 26 13.22 0.16 4.94
N LEU A 27 13.03 -1.06 5.43
CA LEU A 27 11.70 -1.66 5.51
C LEU A 27 10.78 -0.83 6.40
N GLN A 28 11.30 -0.36 7.53
CA GLN A 28 10.54 0.48 8.43
C GLN A 28 10.16 1.80 7.76
N GLN A 29 11.08 2.31 6.93
CA GLN A 29 10.84 3.54 6.18
C GLN A 29 9.74 3.31 5.14
N ARG A 30 9.76 2.14 4.51
CA ARG A 30 8.73 1.76 3.56
C ARG A 30 7.39 1.61 4.24
N ILE A 31 7.35 0.84 5.33
CA ILE A 31 6.12 0.62 6.09
C ILE A 31 5.53 1.95 6.57
N ASP A 32 6.38 2.83 7.05
CA ASP A 32 5.97 4.16 7.51
C ASP A 32 5.24 4.91 6.41
N GLU A 33 5.81 4.88 5.22
CA GLU A 33 5.23 5.54 4.06
C GLU A 33 3.93 4.83 3.63
N LEU A 34 4.01 3.53 3.48
CA LEU A 34 2.92 2.74 2.93
C LEU A 34 1.71 2.71 3.85
N SER A 35 1.92 2.61 5.16
CA SER A 35 0.83 2.50 6.11
C SER A 35 -0.06 3.74 6.07
N ARG A 36 0.55 4.91 6.05
CA ARG A 36 -0.20 6.15 6.01
C ARG A 36 -0.81 6.37 4.63
N GLU A 37 -0.06 6.00 3.59
CA GLU A 37 -0.55 6.11 2.23
C GLU A 37 -1.78 5.24 2.03
N LEU A 38 -1.73 4.03 2.60
CA LEU A 38 -2.86 3.13 2.54
C LEU A 38 -4.02 3.67 3.35
N GLN A 39 -3.73 4.24 4.51
CA GLN A 39 -4.75 4.84 5.35
C GLN A 39 -5.55 5.88 4.56
N LYS A 40 -4.84 6.68 3.78
CA LYS A 40 -5.46 7.68 2.93
C LYS A 40 -6.43 7.04 1.95
N GLU A 41 -5.98 5.99 1.27
CA GLU A 41 -6.78 5.35 0.23
C GLU A 41 -7.96 4.57 0.82
N MET A 42 -7.73 3.88 1.94
CA MET A 42 -8.81 3.12 2.58
C MET A 42 -9.88 4.05 3.11
N ASP A 43 -9.47 5.17 3.68
CA ASP A 43 -10.41 6.16 4.20
C ASP A 43 -11.10 6.87 3.04
N GLN A 44 -10.35 7.07 1.95
CA GLN A 44 -10.87 7.70 0.75
C GLN A 44 -11.99 6.87 0.14
N LYS A 45 -11.79 5.56 0.10
CA LYS A 45 -12.78 4.65 -0.47
C LYS A 45 -14.08 4.71 0.31
N ASP A 46 -13.99 4.83 1.63
CA ASP A 46 -15.18 4.91 2.47
C ASP A 46 -16.00 6.14 2.10
N ALA A 47 -15.30 7.24 1.86
CA ALA A 47 -15.93 8.48 1.43
C ALA A 47 -16.54 8.31 0.04
N LEU A 48 -15.77 7.71 -0.85
CA LEU A 48 -16.22 7.47 -2.22
C LEU A 48 -17.44 6.55 -2.24
N ASN A 49 -17.41 5.53 -1.40
CA ASN A 49 -18.51 4.57 -1.33
C ASN A 49 -19.76 5.21 -0.77
N LYS A 50 -19.60 6.05 0.25
CA LYS A 50 -20.73 6.77 0.82
C LYS A 50 -21.32 7.70 -0.23
N MET A 51 -20.45 8.40 -0.93
CA MET A 51 -20.87 9.31 -1.99
C MET A 51 -21.56 8.52 -3.10
N LYS A 52 -21.02 7.34 -3.41
CA LYS A 52 -21.63 6.44 -4.38
C LYS A 52 -23.05 6.10 -3.95
N ASP A 53 -23.21 5.77 -2.68
CA ASP A 53 -24.51 5.42 -2.12
C ASP A 53 -25.50 6.57 -2.30
N VAL A 54 -25.04 7.79 -2.07
CA VAL A 54 -25.88 8.96 -2.25
C VAL A 54 -26.29 9.10 -3.72
N TYR A 55 -25.34 8.89 -4.63
CA TYR A 55 -25.62 8.96 -6.06
C TYR A 55 -26.64 7.91 -6.49
N GLU A 56 -26.52 6.70 -5.95
CA GLU A 56 -27.40 5.60 -6.32
C GLU A 56 -28.82 5.83 -5.81
N LYS A 57 -28.93 6.18 -4.53
CA LYS A 57 -30.23 6.38 -3.91
C LYS A 57 -30.81 7.74 -4.29
N ASN A 58 -29.93 8.70 -4.53
CA ASN A 58 -30.33 10.05 -4.87
C ASN A 58 -29.52 10.56 -6.06
N PRO A 59 -29.96 10.27 -7.29
CA PRO A 59 -29.31 10.73 -8.53
C PRO A 59 -29.22 12.26 -8.63
N GLN A 60 -29.77 12.95 -7.64
CA GLN A 60 -29.72 14.41 -7.57
C GLN A 60 -28.30 14.94 -7.72
N MET A 61 -27.32 14.16 -7.25
CA MET A 61 -25.93 14.60 -7.28
C MET A 61 -25.24 14.25 -8.59
N GLY A 62 -25.91 13.44 -9.41
CA GLY A 62 -25.32 13.03 -10.67
C GLY A 62 -25.53 11.56 -10.94
N ASP A 63 -24.62 10.96 -11.68
CA ASP A 63 -24.73 9.55 -12.04
C ASP A 63 -23.65 8.73 -11.35
N PRO A 64 -24.05 7.69 -10.60
CA PRO A 64 -23.12 6.88 -9.78
C PRO A 64 -22.06 6.15 -10.59
N SER A 65 -22.30 5.99 -11.89
CA SER A 65 -21.36 5.29 -12.75
C SER A 65 -20.09 6.11 -12.93
N SER A 66 -20.22 7.43 -12.84
CA SER A 66 -19.08 8.32 -13.02
C SER A 66 -18.08 8.16 -11.87
N LEU A 67 -18.52 7.53 -10.78
CA LEU A 67 -17.68 7.35 -9.62
C LEU A 67 -16.95 6.01 -9.65
N HIS A 68 -17.29 5.17 -10.63
CA HIS A 68 -16.69 3.84 -10.74
C HIS A 68 -15.18 3.91 -10.99
N PRO A 69 -14.71 4.68 -11.99
CA PRO A 69 -13.26 4.82 -12.27
C PRO A 69 -12.50 5.35 -11.05
N LYS A 70 -13.18 6.11 -10.21
CA LYS A 70 -12.58 6.62 -8.99
C LYS A 70 -12.31 5.48 -8.02
N ILE A 71 -13.39 4.76 -7.67
CA ILE A 71 -13.31 3.67 -6.70
C ILE A 71 -12.40 2.55 -7.20
N ALA A 72 -12.41 2.32 -8.50
CA ALA A 72 -11.56 1.29 -9.13
C ALA A 72 -10.10 1.50 -8.76
N GLU A 73 -9.58 2.68 -9.06
CA GLU A 73 -8.19 3.00 -8.71
C GLU A 73 -7.98 3.01 -7.21
N THR A 74 -8.96 3.52 -6.48
CA THR A 74 -8.88 3.61 -5.04
C THR A 74 -8.66 2.22 -4.43
N THR A 75 -9.47 1.25 -4.83
CA THR A 75 -9.33 -0.12 -4.33
C THR A 75 -8.02 -0.74 -4.84
N SER A 76 -7.65 -0.42 -6.08
CA SER A 76 -6.40 -0.92 -6.66
C SER A 76 -5.20 -0.46 -5.84
N ASN A 77 -5.22 0.81 -5.44
CA ASN A 77 -4.16 1.36 -4.62
C ASN A 77 -4.17 0.71 -3.25
N ILE A 78 -5.38 0.52 -2.70
CA ILE A 78 -5.53 -0.15 -1.42
C ILE A 78 -4.87 -1.52 -1.42
N GLU A 79 -5.25 -2.34 -2.40
CA GLU A 79 -4.71 -3.69 -2.51
C GLU A 79 -3.20 -3.67 -2.70
N ARG A 80 -2.71 -2.74 -3.52
CA ARG A 80 -1.28 -2.60 -3.75
C ARG A 80 -0.57 -2.21 -2.45
N LEU A 81 -1.03 -1.16 -1.81
CA LEU A 81 -0.38 -0.62 -0.62
C LEU A 81 -0.44 -1.61 0.53
N ARG A 82 -1.55 -2.32 0.67
CA ARG A 82 -1.69 -3.30 1.74
C ARG A 82 -0.72 -4.46 1.54
N MET A 83 -0.60 -4.94 0.30
CA MET A 83 0.31 -6.04 0.02
C MET A 83 1.75 -5.56 0.17
N GLU A 84 1.99 -4.30 -0.20
CA GLU A 84 3.31 -3.69 -0.02
C GLU A 84 3.71 -3.70 1.44
N ILE A 85 2.79 -3.32 2.31
CA ILE A 85 3.03 -3.38 3.76
C ILE A 85 3.39 -4.80 4.17
N HIS A 86 2.57 -5.75 3.73
CA HIS A 86 2.76 -7.16 4.06
C HIS A 86 4.10 -7.68 3.57
N LYS A 87 4.48 -7.28 2.37
CA LYS A 87 5.76 -7.69 1.78
C LYS A 87 6.92 -7.24 2.67
N ASN A 88 6.89 -5.99 3.10
CA ASN A 88 7.93 -5.47 3.98
C ASN A 88 7.96 -6.23 5.29
N GLU A 89 6.78 -6.56 5.81
CA GLU A 89 6.68 -7.31 7.05
C GLU A 89 7.20 -8.74 6.86
N ALA A 90 7.00 -9.27 5.66
CA ALA A 90 7.48 -10.60 5.32
C ALA A 90 9.01 -10.62 5.24
N TRP A 91 9.58 -9.53 4.74
CA TRP A 91 11.03 -9.40 4.68
C TRP A 91 11.59 -9.17 6.08
N LEU A 92 10.77 -8.54 6.95
CA LEU A 92 11.12 -8.38 8.35
C LEU A 92 11.23 -9.75 9.01
N SER A 93 10.38 -10.67 8.61
CA SER A 93 10.43 -12.04 9.10
C SER A 93 11.77 -12.68 8.74
N GLU A 94 12.29 -12.32 7.58
CA GLU A 94 13.60 -12.79 7.14
C GLU A 94 14.69 -12.19 8.01
N VAL A 95 14.52 -10.93 8.37
CA VAL A 95 15.50 -10.22 9.19
C VAL A 95 15.49 -10.74 10.63
N GLU A 96 14.29 -10.83 11.20
CA GLU A 96 14.14 -11.28 12.58
C GLU A 96 14.56 -12.74 12.73
N GLY A 97 14.46 -13.49 11.65
CA GLY A 97 14.91 -14.88 11.66
C GLY A 97 16.41 -14.98 11.83
N LYS A 98 17.12 -13.90 11.45
CA LYS A 98 18.57 -13.85 11.60
C LYS A 98 18.93 -13.44 13.02
N VAL A 99 17.98 -12.84 13.70
CA VAL A 99 18.16 -12.41 15.07
C VAL A 99 17.88 -13.56 16.01
N SER A 100 18.96 -14.19 16.48
CA SER A 100 18.85 -15.30 17.40
C SER A 100 19.90 -15.15 18.50
N GLN A 101 19.70 -14.14 19.34
CA GLN A 101 20.70 -13.79 20.35
C GLN A 101 20.33 -14.36 21.71
N ARG A 102 19.42 -15.33 21.72
CA ARG A 102 19.00 -15.98 22.96
C ARG A 102 18.82 -17.48 22.74
N SER A 103 19.07 -18.26 23.79
CA SER A 103 18.93 -19.71 23.73
C SER A 103 17.45 -20.07 23.73
N GLU A 104 17.01 -20.73 22.66
CA GLU A 104 15.63 -21.13 22.54
C GLU A 104 15.48 -22.62 22.76
N GLY A 1 -5.77 -1.79 -15.85
CA GLY A 1 -6.19 -0.79 -14.83
C GLY A 1 -6.19 0.61 -15.41
N PRO A 2 -6.09 1.65 -14.56
CA PRO A 2 -6.04 3.04 -15.01
C PRO A 2 -4.77 3.33 -15.79
N LEU A 3 -4.93 3.94 -16.97
CA LEU A 3 -3.82 4.21 -17.89
C LEU A 3 -3.19 2.89 -18.33
N GLY A 4 -4.04 1.90 -18.57
CA GLY A 4 -3.57 0.59 -18.96
C GLY A 4 -2.85 -0.11 -17.83
N SER A 5 -1.53 0.02 -17.82
CA SER A 5 -0.71 -0.53 -16.75
C SER A 5 0.42 0.44 -16.43
N HIS A 6 0.24 1.70 -16.81
CA HIS A 6 1.24 2.73 -16.55
C HIS A 6 1.15 3.22 -15.11
N MET A 7 1.46 2.32 -14.19
CA MET A 7 1.46 2.64 -12.78
C MET A 7 2.86 3.00 -12.31
N LYS A 8 3.13 4.28 -12.18
CA LYS A 8 4.40 4.74 -11.65
C LYS A 8 4.45 4.46 -10.14
N GLY A 9 5.42 3.67 -9.74
CA GLY A 9 5.58 3.37 -8.33
C GLY A 9 6.67 2.35 -8.08
N PRO A 10 7.95 2.77 -8.16
CA PRO A 10 9.08 1.89 -7.90
C PRO A 10 9.18 1.51 -6.43
N ALA A 11 8.94 0.24 -6.14
CA ALA A 11 9.01 -0.25 -4.77
C ALA A 11 10.45 -0.56 -4.38
N LEU A 12 10.67 -0.72 -3.09
CA LEU A 12 11.98 -1.10 -2.57
C LEU A 12 12.04 -2.61 -2.43
N GLU A 13 13.12 -3.21 -2.91
CA GLU A 13 13.28 -4.65 -2.84
C GLU A 13 14.72 -5.01 -2.53
N ASP A 14 15.35 -4.23 -1.68
CA ASP A 14 16.77 -4.41 -1.38
C ASP A 14 17.03 -4.36 0.12
N PHE A 15 17.45 -3.18 0.60
CA PHE A 15 17.81 -2.98 2.01
C PHE A 15 19.00 -3.86 2.43
N SER A 16 19.67 -4.45 1.45
CA SER A 16 20.78 -5.36 1.73
C SER A 16 22.08 -4.58 1.95
N HIS A 17 22.12 -3.34 1.44
CA HIS A 17 23.30 -2.50 1.58
C HIS A 17 23.44 -1.99 3.02
N LEU A 18 22.40 -2.18 3.80
CA LEU A 18 22.43 -1.81 5.21
C LEU A 18 22.23 -3.07 6.07
N PRO A 19 22.95 -3.14 7.19
CA PRO A 19 23.02 -4.35 8.03
C PRO A 19 21.70 -4.68 8.72
N PRO A 20 21.48 -5.97 9.06
CA PRO A 20 20.23 -6.45 9.66
C PRO A 20 19.67 -5.52 10.75
N GLU A 21 20.55 -5.07 11.65
CA GLU A 21 20.15 -4.17 12.73
C GLU A 21 19.45 -2.93 12.19
N GLN A 22 20.04 -2.33 11.17
CA GLN A 22 19.48 -1.13 10.57
C GLN A 22 18.34 -1.50 9.62
N ARG A 23 18.39 -2.73 9.12
CA ARG A 23 17.38 -3.22 8.18
C ARG A 23 16.01 -3.20 8.84
N ARG A 24 15.91 -3.80 10.03
CA ARG A 24 14.66 -3.80 10.77
C ARG A 24 14.25 -2.38 11.14
N LYS A 25 15.25 -1.53 11.37
CA LYS A 25 15.02 -0.14 11.72
C LYS A 25 14.32 0.60 10.57
N ARG A 26 14.72 0.29 9.35
CA ARG A 26 14.12 0.92 8.18
C ARG A 26 12.80 0.25 7.84
N LEU A 27 12.79 -1.08 7.91
CA LEU A 27 11.62 -1.88 7.56
C LEU A 27 10.42 -1.56 8.43
N GLN A 28 10.63 -1.50 9.75
CA GLN A 28 9.53 -1.20 10.67
C GLN A 28 8.93 0.16 10.38
N GLN A 29 9.78 1.12 10.08
CA GLN A 29 9.34 2.47 9.73
C GLN A 29 8.56 2.45 8.42
N ARG A 30 9.01 1.64 7.47
CA ARG A 30 8.31 1.48 6.20
C ARG A 30 6.96 0.80 6.41
N ILE A 31 6.95 -0.30 7.16
CA ILE A 31 5.72 -1.01 7.48
C ILE A 31 4.72 -0.08 8.16
N ASP A 32 5.20 0.67 9.15
CA ASP A 32 4.37 1.64 9.86
C ASP A 32 3.82 2.70 8.90
N GLU A 33 4.70 3.19 8.03
CA GLU A 33 4.34 4.20 7.05
C GLU A 33 3.31 3.67 6.06
N LEU A 34 3.62 2.51 5.49
CA LEU A 34 2.78 1.91 4.46
C LEU A 34 1.43 1.47 5.01
N SER A 35 1.41 0.93 6.22
CA SER A 35 0.16 0.50 6.82
C SER A 35 -0.74 1.70 7.10
N ARG A 36 -0.13 2.80 7.52
CA ARG A 36 -0.86 4.05 7.77
C ARG A 36 -1.37 4.63 6.46
N GLU A 37 -0.50 4.63 5.46
CA GLU A 37 -0.84 5.14 4.14
C GLU A 37 -1.93 4.28 3.50
N LEU A 38 -1.89 2.99 3.77
CA LEU A 38 -2.88 2.05 3.25
C LEU A 38 -4.21 2.23 3.97
N GLN A 39 -4.15 2.38 5.29
CA GLN A 39 -5.36 2.53 6.11
C GLN A 39 -6.25 3.65 5.58
N LYS A 40 -5.64 4.79 5.27
CA LYS A 40 -6.38 5.95 4.77
C LYS A 40 -6.92 5.69 3.37
N GLU A 41 -6.18 4.94 2.56
CA GLU A 41 -6.59 4.69 1.17
C GLU A 41 -7.70 3.64 1.11
N MET A 42 -7.62 2.61 1.95
CA MET A 42 -8.68 1.61 2.00
C MET A 42 -9.99 2.25 2.45
N ASP A 43 -9.90 3.12 3.44
CA ASP A 43 -11.07 3.85 3.92
C ASP A 43 -11.56 4.82 2.84
N GLN A 44 -10.62 5.39 2.10
CA GLN A 44 -10.95 6.29 1.00
C GLN A 44 -11.78 5.57 -0.06
N LYS A 45 -11.42 4.33 -0.35
CA LYS A 45 -12.17 3.53 -1.30
C LYS A 45 -13.58 3.28 -0.77
N ASP A 46 -13.68 2.97 0.51
CA ASP A 46 -14.98 2.76 1.16
C ASP A 46 -15.85 4.00 1.00
N ALA A 47 -15.25 5.16 1.21
CA ALA A 47 -15.92 6.43 1.03
C ALA A 47 -16.33 6.64 -0.42
N LEU A 48 -15.46 6.27 -1.33
CA LEU A 48 -15.72 6.42 -2.76
C LEU A 48 -16.80 5.44 -3.22
N ASN A 49 -16.79 4.25 -2.64
CA ASN A 49 -17.82 3.24 -2.94
C ASN A 49 -19.18 3.76 -2.55
N LYS A 50 -19.28 4.30 -1.33
CA LYS A 50 -20.53 4.88 -0.85
C LYS A 50 -20.94 6.06 -1.70
N MET A 51 -19.97 6.91 -2.02
CA MET A 51 -20.23 8.08 -2.85
C MET A 51 -20.73 7.66 -4.23
N LYS A 52 -20.11 6.63 -4.79
CA LYS A 52 -20.53 6.10 -6.08
C LYS A 52 -21.97 5.60 -5.99
N ASP A 53 -22.28 4.92 -4.90
CA ASP A 53 -23.62 4.39 -4.69
C ASP A 53 -24.65 5.51 -4.67
N VAL A 54 -24.28 6.63 -4.04
CA VAL A 54 -25.16 7.80 -4.04
C VAL A 54 -25.26 8.39 -5.45
N TYR A 55 -24.15 8.40 -6.17
CA TYR A 55 -24.15 8.90 -7.55
C TYR A 55 -25.09 8.08 -8.45
N GLU A 56 -25.27 6.80 -8.11
CA GLU A 56 -26.13 5.92 -8.86
C GLU A 56 -27.57 6.00 -8.39
N LYS A 57 -27.76 5.94 -7.07
CA LYS A 57 -29.10 6.03 -6.49
C LYS A 57 -29.68 7.42 -6.70
N ASN A 58 -28.85 8.42 -6.49
CA ASN A 58 -29.25 9.81 -6.59
C ASN A 58 -28.32 10.57 -7.53
N PRO A 59 -28.61 10.53 -8.84
CA PRO A 59 -27.83 11.23 -9.88
C PRO A 59 -27.68 12.73 -9.63
N GLN A 60 -28.31 13.23 -8.57
CA GLN A 60 -28.21 14.63 -8.18
C GLN A 60 -26.76 14.99 -7.83
N MET A 61 -25.97 13.98 -7.53
CA MET A 61 -24.56 14.17 -7.19
C MET A 61 -23.73 14.41 -8.43
N GLY A 62 -24.26 13.98 -9.57
CA GLY A 62 -23.54 14.11 -10.82
C GLY A 62 -23.45 12.81 -11.58
N ASP A 63 -22.28 12.53 -12.14
CA ASP A 63 -22.07 11.33 -12.93
C ASP A 63 -21.10 10.38 -12.22
N PRO A 64 -21.52 9.12 -12.00
CA PRO A 64 -20.70 8.12 -11.33
C PRO A 64 -19.54 7.62 -12.19
N SER A 65 -19.65 7.82 -13.49
CA SER A 65 -18.66 7.33 -14.43
C SER A 65 -17.33 8.07 -14.25
N SER A 66 -17.43 9.39 -14.09
CA SER A 66 -16.25 10.23 -13.93
C SER A 66 -15.54 9.96 -12.60
N LEU A 67 -16.23 9.30 -11.67
CA LEU A 67 -15.67 9.03 -10.37
C LEU A 67 -15.10 7.61 -10.33
N HIS A 68 -15.38 6.83 -11.37
CA HIS A 68 -14.84 5.48 -11.48
C HIS A 68 -13.30 5.48 -11.49
N PRO A 69 -12.64 6.33 -12.32
CA PRO A 69 -11.18 6.46 -12.31
C PRO A 69 -10.62 6.78 -10.93
N LYS A 70 -11.40 7.50 -10.12
CA LYS A 70 -11.02 7.77 -8.73
C LYS A 70 -10.86 6.47 -7.98
N ILE A 71 -11.94 5.68 -7.95
CA ILE A 71 -11.93 4.39 -7.27
C ILE A 71 -10.87 3.47 -7.86
N ALA A 72 -10.70 3.56 -9.18
CA ALA A 72 -9.69 2.76 -9.89
C ALA A 72 -8.30 2.99 -9.32
N GLU A 73 -7.86 4.25 -9.28
CA GLU A 73 -6.53 4.56 -8.76
C GLU A 73 -6.46 4.32 -7.26
N THR A 74 -7.57 4.55 -6.57
CA THR A 74 -7.65 4.32 -5.13
C THR A 74 -7.39 2.85 -4.83
N THR A 75 -8.04 1.98 -5.60
CA THR A 75 -7.83 0.54 -5.46
C THR A 75 -6.39 0.17 -5.83
N SER A 76 -5.85 0.86 -6.82
CA SER A 76 -4.48 0.63 -7.26
C SER A 76 -3.50 1.00 -6.15
N ASN A 77 -3.76 2.12 -5.47
CA ASN A 77 -2.93 2.54 -4.34
C ASN A 77 -2.99 1.49 -3.25
N ILE A 78 -4.19 1.03 -2.96
CA ILE A 78 -4.42 0.00 -1.95
C ILE A 78 -3.53 -1.22 -2.19
N GLU A 79 -3.64 -1.81 -3.37
CA GLU A 79 -2.89 -3.00 -3.71
C GLU A 79 -1.37 -2.74 -3.64
N ARG A 80 -0.96 -1.59 -4.13
CA ARG A 80 0.46 -1.22 -4.15
C ARG A 80 0.99 -1.12 -2.72
N LEU A 81 0.30 -0.37 -1.89
CA LEU A 81 0.71 -0.17 -0.51
C LEU A 81 0.70 -1.49 0.25
N ARG A 82 -0.32 -2.31 0.00
CA ARG A 82 -0.45 -3.60 0.67
C ARG A 82 0.76 -4.49 0.36
N MET A 83 1.16 -4.55 -0.91
CA MET A 83 2.27 -5.41 -1.30
C MET A 83 3.59 -4.87 -0.78
N GLU A 84 3.72 -3.55 -0.71
CA GLU A 84 4.92 -2.93 -0.16
C GLU A 84 5.10 -3.32 1.31
N ILE A 85 3.98 -3.41 2.03
CA ILE A 85 4.00 -3.88 3.41
C ILE A 85 4.50 -5.32 3.47
N HIS A 86 3.92 -6.17 2.62
CA HIS A 86 4.25 -7.59 2.58
C HIS A 86 5.73 -7.80 2.26
N LYS A 87 6.26 -6.98 1.36
CA LYS A 87 7.67 -7.07 0.99
C LYS A 87 8.55 -6.83 2.21
N ASN A 88 8.25 -5.77 2.95
CA ASN A 88 9.02 -5.42 4.14
C ASN A 88 8.92 -6.51 5.20
N GLU A 89 7.70 -6.99 5.45
CA GLU A 89 7.48 -8.06 6.43
C GLU A 89 8.29 -9.30 6.08
N ALA A 90 8.42 -9.56 4.78
CA ALA A 90 9.13 -10.73 4.29
C ALA A 90 10.59 -10.72 4.73
N TRP A 91 11.20 -9.54 4.71
CA TRP A 91 12.59 -9.42 5.13
C TRP A 91 12.67 -9.25 6.64
N LEU A 92 11.69 -8.55 7.20
CA LEU A 92 11.66 -8.26 8.63
C LEU A 92 11.65 -9.54 9.44
N SER A 93 10.81 -10.49 9.02
CA SER A 93 10.70 -11.78 9.70
C SER A 93 12.02 -12.54 9.63
N GLU A 94 12.80 -12.29 8.59
CA GLU A 94 14.10 -12.92 8.43
C GLU A 94 15.15 -12.22 9.30
N VAL A 95 15.04 -10.90 9.39
CA VAL A 95 15.95 -10.11 10.22
C VAL A 95 15.87 -10.55 11.68
N GLU A 96 14.69 -10.99 12.09
CA GLU A 96 14.46 -11.46 13.45
C GLU A 96 15.35 -12.66 13.79
N GLY A 97 15.82 -13.34 12.76
CA GLY A 97 16.69 -14.48 12.97
C GLY A 97 18.16 -14.12 12.78
N LYS A 98 18.40 -12.93 12.27
CA LYS A 98 19.76 -12.47 12.02
C LYS A 98 20.31 -11.73 13.24
N VAL A 99 19.44 -10.96 13.87
CA VAL A 99 19.82 -10.20 15.06
C VAL A 99 18.90 -10.54 16.22
N SER A 100 19.29 -10.10 17.42
CA SER A 100 18.56 -10.41 18.66
C SER A 100 18.74 -11.88 19.04
N GLN A 101 18.31 -12.77 18.18
CA GLN A 101 18.39 -14.20 18.43
C GLN A 101 19.47 -14.83 17.55
N ARG A 102 20.50 -15.36 18.17
CA ARG A 102 21.58 -15.99 17.44
C ARG A 102 21.18 -17.38 16.97
N SER A 103 20.68 -17.45 15.75
CA SER A 103 20.19 -18.69 15.19
C SER A 103 21.34 -19.46 14.53
N GLU A 104 22.17 -20.08 15.35
CA GLU A 104 23.31 -20.84 14.85
C GLU A 104 22.94 -22.32 14.74
N GLY A 1 18.47 0.85 -21.51
CA GLY A 1 19.13 2.16 -21.26
C GLY A 1 20.57 2.16 -21.72
N PRO A 2 21.27 3.30 -21.63
CA PRO A 2 22.67 3.40 -22.03
C PRO A 2 23.59 2.61 -21.10
N LEU A 3 23.16 2.45 -19.85
CA LEU A 3 23.91 1.68 -18.87
C LEU A 3 22.96 1.00 -17.90
N GLY A 4 23.35 -0.16 -17.40
CA GLY A 4 22.52 -0.87 -16.44
C GLY A 4 22.81 -0.46 -15.02
N SER A 5 21.96 0.40 -14.47
CA SER A 5 22.16 0.90 -13.12
C SER A 5 21.44 0.01 -12.11
N HIS A 6 20.61 -0.89 -12.64
CA HIS A 6 19.80 -1.81 -11.83
C HIS A 6 18.71 -1.03 -11.09
N MET A 7 18.58 0.24 -11.40
CA MET A 7 17.59 1.10 -10.78
C MET A 7 16.33 1.15 -11.62
N LYS A 8 16.48 1.45 -12.90
CA LYS A 8 15.34 1.55 -13.81
C LYS A 8 14.89 0.16 -14.26
N GLY A 9 14.10 -0.49 -13.42
CA GLY A 9 13.61 -1.81 -13.75
C GLY A 9 13.00 -2.51 -12.57
N PRO A 10 13.82 -2.98 -11.61
CA PRO A 10 13.34 -3.69 -10.43
C PRO A 10 12.64 -2.75 -9.44
N ALA A 11 13.43 -1.89 -8.79
CA ALA A 11 12.92 -0.98 -7.76
C ALA A 11 12.32 -1.75 -6.58
N LEU A 12 13.00 -2.83 -6.19
CA LEU A 12 12.56 -3.61 -5.03
C LEU A 12 13.23 -3.09 -3.76
N GLU A 13 12.43 -2.80 -2.75
CA GLU A 13 12.94 -2.37 -1.47
C GLU A 13 13.23 -3.59 -0.58
N ASP A 14 13.61 -4.68 -1.24
CA ASP A 14 14.01 -5.92 -0.58
C ASP A 14 15.12 -5.69 0.44
N PHE A 15 16.08 -4.84 0.06
CA PHE A 15 17.10 -4.32 0.97
C PHE A 15 18.00 -5.39 1.58
N SER A 16 18.14 -6.55 0.92
CA SER A 16 19.00 -7.62 1.42
C SER A 16 20.46 -7.17 1.51
N HIS A 17 20.78 -6.05 0.86
CA HIS A 17 22.13 -5.52 0.89
C HIS A 17 22.45 -4.87 2.24
N LEU A 18 21.45 -4.81 3.12
CA LEU A 18 21.64 -4.28 4.45
C LEU A 18 21.54 -5.41 5.49
N PRO A 19 22.32 -5.31 6.58
CA PRO A 19 22.28 -6.27 7.68
C PRO A 19 20.90 -6.33 8.33
N PRO A 20 20.52 -7.48 8.90
CA PRO A 20 19.18 -7.74 9.44
C PRO A 20 18.56 -6.54 10.18
N GLU A 21 19.26 -6.04 11.19
CA GLU A 21 18.71 -4.99 12.04
C GLU A 21 18.46 -3.71 11.25
N GLN A 22 19.38 -3.38 10.34
CA GLN A 22 19.27 -2.15 9.57
C GLN A 22 18.30 -2.33 8.40
N ARG A 23 18.31 -3.54 7.83
CA ARG A 23 17.46 -3.86 6.69
C ARG A 23 15.99 -3.66 7.01
N ARG A 24 15.52 -4.31 8.07
CA ARG A 24 14.12 -4.21 8.47
C ARG A 24 13.74 -2.76 8.74
N LYS A 25 14.66 -2.02 9.33
CA LYS A 25 14.42 -0.65 9.73
C LYS A 25 14.14 0.25 8.53
N ARG A 26 14.90 0.07 7.46
CA ARG A 26 14.79 0.93 6.30
C ARG A 26 13.73 0.45 5.33
N LEU A 27 13.48 -0.85 5.29
CA LEU A 27 12.52 -1.39 4.33
C LEU A 27 11.09 -1.26 4.85
N GLN A 28 10.89 -1.43 6.16
CA GLN A 28 9.55 -1.35 6.73
C GLN A 28 9.02 0.08 6.69
N GLN A 29 9.93 1.03 6.47
CA GLN A 29 9.54 2.42 6.27
C GLN A 29 8.57 2.54 5.10
N ARG A 30 8.71 1.65 4.12
CA ARG A 30 7.80 1.60 2.99
C ARG A 30 6.43 1.17 3.45
N ILE A 31 6.39 0.26 4.41
CA ILE A 31 5.14 -0.18 5.02
C ILE A 31 4.44 0.98 5.68
N ASP A 32 5.19 1.82 6.39
CA ASP A 32 4.64 3.01 7.03
C ASP A 32 4.11 3.97 5.97
N GLU A 33 4.91 4.17 4.93
CA GLU A 33 4.52 5.00 3.79
C GLU A 33 3.22 4.51 3.17
N LEU A 34 3.15 3.21 2.93
CA LEU A 34 1.99 2.61 2.30
C LEU A 34 0.79 2.58 3.25
N SER A 35 1.05 2.35 4.53
CA SER A 35 -0.02 2.33 5.54
C SER A 35 -0.63 3.72 5.68
N ARG A 36 0.22 4.73 5.69
CA ARG A 36 -0.22 6.12 5.76
C ARG A 36 -1.02 6.49 4.52
N GLU A 37 -0.62 5.92 3.39
CA GLU A 37 -1.32 6.16 2.14
C GLU A 37 -2.65 5.42 2.13
N LEU A 38 -2.59 4.14 2.49
CA LEU A 38 -3.77 3.28 2.50
C LEU A 38 -4.85 3.82 3.43
N GLN A 39 -4.42 4.41 4.54
CA GLN A 39 -5.33 5.00 5.51
C GLN A 39 -6.30 5.96 4.84
N LYS A 40 -5.76 6.82 3.97
CA LYS A 40 -6.57 7.83 3.32
C LYS A 40 -7.47 7.21 2.25
N GLU A 41 -6.97 6.19 1.57
CA GLU A 41 -7.73 5.56 0.49
C GLU A 41 -8.86 4.72 1.04
N MET A 42 -8.62 4.01 2.14
CA MET A 42 -9.65 3.21 2.78
C MET A 42 -10.75 4.13 3.32
N ASP A 43 -10.33 5.23 3.92
CA ASP A 43 -11.25 6.25 4.40
C ASP A 43 -12.04 6.83 3.23
N GLN A 44 -11.34 7.09 2.14
CA GLN A 44 -11.96 7.65 0.94
C GLN A 44 -12.99 6.69 0.36
N LYS A 45 -12.65 5.41 0.25
CA LYS A 45 -13.56 4.44 -0.34
C LYS A 45 -14.84 4.32 0.50
N ASP A 46 -14.68 4.31 1.82
CA ASP A 46 -15.84 4.23 2.71
C ASP A 46 -16.71 5.45 2.52
N ALA A 47 -16.08 6.61 2.33
CA ALA A 47 -16.80 7.85 2.08
C ALA A 47 -17.47 7.81 0.71
N LEU A 48 -16.76 7.28 -0.27
CA LEU A 48 -17.27 7.18 -1.64
C LEU A 48 -18.46 6.21 -1.69
N ASN A 49 -18.33 5.07 -1.03
CA ASN A 49 -19.40 4.09 -0.98
C ASN A 49 -20.60 4.64 -0.23
N LYS A 50 -20.33 5.31 0.88
CA LYS A 50 -21.38 5.96 1.65
C LYS A 50 -22.04 7.06 0.82
N MET A 51 -21.22 7.78 0.07
CA MET A 51 -21.71 8.82 -0.83
C MET A 51 -22.64 8.21 -1.87
N LYS A 52 -22.24 7.06 -2.41
CA LYS A 52 -23.04 6.34 -3.38
C LYS A 52 -24.39 5.96 -2.77
N ASP A 53 -24.35 5.46 -1.55
CA ASP A 53 -25.55 5.08 -0.82
C ASP A 53 -26.45 6.29 -0.57
N VAL A 54 -25.83 7.45 -0.33
CA VAL A 54 -26.56 8.69 -0.17
C VAL A 54 -27.27 9.06 -1.47
N TYR A 55 -26.59 8.86 -2.59
CA TYR A 55 -27.17 9.16 -3.90
C TYR A 55 -28.24 8.14 -4.27
N GLU A 56 -28.15 6.95 -3.69
CA GLU A 56 -29.17 5.91 -3.87
C GLU A 56 -30.46 6.29 -3.15
N LYS A 57 -30.31 6.68 -1.90
CA LYS A 57 -31.46 7.04 -1.07
C LYS A 57 -31.93 8.46 -1.37
N ASN A 58 -30.99 9.31 -1.77
CA ASN A 58 -31.30 10.69 -2.09
C ASN A 58 -30.64 11.09 -3.42
N PRO A 59 -31.31 10.81 -4.55
CA PRO A 59 -30.83 11.20 -5.88
C PRO A 59 -30.78 12.72 -6.06
N GLN A 60 -31.22 13.42 -5.03
CA GLN A 60 -31.22 14.88 -5.00
C GLN A 60 -29.81 15.44 -5.20
N MET A 61 -28.81 14.65 -4.80
CA MET A 61 -27.42 15.09 -4.91
C MET A 61 -26.79 14.63 -6.22
N GLY A 62 -27.54 13.88 -7.01
CA GLY A 62 -27.03 13.41 -8.29
C GLY A 62 -27.25 11.92 -8.47
N ASP A 63 -26.50 11.32 -9.39
CA ASP A 63 -26.62 9.89 -9.67
C ASP A 63 -25.39 9.14 -9.17
N PRO A 64 -25.62 7.99 -8.50
CA PRO A 64 -24.54 7.16 -7.94
C PRO A 64 -23.58 6.64 -9.00
N SER A 65 -24.04 6.59 -10.25
CA SER A 65 -23.22 6.11 -11.35
C SER A 65 -22.02 7.02 -11.58
N SER A 66 -22.24 8.32 -11.37
CA SER A 66 -21.19 9.32 -11.55
C SER A 66 -20.10 9.13 -10.49
N LEU A 67 -20.41 8.42 -9.42
CA LEU A 67 -19.47 8.22 -8.33
C LEU A 67 -18.63 6.96 -8.54
N HIS A 68 -19.03 6.15 -9.52
CA HIS A 68 -18.35 4.87 -9.79
C HIS A 68 -16.86 5.06 -10.11
N PRO A 69 -16.50 5.94 -11.06
CA PRO A 69 -15.08 6.15 -11.42
C PRO A 69 -14.23 6.54 -10.22
N LYS A 70 -14.80 7.30 -9.29
CA LYS A 70 -14.10 7.71 -8.09
C LYS A 70 -13.84 6.51 -7.18
N ILE A 71 -14.85 5.66 -7.02
CA ILE A 71 -14.71 4.45 -6.25
C ILE A 71 -13.68 3.53 -6.89
N ALA A 72 -13.74 3.44 -8.20
CA ALA A 72 -12.84 2.59 -8.98
C ALA A 72 -11.37 2.91 -8.70
N GLU A 73 -10.97 4.15 -8.95
CA GLU A 73 -9.58 4.55 -8.76
C GLU A 73 -9.17 4.41 -7.30
N THR A 74 -10.06 4.77 -6.40
CA THR A 74 -9.81 4.67 -4.97
C THR A 74 -9.59 3.21 -4.57
N THR A 75 -10.32 2.31 -5.23
CA THR A 75 -10.14 0.88 -5.01
C THR A 75 -8.78 0.43 -5.53
N SER A 76 -8.44 0.90 -6.74
CA SER A 76 -7.18 0.54 -7.37
C SER A 76 -5.99 0.96 -6.51
N ASN A 77 -6.10 2.14 -5.92
CA ASN A 77 -5.06 2.63 -5.01
C ASN A 77 -4.92 1.69 -3.82
N ILE A 78 -6.05 1.32 -3.24
CA ILE A 78 -6.09 0.40 -2.11
C ILE A 78 -5.40 -0.92 -2.44
N GLU A 79 -5.83 -1.53 -3.54
CA GLU A 79 -5.27 -2.81 -3.98
C GLU A 79 -3.77 -2.69 -4.20
N ARG A 80 -3.36 -1.59 -4.84
CA ARG A 80 -1.96 -1.34 -5.15
C ARG A 80 -1.13 -1.23 -3.88
N LEU A 81 -1.65 -0.51 -2.90
CA LEU A 81 -0.94 -0.31 -1.64
C LEU A 81 -0.82 -1.60 -0.86
N ARG A 82 -1.92 -2.34 -0.76
CA ARG A 82 -1.95 -3.58 0.01
C ARG A 82 -0.96 -4.60 -0.51
N MET A 83 -0.91 -4.76 -1.83
CA MET A 83 0.00 -5.71 -2.45
C MET A 83 1.46 -5.31 -2.20
N GLU A 84 1.72 -4.01 -2.15
CA GLU A 84 3.05 -3.50 -1.91
C GLU A 84 3.44 -3.68 -0.44
N ILE A 85 2.46 -3.55 0.45
CA ILE A 85 2.69 -3.82 1.87
C ILE A 85 3.07 -5.28 2.04
N HIS A 86 2.35 -6.16 1.34
CA HIS A 86 2.62 -7.59 1.38
C HIS A 86 4.06 -7.89 0.97
N LYS A 87 4.54 -7.19 -0.06
CA LYS A 87 5.91 -7.36 -0.53
C LYS A 87 6.89 -7.06 0.59
N ASN A 88 6.68 -5.94 1.25
CA ASN A 88 7.57 -5.50 2.34
C ASN A 88 7.44 -6.43 3.54
N GLU A 89 6.21 -6.82 3.87
CA GLU A 89 5.97 -7.76 4.96
C GLU A 89 6.69 -9.08 4.71
N ALA A 90 6.73 -9.49 3.45
CA ALA A 90 7.43 -10.71 3.07
C ALA A 90 8.92 -10.58 3.35
N TRP A 91 9.49 -9.43 2.97
CA TRP A 91 10.91 -9.18 3.20
C TRP A 91 11.20 -9.11 4.70
N LEU A 92 10.30 -8.48 5.46
CA LEU A 92 10.43 -8.45 6.92
C LEU A 92 10.40 -9.86 7.50
N SER A 93 9.58 -10.72 6.90
CA SER A 93 9.47 -12.11 7.33
C SER A 93 10.79 -12.85 7.13
N GLU A 94 11.57 -12.37 6.16
CA GLU A 94 12.88 -12.94 5.90
C GLU A 94 13.89 -12.42 6.90
N VAL A 95 13.69 -11.18 7.34
CA VAL A 95 14.61 -10.52 8.26
C VAL A 95 14.43 -11.02 9.69
N GLU A 96 13.18 -11.20 10.10
CA GLU A 96 12.87 -11.62 11.46
C GLU A 96 13.42 -13.02 11.73
N GLY A 97 13.71 -13.75 10.66
CA GLY A 97 14.32 -15.06 10.80
C GLY A 97 15.81 -14.97 11.01
N LYS A 98 16.39 -13.83 10.64
CA LYS A 98 17.83 -13.61 10.81
C LYS A 98 18.14 -13.20 12.24
N VAL A 99 17.17 -12.53 12.85
CA VAL A 99 17.30 -12.07 14.22
C VAL A 99 16.81 -13.15 15.17
N SER A 100 17.69 -14.07 15.51
CA SER A 100 17.33 -15.19 16.37
C SER A 100 17.81 -14.94 17.80
N GLN A 101 17.27 -15.71 18.74
CA GLN A 101 17.59 -15.59 20.15
C GLN A 101 17.19 -14.21 20.68
N ARG A 102 15.92 -14.08 21.03
CA ARG A 102 15.36 -12.83 21.55
C ARG A 102 15.28 -11.78 20.44
N SER A 103 14.19 -11.81 19.70
CA SER A 103 13.94 -10.83 18.65
C SER A 103 13.00 -9.75 19.16
N GLU A 104 12.98 -9.57 20.47
CA GLU A 104 12.10 -8.62 21.12
C GLU A 104 12.91 -7.51 21.77
N GLY A 1 2.15 21.74 -14.69
CA GLY A 1 1.06 20.84 -14.26
C GLY A 1 1.24 20.40 -12.82
N PRO A 2 0.18 19.86 -12.20
CA PRO A 2 0.23 19.39 -10.82
C PRO A 2 1.27 18.29 -10.62
N LEU A 3 2.23 18.56 -9.74
CA LEU A 3 3.30 17.60 -9.46
C LEU A 3 2.74 16.37 -8.77
N GLY A 4 2.97 15.22 -9.37
CA GLY A 4 2.45 13.98 -8.84
C GLY A 4 1.56 13.28 -9.84
N SER A 5 0.26 13.27 -9.55
CA SER A 5 -0.75 12.60 -10.39
C SER A 5 -0.33 11.17 -10.74
N HIS A 6 0.27 10.49 -9.77
CA HIS A 6 0.71 9.11 -9.96
C HIS A 6 0.58 8.35 -8.66
N MET A 7 -0.12 7.22 -8.70
CA MET A 7 -0.29 6.37 -7.53
C MET A 7 0.89 5.44 -7.38
N LYS A 8 1.78 5.45 -8.39
CA LYS A 8 3.01 4.66 -8.39
C LYS A 8 2.70 3.16 -8.42
N GLY A 9 3.72 2.36 -8.18
CA GLY A 9 3.54 0.93 -8.13
C GLY A 9 4.86 0.19 -8.23
N PRO A 10 5.73 0.30 -7.22
CA PRO A 10 7.03 -0.36 -7.22
C PRO A 10 6.91 -1.84 -6.87
N ALA A 11 7.44 -2.69 -7.74
CA ALA A 11 7.39 -4.13 -7.52
C ALA A 11 8.38 -4.53 -6.43
N LEU A 12 7.89 -4.63 -5.21
CA LEU A 12 8.73 -4.95 -4.08
C LEU A 12 8.86 -6.46 -3.94
N GLU A 13 10.04 -6.98 -4.25
CA GLU A 13 10.31 -8.41 -4.13
C GLU A 13 11.80 -8.70 -4.08
N ASP A 14 12.58 -7.72 -3.63
CA ASP A 14 14.02 -7.90 -3.52
C ASP A 14 14.53 -7.34 -2.20
N PHE A 15 15.09 -6.14 -2.23
CA PHE A 15 15.80 -5.55 -1.08
C PHE A 15 16.89 -6.49 -0.56
N SER A 16 17.23 -7.48 -1.36
CA SER A 16 18.14 -8.53 -0.95
C SER A 16 19.57 -8.10 -1.21
N HIS A 17 19.73 -7.17 -2.14
CA HIS A 17 21.04 -6.64 -2.47
C HIS A 17 21.52 -5.66 -1.39
N LEU A 18 20.62 -5.35 -0.47
CA LEU A 18 20.94 -4.47 0.65
C LEU A 18 21.69 -5.22 1.73
N PRO A 19 22.76 -4.63 2.27
CA PRO A 19 23.47 -5.20 3.42
C PRO A 19 22.55 -5.34 4.63
N PRO A 20 22.71 -6.43 5.40
CA PRO A 20 21.82 -6.78 6.52
C PRO A 20 21.27 -5.60 7.31
N GLU A 21 22.15 -4.77 7.85
CA GLU A 21 21.75 -3.71 8.76
C GLU A 21 20.92 -2.63 8.04
N GLN A 22 21.28 -2.36 6.79
CA GLN A 22 20.53 -1.41 5.98
C GLN A 22 19.24 -2.05 5.47
N ARG A 23 19.32 -3.33 5.16
CA ARG A 23 18.18 -4.09 4.65
C ARG A 23 17.03 -4.06 5.64
N ARG A 24 17.30 -4.47 6.87
CA ARG A 24 16.28 -4.48 7.92
C ARG A 24 15.80 -3.06 8.23
N LYS A 25 16.66 -2.09 7.97
CA LYS A 25 16.32 -0.70 8.19
C LYS A 25 15.32 -0.23 7.14
N ARG A 26 15.67 -0.43 5.87
CA ARG A 26 14.83 0.02 4.77
C ARG A 26 13.51 -0.74 4.72
N LEU A 27 13.57 -2.04 5.01
CA LEU A 27 12.37 -2.87 5.07
C LEU A 27 11.35 -2.28 6.04
N GLN A 28 11.85 -1.85 7.19
CA GLN A 28 11.00 -1.33 8.24
C GLN A 28 10.54 0.09 7.89
N GLN A 29 11.38 0.84 7.19
CA GLN A 29 11.01 2.17 6.71
C GLN A 29 9.95 2.06 5.61
N ARG A 30 10.08 1.05 4.79
CA ARG A 30 9.16 0.80 3.69
C ARG A 30 7.76 0.51 4.24
N ILE A 31 7.70 -0.18 5.37
CA ILE A 31 6.43 -0.47 6.04
C ILE A 31 5.71 0.83 6.39
N ASP A 32 6.44 1.78 6.97
CA ASP A 32 5.88 3.09 7.30
C ASP A 32 5.39 3.79 6.04
N GLU A 33 6.20 3.72 4.99
CA GLU A 33 5.85 4.28 3.69
C GLU A 33 4.54 3.68 3.17
N LEU A 34 4.50 2.36 3.14
CA LEU A 34 3.35 1.63 2.63
C LEU A 34 2.12 1.87 3.50
N SER A 35 2.32 1.95 4.80
CA SER A 35 1.21 2.21 5.72
C SER A 35 0.63 3.60 5.46
N ARG A 36 1.51 4.57 5.22
CA ARG A 36 1.09 5.92 4.87
C ARG A 36 0.28 5.91 3.58
N GLU A 37 0.81 5.21 2.58
CA GLU A 37 0.16 5.11 1.29
C GLU A 37 -1.18 4.37 1.42
N LEU A 38 -1.15 3.27 2.16
CA LEU A 38 -2.34 2.45 2.36
C LEU A 38 -3.43 3.24 3.10
N GLN A 39 -3.03 3.99 4.12
CA GLN A 39 -3.96 4.80 4.87
C GLN A 39 -4.69 5.77 3.94
N LYS A 40 -3.97 6.29 2.95
CA LYS A 40 -4.55 7.19 1.97
C LYS A 40 -5.58 6.47 1.10
N GLU A 41 -5.20 5.30 0.59
CA GLU A 41 -6.06 4.53 -0.29
C GLU A 41 -7.29 3.98 0.45
N MET A 42 -7.08 3.49 1.67
CA MET A 42 -8.19 2.98 2.48
C MET A 42 -9.20 4.09 2.75
N ASP A 43 -8.69 5.25 3.18
CA ASP A 43 -9.53 6.42 3.41
C ASP A 43 -10.24 6.84 2.13
N GLN A 44 -9.50 6.78 1.02
CA GLN A 44 -10.03 7.16 -0.27
C GLN A 44 -11.17 6.23 -0.68
N LYS A 45 -11.06 4.94 -0.37
CA LYS A 45 -12.10 3.99 -0.71
C LYS A 45 -13.39 4.33 0.01
N ASP A 46 -13.29 4.71 1.28
CA ASP A 46 -14.47 5.10 2.05
C ASP A 46 -15.08 6.38 1.49
N ALA A 47 -14.23 7.28 1.04
CA ALA A 47 -14.68 8.50 0.37
C ALA A 47 -15.38 8.14 -0.93
N LEU A 48 -14.79 7.21 -1.67
CA LEU A 48 -15.36 6.73 -2.91
C LEU A 48 -16.72 6.07 -2.67
N ASN A 49 -16.83 5.32 -1.58
CA ASN A 49 -18.09 4.69 -1.19
C ASN A 49 -19.20 5.71 -1.10
N LYS A 50 -18.99 6.73 -0.29
CA LYS A 50 -20.00 7.77 -0.07
C LYS A 50 -20.27 8.57 -1.34
N MET A 51 -19.20 8.94 -2.03
CA MET A 51 -19.34 9.73 -3.24
C MET A 51 -20.08 8.95 -4.33
N LYS A 52 -19.78 7.67 -4.44
CA LYS A 52 -20.49 6.80 -5.37
C LYS A 52 -21.98 6.81 -5.04
N ASP A 53 -22.26 6.68 -3.76
CA ASP A 53 -23.63 6.67 -3.26
C ASP A 53 -24.35 7.97 -3.64
N VAL A 54 -23.62 9.08 -3.61
CA VAL A 54 -24.17 10.37 -4.02
C VAL A 54 -24.52 10.36 -5.49
N TYR A 55 -23.63 9.84 -6.33
CA TYR A 55 -23.86 9.79 -7.76
C TYR A 55 -25.05 8.89 -8.10
N GLU A 56 -25.33 7.93 -7.23
CA GLU A 56 -26.44 7.02 -7.43
C GLU A 56 -27.76 7.66 -7.01
N LYS A 57 -27.81 8.17 -5.79
CA LYS A 57 -29.01 8.78 -5.25
C LYS A 57 -29.26 10.15 -5.89
N ASN A 58 -28.17 10.82 -6.24
CA ASN A 58 -28.25 12.15 -6.84
C ASN A 58 -27.34 12.24 -8.06
N PRO A 59 -27.85 11.86 -9.24
CA PRO A 59 -27.11 11.94 -10.52
C PRO A 59 -26.65 13.37 -10.86
N GLN A 60 -27.02 14.33 -10.01
CA GLN A 60 -26.63 15.73 -10.18
C GLN A 60 -25.11 15.88 -10.27
N MET A 61 -24.38 15.00 -9.61
CA MET A 61 -22.93 15.09 -9.56
C MET A 61 -22.29 14.39 -10.75
N GLY A 62 -23.07 13.59 -11.44
CA GLY A 62 -22.56 12.83 -12.55
C GLY A 62 -23.13 11.43 -12.58
N ASP A 63 -22.36 10.48 -13.09
CA ASP A 63 -22.81 9.11 -13.18
C ASP A 63 -21.82 8.19 -12.47
N PRO A 64 -22.32 7.31 -11.58
CA PRO A 64 -21.48 6.46 -10.74
C PRO A 64 -20.59 5.49 -11.53
N SER A 65 -20.89 5.31 -12.81
CA SER A 65 -20.10 4.43 -13.66
C SER A 65 -18.66 4.91 -13.74
N SER A 66 -18.48 6.23 -13.73
CA SER A 66 -17.16 6.84 -13.84
C SER A 66 -16.33 6.60 -12.58
N LEU A 67 -16.98 6.19 -11.51
CA LEU A 67 -16.31 5.98 -10.23
C LEU A 67 -15.91 4.53 -10.04
N HIS A 68 -16.53 3.64 -10.82
CA HIS A 68 -16.30 2.20 -10.68
C HIS A 68 -14.83 1.82 -10.96
N PRO A 69 -14.27 2.20 -12.13
CA PRO A 69 -12.86 1.90 -12.45
C PRO A 69 -11.89 2.50 -11.42
N LYS A 70 -12.30 3.61 -10.82
CA LYS A 70 -11.50 4.27 -9.79
C LYS A 70 -11.44 3.41 -8.54
N ILE A 71 -12.61 3.00 -8.05
CA ILE A 71 -12.69 2.16 -6.86
C ILE A 71 -11.92 0.86 -7.07
N ALA A 72 -11.92 0.38 -8.31
CA ALA A 72 -11.18 -0.83 -8.67
C ALA A 72 -9.70 -0.67 -8.34
N GLU A 73 -9.09 0.37 -8.91
CA GLU A 73 -7.67 0.66 -8.67
C GLU A 73 -7.43 0.92 -7.18
N THR A 74 -8.31 1.70 -6.58
CA THR A 74 -8.21 2.03 -5.17
C THR A 74 -8.13 0.75 -4.32
N THR A 75 -9.04 -0.18 -4.58
CA THR A 75 -9.08 -1.44 -3.85
C THR A 75 -7.84 -2.29 -4.16
N SER A 76 -7.40 -2.24 -5.40
CA SER A 76 -6.22 -2.99 -5.82
C SER A 76 -4.98 -2.51 -5.08
N ASN A 77 -4.85 -1.19 -4.95
CA ASN A 77 -3.73 -0.60 -4.20
C ASN A 77 -3.81 -1.00 -2.74
N ILE A 78 -5.00 -0.89 -2.16
CA ILE A 78 -5.21 -1.24 -0.76
C ILE A 78 -4.67 -2.63 -0.43
N GLU A 79 -5.19 -3.63 -1.13
CA GLU A 79 -4.78 -5.01 -0.88
C GLU A 79 -3.32 -5.23 -1.25
N ARG A 80 -2.85 -4.51 -2.25
CA ARG A 80 -1.46 -4.63 -2.67
C ARG A 80 -0.54 -4.11 -1.59
N LEU A 81 -0.77 -2.88 -1.16
CA LEU A 81 0.06 -2.23 -0.15
C LEU A 81 0.08 -3.04 1.15
N ARG A 82 -1.06 -3.64 1.49
CA ARG A 82 -1.17 -4.45 2.69
C ARG A 82 -0.31 -5.71 2.59
N MET A 83 -0.26 -6.32 1.41
CA MET A 83 0.55 -7.53 1.22
C MET A 83 2.02 -7.15 1.12
N GLU A 84 2.31 -5.97 0.57
CA GLU A 84 3.68 -5.49 0.50
C GLU A 84 4.24 -5.29 1.90
N ILE A 85 3.41 -4.77 2.79
CA ILE A 85 3.78 -4.65 4.20
C ILE A 85 4.15 -6.01 4.76
N HIS A 86 3.31 -7.00 4.49
CA HIS A 86 3.52 -8.36 4.97
C HIS A 86 4.84 -8.93 4.47
N LYS A 87 5.18 -8.65 3.22
CA LYS A 87 6.43 -9.11 2.64
C LYS A 87 7.62 -8.57 3.42
N ASN A 88 7.58 -7.27 3.70
CA ASN A 88 8.66 -6.60 4.42
C ASN A 88 8.76 -7.15 5.84
N GLU A 89 7.62 -7.43 6.47
CA GLU A 89 7.59 -8.00 7.80
C GLU A 89 8.31 -9.33 7.83
N ALA A 90 8.06 -10.15 6.80
CA ALA A 90 8.70 -11.44 6.68
C ALA A 90 10.20 -11.29 6.46
N TRP A 91 10.58 -10.34 5.61
CA TRP A 91 11.98 -10.08 5.32
C TRP A 91 12.69 -9.55 6.57
N LEU A 92 12.01 -8.70 7.34
CA LEU A 92 12.54 -8.22 8.61
C LEU A 92 12.92 -9.40 9.51
N SER A 93 12.01 -10.37 9.60
CA SER A 93 12.23 -11.55 10.41
C SER A 93 13.45 -12.33 9.91
N GLU A 94 13.69 -12.28 8.61
CA GLU A 94 14.83 -12.96 8.02
C GLU A 94 16.12 -12.23 8.36
N VAL A 95 16.11 -10.91 8.24
CA VAL A 95 17.30 -10.11 8.50
C VAL A 95 17.63 -10.07 9.98
N GLU A 96 16.58 -10.03 10.80
CA GLU A 96 16.76 -10.06 12.25
C GLU A 96 16.92 -11.50 12.72
N GLY A 97 16.95 -12.41 11.75
CA GLY A 97 17.13 -13.82 12.05
C GLY A 97 18.57 -14.26 11.86
N LYS A 98 19.38 -13.42 11.22
CA LYS A 98 20.80 -13.72 11.06
C LYS A 98 21.55 -13.30 12.32
N VAL A 99 20.84 -12.61 13.21
CA VAL A 99 21.37 -12.23 14.51
C VAL A 99 21.21 -13.40 15.46
N SER A 100 22.01 -13.43 16.53
CA SER A 100 21.91 -14.48 17.53
C SER A 100 20.54 -14.46 18.19
N GLN A 101 19.66 -15.34 17.72
CA GLN A 101 18.27 -15.37 18.16
C GLN A 101 18.15 -15.99 19.54
N ARG A 102 18.39 -15.18 20.57
CA ARG A 102 18.27 -15.64 21.94
C ARG A 102 16.81 -15.64 22.37
N SER A 103 16.05 -16.59 21.83
CA SER A 103 14.65 -16.74 22.20
C SER A 103 14.53 -17.52 23.50
N GLU A 104 15.42 -18.50 23.67
CA GLU A 104 15.48 -19.33 24.87
C GLU A 104 14.17 -20.08 25.10
N GLY A 1 14.39 13.08 -4.20
CA GLY A 1 15.41 14.14 -4.06
C GLY A 1 16.69 13.62 -3.44
N PRO A 2 17.20 14.28 -2.39
CA PRO A 2 18.42 13.85 -1.69
C PRO A 2 18.21 12.53 -0.93
N LEU A 3 18.34 11.43 -1.65
CA LEU A 3 18.17 10.11 -1.06
C LEU A 3 19.52 9.46 -0.80
N GLY A 4 20.56 10.00 -1.42
CA GLY A 4 21.87 9.41 -1.33
C GLY A 4 21.99 8.22 -2.27
N SER A 5 21.19 7.20 -2.01
CA SER A 5 21.12 6.03 -2.86
C SER A 5 19.98 6.17 -3.86
N HIS A 6 19.99 7.27 -4.61
CA HIS A 6 18.94 7.55 -5.57
C HIS A 6 19.16 6.74 -6.84
N MET A 7 18.10 6.09 -7.32
CA MET A 7 18.16 5.30 -8.54
C MET A 7 16.79 4.70 -8.84
N LYS A 8 16.13 4.16 -7.80
CA LYS A 8 14.82 3.53 -7.93
C LYS A 8 14.76 2.58 -9.12
N GLY A 9 15.26 1.37 -8.92
CA GLY A 9 15.23 0.37 -9.97
C GLY A 9 13.88 -0.30 -10.09
N PRO A 10 13.86 -1.64 -10.25
CA PRO A 10 12.62 -2.40 -10.38
C PRO A 10 11.79 -2.36 -9.10
N ALA A 11 10.62 -1.73 -9.17
CA ALA A 11 9.71 -1.64 -8.02
C ALA A 11 8.92 -2.94 -7.86
N LEU A 12 9.65 -4.03 -7.70
CA LEU A 12 9.04 -5.33 -7.48
C LEU A 12 9.00 -5.63 -6.00
N GLU A 13 7.82 -6.03 -5.51
CA GLU A 13 7.70 -6.43 -4.12
C GLU A 13 8.42 -7.75 -3.90
N ASP A 14 9.71 -7.64 -3.60
CA ASP A 14 10.56 -8.79 -3.31
C ASP A 14 11.70 -8.36 -2.40
N PHE A 15 12.68 -7.66 -2.97
CA PHE A 15 13.82 -7.13 -2.22
C PHE A 15 14.52 -8.25 -1.43
N SER A 16 14.44 -9.47 -1.94
CA SER A 16 15.06 -10.61 -1.27
C SER A 16 16.56 -10.61 -1.50
N HIS A 17 16.98 -9.86 -2.51
CA HIS A 17 18.40 -9.75 -2.86
C HIS A 17 19.11 -8.75 -1.94
N LEU A 18 18.34 -8.07 -1.10
CA LEU A 18 18.92 -7.17 -0.12
C LEU A 18 19.39 -7.94 1.11
N PRO A 19 20.59 -7.62 1.63
CA PRO A 19 21.09 -8.19 2.87
C PRO A 19 20.17 -7.87 4.05
N PRO A 20 19.97 -8.82 4.97
CA PRO A 20 18.99 -8.73 6.08
C PRO A 20 18.83 -7.33 6.68
N GLU A 21 19.93 -6.73 7.11
CA GLU A 21 19.89 -5.41 7.74
C GLU A 21 19.32 -4.35 6.80
N GLN A 22 19.87 -4.28 5.60
CA GLN A 22 19.44 -3.29 4.62
C GLN A 22 18.06 -3.65 4.06
N ARG A 23 17.79 -4.96 4.02
CA ARG A 23 16.52 -5.46 3.51
C ARG A 23 15.37 -4.96 4.36
N ARG A 24 15.44 -5.22 5.67
CA ARG A 24 14.38 -4.79 6.59
C ARG A 24 14.23 -3.27 6.55
N LYS A 25 15.33 -2.57 6.33
CA LYS A 25 15.31 -1.12 6.20
C LYS A 25 14.52 -0.72 4.95
N ARG A 26 14.73 -1.45 3.86
CA ARG A 26 14.00 -1.21 2.62
C ARG A 26 12.55 -1.64 2.77
N LEU A 27 12.31 -2.74 3.47
CA LEU A 27 10.96 -3.22 3.73
C LEU A 27 10.14 -2.15 4.46
N GLN A 28 10.73 -1.61 5.51
CA GLN A 28 10.10 -0.56 6.30
C GLN A 28 9.75 0.65 5.44
N GLN A 29 10.71 1.09 4.64
CA GLN A 29 10.52 2.24 3.76
C GLN A 29 9.47 1.94 2.69
N ARG A 30 9.49 0.72 2.19
CA ARG A 30 8.54 0.29 1.18
C ARG A 30 7.13 0.33 1.75
N ILE A 31 6.97 -0.23 2.95
CA ILE A 31 5.70 -0.20 3.66
C ILE A 31 5.24 1.24 3.88
N ASP A 32 6.19 2.09 4.27
CA ASP A 32 5.91 3.50 4.52
C ASP A 32 5.36 4.19 3.28
N GLU A 33 5.88 3.82 2.12
CA GLU A 33 5.42 4.38 0.85
C GLU A 33 4.00 3.90 0.56
N LEU A 34 3.83 2.58 0.61
CA LEU A 34 2.56 1.96 0.29
C LEU A 34 1.48 2.34 1.30
N SER A 35 1.89 2.58 2.54
CA SER A 35 0.98 3.02 3.57
C SER A 35 0.44 4.41 3.24
N ARG A 36 1.32 5.28 2.75
CA ARG A 36 0.93 6.62 2.32
C ARG A 36 -0.04 6.53 1.16
N GLU A 37 0.29 5.65 0.21
CA GLU A 37 -0.56 5.41 -0.94
C GLU A 37 -1.92 4.89 -0.48
N LEU A 38 -1.89 3.90 0.41
CA LEU A 38 -3.10 3.29 0.95
C LEU A 38 -3.97 4.31 1.66
N GLN A 39 -3.34 5.16 2.45
CA GLN A 39 -4.04 6.19 3.21
C GLN A 39 -4.91 7.05 2.30
N LYS A 40 -4.34 7.48 1.18
CA LYS A 40 -5.04 8.32 0.22
C LYS A 40 -6.20 7.57 -0.43
N GLU A 41 -5.96 6.32 -0.79
CA GLU A 41 -6.97 5.51 -1.45
C GLU A 41 -8.12 5.18 -0.49
N MET A 42 -7.78 4.86 0.75
CA MET A 42 -8.79 4.57 1.77
C MET A 42 -9.62 5.82 2.05
N ASP A 43 -8.94 6.96 2.08
CA ASP A 43 -9.59 8.24 2.29
C ASP A 43 -10.58 8.51 1.16
N GLN A 44 -10.21 8.09 -0.05
CA GLN A 44 -11.05 8.25 -1.22
C GLN A 44 -12.24 7.30 -1.16
N LYS A 45 -12.00 6.05 -0.78
CA LYS A 45 -13.08 5.07 -0.68
C LYS A 45 -14.11 5.52 0.36
N ASP A 46 -13.61 6.10 1.44
CA ASP A 46 -14.46 6.67 2.48
C ASP A 46 -15.31 7.79 1.91
N ALA A 47 -14.67 8.65 1.13
CA ALA A 47 -15.36 9.76 0.47
C ALA A 47 -16.36 9.24 -0.55
N LEU A 48 -15.96 8.21 -1.29
CA LEU A 48 -16.82 7.61 -2.31
C LEU A 48 -18.07 7.00 -1.69
N ASN A 49 -17.93 6.39 -0.52
CA ASN A 49 -19.07 5.82 0.19
C ASN A 49 -20.08 6.89 0.56
N LYS A 50 -19.59 8.03 1.03
CA LYS A 50 -20.45 9.15 1.37
C LYS A 50 -21.03 9.76 0.10
N MET A 51 -20.19 9.86 -0.92
CA MET A 51 -20.59 10.40 -2.21
C MET A 51 -21.78 9.62 -2.76
N LYS A 52 -21.65 8.29 -2.78
CA LYS A 52 -22.70 7.44 -3.32
C LYS A 52 -23.99 7.59 -2.52
N ASP A 53 -23.85 7.81 -1.21
CA ASP A 53 -25.00 7.98 -0.35
C ASP A 53 -25.76 9.25 -0.72
N VAL A 54 -25.02 10.32 -1.01
CA VAL A 54 -25.62 11.56 -1.46
C VAL A 54 -26.34 11.36 -2.79
N TYR A 55 -25.73 10.57 -3.67
CA TYR A 55 -26.33 10.29 -4.97
C TYR A 55 -27.63 9.50 -4.85
N GLU A 56 -27.72 8.67 -3.82
CA GLU A 56 -28.93 7.87 -3.60
C GLU A 56 -30.03 8.71 -2.98
N LYS A 57 -29.68 9.48 -1.96
CA LYS A 57 -30.65 10.32 -1.25
C LYS A 57 -30.99 11.56 -2.07
N ASN A 58 -30.02 12.02 -2.85
CA ASN A 58 -30.17 13.22 -3.64
C ASN A 58 -29.58 13.02 -5.04
N PRO A 59 -30.37 12.47 -5.97
CA PRO A 59 -29.97 12.29 -7.37
C PRO A 59 -29.51 13.59 -8.05
N GLN A 60 -29.60 14.71 -7.33
CA GLN A 60 -29.16 16.00 -7.82
C GLN A 60 -27.67 15.99 -8.16
N MET A 61 -26.95 15.05 -7.58
CA MET A 61 -25.52 14.93 -7.81
C MET A 61 -25.23 14.01 -9.00
N GLY A 62 -26.27 13.38 -9.51
CA GLY A 62 -26.10 12.46 -10.62
C GLY A 62 -26.70 11.11 -10.32
N ASP A 63 -26.03 10.05 -10.74
CA ASP A 63 -26.52 8.69 -10.50
C ASP A 63 -25.41 7.83 -9.91
N PRO A 64 -25.74 7.08 -8.84
CA PRO A 64 -24.78 6.22 -8.11
C PRO A 64 -24.04 5.23 -9.00
N SER A 65 -24.62 4.88 -10.14
CA SER A 65 -23.98 3.96 -11.08
C SER A 65 -22.66 4.53 -11.59
N SER A 66 -22.60 5.86 -11.70
CA SER A 66 -21.43 6.54 -12.23
C SER A 66 -20.27 6.49 -11.23
N LEU A 67 -20.58 6.11 -10.00
CA LEU A 67 -19.58 6.06 -8.94
C LEU A 67 -19.02 4.66 -8.78
N HIS A 68 -19.64 3.69 -9.45
CA HIS A 68 -19.23 2.29 -9.34
C HIS A 68 -17.79 2.11 -9.85
N PRO A 69 -17.44 2.61 -11.06
CA PRO A 69 -16.06 2.53 -11.57
C PRO A 69 -15.07 3.22 -10.63
N LYS A 70 -15.52 4.27 -9.97
CA LYS A 70 -14.69 5.01 -9.02
C LYS A 70 -14.35 4.14 -7.82
N ILE A 71 -15.37 3.56 -7.20
CA ILE A 71 -15.18 2.69 -6.05
C ILE A 71 -14.39 1.45 -6.45
N ALA A 72 -14.61 0.97 -7.67
CA ALA A 72 -13.94 -0.21 -8.18
C ALA A 72 -12.42 -0.03 -8.17
N GLU A 73 -11.93 1.00 -8.88
CA GLU A 73 -10.49 1.23 -8.98
C GLU A 73 -9.90 1.64 -7.62
N THR A 74 -10.66 2.43 -6.87
CA THR A 74 -10.24 2.87 -5.55
C THR A 74 -10.04 1.68 -4.62
N THR A 75 -10.99 0.75 -4.62
CA THR A 75 -10.89 -0.44 -3.80
C THR A 75 -9.79 -1.36 -4.34
N SER A 76 -9.63 -1.38 -5.65
CA SER A 76 -8.58 -2.20 -6.28
C SER A 76 -7.21 -1.73 -5.83
N ASN A 77 -6.99 -0.41 -5.82
CA ASN A 77 -5.73 0.15 -5.33
C ASN A 77 -5.51 -0.26 -3.89
N ILE A 78 -6.54 -0.06 -3.07
CA ILE A 78 -6.49 -0.42 -1.66
C ILE A 78 -6.11 -1.88 -1.47
N GLU A 79 -6.85 -2.77 -2.11
CA GLU A 79 -6.62 -4.21 -1.96
C GLU A 79 -5.24 -4.61 -2.45
N ARG A 80 -4.77 -3.98 -3.52
CA ARG A 80 -3.43 -4.21 -4.01
C ARG A 80 -2.40 -3.78 -2.97
N LEU A 81 -2.48 -2.54 -2.55
CA LEU A 81 -1.54 -1.97 -1.60
C LEU A 81 -1.49 -2.78 -0.31
N ARG A 82 -2.66 -3.19 0.17
CA ARG A 82 -2.74 -3.96 1.40
C ARG A 82 -1.94 -5.26 1.31
N MET A 83 -2.02 -5.94 0.17
CA MET A 83 -1.31 -7.19 0.00
C MET A 83 0.18 -6.93 -0.18
N GLU A 84 0.53 -5.82 -0.84
CA GLU A 84 1.92 -5.46 -1.04
C GLU A 84 2.55 -5.10 0.30
N ILE A 85 1.81 -4.37 1.13
CA ILE A 85 2.24 -4.08 2.50
C ILE A 85 2.46 -5.38 3.26
N HIS A 86 1.47 -6.26 3.21
CA HIS A 86 1.53 -7.52 3.92
C HIS A 86 2.68 -8.40 3.44
N LYS A 87 2.98 -8.35 2.16
CA LYS A 87 4.11 -9.10 1.63
C LYS A 87 5.41 -8.62 2.26
N ASN A 88 5.59 -7.30 2.27
CA ASN A 88 6.78 -6.71 2.86
C ASN A 88 6.87 -7.03 4.36
N GLU A 89 5.72 -7.01 5.03
CA GLU A 89 5.66 -7.35 6.45
C GLU A 89 5.99 -8.83 6.67
N ALA A 90 5.64 -9.66 5.71
CA ALA A 90 5.89 -11.08 5.80
C ALA A 90 7.39 -11.37 5.86
N TRP A 91 8.14 -10.66 5.03
CA TRP A 91 9.59 -10.85 4.97
C TRP A 91 10.25 -10.26 6.21
N LEU A 92 9.59 -9.29 6.84
CA LEU A 92 10.09 -8.72 8.10
C LEU A 92 10.20 -9.80 9.17
N SER A 93 9.16 -10.60 9.31
CA SER A 93 9.15 -11.68 10.28
C SER A 93 10.19 -12.74 9.93
N GLU A 94 10.55 -12.79 8.65
CA GLU A 94 11.58 -13.70 8.18
C GLU A 94 12.97 -13.14 8.49
N VAL A 95 13.11 -11.82 8.34
CA VAL A 95 14.36 -11.15 8.70
C VAL A 95 14.56 -11.22 10.21
N GLU A 96 13.47 -11.04 10.94
CA GLU A 96 13.50 -11.15 12.40
C GLU A 96 13.65 -12.60 12.84
N GLY A 97 13.49 -13.51 11.89
CA GLY A 97 13.66 -14.92 12.19
C GLY A 97 15.11 -15.35 12.13
N LYS A 98 15.98 -14.40 11.80
CA LYS A 98 17.41 -14.66 11.71
C LYS A 98 18.21 -13.43 12.10
N VAL A 99 17.76 -12.78 13.17
CA VAL A 99 18.42 -11.57 13.69
C VAL A 99 19.90 -11.83 13.94
N SER A 100 20.74 -10.87 13.55
CA SER A 100 22.19 -11.02 13.66
C SER A 100 22.64 -10.78 15.11
N GLN A 101 22.04 -11.53 16.02
CA GLN A 101 22.39 -11.46 17.43
C GLN A 101 22.87 -12.82 17.92
N ARG A 102 22.54 -13.85 17.15
CA ARG A 102 22.80 -15.24 17.50
C ARG A 102 21.95 -15.66 18.70
N SER A 103 22.26 -15.11 19.86
CA SER A 103 21.54 -15.43 21.08
C SER A 103 21.37 -14.18 21.94
N GLU A 104 22.48 -13.52 22.20
CA GLU A 104 22.51 -12.36 23.09
C GLU A 104 23.74 -11.50 22.82
N GLY A 1 1.92 -15.39 -8.43
CA GLY A 1 2.02 -15.40 -6.95
C GLY A 1 2.40 -14.04 -6.41
N PRO A 2 1.89 -13.64 -5.23
CA PRO A 2 2.16 -12.33 -4.64
C PRO A 2 3.62 -12.17 -4.23
N LEU A 3 4.20 -13.23 -3.68
CA LEU A 3 5.57 -13.19 -3.20
C LEU A 3 6.55 -13.34 -4.35
N GLY A 4 6.07 -13.86 -5.47
CA GLY A 4 6.90 -14.03 -6.64
C GLY A 4 6.94 -12.80 -7.51
N SER A 5 6.47 -11.68 -6.96
CA SER A 5 6.42 -10.43 -7.71
C SER A 5 7.78 -9.73 -7.68
N HIS A 6 8.76 -10.33 -8.33
CA HIS A 6 10.09 -9.74 -8.43
C HIS A 6 10.16 -8.81 -9.62
N MET A 7 10.57 -7.57 -9.38
CA MET A 7 10.65 -6.55 -10.44
C MET A 7 9.31 -6.41 -11.14
N LYS A 8 8.30 -6.04 -10.38
CA LYS A 8 6.95 -5.90 -10.91
C LYS A 8 6.51 -4.44 -10.92
N GLY A 9 6.72 -3.78 -12.05
CA GLY A 9 6.26 -2.41 -12.22
C GLY A 9 6.94 -1.44 -11.27
N PRO A 10 6.16 -0.76 -10.42
CA PRO A 10 6.70 0.21 -9.46
C PRO A 10 7.38 -0.47 -8.29
N ALA A 11 8.67 -0.74 -8.44
CA ALA A 11 9.44 -1.37 -7.37
C ALA A 11 10.49 -0.40 -6.84
N LEU A 12 10.04 0.59 -6.08
CA LEU A 12 10.94 1.55 -5.49
C LEU A 12 11.67 0.92 -4.32
N GLU A 13 12.96 0.66 -4.52
CA GLU A 13 13.78 0.05 -3.48
C GLU A 13 14.68 1.09 -2.85
N ASP A 14 14.43 1.39 -1.59
CA ASP A 14 15.22 2.37 -0.86
C ASP A 14 15.62 1.81 0.51
N PHE A 15 15.98 2.72 1.42
CA PHE A 15 16.41 2.36 2.78
C PHE A 15 17.77 1.67 2.75
N SER A 16 18.43 1.72 1.60
CA SER A 16 19.71 1.06 1.42
C SER A 16 20.82 1.76 2.20
N HIS A 17 20.65 3.06 2.42
CA HIS A 17 21.67 3.83 3.15
C HIS A 17 21.48 3.69 4.66
N LEU A 18 20.75 2.66 5.06
CA LEU A 18 20.50 2.41 6.47
C LEU A 18 21.17 1.10 6.89
N PRO A 19 21.80 1.10 8.07
CA PRO A 19 22.35 -0.12 8.66
C PRO A 19 21.24 -1.06 9.10
N PRO A 20 21.51 -2.38 9.12
CA PRO A 20 20.51 -3.43 9.40
C PRO A 20 19.49 -3.05 10.48
N GLU A 21 19.96 -2.78 11.68
CA GLU A 21 19.07 -2.50 12.81
C GLU A 21 18.19 -1.27 12.54
N GLN A 22 18.82 -0.17 12.15
CA GLN A 22 18.09 1.06 11.90
C GLN A 22 17.14 0.89 10.72
N ARG A 23 17.58 0.13 9.73
CA ARG A 23 16.79 -0.10 8.53
C ARG A 23 15.48 -0.81 8.85
N ARG A 24 15.58 -2.00 9.45
CA ARG A 24 14.39 -2.79 9.73
C ARG A 24 13.49 -2.10 10.75
N LYS A 25 14.09 -1.27 11.61
CA LYS A 25 13.32 -0.51 12.57
C LYS A 25 12.43 0.49 11.85
N ARG A 26 12.96 1.12 10.81
CA ARG A 26 12.19 2.07 10.02
C ARG A 26 11.19 1.33 9.13
N LEU A 27 11.63 0.20 8.58
CA LEU A 27 10.79 -0.63 7.71
C LEU A 27 9.51 -1.06 8.41
N GLN A 28 9.65 -1.62 9.61
CA GLN A 28 8.50 -2.13 10.34
C GLN A 28 7.57 -0.98 10.75
N GLN A 29 8.15 0.20 10.97
CA GLN A 29 7.37 1.38 11.30
C GLN A 29 6.67 1.93 10.06
N ARG A 30 7.33 1.78 8.91
CA ARG A 30 6.71 2.13 7.63
C ARG A 30 5.48 1.28 7.41
N ILE A 31 5.58 0.00 7.71
CA ILE A 31 4.44 -0.92 7.64
C ILE A 31 3.28 -0.39 8.47
N ASP A 32 3.55 -0.09 9.73
CA ASP A 32 2.55 0.43 10.65
C ASP A 32 1.95 1.74 10.12
N GLU A 33 2.81 2.59 9.58
CA GLU A 33 2.40 3.87 9.01
C GLU A 33 1.50 3.63 7.78
N LEU A 34 2.02 2.85 6.85
CA LEU A 34 1.33 2.60 5.59
C LEU A 34 0.04 1.82 5.81
N SER A 35 0.03 0.95 6.79
CA SER A 35 -1.17 0.19 7.12
C SER A 35 -2.28 1.13 7.57
N ARG A 36 -1.93 2.13 8.36
CA ARG A 36 -2.89 3.11 8.84
C ARG A 36 -3.39 3.96 7.67
N GLU A 37 -2.47 4.36 6.81
CA GLU A 37 -2.80 5.17 5.64
C GLU A 37 -3.67 4.36 4.67
N LEU A 38 -3.28 3.10 4.47
CA LEU A 38 -3.99 2.19 3.59
C LEU A 38 -5.39 1.93 4.13
N GLN A 39 -5.51 1.78 5.44
CA GLN A 39 -6.80 1.58 6.07
C GLN A 39 -7.74 2.73 5.73
N LYS A 40 -7.18 3.93 5.69
CA LYS A 40 -7.93 5.12 5.32
C LYS A 40 -8.38 5.01 3.87
N GLU A 41 -7.44 4.72 2.98
CA GLU A 41 -7.72 4.62 1.55
C GLU A 41 -8.70 3.48 1.25
N MET A 42 -8.54 2.35 1.93
CA MET A 42 -9.45 1.22 1.75
C MET A 42 -10.86 1.59 2.19
N ASP A 43 -10.97 2.26 3.33
CA ASP A 43 -12.26 2.71 3.84
C ASP A 43 -12.81 3.83 2.96
N GLN A 44 -11.90 4.60 2.38
CA GLN A 44 -12.27 5.68 1.46
C GLN A 44 -12.90 5.09 0.20
N LYS A 45 -12.28 4.05 -0.35
CA LYS A 45 -12.81 3.37 -1.52
C LYS A 45 -14.20 2.82 -1.25
N ASP A 46 -14.35 2.18 -0.10
CA ASP A 46 -15.64 1.64 0.32
C ASP A 46 -16.69 2.75 0.35
N ALA A 47 -16.31 3.88 0.91
CA ALA A 47 -17.21 5.02 1.01
C ALA A 47 -17.49 5.61 -0.36
N LEU A 48 -16.44 5.79 -1.16
CA LEU A 48 -16.57 6.38 -2.49
C LEU A 48 -17.46 5.52 -3.39
N ASN A 49 -17.26 4.21 -3.36
CA ASN A 49 -18.05 3.29 -4.17
C ASN A 49 -19.50 3.25 -3.71
N LYS A 50 -19.71 3.23 -2.40
CA LYS A 50 -21.06 3.24 -1.86
C LYS A 50 -21.78 4.52 -2.23
N MET A 51 -21.07 5.64 -2.08
CA MET A 51 -21.60 6.94 -2.43
C MET A 51 -21.87 7.02 -3.93
N LYS A 52 -20.95 6.45 -4.72
CA LYS A 52 -21.13 6.36 -6.15
C LYS A 52 -22.43 5.65 -6.50
N ASP A 53 -22.66 4.52 -5.83
CA ASP A 53 -23.87 3.74 -6.02
C ASP A 53 -25.11 4.57 -5.71
N VAL A 54 -25.03 5.37 -4.64
CA VAL A 54 -26.13 6.26 -4.27
C VAL A 54 -26.38 7.27 -5.39
N TYR A 55 -25.31 7.81 -5.94
CA TYR A 55 -25.39 8.78 -7.03
C TYR A 55 -25.90 8.13 -8.31
N GLU A 56 -25.58 6.86 -8.52
CA GLU A 56 -26.07 6.13 -9.68
C GLU A 56 -27.57 5.92 -9.59
N LYS A 57 -28.02 5.46 -8.43
CA LYS A 57 -29.43 5.19 -8.22
C LYS A 57 -30.22 6.50 -8.14
N ASN A 58 -29.64 7.49 -7.49
CA ASN A 58 -30.30 8.77 -7.34
C ASN A 58 -29.38 9.93 -7.72
N PRO A 59 -29.39 10.32 -9.01
CA PRO A 59 -28.68 11.52 -9.51
C PRO A 59 -29.09 12.80 -8.79
N GLN A 60 -30.06 12.68 -7.88
CA GLN A 60 -30.48 13.79 -7.03
C GLN A 60 -29.30 14.30 -6.19
N MET A 61 -28.39 13.38 -5.86
CA MET A 61 -27.22 13.70 -5.06
C MET A 61 -26.15 14.38 -5.89
N GLY A 62 -26.27 14.26 -7.21
CA GLY A 62 -25.27 14.80 -8.11
C GLY A 62 -25.02 13.86 -9.27
N ASP A 63 -23.75 13.67 -9.63
CA ASP A 63 -23.40 12.76 -10.70
C ASP A 63 -22.22 11.88 -10.30
N PRO A 64 -22.37 10.56 -10.45
CA PRO A 64 -21.34 9.59 -10.09
C PRO A 64 -20.10 9.71 -10.97
N SER A 65 -20.25 10.39 -12.09
CA SER A 65 -19.17 10.60 -13.04
C SER A 65 -17.95 11.22 -12.36
N SER A 66 -18.17 12.26 -11.55
CA SER A 66 -17.08 12.97 -10.90
C SER A 66 -16.47 12.13 -9.77
N LEU A 67 -17.15 11.06 -9.40
CA LEU A 67 -16.67 10.19 -8.34
C LEU A 67 -15.71 9.13 -8.90
N HIS A 68 -15.76 8.93 -10.22
CA HIS A 68 -14.93 7.92 -10.86
C HIS A 68 -13.43 8.19 -10.68
N PRO A 69 -12.93 9.39 -11.08
CA PRO A 69 -11.52 9.73 -10.90
C PRO A 69 -11.08 9.65 -9.44
N LYS A 70 -12.00 9.99 -8.53
CA LYS A 70 -11.73 9.91 -7.11
C LYS A 70 -11.47 8.46 -6.69
N ILE A 71 -12.37 7.57 -7.08
CA ILE A 71 -12.22 6.15 -6.78
C ILE A 71 -10.97 5.61 -7.47
N ALA A 72 -10.69 6.12 -8.66
CA ALA A 72 -9.54 5.69 -9.44
C ALA A 72 -8.24 5.91 -8.67
N GLU A 73 -8.04 7.13 -8.19
CA GLU A 73 -6.81 7.46 -7.45
C GLU A 73 -6.80 6.75 -6.10
N THR A 74 -7.96 6.68 -5.45
CA THR A 74 -8.09 6.02 -4.17
C THR A 74 -7.72 4.53 -4.28
N THR A 75 -8.22 3.87 -5.31
CA THR A 75 -7.91 2.46 -5.54
C THR A 75 -6.43 2.29 -5.90
N SER A 76 -5.90 3.23 -6.66
CA SER A 76 -4.50 3.19 -7.05
C SER A 76 -3.60 3.27 -5.82
N ASN A 77 -3.94 4.18 -4.90
CA ASN A 77 -3.19 4.34 -3.67
C ASN A 77 -3.28 3.07 -2.82
N ILE A 78 -4.46 2.45 -2.83
CA ILE A 78 -4.67 1.20 -2.10
C ILE A 78 -3.65 0.15 -2.52
N GLU A 79 -3.64 -0.19 -3.80
CA GLU A 79 -2.72 -1.19 -4.32
C GLU A 79 -1.27 -0.74 -4.14
N ARG A 80 -1.04 0.55 -4.26
CA ARG A 80 0.28 1.14 -4.05
C ARG A 80 0.76 0.90 -2.62
N LEU A 81 -0.02 1.38 -1.66
CA LEU A 81 0.33 1.26 -0.25
C LEU A 81 0.46 -0.20 0.17
N ARG A 82 -0.45 -1.04 -0.35
CA ARG A 82 -0.43 -2.46 -0.02
C ARG A 82 0.88 -3.11 -0.44
N MET A 83 1.36 -2.79 -1.64
CA MET A 83 2.58 -3.40 -2.14
C MET A 83 3.79 -2.80 -1.42
N GLU A 84 3.67 -1.55 -0.98
CA GLU A 84 4.73 -0.91 -0.21
C GLU A 84 4.87 -1.58 1.15
N ILE A 85 3.74 -1.96 1.74
CA ILE A 85 3.75 -2.73 2.97
C ILE A 85 4.46 -4.06 2.76
N HIS A 86 4.09 -4.74 1.68
CA HIS A 86 4.70 -6.03 1.33
C HIS A 86 6.19 -5.87 1.05
N LYS A 87 6.57 -4.76 0.42
CA LYS A 87 7.98 -4.49 0.17
C LYS A 87 8.77 -4.43 1.47
N ASN A 88 8.26 -3.67 2.42
CA ASN A 88 8.90 -3.56 3.72
C ASN A 88 9.00 -4.91 4.41
N GLU A 89 7.93 -5.71 4.31
CA GLU A 89 7.93 -7.07 4.84
C GLU A 89 9.01 -7.92 4.18
N ALA A 90 9.18 -7.72 2.88
CA ALA A 90 10.18 -8.46 2.13
C ALA A 90 11.58 -8.10 2.60
N TRP A 91 11.84 -6.81 2.74
CA TRP A 91 13.15 -6.34 3.18
C TRP A 91 13.40 -6.70 4.65
N LEU A 92 12.35 -6.65 5.47
CA LEU A 92 12.45 -7.04 6.88
C LEU A 92 13.05 -8.43 7.01
N SER A 93 12.48 -9.38 6.27
CA SER A 93 12.92 -10.76 6.30
C SER A 93 14.40 -10.87 5.96
N GLU A 94 14.85 -10.05 5.03
CA GLU A 94 16.25 -10.04 4.61
C GLU A 94 17.13 -9.47 5.70
N VAL A 95 16.71 -8.35 6.28
CA VAL A 95 17.50 -7.69 7.31
C VAL A 95 17.69 -8.58 8.53
N GLU A 96 16.60 -9.17 9.00
CA GLU A 96 16.67 -10.06 10.16
C GLU A 96 17.31 -11.38 9.75
N GLY A 97 17.44 -11.60 8.44
CA GLY A 97 18.11 -12.78 7.94
C GLY A 97 19.60 -12.56 7.86
N LYS A 98 20.02 -11.32 8.06
CA LYS A 98 21.44 -10.98 8.08
C LYS A 98 22.00 -11.16 9.49
N VAL A 99 21.11 -11.49 10.41
CA VAL A 99 21.50 -11.74 11.79
C VAL A 99 21.94 -13.19 11.94
N SER A 100 23.23 -13.43 11.69
CA SER A 100 23.85 -14.76 11.81
C SER A 100 23.42 -15.68 10.66
N GLN A 101 22.11 -15.87 10.48
CA GLN A 101 21.60 -16.73 9.42
C GLN A 101 20.11 -16.51 9.21
N ARG A 102 19.63 -16.84 8.02
CA ARG A 102 18.21 -16.78 7.71
C ARG A 102 17.60 -18.18 7.82
N SER A 103 18.47 -19.19 7.78
CA SER A 103 18.09 -20.59 7.87
C SER A 103 17.42 -21.05 6.56
N GLU A 104 16.30 -20.42 6.23
CA GLU A 104 15.58 -20.74 5.01
C GLU A 104 14.86 -19.50 4.49
N GLY A 1 9.02 -5.14 -19.17
CA GLY A 1 7.54 -5.33 -19.12
C GLY A 1 7.16 -6.79 -19.23
N PRO A 2 6.05 -7.10 -19.90
CA PRO A 2 5.56 -8.48 -20.06
C PRO A 2 6.56 -9.38 -20.78
N LEU A 3 7.26 -10.21 -20.01
CA LEU A 3 8.28 -11.12 -20.53
C LEU A 3 9.34 -10.35 -21.31
N GLY A 4 9.90 -9.33 -20.67
CA GLY A 4 10.91 -8.53 -21.31
C GLY A 4 11.45 -7.46 -20.38
N SER A 5 12.01 -7.89 -19.27
CA SER A 5 12.55 -6.97 -18.28
C SER A 5 13.98 -7.35 -17.92
N HIS A 6 14.72 -6.40 -17.38
CA HIS A 6 16.10 -6.63 -16.97
C HIS A 6 16.21 -6.65 -15.46
N MET A 7 15.23 -7.28 -14.81
CA MET A 7 15.21 -7.32 -13.36
C MET A 7 16.18 -8.37 -12.83
N LYS A 8 17.32 -7.91 -12.34
CA LYS A 8 18.32 -8.80 -11.77
C LYS A 8 18.02 -9.05 -10.30
N GLY A 9 17.87 -7.97 -9.55
CA GLY A 9 17.58 -8.08 -8.15
C GLY A 9 16.32 -7.32 -7.76
N PRO A 10 15.32 -8.03 -7.22
CA PRO A 10 14.05 -7.42 -6.78
C PRO A 10 14.19 -6.73 -5.43
N ALA A 11 15.39 -6.25 -5.15
CA ALA A 11 15.67 -5.54 -3.90
C ALA A 11 15.23 -4.09 -4.01
N LEU A 12 13.93 -3.89 -4.24
CA LEU A 12 13.38 -2.55 -4.37
C LEU A 12 13.50 -1.82 -3.03
N GLU A 13 14.36 -0.80 -3.02
CA GLU A 13 14.64 -0.02 -1.81
C GLU A 13 15.43 -0.84 -0.80
N ASP A 14 14.77 -1.81 -0.17
CA ASP A 14 15.41 -2.77 0.76
C ASP A 14 15.84 -2.12 2.08
N PHE A 15 16.12 -0.82 2.03
CA PHE A 15 16.60 -0.06 3.18
C PHE A 15 17.99 -0.53 3.59
N SER A 16 18.81 -0.86 2.59
CA SER A 16 20.17 -1.34 2.81
C SER A 16 20.99 -0.34 3.62
N HIS A 17 20.58 0.91 3.61
CA HIS A 17 21.28 1.97 4.33
C HIS A 17 20.97 1.92 5.83
N LEU A 18 20.14 0.97 6.25
CA LEU A 18 19.82 0.80 7.66
C LEU A 18 20.24 -0.57 8.15
N PRO A 19 20.98 -0.61 9.27
CA PRO A 19 21.32 -1.87 9.93
C PRO A 19 20.05 -2.61 10.38
N PRO A 20 20.07 -3.95 10.38
CA PRO A 20 18.89 -4.80 10.64
C PRO A 20 17.94 -4.26 11.71
N GLU A 21 18.46 -4.02 12.91
CA GLU A 21 17.65 -3.57 14.04
C GLU A 21 16.97 -2.23 13.75
N GLN A 22 17.74 -1.28 13.22
CA GLN A 22 17.20 0.03 12.88
C GLN A 22 16.27 -0.07 11.68
N ARG A 23 16.61 -0.99 10.78
CA ARG A 23 15.84 -1.20 9.55
C ARG A 23 14.43 -1.66 9.88
N ARG A 24 14.32 -2.76 10.63
CA ARG A 24 13.01 -3.30 11.00
C ARG A 24 12.20 -2.28 11.79
N LYS A 25 12.90 -1.43 12.53
CA LYS A 25 12.27 -0.36 13.28
C LYS A 25 11.52 0.58 12.34
N ARG A 26 12.17 0.96 11.24
CA ARG A 26 11.59 1.89 10.29
C ARG A 26 10.57 1.18 9.40
N LEU A 27 10.88 -0.06 9.04
CA LEU A 27 10.00 -0.89 8.23
C LEU A 27 8.63 -1.07 8.88
N GLN A 28 8.64 -1.45 10.15
CA GLN A 28 7.40 -1.73 10.86
C GLN A 28 6.60 -0.44 11.08
N GLN A 29 7.31 0.68 11.21
CA GLN A 29 6.65 1.98 11.38
C GLN A 29 5.98 2.42 10.09
N ARG A 30 6.56 2.03 8.95
CA ARG A 30 5.94 2.27 7.66
C ARG A 30 4.58 1.60 7.61
N ILE A 31 4.53 0.38 8.14
CA ILE A 31 3.28 -0.38 8.18
C ILE A 31 2.20 0.36 8.96
N ASP A 32 2.53 0.82 10.16
CA ASP A 32 1.57 1.54 11.01
C ASP A 32 1.07 2.80 10.30
N GLU A 33 1.98 3.49 9.63
CA GLU A 33 1.63 4.68 8.87
C GLU A 33 0.67 4.34 7.73
N LEU A 34 1.09 3.38 6.90
CA LEU A 34 0.35 3.01 5.71
C LEU A 34 -1.00 2.38 6.06
N SER A 35 -1.03 1.53 7.08
CA SER A 35 -2.26 0.84 7.45
C SER A 35 -3.30 1.82 7.99
N ARG A 36 -2.85 2.86 8.68
CA ARG A 36 -3.76 3.88 9.19
C ARG A 36 -4.19 4.82 8.07
N GLU A 37 -3.25 5.13 7.17
CA GLU A 37 -3.57 5.92 5.99
C GLU A 37 -4.62 5.17 5.16
N LEU A 38 -4.36 3.88 4.98
CA LEU A 38 -5.25 2.99 4.24
C LEU A 38 -6.61 2.88 4.94
N GLN A 39 -6.61 2.88 6.26
CA GLN A 39 -7.87 2.86 7.03
C GLN A 39 -8.83 3.94 6.53
N LYS A 40 -8.31 5.15 6.33
CA LYS A 40 -9.13 6.25 5.84
C LYS A 40 -9.55 5.99 4.39
N GLU A 41 -8.62 5.47 3.60
CA GLU A 41 -8.88 5.20 2.19
C GLU A 41 -9.93 4.11 2.00
N MET A 42 -9.83 3.03 2.80
CA MET A 42 -10.82 1.96 2.74
C MET A 42 -12.20 2.49 3.07
N ASP A 43 -12.27 3.30 4.12
CA ASP A 43 -13.52 3.90 4.53
C ASP A 43 -14.00 4.89 3.48
N GLN A 44 -13.05 5.55 2.83
CA GLN A 44 -13.36 6.50 1.78
C GLN A 44 -13.98 5.79 0.58
N LYS A 45 -13.41 4.66 0.19
CA LYS A 45 -13.96 3.90 -0.93
C LYS A 45 -15.34 3.36 -0.58
N ASP A 46 -15.48 2.89 0.65
CA ASP A 46 -16.76 2.43 1.16
C ASP A 46 -17.80 3.56 1.08
N ALA A 47 -17.39 4.75 1.53
CA ALA A 47 -18.22 5.93 1.45
C ALA A 47 -18.54 6.30 0.00
N LEU A 48 -17.54 6.17 -0.87
CA LEU A 48 -17.69 6.49 -2.28
C LEU A 48 -18.63 5.52 -2.98
N ASN A 49 -18.46 4.23 -2.71
CA ASN A 49 -19.33 3.20 -3.30
C ASN A 49 -20.77 3.44 -2.87
N LYS A 50 -20.94 3.83 -1.62
CA LYS A 50 -22.25 4.15 -1.08
C LYS A 50 -22.76 5.45 -1.70
N MET A 51 -21.87 6.43 -1.79
CA MET A 51 -22.22 7.75 -2.33
C MET A 51 -22.70 7.63 -3.77
N LYS A 52 -21.99 6.84 -4.58
CA LYS A 52 -22.35 6.67 -5.97
C LYS A 52 -23.75 6.09 -6.09
N ASP A 53 -24.06 5.13 -5.22
CA ASP A 53 -25.37 4.50 -5.20
C ASP A 53 -26.46 5.51 -4.85
N VAL A 54 -26.14 6.42 -3.93
CA VAL A 54 -27.05 7.49 -3.57
C VAL A 54 -27.38 8.35 -4.78
N TYR A 55 -26.35 8.63 -5.58
CA TYR A 55 -26.53 9.43 -6.80
C TYR A 55 -27.31 8.65 -7.86
N GLU A 56 -27.22 7.33 -7.81
CA GLU A 56 -27.94 6.47 -8.73
C GLU A 56 -29.42 6.40 -8.37
N LYS A 57 -29.70 6.15 -7.10
CA LYS A 57 -31.07 6.02 -6.63
C LYS A 57 -31.71 7.39 -6.43
N ASN A 58 -30.88 8.40 -6.29
CA ASN A 58 -31.36 9.77 -6.13
C ASN A 58 -30.57 10.72 -7.03
N PRO A 59 -30.98 10.85 -8.30
CA PRO A 59 -30.35 11.77 -9.27
C PRO A 59 -30.38 13.22 -8.81
N GLN A 60 -31.11 13.49 -7.74
CA GLN A 60 -31.14 14.80 -7.10
C GLN A 60 -29.73 15.25 -6.73
N MET A 61 -28.89 14.27 -6.41
CA MET A 61 -27.53 14.54 -5.98
C MET A 61 -26.67 14.98 -7.18
N GLY A 62 -27.00 14.48 -8.35
CA GLY A 62 -26.26 14.83 -9.54
C GLY A 62 -25.88 13.61 -10.36
N ASP A 63 -24.70 13.67 -10.96
CA ASP A 63 -24.22 12.60 -11.83
C ASP A 63 -23.16 11.76 -11.12
N PRO A 64 -23.39 10.43 -11.02
CA PRO A 64 -22.42 9.51 -10.43
C PRO A 64 -21.11 9.48 -11.22
N SER A 65 -21.18 9.97 -12.44
CA SER A 65 -20.01 10.05 -13.31
C SER A 65 -18.93 10.95 -12.71
N SER A 66 -19.36 11.98 -11.98
CA SER A 66 -18.43 12.92 -11.39
C SER A 66 -17.71 12.30 -10.19
N LEU A 67 -18.23 11.16 -9.74
CA LEU A 67 -17.66 10.47 -8.59
C LEU A 67 -16.64 9.44 -9.05
N HIS A 68 -16.55 9.22 -10.36
CA HIS A 68 -15.62 8.25 -10.92
C HIS A 68 -14.16 8.59 -10.59
N PRO A 69 -13.70 9.85 -10.84
CA PRO A 69 -12.33 10.26 -10.51
C PRO A 69 -11.99 10.01 -9.03
N LYS A 70 -12.98 10.22 -8.17
CA LYS A 70 -12.82 10.02 -6.74
C LYS A 70 -12.54 8.56 -6.44
N ILE A 71 -13.35 7.67 -7.00
CA ILE A 71 -13.19 6.24 -6.79
C ILE A 71 -11.92 5.75 -7.45
N ALA A 72 -11.62 6.30 -8.63
CA ALA A 72 -10.41 5.96 -9.37
C ALA A 72 -9.17 6.17 -8.52
N GLU A 73 -9.02 7.39 -8.00
CA GLU A 73 -7.90 7.71 -7.14
C GLU A 73 -7.92 6.85 -5.88
N THR A 74 -9.06 6.85 -5.20
CA THR A 74 -9.21 6.14 -3.94
C THR A 74 -8.83 4.67 -4.07
N THR A 75 -9.31 4.00 -5.11
CA THR A 75 -8.99 2.60 -5.34
C THR A 75 -7.49 2.42 -5.61
N SER A 76 -6.95 3.26 -6.48
CA SER A 76 -5.53 3.18 -6.85
C SER A 76 -4.64 3.43 -5.63
N ASN A 77 -5.06 4.38 -4.78
CA ASN A 77 -4.30 4.73 -3.59
C ASN A 77 -4.36 3.59 -2.57
N ILE A 78 -5.53 2.98 -2.45
CA ILE A 78 -5.72 1.83 -1.57
C ILE A 78 -4.77 0.70 -1.96
N GLU A 79 -4.75 0.38 -3.24
CA GLU A 79 -3.92 -0.71 -3.74
C GLU A 79 -2.44 -0.39 -3.56
N ARG A 80 -2.08 0.89 -3.69
CA ARG A 80 -0.72 1.32 -3.46
C ARG A 80 -0.32 1.11 -2.01
N LEU A 81 -1.13 1.64 -1.10
CA LEU A 81 -0.86 1.53 0.33
C LEU A 81 -0.76 0.07 0.75
N ARG A 82 -1.71 -0.74 0.29
CA ARG A 82 -1.73 -2.16 0.63
C ARG A 82 -0.47 -2.89 0.14
N MET A 83 0.01 -2.55 -1.05
CA MET A 83 1.19 -3.21 -1.60
C MET A 83 2.45 -2.72 -0.90
N GLU A 84 2.45 -1.45 -0.48
CA GLU A 84 3.60 -0.89 0.23
C GLU A 84 3.72 -1.53 1.61
N ILE A 85 2.59 -1.84 2.23
CA ILE A 85 2.58 -2.58 3.48
C ILE A 85 3.20 -3.96 3.28
N HIS A 86 2.76 -4.62 2.21
CA HIS A 86 3.25 -5.96 1.89
C HIS A 86 4.77 -5.97 1.69
N LYS A 87 5.27 -4.92 1.05
CA LYS A 87 6.72 -4.76 0.85
C LYS A 87 7.45 -4.74 2.20
N ASN A 88 6.93 -3.96 3.14
CA ASN A 88 7.54 -3.83 4.45
C ASN A 88 7.41 -5.13 5.24
N GLU A 89 6.27 -5.80 5.09
CA GLU A 89 6.07 -7.11 5.72
C GLU A 89 7.16 -8.07 5.26
N ALA A 90 7.45 -8.04 3.96
CA ALA A 90 8.47 -8.90 3.38
C ALA A 90 9.84 -8.57 3.96
N TRP A 91 10.19 -7.28 3.95
CA TRP A 91 11.49 -6.85 4.44
C TRP A 91 11.68 -7.22 5.92
N LEU A 92 10.62 -7.12 6.71
CA LEU A 92 10.67 -7.49 8.12
C LEU A 92 11.11 -8.93 8.28
N SER A 93 10.52 -9.84 7.50
CA SER A 93 10.87 -11.25 7.56
C SER A 93 12.29 -11.48 7.04
N GLU A 94 12.73 -10.61 6.14
CA GLU A 94 14.08 -10.68 5.61
C GLU A 94 15.09 -10.25 6.67
N VAL A 95 14.73 -9.24 7.45
CA VAL A 95 15.57 -8.76 8.54
C VAL A 95 15.65 -9.82 9.65
N GLU A 96 14.57 -10.58 9.79
CA GLU A 96 14.53 -11.69 10.74
C GLU A 96 15.48 -12.80 10.32
N GLY A 97 15.79 -12.84 9.03
CA GLY A 97 16.76 -13.78 8.52
C GLY A 97 18.17 -13.21 8.58
N LYS A 98 18.30 -12.04 9.18
CA LYS A 98 19.59 -11.37 9.31
C LYS A 98 19.96 -11.21 10.78
N VAL A 99 19.32 -12.00 11.65
CA VAL A 99 19.60 -11.94 13.07
C VAL A 99 20.85 -12.75 13.41
N SER A 100 21.12 -13.75 12.59
CA SER A 100 22.28 -14.60 12.76
C SER A 100 22.67 -15.17 11.39
N GLN A 101 22.87 -14.27 10.44
CA GLN A 101 23.17 -14.66 9.06
C GLN A 101 24.59 -15.18 8.95
N ARG A 102 25.52 -14.54 9.65
CA ARG A 102 26.92 -14.95 9.62
C ARG A 102 27.21 -16.02 10.66
N SER A 103 26.33 -17.01 10.75
CA SER A 103 26.52 -18.11 11.67
C SER A 103 26.97 -19.37 10.93
N GLU A 104 27.49 -19.16 9.72
CA GLU A 104 27.94 -20.26 8.90
C GLU A 104 29.45 -20.30 8.85
N GLY A 1 22.14 -11.92 -24.35
CA GLY A 1 21.83 -12.44 -23.01
C GLY A 1 21.94 -11.36 -21.94
N PRO A 2 20.97 -11.30 -21.02
CA PRO A 2 20.97 -10.31 -19.94
C PRO A 2 21.86 -10.74 -18.75
N LEU A 3 22.91 -9.99 -18.52
CA LEU A 3 23.78 -10.23 -17.37
C LEU A 3 23.44 -9.26 -16.25
N GLY A 4 23.76 -9.64 -15.03
CA GLY A 4 23.44 -8.81 -13.89
C GLY A 4 21.98 -8.95 -13.49
N SER A 5 21.60 -10.16 -13.12
CA SER A 5 20.23 -10.43 -12.72
C SER A 5 20.16 -10.83 -11.24
N HIS A 6 21.19 -10.46 -10.50
CA HIS A 6 21.26 -10.80 -9.09
C HIS A 6 21.35 -9.53 -8.25
N MET A 7 20.21 -9.02 -7.83
CA MET A 7 20.16 -7.86 -6.95
C MET A 7 20.00 -8.33 -5.52
N LYS A 8 20.95 -9.18 -5.09
CA LYS A 8 20.89 -9.85 -3.79
C LYS A 8 19.71 -10.83 -3.75
N GLY A 9 19.41 -11.34 -2.57
CA GLY A 9 18.25 -12.19 -2.41
C GLY A 9 16.96 -11.38 -2.45
N PRO A 10 16.72 -10.54 -1.43
CA PRO A 10 15.55 -9.67 -1.40
C PRO A 10 15.66 -8.52 -2.39
N ALA A 11 14.68 -8.41 -3.27
CA ALA A 11 14.68 -7.39 -4.31
C ALA A 11 14.10 -6.08 -3.79
N LEU A 12 14.85 -5.42 -2.92
CA LEU A 12 14.44 -4.13 -2.35
C LEU A 12 14.32 -3.08 -3.45
N GLU A 13 13.09 -2.66 -3.72
CA GLU A 13 12.83 -1.59 -4.68
C GLU A 13 13.30 -0.26 -4.09
N ASP A 14 13.26 -0.17 -2.77
CA ASP A 14 13.77 0.97 -2.04
C ASP A 14 14.22 0.50 -0.67
N PHE A 15 14.61 1.44 0.18
CA PHE A 15 15.07 1.15 1.55
C PHE A 15 16.35 0.30 1.55
N SER A 16 16.93 0.12 0.37
CA SER A 16 18.17 -0.62 0.25
C SER A 16 19.34 0.21 0.75
N HIS A 17 19.15 1.53 0.74
CA HIS A 17 20.14 2.47 1.22
C HIS A 17 20.09 2.57 2.75
N LEU A 18 19.05 1.98 3.34
CA LEU A 18 18.97 1.87 4.79
C LEU A 18 19.70 0.61 5.26
N PRO A 19 20.49 0.72 6.33
CA PRO A 19 21.15 -0.44 6.94
C PRO A 19 20.12 -1.45 7.45
N PRO A 20 20.48 -2.75 7.48
CA PRO A 20 19.55 -3.84 7.84
C PRO A 20 18.63 -3.52 9.02
N GLU A 21 19.21 -2.99 10.10
CA GLU A 21 18.46 -2.69 11.32
C GLU A 21 17.36 -1.67 11.04
N GLN A 22 17.70 -0.61 10.34
CA GLN A 22 16.75 0.46 10.06
C GLN A 22 15.83 0.09 8.92
N ARG A 23 16.33 -0.74 8.01
CA ARG A 23 15.56 -1.19 6.87
C ARG A 23 14.28 -1.91 7.33
N ARG A 24 14.45 -2.96 8.13
CA ARG A 24 13.32 -3.71 8.64
C ARG A 24 12.39 -2.82 9.45
N LYS A 25 12.96 -1.89 10.19
CA LYS A 25 12.19 -0.98 11.03
C LYS A 25 11.37 -0.04 10.16
N ARG A 26 11.99 0.50 9.12
CA ARG A 26 11.30 1.39 8.18
C ARG A 26 10.20 0.66 7.45
N LEU A 27 10.45 -0.60 7.09
CA LEU A 27 9.46 -1.44 6.44
C LEU A 27 8.22 -1.60 7.33
N GLN A 28 8.46 -1.86 8.62
CA GLN A 28 7.37 -1.99 9.57
C GLN A 28 6.62 -0.67 9.73
N GLN A 29 7.36 0.44 9.69
CA GLN A 29 6.76 1.76 9.74
C GLN A 29 5.89 2.01 8.52
N ARG A 30 6.37 1.56 7.36
CA ARG A 30 5.61 1.69 6.13
C ARG A 30 4.32 0.89 6.20
N ILE A 31 4.42 -0.35 6.70
CA ILE A 31 3.24 -1.19 6.87
C ILE A 31 2.26 -0.55 7.84
N ASP A 32 2.78 0.06 8.90
CA ASP A 32 1.95 0.77 9.87
C ASP A 32 1.23 1.94 9.21
N GLU A 33 2.00 2.74 8.47
CA GLU A 33 1.47 3.90 7.76
C GLU A 33 0.43 3.46 6.72
N LEU A 34 0.85 2.60 5.81
CA LEU A 34 0.03 2.19 4.69
C LEU A 34 -1.25 1.49 5.14
N SER A 35 -1.17 0.70 6.20
CA SER A 35 -2.33 -0.03 6.69
C SER A 35 -3.42 0.93 7.18
N ARG A 36 -3.00 1.99 7.87
CA ARG A 36 -3.94 2.97 8.39
C ARG A 36 -4.41 3.90 7.27
N GLU A 37 -3.50 4.20 6.35
CA GLU A 37 -3.84 4.98 5.17
C GLU A 37 -4.89 4.24 4.35
N LEU A 38 -4.63 2.96 4.11
CA LEU A 38 -5.54 2.10 3.36
C LEU A 38 -6.88 1.97 4.09
N GLN A 39 -6.81 1.88 5.41
CA GLN A 39 -8.02 1.78 6.24
C GLN A 39 -9.00 2.90 5.88
N LYS A 40 -8.48 4.11 5.75
CA LYS A 40 -9.29 5.27 5.42
C LYS A 40 -9.81 5.17 3.99
N GLU A 41 -8.97 4.69 3.07
CA GLU A 41 -9.33 4.59 1.67
C GLU A 41 -10.41 3.53 1.45
N MET A 42 -10.27 2.39 2.13
CA MET A 42 -11.28 1.34 2.06
C MET A 42 -12.61 1.86 2.58
N ASP A 43 -12.55 2.54 3.72
CA ASP A 43 -13.74 3.14 4.33
C ASP A 43 -14.35 4.20 3.43
N GLN A 44 -13.48 4.96 2.76
CA GLN A 44 -13.91 5.98 1.83
C GLN A 44 -14.68 5.38 0.66
N LYS A 45 -14.19 4.24 0.16
CA LYS A 45 -14.86 3.57 -0.95
C LYS A 45 -16.24 3.10 -0.54
N ASP A 46 -16.37 2.61 0.69
CA ASP A 46 -17.66 2.18 1.22
C ASP A 46 -18.61 3.36 1.29
N ALA A 47 -18.09 4.48 1.79
CA ALA A 47 -18.85 5.71 1.87
C ALA A 47 -19.26 6.19 0.48
N LEU A 48 -18.31 6.17 -0.44
CA LEU A 48 -18.56 6.58 -1.83
C LEU A 48 -19.66 5.73 -2.46
N ASN A 49 -19.62 4.44 -2.21
CA ASN A 49 -20.62 3.52 -2.74
C ASN A 49 -22.02 3.92 -2.28
N LYS A 50 -22.16 4.15 -0.98
CA LYS A 50 -23.44 4.53 -0.41
C LYS A 50 -23.86 5.91 -0.90
N MET A 51 -22.94 6.85 -0.83
CA MET A 51 -23.20 8.23 -1.23
C MET A 51 -23.60 8.30 -2.71
N LYS A 52 -22.94 7.52 -3.54
CA LYS A 52 -23.28 7.47 -4.95
C LYS A 52 -24.67 6.88 -5.13
N ASP A 53 -24.93 5.79 -4.42
CA ASP A 53 -26.21 5.10 -4.50
C ASP A 53 -27.35 6.01 -4.07
N VAL A 54 -27.12 6.77 -3.02
CA VAL A 54 -28.09 7.76 -2.55
C VAL A 54 -28.36 8.80 -3.63
N TYR A 55 -27.30 9.29 -4.25
CA TYR A 55 -27.42 10.31 -5.29
C TYR A 55 -28.07 9.74 -6.55
N GLU A 56 -27.97 8.43 -6.73
CA GLU A 56 -28.58 7.76 -7.87
C GLU A 56 -30.10 7.66 -7.68
N LYS A 57 -30.51 7.31 -6.48
CA LYS A 57 -31.93 7.18 -6.17
C LYS A 57 -32.53 8.55 -5.86
N ASN A 58 -31.78 9.36 -5.14
CA ASN A 58 -32.22 10.69 -4.77
C ASN A 58 -31.17 11.73 -5.17
N PRO A 59 -31.18 12.17 -6.45
CA PRO A 59 -30.29 13.23 -6.94
C PRO A 59 -30.49 14.55 -6.20
N GLN A 60 -31.47 14.58 -5.30
CA GLN A 60 -31.75 15.76 -4.49
C GLN A 60 -30.52 16.17 -3.68
N MET A 61 -29.72 15.20 -3.27
CA MET A 61 -28.56 15.49 -2.44
C MET A 61 -27.33 15.87 -3.27
N GLY A 62 -27.24 15.34 -4.49
CA GLY A 62 -26.09 15.65 -5.31
C GLY A 62 -26.02 14.81 -6.57
N ASP A 63 -24.86 14.87 -7.24
CA ASP A 63 -24.65 14.17 -8.50
C ASP A 63 -23.68 13.02 -8.32
N PRO A 64 -24.06 11.79 -8.73
CA PRO A 64 -23.19 10.63 -8.66
C PRO A 64 -22.08 10.69 -9.71
N SER A 65 -22.27 11.55 -10.70
CA SER A 65 -21.32 11.73 -11.78
C SER A 65 -20.01 12.29 -11.24
N SER A 66 -20.09 13.31 -10.39
CA SER A 66 -18.92 13.94 -9.81
C SER A 66 -18.18 12.97 -8.90
N LEU A 67 -18.87 11.92 -8.48
CA LEU A 67 -18.28 10.93 -7.58
C LEU A 67 -17.50 9.88 -8.34
N HIS A 68 -17.72 9.79 -9.65
CA HIS A 68 -17.06 8.78 -10.48
C HIS A 68 -15.53 8.90 -10.41
N PRO A 69 -14.95 10.10 -10.66
CA PRO A 69 -13.51 10.31 -10.55
C PRO A 69 -13.00 10.09 -9.12
N LYS A 70 -13.87 10.37 -8.15
CA LYS A 70 -13.52 10.20 -6.75
C LYS A 70 -13.36 8.73 -6.40
N ILE A 71 -14.30 7.91 -6.86
CA ILE A 71 -14.24 6.47 -6.64
C ILE A 71 -13.03 5.87 -7.35
N ALA A 72 -12.70 6.44 -8.51
CA ALA A 72 -11.56 5.98 -9.30
C ALA A 72 -10.27 6.02 -8.49
N GLU A 73 -9.91 7.20 -8.01
CA GLU A 73 -8.68 7.36 -7.25
C GLU A 73 -8.75 6.59 -5.93
N THR A 74 -9.93 6.56 -5.33
CA THR A 74 -10.13 5.84 -4.07
C THR A 74 -9.85 4.35 -4.25
N THR A 75 -10.35 3.78 -5.35
CA THR A 75 -10.13 2.37 -5.63
C THR A 75 -8.66 2.11 -5.97
N SER A 76 -8.05 3.05 -6.70
CA SER A 76 -6.66 2.93 -7.08
C SER A 76 -5.75 2.96 -5.86
N ASN A 77 -6.04 3.88 -4.92
CA ASN A 77 -5.25 3.98 -3.70
C ASN A 77 -5.32 2.69 -2.92
N ILE A 78 -6.51 2.09 -2.87
CA ILE A 78 -6.72 0.83 -2.18
C ILE A 78 -5.76 -0.25 -2.70
N GLU A 79 -5.73 -0.42 -4.01
CA GLU A 79 -4.88 -1.44 -4.62
C GLU A 79 -3.40 -1.06 -4.46
N ARG A 80 -3.11 0.23 -4.61
CA ARG A 80 -1.75 0.73 -4.50
C ARG A 80 -1.20 0.46 -3.10
N LEU A 81 -1.92 0.92 -2.08
CA LEU A 81 -1.46 0.81 -0.71
C LEU A 81 -1.30 -0.65 -0.30
N ARG A 82 -2.23 -1.50 -0.73
CA ARG A 82 -2.18 -2.92 -0.41
C ARG A 82 -0.93 -3.57 -0.98
N MET A 83 -0.61 -3.27 -2.23
CA MET A 83 0.56 -3.88 -2.87
C MET A 83 1.84 -3.30 -2.29
N GLU A 84 1.79 -2.04 -1.83
CA GLU A 84 2.92 -1.42 -1.16
C GLU A 84 3.20 -2.16 0.15
N ILE A 85 2.13 -2.51 0.88
CA ILE A 85 2.25 -3.30 2.09
C ILE A 85 2.86 -4.66 1.76
N HIS A 86 2.32 -5.29 0.72
CA HIS A 86 2.81 -6.59 0.26
C HIS A 86 4.30 -6.54 -0.08
N LYS A 87 4.73 -5.42 -0.67
CA LYS A 87 6.15 -5.21 -0.94
C LYS A 87 6.96 -5.32 0.35
N ASN A 88 6.59 -4.48 1.31
CA ASN A 88 7.31 -4.40 2.57
C ASN A 88 7.31 -5.74 3.30
N GLU A 89 6.18 -6.43 3.30
CA GLU A 89 6.08 -7.74 3.96
C GLU A 89 7.03 -8.75 3.34
N ALA A 90 7.08 -8.77 2.01
CA ALA A 90 7.92 -9.71 1.29
C ALA A 90 9.39 -9.49 1.62
N TRP A 91 9.78 -8.23 1.76
CA TRP A 91 11.16 -7.90 2.10
C TRP A 91 11.40 -8.11 3.59
N LEU A 92 10.45 -7.69 4.41
CA LEU A 92 10.57 -7.78 5.87
C LEU A 92 10.83 -9.21 6.31
N SER A 93 10.07 -10.15 5.77
CA SER A 93 10.22 -11.55 6.11
C SER A 93 11.62 -12.06 5.75
N GLU A 94 12.19 -11.51 4.69
CA GLU A 94 13.54 -11.89 4.27
C GLU A 94 14.58 -11.24 5.17
N VAL A 95 14.32 -10.01 5.63
CA VAL A 95 15.24 -9.33 6.52
C VAL A 95 15.30 -10.04 7.87
N GLU A 96 14.19 -10.67 8.25
CA GLU A 96 14.13 -11.42 9.50
C GLU A 96 15.09 -12.61 9.49
N GLY A 97 15.39 -13.12 8.30
CA GLY A 97 16.37 -14.17 8.18
C GLY A 97 17.78 -13.61 8.18
N LYS A 98 17.91 -12.40 7.62
CA LYS A 98 19.20 -11.72 7.54
C LYS A 98 19.65 -11.20 8.90
N VAL A 99 18.70 -11.11 9.82
CA VAL A 99 19.02 -10.72 11.19
C VAL A 99 19.14 -11.95 12.07
N SER A 100 19.00 -13.12 11.46
CA SER A 100 19.16 -14.37 12.18
C SER A 100 20.50 -14.99 11.83
N GLN A 101 20.77 -15.14 10.53
CA GLN A 101 22.06 -15.63 10.06
C GLN A 101 23.06 -14.48 10.04
N ARG A 102 23.61 -14.16 11.22
CA ARG A 102 24.52 -13.02 11.38
C ARG A 102 23.80 -11.71 11.09
N SER A 103 23.29 -11.07 12.14
CA SER A 103 22.53 -9.85 12.01
C SER A 103 23.43 -8.64 11.73
N GLU A 104 24.14 -8.70 10.62
CA GLU A 104 25.00 -7.60 10.19
C GLU A 104 25.34 -7.77 8.72
N GLY A 1 9.24 3.89 -18.29
CA GLY A 1 9.62 4.63 -17.06
C GLY A 1 11.11 4.58 -16.83
N PRO A 2 11.59 5.11 -15.68
CA PRO A 2 13.00 5.07 -15.33
C PRO A 2 13.43 3.67 -14.86
N LEU A 3 14.38 3.07 -15.59
CA LEU A 3 14.89 1.76 -15.22
C LEU A 3 16.14 1.90 -14.35
N GLY A 4 15.97 2.50 -13.19
CA GLY A 4 17.08 2.65 -12.27
C GLY A 4 16.76 2.06 -10.91
N SER A 5 17.79 1.82 -10.12
CA SER A 5 17.62 1.26 -8.79
C SER A 5 17.26 2.36 -7.80
N HIS A 6 16.29 3.18 -8.17
CA HIS A 6 15.85 4.30 -7.34
C HIS A 6 14.34 4.38 -7.32
N MET A 7 13.67 3.29 -7.67
CA MET A 7 12.23 3.24 -7.71
C MET A 7 11.71 1.85 -7.35
N LYS A 8 10.76 1.82 -6.42
CA LYS A 8 10.10 0.59 -6.03
C LYS A 8 9.14 0.15 -7.14
N GLY A 9 9.21 -1.12 -7.52
CA GLY A 9 8.35 -1.62 -8.57
C GLY A 9 7.96 -3.07 -8.34
N PRO A 10 7.27 -3.70 -9.30
CA PRO A 10 6.83 -5.09 -9.18
C PRO A 10 7.98 -6.09 -9.41
N ALA A 11 9.05 -5.89 -8.67
CA ALA A 11 10.21 -6.77 -8.74
C ALA A 11 10.60 -7.19 -7.33
N LEU A 12 11.02 -8.44 -7.19
CA LEU A 12 11.39 -8.97 -5.88
C LEU A 12 12.67 -8.29 -5.41
N GLU A 13 12.53 -7.43 -4.41
CA GLU A 13 13.66 -6.66 -3.90
C GLU A 13 14.44 -7.46 -2.87
N ASP A 14 13.73 -7.96 -1.86
CA ASP A 14 14.32 -8.72 -0.75
C ASP A 14 15.13 -7.81 0.18
N PHE A 15 15.71 -6.76 -0.41
CA PHE A 15 16.52 -5.78 0.29
C PHE A 15 17.82 -6.41 0.77
N SER A 16 18.42 -7.22 -0.11
CA SER A 16 19.60 -8.00 0.23
C SER A 16 20.77 -7.12 0.66
N HIS A 17 20.84 -5.90 0.14
CA HIS A 17 21.92 -4.98 0.50
C HIS A 17 21.57 -4.19 1.76
N LEU A 18 20.43 -4.49 2.35
CA LEU A 18 20.06 -3.94 3.63
C LEU A 18 20.40 -4.92 4.74
N PRO A 19 21.39 -4.57 5.59
CA PRO A 19 21.74 -5.38 6.76
C PRO A 19 20.51 -5.66 7.64
N PRO A 20 20.52 -6.78 8.39
CA PRO A 20 19.37 -7.23 9.19
C PRO A 20 18.59 -6.11 9.89
N GLU A 21 19.27 -5.35 10.72
CA GLU A 21 18.62 -4.30 11.50
C GLU A 21 18.17 -3.14 10.60
N GLN A 22 18.93 -2.88 9.56
CA GLN A 22 18.62 -1.79 8.65
C GLN A 22 17.45 -2.18 7.74
N ARG A 23 17.37 -3.46 7.42
CA ARG A 23 16.32 -3.97 6.55
C ARG A 23 14.97 -3.88 7.24
N ARG A 24 14.89 -4.42 8.46
CA ARG A 24 13.66 -4.34 9.24
C ARG A 24 13.30 -2.89 9.52
N LYS A 25 14.33 -2.05 9.66
CA LYS A 25 14.12 -0.62 9.87
C LYS A 25 13.43 0.00 8.66
N ARG A 26 13.88 -0.39 7.46
CA ARG A 26 13.27 0.07 6.22
C ARG A 26 11.87 -0.50 6.06
N LEU A 27 11.72 -1.79 6.33
CA LEU A 27 10.45 -2.46 6.17
C LEU A 27 9.38 -1.85 7.08
N GLN A 28 9.71 -1.65 8.36
CA GLN A 28 8.74 -1.10 9.31
C GLN A 28 8.28 0.30 8.89
N GLN A 29 9.23 1.14 8.47
CA GLN A 29 8.90 2.51 8.09
C GLN A 29 8.10 2.55 6.78
N ARG A 30 8.22 1.51 5.97
CA ARG A 30 7.42 1.41 4.75
C ARG A 30 6.04 0.86 5.07
N ILE A 31 6.00 -0.17 5.91
CA ILE A 31 4.75 -0.79 6.32
C ILE A 31 3.82 0.22 6.98
N ASP A 32 4.35 0.96 7.95
CA ASP A 32 3.58 1.99 8.64
C ASP A 32 3.01 3.00 7.65
N GLU A 33 3.84 3.43 6.72
CA GLU A 33 3.44 4.38 5.69
C GLU A 33 2.31 3.80 4.84
N LEU A 34 2.53 2.62 4.29
CA LEU A 34 1.59 1.99 3.39
C LEU A 34 0.30 1.58 4.11
N SER A 35 0.43 1.13 5.35
CA SER A 35 -0.72 0.71 6.14
C SER A 35 -1.59 1.91 6.49
N ARG A 36 -0.95 3.03 6.83
CA ARG A 36 -1.67 4.26 7.12
C ARG A 36 -2.30 4.81 5.85
N GLU A 37 -1.54 4.74 4.76
CA GLU A 37 -2.04 5.18 3.46
C GLU A 37 -3.26 4.36 3.05
N LEU A 38 -3.17 3.05 3.27
CA LEU A 38 -4.27 2.14 2.99
C LEU A 38 -5.49 2.51 3.82
N GLN A 39 -5.26 2.83 5.09
CA GLN A 39 -6.35 3.23 5.98
C GLN A 39 -7.06 4.45 5.41
N LYS A 40 -6.28 5.37 4.86
CA LYS A 40 -6.82 6.56 4.23
C LYS A 40 -7.63 6.22 2.98
N GLU A 41 -7.07 5.36 2.13
CA GLU A 41 -7.72 4.98 0.88
C GLU A 41 -8.95 4.12 1.11
N MET A 42 -8.89 3.20 2.07
CA MET A 42 -10.06 2.40 2.42
C MET A 42 -11.19 3.31 2.89
N ASP A 43 -10.84 4.26 3.74
CA ASP A 43 -11.79 5.24 4.25
C ASP A 43 -12.34 6.09 3.10
N GLN A 44 -11.48 6.34 2.12
CA GLN A 44 -11.85 7.14 0.95
C GLN A 44 -12.91 6.41 0.12
N LYS A 45 -12.75 5.10 -0.05
CA LYS A 45 -13.71 4.33 -0.85
C LYS A 45 -15.05 4.24 -0.14
N ASP A 46 -15.02 4.11 1.18
CA ASP A 46 -16.26 4.07 1.96
C ASP A 46 -17.05 5.35 1.75
N ALA A 47 -16.32 6.47 1.74
CA ALA A 47 -16.93 7.76 1.44
C ALA A 47 -17.46 7.78 0.01
N LEU A 48 -16.67 7.28 -0.93
CA LEU A 48 -17.06 7.22 -2.32
C LEU A 48 -18.31 6.34 -2.51
N ASN A 49 -18.36 5.22 -1.81
CA ASN A 49 -19.52 4.32 -1.85
C ASN A 49 -20.77 5.06 -1.40
N LYS A 50 -20.70 5.59 -0.19
CA LYS A 50 -21.82 6.30 0.41
C LYS A 50 -22.26 7.47 -0.46
N MET A 51 -21.29 8.27 -0.88
CA MET A 51 -21.56 9.46 -1.67
C MET A 51 -22.17 9.11 -3.02
N LYS A 52 -21.67 8.05 -3.65
CA LYS A 52 -22.24 7.59 -4.92
C LYS A 52 -23.68 7.17 -4.73
N ASP A 53 -23.93 6.43 -3.65
CA ASP A 53 -25.28 6.00 -3.30
C ASP A 53 -26.21 7.19 -3.15
N VAL A 54 -25.68 8.28 -2.57
CA VAL A 54 -26.44 9.51 -2.43
C VAL A 54 -26.77 10.09 -3.80
N TYR A 55 -25.79 10.10 -4.70
CA TYR A 55 -25.95 10.63 -6.05
C TYR A 55 -26.98 9.82 -6.85
N GLU A 56 -27.02 8.52 -6.62
CA GLU A 56 -27.94 7.64 -7.35
C GLU A 56 -29.36 7.83 -6.86
N LYS A 57 -29.54 7.98 -5.56
CA LYS A 57 -30.86 8.18 -4.98
C LYS A 57 -31.32 9.62 -5.20
N ASN A 58 -30.38 10.55 -5.12
CA ASN A 58 -30.69 11.96 -5.31
C ASN A 58 -29.77 12.57 -6.36
N PRO A 59 -30.19 12.55 -7.64
CA PRO A 59 -29.42 13.16 -8.74
C PRO A 59 -29.24 14.66 -8.56
N GLN A 60 -29.84 15.19 -7.51
CA GLN A 60 -29.72 16.58 -7.13
C GLN A 60 -28.25 16.93 -6.83
N MET A 61 -27.49 15.92 -6.43
CA MET A 61 -26.08 16.09 -6.13
C MET A 61 -25.26 16.15 -7.42
N GLY A 62 -25.83 15.62 -8.49
CA GLY A 62 -25.12 15.57 -9.75
C GLY A 62 -25.25 14.21 -10.41
N ASP A 63 -24.18 13.74 -11.02
CA ASP A 63 -24.19 12.44 -11.68
C ASP A 63 -23.25 11.48 -10.99
N PRO A 64 -23.78 10.34 -10.50
CA PRO A 64 -22.97 9.31 -9.83
C PRO A 64 -21.97 8.67 -10.79
N SER A 65 -22.20 8.86 -12.07
CA SER A 65 -21.32 8.34 -13.11
C SER A 65 -19.91 8.92 -12.95
N SER A 66 -19.83 10.18 -12.53
CA SER A 66 -18.56 10.88 -12.39
C SER A 66 -17.73 10.30 -11.25
N LEU A 67 -18.38 9.60 -10.34
CA LEU A 67 -17.72 9.04 -9.17
C LEU A 67 -17.14 7.65 -9.48
N HIS A 68 -17.62 7.05 -10.56
CA HIS A 68 -17.22 5.69 -10.93
C HIS A 68 -15.70 5.56 -11.12
N PRO A 69 -15.07 6.40 -11.99
CA PRO A 69 -13.62 6.34 -12.21
C PRO A 69 -12.83 6.49 -10.91
N LYS A 70 -13.32 7.33 -10.02
CA LYS A 70 -12.65 7.58 -8.75
C LYS A 70 -12.74 6.36 -7.83
N ILE A 71 -13.88 5.70 -7.82
CA ILE A 71 -14.02 4.48 -7.03
C ILE A 71 -13.09 3.40 -7.59
N ALA A 72 -13.00 3.34 -8.91
CA ALA A 72 -12.13 2.38 -9.59
C ALA A 72 -10.69 2.51 -9.11
N GLU A 73 -10.11 3.69 -9.28
CA GLU A 73 -8.72 3.92 -8.89
C GLU A 73 -8.51 3.73 -7.39
N THR A 74 -9.49 4.19 -6.61
CA THR A 74 -9.42 4.07 -5.16
C THR A 74 -9.37 2.61 -4.74
N THR A 75 -10.15 1.77 -5.41
CA THR A 75 -10.14 0.34 -5.12
C THR A 75 -8.80 -0.29 -5.54
N SER A 76 -8.27 0.18 -6.66
CA SER A 76 -6.98 -0.29 -7.14
C SER A 76 -5.88 0.08 -6.15
N ASN A 77 -5.95 1.30 -5.60
CA ASN A 77 -4.98 1.75 -4.60
C ASN A 77 -5.05 0.85 -3.37
N ILE A 78 -6.28 0.58 -2.92
CA ILE A 78 -6.51 -0.26 -1.77
C ILE A 78 -5.84 -1.63 -1.94
N GLU A 79 -6.13 -2.30 -3.04
CA GLU A 79 -5.57 -3.62 -3.32
C GLU A 79 -4.05 -3.55 -3.44
N ARG A 80 -3.56 -2.49 -4.09
CA ARG A 80 -2.14 -2.29 -4.26
C ARG A 80 -1.44 -2.15 -2.92
N LEU A 81 -1.94 -1.23 -2.09
CA LEU A 81 -1.35 -0.97 -0.79
C LEU A 81 -1.41 -2.20 0.10
N ARG A 82 -2.52 -2.92 0.04
CA ARG A 82 -2.70 -4.13 0.82
C ARG A 82 -1.65 -5.18 0.48
N MET A 83 -1.39 -5.37 -0.81
CA MET A 83 -0.43 -6.39 -1.24
C MET A 83 0.98 -5.96 -0.86
N GLU A 84 1.25 -4.65 -0.92
CA GLU A 84 2.55 -4.12 -0.54
C GLU A 84 2.87 -4.45 0.91
N ILE A 85 1.87 -4.32 1.77
CA ILE A 85 2.01 -4.67 3.18
C ILE A 85 2.40 -6.14 3.32
N HIS A 86 1.69 -7.00 2.59
CA HIS A 86 1.93 -8.44 2.63
C HIS A 86 3.32 -8.78 2.12
N LYS A 87 3.73 -8.09 1.07
CA LYS A 87 5.05 -8.31 0.47
C LYS A 87 6.15 -7.98 1.47
N ASN A 88 5.96 -6.92 2.24
CA ASN A 88 6.91 -6.55 3.29
C ASN A 88 6.89 -7.56 4.42
N GLU A 89 5.71 -8.12 4.69
CA GLU A 89 5.56 -9.19 5.67
C GLU A 89 6.45 -10.37 5.34
N ALA A 90 6.54 -10.70 4.05
CA ALA A 90 7.37 -11.80 3.58
C ALA A 90 8.85 -11.48 3.79
N TRP A 91 9.23 -10.25 3.50
CA TRP A 91 10.62 -9.83 3.65
C TRP A 91 10.99 -9.70 5.12
N LEU A 92 9.99 -9.46 5.97
CA LEU A 92 10.21 -9.45 7.41
C LEU A 92 10.66 -10.82 7.91
N SER A 93 10.06 -11.87 7.35
CA SER A 93 10.43 -13.23 7.70
C SER A 93 11.85 -13.52 7.23
N GLU A 94 12.25 -12.87 6.15
CA GLU A 94 13.61 -12.97 5.65
C GLU A 94 14.58 -12.36 6.68
N VAL A 95 14.11 -11.31 7.35
CA VAL A 95 14.89 -10.66 8.39
C VAL A 95 14.84 -11.47 9.68
N GLU A 96 13.78 -12.24 9.85
CA GLU A 96 13.62 -13.07 11.05
C GLU A 96 14.73 -14.12 11.16
N GLY A 97 15.36 -14.43 10.03
CA GLY A 97 16.48 -15.34 10.04
C GLY A 97 17.80 -14.61 10.02
N LYS A 98 17.75 -13.28 10.02
CA LYS A 98 18.96 -12.46 9.98
C LYS A 98 19.20 -11.78 11.32
N VAL A 99 18.17 -11.77 12.15
CA VAL A 99 18.25 -11.13 13.46
C VAL A 99 18.89 -12.08 14.48
N SER A 100 20.08 -12.55 14.16
CA SER A 100 20.81 -13.47 15.02
C SER A 100 21.70 -12.70 16.00
N GLN A 101 21.33 -11.45 16.25
CA GLN A 101 22.06 -10.56 17.14
C GLN A 101 23.50 -10.38 16.66
N ARG A 102 23.67 -9.69 15.54
CA ARG A 102 25.00 -9.43 14.98
C ARG A 102 25.71 -8.35 15.76
N SER A 103 26.28 -8.73 16.89
CA SER A 103 26.96 -7.79 17.77
C SER A 103 28.48 -7.99 17.67
N GLU A 104 28.87 -9.05 17.00
CA GLU A 104 30.28 -9.40 16.86
C GLU A 104 30.91 -8.52 15.76
N GLY A 1 -3.09 -4.51 -16.03
CA GLY A 1 -3.39 -3.29 -15.27
C GLY A 1 -2.44 -2.16 -15.63
N PRO A 2 -2.15 -1.25 -14.69
CA PRO A 2 -1.20 -0.16 -14.89
C PRO A 2 0.23 -0.69 -15.04
N LEU A 3 0.85 -0.39 -16.18
CA LEU A 3 2.22 -0.82 -16.42
C LEU A 3 3.20 0.17 -15.82
N GLY A 4 3.51 -0.02 -14.55
CA GLY A 4 4.43 0.85 -13.86
C GLY A 4 5.87 0.45 -14.09
N SER A 5 6.77 1.03 -13.30
CA SER A 5 8.19 0.76 -13.43
C SER A 5 8.63 -0.32 -12.45
N HIS A 6 8.81 -1.53 -12.95
CA HIS A 6 9.17 -2.65 -12.10
C HIS A 6 10.17 -3.57 -12.80
N MET A 7 11.21 -2.99 -13.36
CA MET A 7 12.25 -3.75 -14.04
C MET A 7 13.44 -3.97 -13.11
N LYS A 8 13.26 -3.63 -11.85
CA LYS A 8 14.30 -3.79 -10.84
C LYS A 8 14.11 -5.12 -10.10
N GLY A 9 13.26 -5.98 -10.68
CA GLY A 9 12.99 -7.27 -10.11
C GLY A 9 11.50 -7.56 -10.04
N PRO A 10 11.11 -8.79 -9.66
CA PRO A 10 9.71 -9.16 -9.46
C PRO A 10 9.04 -8.31 -8.39
N ALA A 11 9.86 -7.79 -7.50
CA ALA A 11 9.40 -6.90 -6.45
C ALA A 11 10.46 -5.83 -6.19
N LEU A 12 10.03 -4.58 -6.12
CA LEU A 12 10.94 -3.48 -5.86
C LEU A 12 11.45 -3.56 -4.42
N GLU A 13 12.71 -3.90 -4.26
CA GLU A 13 13.27 -4.08 -2.93
C GLU A 13 14.14 -2.90 -2.54
N ASP A 14 13.74 -2.21 -1.49
CA ASP A 14 14.51 -1.09 -0.96
C ASP A 14 14.98 -1.39 0.45
N PHE A 15 15.52 -0.37 1.11
CA PHE A 15 15.97 -0.46 2.51
C PHE A 15 17.16 -1.42 2.65
N SER A 16 17.78 -1.76 1.53
CA SER A 16 18.85 -2.74 1.51
C SER A 16 20.14 -2.16 2.09
N HIS A 17 20.27 -0.84 2.06
CA HIS A 17 21.49 -0.20 2.55
C HIS A 17 21.50 -0.08 4.07
N LEU A 18 20.37 -0.40 4.70
CA LEU A 18 20.28 -0.37 6.15
C LEU A 18 20.79 -1.68 6.75
N PRO A 19 21.59 -1.59 7.82
CA PRO A 19 22.01 -2.76 8.60
C PRO A 19 20.79 -3.44 9.21
N PRO A 20 20.80 -4.78 9.30
CA PRO A 20 19.65 -5.58 9.77
C PRO A 20 18.86 -4.94 10.92
N GLU A 21 19.57 -4.58 11.99
CA GLU A 21 18.95 -4.02 13.19
C GLU A 21 18.12 -2.78 12.85
N GLN A 22 18.69 -1.92 12.00
CA GLN A 22 18.03 -0.68 11.61
C GLN A 22 17.04 -0.92 10.46
N ARG A 23 17.38 -1.88 9.60
CA ARG A 23 16.55 -2.18 8.44
C ARG A 23 15.15 -2.61 8.86
N ARG A 24 15.09 -3.51 9.83
CA ARG A 24 13.80 -4.02 10.30
C ARG A 24 12.99 -2.92 10.97
N LYS A 25 13.67 -1.89 11.46
CA LYS A 25 12.99 -0.70 11.94
C LYS A 25 12.38 0.04 10.77
N ARG A 26 13.21 0.43 9.82
CA ARG A 26 12.76 1.16 8.64
C ARG A 26 11.65 0.44 7.91
N LEU A 27 11.74 -0.89 7.87
CA LEU A 27 10.72 -1.71 7.23
C LEU A 27 9.36 -1.48 7.87
N GLN A 28 9.27 -1.66 9.18
CA GLN A 28 7.98 -1.58 9.83
C GLN A 28 7.59 -0.13 10.12
N GLN A 29 8.55 0.79 10.08
CA GLN A 29 8.23 2.20 10.10
C GLN A 29 7.41 2.55 8.86
N ARG A 30 7.82 1.98 7.73
CA ARG A 30 7.10 2.12 6.49
C ARG A 30 5.75 1.39 6.59
N ILE A 31 5.76 0.24 7.26
CA ILE A 31 4.55 -0.53 7.52
C ILE A 31 3.55 0.28 8.33
N ASP A 32 4.02 0.94 9.39
CA ASP A 32 3.19 1.80 10.22
C ASP A 32 2.54 2.89 9.38
N GLU A 33 3.33 3.49 8.49
CA GLU A 33 2.84 4.51 7.58
C GLU A 33 1.75 3.93 6.68
N LEU A 34 2.08 2.85 6.00
CA LEU A 34 1.18 2.23 5.03
C LEU A 34 -0.09 1.72 5.70
N SER A 35 0.05 1.16 6.90
CA SER A 35 -1.10 0.62 7.63
C SER A 35 -2.15 1.71 7.85
N ARG A 36 -1.69 2.88 8.30
CA ARG A 36 -2.57 4.00 8.56
C ARG A 36 -3.11 4.57 7.26
N GLU A 37 -2.22 4.75 6.30
CA GLU A 37 -2.58 5.26 4.98
C GLU A 37 -3.64 4.37 4.34
N LEU A 38 -3.42 3.06 4.39
CA LEU A 38 -4.32 2.09 3.78
C LEU A 38 -5.69 2.12 4.44
N GLN A 39 -5.72 2.20 5.77
CA GLN A 39 -6.98 2.22 6.50
C GLN A 39 -7.85 3.40 6.06
N LYS A 40 -7.21 4.54 5.83
CA LYS A 40 -7.90 5.74 5.38
C LYS A 40 -8.52 5.50 4.01
N GLU A 41 -7.78 4.82 3.14
CA GLU A 41 -8.22 4.60 1.77
C GLU A 41 -9.25 3.48 1.69
N MET A 42 -9.07 2.41 2.47
CA MET A 42 -10.04 1.32 2.50
C MET A 42 -11.40 1.81 2.98
N ASP A 43 -11.38 2.68 3.98
CA ASP A 43 -12.60 3.30 4.49
C ASP A 43 -13.17 4.27 3.46
N GLN A 44 -12.28 4.93 2.75
CA GLN A 44 -12.67 5.89 1.72
C GLN A 44 -13.39 5.19 0.58
N LYS A 45 -12.89 4.02 0.19
CA LYS A 45 -13.52 3.26 -0.89
C LYS A 45 -14.95 2.90 -0.52
N ASP A 46 -15.15 2.50 0.72
CA ASP A 46 -16.48 2.19 1.22
C ASP A 46 -17.38 3.41 1.13
N ALA A 47 -16.84 4.56 1.55
CA ALA A 47 -17.58 5.81 1.52
C ALA A 47 -17.88 6.23 0.08
N LEU A 48 -16.87 6.14 -0.78
CA LEU A 48 -17.03 6.51 -2.19
C LEU A 48 -18.01 5.58 -2.89
N ASN A 49 -17.99 4.31 -2.54
CA ASN A 49 -18.93 3.34 -3.09
C ASN A 49 -20.37 3.72 -2.75
N LYS A 50 -20.59 4.17 -1.52
CA LYS A 50 -21.91 4.64 -1.11
C LYS A 50 -22.25 5.93 -1.84
N MET A 51 -21.28 6.83 -1.91
CA MET A 51 -21.45 8.10 -2.59
C MET A 51 -21.84 7.89 -4.05
N LYS A 52 -21.16 6.97 -4.71
CA LYS A 52 -21.43 6.64 -6.10
C LYS A 52 -22.88 6.19 -6.27
N ASP A 53 -23.32 5.30 -5.40
CA ASP A 53 -24.67 4.74 -5.49
C ASP A 53 -25.71 5.85 -5.32
N VAL A 54 -25.38 6.86 -4.52
CA VAL A 54 -26.25 8.02 -4.34
C VAL A 54 -26.38 8.78 -5.67
N TYR A 55 -25.24 9.10 -6.27
CA TYR A 55 -25.20 9.86 -7.52
C TYR A 55 -25.82 9.07 -8.67
N GLU A 56 -25.65 7.76 -8.65
CA GLU A 56 -26.20 6.91 -9.70
C GLU A 56 -27.72 6.87 -9.64
N LYS A 57 -28.26 6.53 -8.48
CA LYS A 57 -29.70 6.45 -8.31
C LYS A 57 -30.32 7.84 -8.38
N ASN A 58 -29.58 8.83 -7.93
CA ASN A 58 -30.07 10.20 -7.89
C ASN A 58 -29.10 11.16 -8.57
N PRO A 59 -29.23 11.36 -9.89
CA PRO A 59 -28.45 12.35 -10.64
C PRO A 59 -28.70 13.77 -10.12
N GLN A 60 -29.68 13.87 -9.22
CA GLN A 60 -30.02 15.11 -8.54
C GLN A 60 -28.83 15.63 -7.74
N MET A 61 -27.92 14.74 -7.38
CA MET A 61 -26.77 15.11 -6.57
C MET A 61 -25.60 15.50 -7.46
N GLY A 62 -25.73 15.24 -8.76
CA GLY A 62 -24.66 15.53 -9.69
C GLY A 62 -24.41 14.38 -10.63
N ASP A 63 -23.14 14.08 -10.87
CA ASP A 63 -22.78 12.98 -11.76
C ASP A 63 -21.82 12.03 -11.09
N PRO A 64 -22.08 10.71 -11.20
CA PRO A 64 -21.20 9.68 -10.68
C PRO A 64 -19.92 9.54 -11.52
N SER A 65 -19.95 10.13 -12.72
CA SER A 65 -18.80 10.10 -13.63
C SER A 65 -17.57 10.67 -12.94
N SER A 66 -17.73 11.80 -12.26
CA SER A 66 -16.62 12.45 -11.55
C SER A 66 -16.08 11.57 -10.43
N LEU A 67 -16.87 10.59 -10.01
CA LEU A 67 -16.49 9.72 -8.90
C LEU A 67 -15.63 8.55 -9.39
N HIS A 68 -15.63 8.33 -10.70
CA HIS A 68 -14.86 7.24 -11.29
C HIS A 68 -13.36 7.37 -10.99
N PRO A 69 -12.72 8.52 -11.34
CA PRO A 69 -11.29 8.72 -11.05
C PRO A 69 -11.00 8.74 -9.55
N LYS A 70 -11.98 9.19 -8.77
CA LYS A 70 -11.84 9.23 -7.32
C LYS A 70 -11.69 7.81 -6.78
N ILE A 71 -12.64 6.95 -7.14
CA ILE A 71 -12.62 5.56 -6.71
C ILE A 71 -11.42 4.83 -7.31
N ALA A 72 -11.04 5.24 -8.53
CA ALA A 72 -9.88 4.67 -9.19
C ALA A 72 -8.62 4.92 -8.37
N GLU A 73 -8.43 6.18 -7.97
CA GLU A 73 -7.33 6.56 -7.09
C GLU A 73 -7.37 5.77 -5.79
N THR A 74 -8.50 5.84 -5.12
CA THR A 74 -8.71 5.18 -3.85
C THR A 74 -8.40 3.68 -3.93
N THR A 75 -8.92 3.01 -4.95
CA THR A 75 -8.69 1.59 -5.14
C THR A 75 -7.23 1.31 -5.48
N SER A 76 -6.67 2.12 -6.39
CA SER A 76 -5.29 1.96 -6.81
C SER A 76 -4.34 2.13 -5.63
N ASN A 77 -4.68 3.07 -4.74
CA ASN A 77 -3.90 3.30 -3.54
C ASN A 77 -3.99 2.09 -2.63
N ILE A 78 -5.20 1.61 -2.40
CA ILE A 78 -5.44 0.43 -1.56
C ILE A 78 -4.56 -0.74 -2.01
N GLU A 79 -4.63 -1.05 -3.30
CA GLU A 79 -3.87 -2.17 -3.85
C GLU A 79 -2.38 -1.97 -3.64
N ARG A 80 -1.89 -0.77 -3.94
CA ARG A 80 -0.46 -0.46 -3.80
C ARG A 80 -0.02 -0.54 -2.34
N LEU A 81 -0.78 0.10 -1.46
CA LEU A 81 -0.42 0.17 -0.05
C LEU A 81 -0.34 -1.21 0.58
N ARG A 82 -1.30 -2.06 0.25
CA ARG A 82 -1.35 -3.40 0.80
C ARG A 82 -0.18 -4.25 0.32
N MET A 83 0.14 -4.16 -0.97
CA MET A 83 1.24 -4.95 -1.52
C MET A 83 2.57 -4.45 -0.96
N GLU A 84 2.68 -3.14 -0.72
CA GLU A 84 3.89 -2.58 -0.14
C GLU A 84 4.07 -3.09 1.30
N ILE A 85 2.96 -3.18 2.04
CA ILE A 85 3.00 -3.78 3.37
C ILE A 85 3.46 -5.21 3.30
N HIS A 86 2.81 -5.98 2.42
CA HIS A 86 3.07 -7.41 2.29
C HIS A 86 4.55 -7.68 2.03
N LYS A 87 5.18 -6.78 1.29
CA LYS A 87 6.61 -6.87 1.03
C LYS A 87 7.41 -6.63 2.29
N ASN A 88 7.18 -5.48 2.91
CA ASN A 88 7.97 -5.05 4.07
C ASN A 88 7.76 -5.98 5.26
N GLU A 89 6.52 -6.44 5.44
CA GLU A 89 6.20 -7.34 6.54
C GLU A 89 6.91 -8.67 6.35
N ALA A 90 7.01 -9.07 5.10
CA ALA A 90 7.70 -10.29 4.73
C ALA A 90 9.20 -10.13 4.91
N TRP A 91 9.71 -8.95 4.57
CA TRP A 91 11.13 -8.66 4.73
C TRP A 91 11.53 -8.60 6.19
N LEU A 92 10.58 -8.32 7.06
CA LEU A 92 10.82 -8.41 8.51
C LEU A 92 11.24 -9.82 8.87
N SER A 93 10.53 -10.80 8.32
CA SER A 93 10.84 -12.21 8.56
C SER A 93 12.20 -12.56 7.94
N GLU A 94 12.57 -11.84 6.90
CA GLU A 94 13.87 -12.02 6.25
C GLU A 94 14.99 -11.54 7.17
N VAL A 95 14.85 -10.30 7.66
CA VAL A 95 15.88 -9.69 8.50
C VAL A 95 16.14 -10.52 9.75
N GLU A 96 15.06 -10.98 10.38
CA GLU A 96 15.18 -11.80 11.58
C GLU A 96 15.57 -13.23 11.22
N GLY A 97 15.57 -13.51 9.93
CA GLY A 97 15.97 -14.83 9.46
C GLY A 97 17.47 -14.98 9.41
N LYS A 98 18.14 -14.00 8.81
CA LYS A 98 19.59 -14.05 8.66
C LYS A 98 20.31 -13.44 9.87
N VAL A 99 19.75 -13.66 11.05
CA VAL A 99 20.37 -13.19 12.30
C VAL A 99 21.61 -14.02 12.62
N SER A 100 21.78 -15.11 11.88
CA SER A 100 22.90 -16.01 12.06
C SER A 100 24.21 -15.33 11.65
N GLN A 101 24.10 -14.36 10.74
CA GLN A 101 25.26 -13.58 10.32
C GLN A 101 25.77 -12.73 11.48
N ARG A 102 26.91 -13.12 12.02
CA ARG A 102 27.52 -12.42 13.15
C ARG A 102 26.57 -12.43 14.35
N SER A 103 26.32 -13.63 14.87
CA SER A 103 25.45 -13.79 16.02
C SER A 103 26.25 -13.86 17.30
N GLU A 104 27.49 -14.34 17.20
CA GLU A 104 28.37 -14.52 18.35
C GLU A 104 27.74 -15.50 19.34
N GLY A 1 -0.97 -10.53 -12.70
CA GLY A 1 0.31 -10.29 -13.41
C GLY A 1 0.83 -8.89 -13.17
N PRO A 2 2.00 -8.75 -12.51
CA PRO A 2 2.56 -7.45 -12.18
C PRO A 2 2.91 -6.62 -13.42
N LEU A 3 3.28 -7.31 -14.49
CA LEU A 3 3.60 -6.66 -15.75
C LEU A 3 2.41 -6.69 -16.69
N GLY A 4 1.22 -6.88 -16.12
CA GLY A 4 0.01 -6.79 -16.90
C GLY A 4 -0.38 -5.34 -17.12
N SER A 5 0.23 -4.47 -16.33
CA SER A 5 0.03 -3.04 -16.44
C SER A 5 1.38 -2.35 -16.61
N HIS A 6 1.37 -1.17 -17.21
CA HIS A 6 2.60 -0.41 -17.40
C HIS A 6 2.78 0.60 -16.27
N MET A 7 2.61 0.13 -15.05
CA MET A 7 2.77 0.98 -13.87
C MET A 7 3.94 0.47 -13.03
N LYS A 8 4.82 -0.30 -13.67
CA LYS A 8 5.94 -0.90 -12.98
C LYS A 8 7.15 0.01 -13.02
N GLY A 9 7.60 0.43 -11.84
CA GLY A 9 8.79 1.21 -11.75
C GLY A 9 9.86 0.49 -10.94
N PRO A 10 11.13 0.76 -11.18
CA PRO A 10 12.23 0.15 -10.42
C PRO A 10 12.36 0.74 -9.02
N ALA A 11 11.30 0.60 -8.24
CA ALA A 11 11.25 1.16 -6.90
C ALA A 11 11.79 0.18 -5.87
N LEU A 12 13.10 -0.02 -5.89
CA LEU A 12 13.76 -0.85 -4.90
C LEU A 12 14.31 0.03 -3.79
N GLU A 13 13.86 -0.23 -2.57
CA GLU A 13 14.33 0.53 -1.41
C GLU A 13 15.65 -0.02 -0.91
N ASP A 14 15.74 -1.35 -0.86
CA ASP A 14 16.97 -2.08 -0.49
C ASP A 14 17.30 -1.92 0.99
N PHE A 15 17.63 -0.69 1.41
CA PHE A 15 18.06 -0.41 2.77
C PHE A 15 19.37 -1.15 3.10
N SER A 16 20.16 -1.40 2.06
CA SER A 16 21.43 -2.11 2.23
C SER A 16 22.42 -1.27 3.02
N HIS A 17 22.19 0.04 3.00
CA HIS A 17 23.00 0.99 3.76
C HIS A 17 22.75 0.83 5.27
N LEU A 18 21.76 0.03 5.63
CA LEU A 18 21.41 -0.17 7.03
C LEU A 18 21.78 -1.56 7.49
N PRO A 19 22.57 -1.65 8.58
CA PRO A 19 22.85 -2.93 9.24
C PRO A 19 21.56 -3.63 9.66
N PRO A 20 21.59 -4.98 9.79
CA PRO A 20 20.40 -5.79 10.08
C PRO A 20 19.45 -5.17 11.11
N GLU A 21 20.00 -4.78 12.27
CA GLU A 21 19.19 -4.24 13.36
C GLU A 21 18.53 -2.92 12.95
N GLN A 22 19.30 -2.03 12.35
CA GLN A 22 18.78 -0.74 11.89
C GLN A 22 17.82 -0.92 10.73
N ARG A 23 18.09 -1.91 9.90
CA ARG A 23 17.28 -2.19 8.73
C ARG A 23 15.87 -2.57 9.17
N ARG A 24 15.77 -3.58 10.03
CA ARG A 24 14.47 -4.04 10.51
C ARG A 24 13.77 -2.94 11.31
N LYS A 25 14.56 -2.10 11.96
CA LYS A 25 14.03 -0.96 12.70
C LYS A 25 13.35 0.02 11.74
N ARG A 26 14.06 0.39 10.70
CA ARG A 26 13.52 1.31 9.69
C ARG A 26 12.38 0.66 8.90
N LEU A 27 12.50 -0.63 8.64
CA LEU A 27 11.47 -1.37 7.93
C LEU A 27 10.15 -1.36 8.72
N GLN A 28 10.23 -1.48 10.03
CA GLN A 28 9.04 -1.42 10.87
C GLN A 28 8.38 -0.05 10.79
N GLN A 29 9.20 0.99 10.84
CA GLN A 29 8.72 2.36 10.69
C GLN A 29 8.10 2.56 9.31
N ARG A 30 8.78 2.00 8.31
CA ARG A 30 8.30 2.03 6.93
C ARG A 30 6.94 1.33 6.82
N ILE A 31 6.87 0.12 7.38
CA ILE A 31 5.64 -0.68 7.34
C ILE A 31 4.51 0.00 8.11
N ASP A 32 4.80 0.50 9.31
CA ASP A 32 3.78 1.15 10.12
C ASP A 32 3.17 2.33 9.38
N GLU A 33 4.03 3.10 8.71
CA GLU A 33 3.59 4.22 7.89
C GLU A 33 2.67 3.72 6.76
N LEU A 34 3.10 2.65 6.11
CA LEU A 34 2.39 2.11 4.96
C LEU A 34 1.09 1.42 5.36
N SER A 35 1.14 0.61 6.42
CA SER A 35 -0.04 -0.13 6.88
C SER A 35 -1.10 0.83 7.40
N ARG A 36 -0.66 1.87 8.10
CA ARG A 36 -1.56 2.91 8.58
C ARG A 36 -2.19 3.64 7.39
N GLU A 37 -1.35 3.96 6.41
CA GLU A 37 -1.82 4.63 5.20
C GLU A 37 -2.79 3.75 4.44
N LEU A 38 -2.41 2.49 4.26
CA LEU A 38 -3.23 1.52 3.55
C LEU A 38 -4.56 1.32 4.28
N GLN A 39 -4.51 1.28 5.60
CA GLN A 39 -5.71 1.14 6.41
C GLN A 39 -6.72 2.22 6.03
N LYS A 40 -6.21 3.44 5.82
CA LYS A 40 -7.04 4.56 5.44
C LYS A 40 -7.49 4.45 3.99
N GLU A 41 -6.58 4.01 3.12
CA GLU A 41 -6.87 3.89 1.69
C GLU A 41 -7.92 2.81 1.43
N MET A 42 -7.78 1.65 2.10
CA MET A 42 -8.76 0.57 1.97
C MET A 42 -10.13 1.05 2.42
N ASP A 43 -10.14 1.80 3.53
CA ASP A 43 -11.36 2.36 4.08
C ASP A 43 -11.93 3.42 3.14
N GLN A 44 -11.04 4.17 2.51
CA GLN A 44 -11.43 5.23 1.60
C GLN A 44 -12.09 4.66 0.36
N LYS A 45 -11.53 3.58 -0.18
CA LYS A 45 -12.10 2.92 -1.35
C LYS A 45 -13.50 2.42 -1.05
N ASP A 46 -13.66 1.82 0.13
CA ASP A 46 -14.95 1.34 0.57
C ASP A 46 -15.95 2.49 0.65
N ALA A 47 -15.51 3.58 1.26
CA ALA A 47 -16.32 4.78 1.39
C ALA A 47 -16.68 5.34 0.01
N LEU A 48 -15.69 5.41 -0.87
CA LEU A 48 -15.88 5.94 -2.21
C LEU A 48 -16.84 5.07 -3.02
N ASN A 49 -16.69 3.76 -2.90
CA ASN A 49 -17.55 2.81 -3.61
C ASN A 49 -18.98 2.87 -3.06
N LYS A 50 -19.10 2.98 -1.75
CA LYS A 50 -20.41 3.11 -1.11
C LYS A 50 -21.07 4.41 -1.54
N MET A 51 -20.30 5.49 -1.51
CA MET A 51 -20.78 6.80 -1.91
C MET A 51 -21.14 6.80 -3.40
N LYS A 52 -20.37 6.05 -4.18
CA LYS A 52 -20.67 5.86 -5.59
C LYS A 52 -22.05 5.23 -5.74
N ASP A 53 -22.29 4.17 -4.98
CA ASP A 53 -23.57 3.50 -4.96
C ASP A 53 -24.70 4.45 -4.59
N VAL A 54 -24.41 5.38 -3.69
CA VAL A 54 -25.37 6.43 -3.34
C VAL A 54 -25.66 7.29 -4.56
N TYR A 55 -24.61 7.71 -5.25
CA TYR A 55 -24.73 8.53 -6.45
C TYR A 55 -25.47 7.80 -7.57
N GLU A 56 -25.28 6.48 -7.65
CA GLU A 56 -25.91 5.68 -8.69
C GLU A 56 -27.40 5.52 -8.46
N LYS A 57 -27.80 5.35 -7.21
CA LYS A 57 -29.20 5.19 -6.88
C LYS A 57 -29.88 6.56 -6.78
N ASN A 58 -29.10 7.57 -6.45
CA ASN A 58 -29.61 8.93 -6.31
C ASN A 58 -28.69 9.93 -6.98
N PRO A 59 -28.94 10.24 -8.27
CA PRO A 59 -28.20 11.29 -8.99
C PRO A 59 -28.35 12.66 -8.32
N GLN A 60 -29.23 12.73 -7.33
CA GLN A 60 -29.41 13.93 -6.51
C GLN A 60 -28.12 14.27 -5.78
N MET A 61 -27.32 13.25 -5.50
CA MET A 61 -26.06 13.44 -4.79
C MET A 61 -24.95 13.82 -5.75
N GLY A 62 -25.25 13.82 -7.04
CA GLY A 62 -24.26 14.17 -8.03
C GLY A 62 -24.11 13.09 -9.08
N ASP A 63 -22.89 12.90 -9.56
CA ASP A 63 -22.61 11.92 -10.60
C ASP A 63 -21.52 10.97 -10.14
N PRO A 64 -21.79 9.65 -10.20
CA PRO A 64 -20.81 8.63 -9.80
C PRO A 64 -19.58 8.64 -10.71
N SER A 65 -19.74 9.26 -11.87
CA SER A 65 -18.64 9.42 -12.80
C SER A 65 -17.54 10.29 -12.20
N SER A 66 -17.94 11.27 -11.39
CA SER A 66 -16.98 12.17 -10.76
C SER A 66 -16.17 11.43 -9.69
N LEU A 67 -16.72 10.34 -9.20
CA LEU A 67 -16.07 9.56 -8.16
C LEU A 67 -15.17 8.48 -8.75
N HIS A 68 -15.34 8.22 -10.05
CA HIS A 68 -14.59 7.14 -10.71
C HIS A 68 -13.08 7.41 -10.69
N PRO A 69 -12.61 8.60 -11.13
CA PRO A 69 -11.18 8.94 -11.07
C PRO A 69 -10.64 8.92 -9.64
N LYS A 70 -11.51 9.20 -8.68
CA LYS A 70 -11.14 9.19 -7.28
C LYS A 70 -10.89 7.76 -6.81
N ILE A 71 -11.89 6.91 -7.05
CA ILE A 71 -11.78 5.49 -6.69
C ILE A 71 -10.57 4.86 -7.38
N ALA A 72 -10.32 5.29 -8.61
CA ALA A 72 -9.22 4.75 -9.40
C ALA A 72 -7.88 4.86 -8.67
N GLU A 73 -7.50 6.08 -8.29
CA GLU A 73 -6.21 6.29 -7.64
C GLU A 73 -6.20 5.67 -6.24
N THR A 74 -7.35 5.70 -5.58
CA THR A 74 -7.50 5.10 -4.27
C THR A 74 -7.27 3.59 -4.34
N THR A 75 -7.76 2.99 -5.42
CA THR A 75 -7.61 1.55 -5.63
C THR A 75 -6.15 1.20 -5.94
N SER A 76 -5.50 2.01 -6.76
CA SER A 76 -4.12 1.75 -7.15
C SER A 76 -3.17 1.97 -5.97
N ASN A 77 -3.51 2.92 -5.09
CA ASN A 77 -2.72 3.13 -3.88
C ASN A 77 -2.76 1.91 -2.99
N ILE A 78 -3.95 1.33 -2.87
CA ILE A 78 -4.14 0.13 -2.06
C ILE A 78 -3.21 -0.99 -2.49
N GLU A 79 -3.23 -1.31 -3.77
CA GLU A 79 -2.39 -2.38 -4.31
C GLU A 79 -0.92 -2.01 -4.21
N ARG A 80 -0.62 -0.74 -4.31
CA ARG A 80 0.74 -0.24 -4.19
C ARG A 80 1.23 -0.40 -2.75
N LEU A 81 0.48 0.15 -1.81
CA LEU A 81 0.86 0.12 -0.40
C LEU A 81 0.95 -1.31 0.11
N ARG A 82 0.06 -2.17 -0.39
CA ARG A 82 0.07 -3.58 0.00
C ARG A 82 1.38 -4.25 -0.41
N MET A 83 1.83 -4.02 -1.64
CA MET A 83 3.06 -4.62 -2.10
C MET A 83 4.25 -3.99 -1.37
N GLU A 84 4.13 -2.71 -1.03
CA GLU A 84 5.17 -2.03 -0.24
C GLU A 84 5.40 -2.75 1.09
N ILE A 85 4.30 -3.08 1.76
CA ILE A 85 4.36 -3.82 3.01
C ILE A 85 5.05 -5.18 2.79
N HIS A 86 4.62 -5.87 1.75
CA HIS A 86 5.15 -7.20 1.43
C HIS A 86 6.64 -7.11 1.11
N LYS A 87 7.03 -6.08 0.36
CA LYS A 87 8.43 -5.83 0.05
C LYS A 87 9.27 -5.74 1.32
N ASN A 88 8.79 -4.94 2.26
CA ASN A 88 9.51 -4.72 3.51
C ASN A 88 9.51 -5.98 4.37
N GLU A 89 8.41 -6.73 4.34
CA GLU A 89 8.37 -8.00 5.05
C GLU A 89 9.33 -9.01 4.42
N ALA A 90 9.48 -8.93 3.11
CA ALA A 90 10.43 -9.76 2.40
C ALA A 90 11.85 -9.41 2.81
N TRP A 91 12.11 -8.11 2.99
CA TRP A 91 13.41 -7.64 3.44
C TRP A 91 13.60 -7.94 4.93
N LEU A 92 12.50 -7.97 5.67
CA LEU A 92 12.53 -8.42 7.06
C LEU A 92 12.95 -9.87 7.13
N SER A 93 12.39 -10.68 6.25
CA SER A 93 12.76 -12.09 6.13
C SER A 93 14.25 -12.19 5.76
N GLU A 94 14.73 -11.21 5.01
CA GLU A 94 16.15 -11.12 4.70
C GLU A 94 16.96 -10.84 5.95
N VAL A 95 16.52 -9.84 6.72
CA VAL A 95 17.17 -9.52 7.99
C VAL A 95 17.18 -10.73 8.91
N GLU A 96 16.01 -11.36 9.03
CA GLU A 96 15.83 -12.56 9.83
C GLU A 96 16.67 -13.73 9.31
N GLY A 97 17.28 -13.54 8.14
CA GLY A 97 18.08 -14.59 7.54
C GLY A 97 19.52 -14.53 7.95
N LYS A 98 19.98 -13.38 8.44
CA LYS A 98 21.37 -13.23 8.86
C LYS A 98 21.44 -12.78 10.32
N VAL A 99 20.42 -13.12 11.07
CA VAL A 99 20.36 -12.78 12.49
C VAL A 99 19.38 -13.73 13.19
N SER A 100 19.34 -13.67 14.52
CA SER A 100 18.38 -14.44 15.28
C SER A 100 16.96 -13.96 14.99
N GLN A 101 16.13 -14.88 14.48
CA GLN A 101 14.76 -14.54 14.08
C GLN A 101 13.96 -14.04 15.27
N ARG A 102 13.57 -12.78 15.24
CA ARG A 102 12.83 -12.18 16.33
C ARG A 102 11.80 -11.18 15.79
N SER A 103 10.85 -11.69 15.02
CA SER A 103 9.77 -10.86 14.51
C SER A 103 8.68 -10.72 15.58
N GLU A 104 8.77 -9.66 16.36
CA GLU A 104 7.79 -9.41 17.40
C GLU A 104 6.99 -8.16 17.05
N GLY A 1 9.12 4.29 -19.64
CA GLY A 1 7.99 5.23 -19.72
C GLY A 1 7.26 5.33 -18.40
N PRO A 2 7.07 6.55 -17.87
CA PRO A 2 6.39 6.78 -16.60
C PRO A 2 4.87 6.93 -16.74
N LEU A 3 4.37 6.70 -17.94
CA LEU A 3 2.94 6.83 -18.20
C LEU A 3 2.22 5.55 -17.77
N GLY A 4 1.27 5.68 -16.86
CA GLY A 4 0.61 4.51 -16.31
C GLY A 4 1.32 4.03 -15.07
N SER A 5 2.58 3.65 -15.25
CA SER A 5 3.43 3.25 -14.14
C SER A 5 4.66 4.15 -14.11
N HIS A 6 4.69 5.06 -13.14
CA HIS A 6 5.77 6.03 -13.02
C HIS A 6 7.10 5.33 -12.74
N MET A 7 7.07 4.37 -11.81
CA MET A 7 8.26 3.62 -11.43
C MET A 7 9.34 4.56 -10.90
N LYS A 8 10.59 4.08 -10.93
CA LYS A 8 11.74 4.86 -10.48
C LYS A 8 11.57 5.26 -9.01
N GLY A 9 11.01 4.36 -8.23
CA GLY A 9 10.80 4.60 -6.81
C GLY A 9 11.41 3.51 -5.97
N PRO A 10 10.95 3.33 -4.72
CA PRO A 10 11.46 2.29 -3.85
C PRO A 10 11.05 0.89 -4.32
N ALA A 11 9.76 0.57 -4.19
CA ALA A 11 9.20 -0.72 -4.57
C ALA A 11 9.95 -1.87 -3.88
N LEU A 12 9.38 -2.36 -2.78
CA LEU A 12 9.99 -3.46 -2.04
C LEU A 12 10.08 -4.70 -2.92
N GLU A 13 11.29 -5.04 -3.31
CA GLU A 13 11.50 -6.23 -4.11
C GLU A 13 12.38 -7.21 -3.33
N ASP A 14 13.44 -6.66 -2.74
CA ASP A 14 14.40 -7.46 -1.99
C ASP A 14 15.08 -6.59 -0.93
N PHE A 15 15.93 -5.66 -1.40
CA PHE A 15 16.71 -4.80 -0.51
C PHE A 15 17.55 -5.61 0.48
N SER A 16 17.99 -6.78 0.03
CA SER A 16 18.76 -7.68 0.88
C SER A 16 20.25 -7.35 0.83
N HIS A 17 20.63 -6.44 -0.06
CA HIS A 17 22.03 -6.03 -0.18
C HIS A 17 22.41 -5.05 0.93
N LEU A 18 21.43 -4.70 1.75
CA LEU A 18 21.65 -3.81 2.87
C LEU A 18 22.05 -4.60 4.11
N PRO A 19 23.02 -4.10 4.89
CA PRO A 19 23.41 -4.72 6.16
C PRO A 19 22.21 -4.84 7.10
N PRO A 20 22.20 -5.86 7.98
CA PRO A 20 21.04 -6.19 8.83
C PRO A 20 20.28 -4.98 9.37
N GLU A 21 20.96 -4.11 10.10
CA GLU A 21 20.30 -2.97 10.74
C GLU A 21 19.80 -1.94 9.72
N GLN A 22 20.61 -1.68 8.71
CA GLN A 22 20.22 -0.74 7.66
C GLN A 22 19.09 -1.32 6.82
N ARG A 23 19.11 -2.63 6.63
CA ARG A 23 18.09 -3.33 5.88
C ARG A 23 16.74 -3.14 6.56
N ARG A 24 16.63 -3.61 7.81
CA ARG A 24 15.40 -3.50 8.55
C ARG A 24 14.96 -2.04 8.68
N LYS A 25 15.93 -1.14 8.70
CA LYS A 25 15.65 0.29 8.79
C LYS A 25 14.87 0.74 7.56
N ARG A 26 15.49 0.59 6.38
CA ARG A 26 14.86 0.98 5.13
C ARG A 26 13.54 0.25 4.93
N LEU A 27 13.52 -1.02 5.34
CA LEU A 27 12.31 -1.84 5.28
C LEU A 27 11.14 -1.16 6.00
N GLN A 28 11.35 -0.77 7.25
CA GLN A 28 10.26 -0.20 8.02
C GLN A 28 10.09 1.30 7.78
N GLN A 29 11.10 1.94 7.21
CA GLN A 29 10.91 3.30 6.71
C GLN A 29 9.85 3.30 5.63
N ARG A 30 9.80 2.22 4.87
CA ARG A 30 8.72 2.00 3.93
C ARG A 30 7.42 1.74 4.67
N ILE A 31 7.51 0.92 5.71
CA ILE A 31 6.37 0.59 6.57
C ILE A 31 5.69 1.85 7.11
N ASP A 32 6.47 2.72 7.73
CA ASP A 32 5.95 3.97 8.30
C ASP A 32 5.23 4.81 7.26
N GLU A 33 5.81 4.87 6.07
CA GLU A 33 5.22 5.64 4.98
C GLU A 33 3.97 4.95 4.45
N LEU A 34 4.11 3.69 4.07
CA LEU A 34 3.03 2.92 3.48
C LEU A 34 1.83 2.83 4.40
N SER A 35 2.08 2.62 5.68
CA SER A 35 1.02 2.50 6.67
C SER A 35 0.18 3.78 6.74
N ARG A 36 0.83 4.91 6.54
CA ARG A 36 0.15 6.20 6.55
C ARG A 36 -0.49 6.47 5.19
N GLU A 37 0.24 6.15 4.14
CA GLU A 37 -0.24 6.34 2.77
C GLU A 37 -1.49 5.49 2.54
N LEU A 38 -1.47 4.28 3.08
CA LEU A 38 -2.56 3.34 2.96
C LEU A 38 -3.77 3.78 3.80
N GLN A 39 -3.49 4.36 4.96
CA GLN A 39 -4.54 4.85 5.83
C GLN A 39 -5.48 5.78 5.07
N LYS A 40 -4.90 6.59 4.19
CA LYS A 40 -5.66 7.50 3.36
C LYS A 40 -6.61 6.73 2.43
N GLU A 41 -6.09 5.68 1.81
CA GLU A 41 -6.83 4.93 0.80
C GLU A 41 -7.95 4.10 1.44
N MET A 42 -7.65 3.44 2.56
CA MET A 42 -8.66 2.65 3.27
C MET A 42 -9.81 3.56 3.69
N ASP A 43 -9.45 4.73 4.20
CA ASP A 43 -10.43 5.73 4.62
C ASP A 43 -11.20 6.28 3.42
N GLN A 44 -10.47 6.51 2.33
CA GLN A 44 -11.05 7.08 1.12
C GLN A 44 -12.03 6.13 0.47
N LYS A 45 -11.69 4.84 0.44
CA LYS A 45 -12.55 3.84 -0.18
C LYS A 45 -13.94 3.86 0.45
N ASP A 46 -13.97 3.86 1.76
CA ASP A 46 -15.23 3.88 2.50
C ASP A 46 -16.03 5.13 2.15
N ALA A 47 -15.33 6.25 2.02
CA ALA A 47 -15.96 7.51 1.64
C ALA A 47 -16.47 7.46 0.20
N LEU A 48 -15.68 6.83 -0.67
CA LEU A 48 -16.04 6.70 -2.07
C LEU A 48 -17.26 5.78 -2.23
N ASN A 49 -17.36 4.79 -1.35
CA ASN A 49 -18.52 3.90 -1.36
C ASN A 49 -19.78 4.69 -1.05
N LYS A 50 -19.71 5.53 -0.02
CA LYS A 50 -20.84 6.39 0.34
C LYS A 50 -21.12 7.38 -0.78
N MET A 51 -20.04 7.93 -1.34
CA MET A 51 -20.15 8.84 -2.48
C MET A 51 -20.97 8.19 -3.59
N LYS A 52 -20.59 6.97 -3.96
CA LYS A 52 -21.29 6.23 -4.99
C LYS A 52 -22.77 6.06 -4.64
N ASP A 53 -23.03 5.67 -3.40
CA ASP A 53 -24.39 5.44 -2.92
C ASP A 53 -25.26 6.68 -3.14
N VAL A 54 -24.68 7.85 -2.91
CA VAL A 54 -25.40 9.11 -3.14
C VAL A 54 -25.84 9.22 -4.60
N TYR A 55 -24.91 8.95 -5.52
CA TYR A 55 -25.18 9.09 -6.94
C TYR A 55 -26.07 7.95 -7.45
N GLU A 56 -26.03 6.81 -6.77
CA GLU A 56 -26.85 5.66 -7.15
C GLU A 56 -28.31 5.88 -6.76
N LYS A 57 -28.53 6.74 -5.79
CA LYS A 57 -29.89 7.09 -5.36
C LYS A 57 -30.30 8.41 -5.99
N ASN A 58 -29.33 9.30 -6.13
CA ASN A 58 -29.59 10.62 -6.69
C ASN A 58 -28.62 10.91 -7.84
N PRO A 59 -28.94 10.48 -9.07
CA PRO A 59 -28.13 10.78 -10.26
C PRO A 59 -28.12 12.28 -10.58
N GLN A 60 -28.89 13.02 -9.78
CA GLN A 60 -28.96 14.47 -9.88
C GLN A 60 -27.58 15.10 -9.81
N MET A 61 -26.72 14.53 -8.99
CA MET A 61 -25.40 15.09 -8.74
C MET A 61 -24.39 14.59 -9.77
N GLY A 62 -24.78 13.57 -10.53
CA GLY A 62 -23.88 13.02 -11.52
C GLY A 62 -24.13 11.53 -11.75
N ASP A 63 -23.21 10.90 -12.46
CA ASP A 63 -23.34 9.49 -12.80
C ASP A 63 -22.50 8.62 -11.87
N PRO A 64 -23.11 7.60 -11.25
CA PRO A 64 -22.42 6.71 -10.31
C PRO A 64 -21.45 5.73 -10.98
N SER A 65 -21.59 5.55 -12.29
CA SER A 65 -20.77 4.59 -13.00
C SER A 65 -19.36 5.16 -13.22
N SER A 66 -19.27 6.47 -13.39
CA SER A 66 -17.98 7.13 -13.54
C SER A 66 -17.20 7.07 -12.22
N LEU A 67 -17.89 6.72 -11.15
CA LEU A 67 -17.27 6.62 -9.83
C LEU A 67 -16.61 5.25 -9.65
N HIS A 68 -16.97 4.30 -10.50
CA HIS A 68 -16.47 2.93 -10.39
C HIS A 68 -14.93 2.89 -10.48
N PRO A 69 -14.32 3.47 -11.54
CA PRO A 69 -12.86 3.49 -11.69
C PRO A 69 -12.17 4.16 -10.50
N LYS A 70 -12.84 5.15 -9.91
CA LYS A 70 -12.30 5.86 -8.76
C LYS A 70 -12.17 4.93 -7.56
N ILE A 71 -13.23 4.18 -7.29
CA ILE A 71 -13.21 3.20 -6.21
C ILE A 71 -12.22 2.07 -6.55
N ALA A 72 -12.20 1.70 -7.82
CA ALA A 72 -11.33 0.63 -8.30
C ALA A 72 -9.87 0.93 -8.01
N GLU A 73 -9.37 2.07 -8.51
CA GLU A 73 -7.96 2.42 -8.32
C GLU A 73 -7.65 2.69 -6.86
N THR A 74 -8.62 3.22 -6.12
CA THR A 74 -8.47 3.41 -4.69
C THR A 74 -8.24 2.07 -4.00
N THR A 75 -8.96 1.06 -4.47
CA THR A 75 -8.78 -0.29 -3.98
C THR A 75 -7.43 -0.86 -4.45
N SER A 76 -7.06 -0.54 -5.68
CA SER A 76 -5.77 -0.97 -6.23
C SER A 76 -4.61 -0.40 -5.43
N ASN A 77 -4.75 0.86 -5.00
CA ASN A 77 -3.76 1.49 -4.15
C ASN A 77 -3.66 0.73 -2.84
N ILE A 78 -4.81 0.40 -2.27
CA ILE A 78 -4.89 -0.40 -1.05
C ILE A 78 -4.13 -1.72 -1.22
N GLU A 79 -4.37 -2.38 -2.36
CA GLU A 79 -3.69 -3.62 -2.68
C GLU A 79 -2.17 -3.45 -2.71
N ARG A 80 -1.71 -2.43 -3.45
CA ARG A 80 -0.28 -2.18 -3.59
C ARG A 80 0.37 -1.86 -2.24
N LEU A 81 -0.16 -0.86 -1.57
CA LEU A 81 0.45 -0.35 -0.35
C LEU A 81 0.53 -1.42 0.72
N ARG A 82 -0.52 -2.22 0.85
CA ARG A 82 -0.55 -3.28 1.84
C ARG A 82 0.37 -4.43 1.45
N MET A 83 0.43 -4.75 0.15
CA MET A 83 1.25 -5.86 -0.30
C MET A 83 2.73 -5.53 -0.14
N GLU A 84 3.07 -4.24 -0.20
CA GLU A 84 4.45 -3.82 0.05
C GLU A 84 4.77 -3.98 1.54
N ILE A 85 3.80 -3.67 2.38
CA ILE A 85 3.93 -3.84 3.83
C ILE A 85 4.05 -5.33 4.18
N HIS A 86 3.36 -6.16 3.41
CA HIS A 86 3.40 -7.60 3.62
C HIS A 86 4.80 -8.14 3.32
N LYS A 87 5.56 -7.42 2.51
CA LYS A 87 6.90 -7.85 2.15
C LYS A 87 7.92 -7.40 3.19
N ASN A 88 7.93 -6.11 3.48
CA ASN A 88 8.93 -5.53 4.37
C ASN A 88 8.83 -6.05 5.80
N GLU A 89 7.61 -6.23 6.29
CA GLU A 89 7.40 -6.82 7.60
C GLU A 89 7.97 -8.23 7.65
N ALA A 90 7.78 -8.97 6.58
CA ALA A 90 8.25 -10.36 6.50
C ALA A 90 9.77 -10.41 6.51
N TRP A 91 10.41 -9.42 5.92
CA TRP A 91 11.86 -9.37 5.89
C TRP A 91 12.42 -8.85 7.21
N LEU A 92 11.61 -8.11 7.96
CA LEU A 92 12.00 -7.69 9.32
C LEU A 92 12.29 -8.92 10.16
N SER A 93 11.39 -9.90 10.08
CA SER A 93 11.54 -11.15 10.80
C SER A 93 12.69 -11.98 10.24
N GLU A 94 13.10 -11.68 9.01
CA GLU A 94 14.26 -12.33 8.42
C GLU A 94 15.55 -11.72 8.97
N VAL A 95 15.52 -10.40 9.15
CA VAL A 95 16.66 -9.69 9.72
C VAL A 95 16.89 -10.12 11.16
N GLU A 96 15.83 -10.11 11.95
CA GLU A 96 15.93 -10.51 13.35
C GLU A 96 16.10 -12.02 13.46
N GLY A 97 15.72 -12.72 12.41
CA GLY A 97 15.82 -14.17 12.38
C GLY A 97 17.25 -14.66 12.43
N LYS A 98 18.18 -13.87 11.89
CA LYS A 98 19.58 -14.25 11.91
C LYS A 98 20.25 -13.75 13.19
N VAL A 99 19.60 -12.79 13.84
CA VAL A 99 20.13 -12.22 15.08
C VAL A 99 20.00 -13.21 16.22
N SER A 100 18.79 -13.70 16.45
CA SER A 100 18.54 -14.72 17.45
C SER A 100 18.65 -16.10 16.81
N GLN A 101 19.34 -17.00 17.52
CA GLN A 101 19.69 -18.32 17.01
C GLN A 101 18.44 -19.15 16.69
N ARG A 102 17.39 -18.93 17.46
CA ARG A 102 16.11 -19.56 17.17
C ARG A 102 15.00 -18.53 17.23
N SER A 103 14.37 -18.31 16.09
CA SER A 103 13.35 -17.29 15.97
C SER A 103 12.12 -17.86 15.27
N GLU A 104 10.97 -17.23 15.47
CA GLU A 104 9.76 -17.66 14.81
C GLU A 104 9.39 -16.65 13.73
N GLY A 1 1.37 -6.99 -23.44
CA GLY A 1 1.06 -6.18 -22.23
C GLY A 1 1.93 -4.95 -22.14
N PRO A 2 1.76 -4.14 -21.08
CA PRO A 2 2.52 -2.90 -20.89
C PRO A 2 4.03 -3.15 -20.83
N LEU A 3 4.77 -2.47 -21.68
CA LEU A 3 6.22 -2.62 -21.72
C LEU A 3 6.88 -1.83 -20.59
N GLY A 4 6.22 -0.76 -20.18
CA GLY A 4 6.73 0.05 -19.09
C GLY A 4 6.45 -0.56 -17.74
N SER A 5 7.06 -1.70 -17.47
CA SER A 5 6.88 -2.40 -16.20
C SER A 5 7.54 -1.62 -15.07
N HIS A 6 8.46 -0.74 -15.44
CA HIS A 6 9.17 0.08 -14.48
C HIS A 6 8.79 1.55 -14.66
N MET A 7 7.48 1.80 -14.75
CA MET A 7 6.97 3.16 -14.91
C MET A 7 7.24 4.00 -13.66
N LYS A 8 7.34 3.34 -12.52
CA LYS A 8 7.68 4.01 -11.29
C LYS A 8 9.15 3.79 -10.96
N GLY A 9 9.68 2.68 -11.46
CA GLY A 9 11.07 2.37 -11.28
C GLY A 9 11.29 0.99 -10.70
N PRO A 10 12.46 0.74 -10.10
CA PRO A 10 12.76 -0.53 -9.44
C PRO A 10 12.01 -0.66 -8.13
N ALA A 11 11.06 -1.60 -8.09
CA ALA A 11 10.22 -1.78 -6.91
C ALA A 11 10.98 -2.48 -5.80
N LEU A 12 12.11 -3.07 -6.15
CA LEU A 12 12.94 -3.77 -5.18
C LEU A 12 13.79 -2.77 -4.42
N GLU A 13 13.45 -2.56 -3.16
CA GLU A 13 14.18 -1.63 -2.32
C GLU A 13 15.20 -2.38 -1.46
N ASP A 14 14.72 -3.44 -0.82
CA ASP A 14 15.57 -4.38 -0.05
C ASP A 14 16.09 -3.77 1.25
N PHE A 15 16.72 -2.59 1.15
CA PHE A 15 17.39 -1.96 2.29
C PHE A 15 18.54 -2.84 2.75
N SER A 16 19.16 -3.54 1.81
CA SER A 16 20.20 -4.51 2.12
C SER A 16 21.56 -3.81 2.31
N HIS A 17 21.60 -2.52 2.01
CA HIS A 17 22.82 -1.75 2.25
C HIS A 17 22.86 -1.26 3.69
N LEU A 18 21.92 -1.74 4.48
CA LEU A 18 21.86 -1.45 5.90
C LEU A 18 21.95 -2.74 6.69
N PRO A 19 22.79 -2.78 7.74
CA PRO A 19 22.88 -3.94 8.63
C PRO A 19 21.53 -4.28 9.24
N PRO A 20 21.28 -5.58 9.52
CA PRO A 20 19.97 -6.09 9.96
C PRO A 20 19.20 -5.16 10.89
N GLU A 21 19.83 -4.72 11.98
CA GLU A 21 19.15 -3.91 12.98
C GLU A 21 18.80 -2.52 12.44
N GLN A 22 19.67 -1.96 11.60
CA GLN A 22 19.40 -0.67 10.98
C GLN A 22 18.41 -0.83 9.85
N ARG A 23 18.47 -1.98 9.19
CA ARG A 23 17.57 -2.31 8.10
C ARG A 23 16.12 -2.29 8.58
N ARG A 24 15.83 -3.07 9.60
CA ARG A 24 14.48 -3.13 10.17
C ARG A 24 14.05 -1.78 10.71
N LYS A 25 15.03 -1.00 11.15
CA LYS A 25 14.78 0.33 11.66
C LYS A 25 14.19 1.22 10.58
N ARG A 26 14.65 1.03 9.35
CA ARG A 26 14.18 1.82 8.22
C ARG A 26 12.94 1.18 7.61
N LEU A 27 12.85 -0.15 7.68
CA LEU A 27 11.68 -0.87 7.19
C LEU A 27 10.43 -0.39 7.93
N GLN A 28 10.51 -0.31 9.24
CA GLN A 28 9.39 0.11 10.06
C GLN A 28 9.09 1.58 9.90
N GLN A 29 10.11 2.38 9.59
CA GLN A 29 9.91 3.79 9.30
C GLN A 29 9.17 3.95 7.97
N ARG A 30 9.45 3.07 7.03
CA ARG A 30 8.73 3.03 5.77
C ARG A 30 7.29 2.59 6.00
N ILE A 31 7.13 1.51 6.77
CA ILE A 31 5.80 1.00 7.11
C ILE A 31 4.98 2.03 7.88
N ASP A 32 5.64 2.77 8.77
CA ASP A 32 5.00 3.84 9.53
C ASP A 32 4.43 4.89 8.59
N GLU A 33 5.19 5.22 7.56
CA GLU A 33 4.75 6.17 6.55
C GLU A 33 3.53 5.61 5.81
N LEU A 34 3.61 4.33 5.49
CA LEU A 34 2.59 3.66 4.70
C LEU A 34 1.30 3.43 5.48
N SER A 35 1.42 3.09 6.76
CA SER A 35 0.24 2.84 7.58
C SER A 35 -0.57 4.12 7.76
N ARG A 36 0.14 5.23 8.00
CA ARG A 36 -0.50 6.53 8.12
C ARG A 36 -1.16 6.94 6.81
N GLU A 37 -0.49 6.65 5.70
CA GLU A 37 -1.00 6.99 4.39
C GLU A 37 -2.20 6.10 4.03
N LEU A 38 -2.04 4.81 4.26
CA LEU A 38 -3.06 3.82 3.96
C LEU A 38 -4.36 4.14 4.70
N GLN A 39 -4.22 4.61 5.94
CA GLN A 39 -5.37 4.98 6.76
C GLN A 39 -6.23 6.00 6.05
N LYS A 40 -5.58 6.94 5.37
CA LYS A 40 -6.29 8.02 4.69
C LYS A 40 -6.87 7.52 3.36
N GLU A 41 -6.10 6.73 2.63
CA GLU A 41 -6.53 6.24 1.32
C GLU A 41 -7.69 5.27 1.46
N MET A 42 -7.65 4.44 2.49
CA MET A 42 -8.75 3.51 2.76
C MET A 42 -9.98 4.26 3.23
N ASP A 43 -9.76 5.33 3.99
CA ASP A 43 -10.85 6.17 4.49
C ASP A 43 -11.61 6.76 3.32
N GLN A 44 -10.86 7.23 2.32
CA GLN A 44 -11.42 7.84 1.13
C GLN A 44 -12.27 6.84 0.34
N LYS A 45 -11.81 5.60 0.26
CA LYS A 45 -12.52 4.57 -0.50
C LYS A 45 -13.91 4.33 0.07
N ASP A 46 -13.99 4.21 1.39
CA ASP A 46 -15.26 3.94 2.05
C ASP A 46 -16.25 5.07 1.79
N ALA A 47 -15.73 6.30 1.80
CA ALA A 47 -16.56 7.47 1.50
C ALA A 47 -17.04 7.44 0.06
N LEU A 48 -16.18 6.93 -0.82
CA LEU A 48 -16.52 6.82 -2.23
C LEU A 48 -17.51 5.69 -2.46
N ASN A 49 -17.37 4.61 -1.70
CA ASN A 49 -18.30 3.50 -1.76
C ASN A 49 -19.69 3.96 -1.36
N LYS A 50 -19.75 4.74 -0.28
CA LYS A 50 -21.00 5.29 0.21
C LYS A 50 -21.60 6.25 -0.84
N MET A 51 -20.75 7.08 -1.43
CA MET A 51 -21.19 8.02 -2.44
C MET A 51 -21.71 7.29 -3.68
N LYS A 52 -21.11 6.14 -3.98
CA LYS A 52 -21.59 5.29 -5.07
C LYS A 52 -23.01 4.84 -4.80
N ASP A 53 -23.24 4.39 -3.56
CA ASP A 53 -24.55 3.95 -3.13
C ASP A 53 -25.58 5.07 -3.25
N VAL A 54 -25.18 6.28 -2.84
CA VAL A 54 -26.04 7.45 -2.96
C VAL A 54 -26.45 7.66 -4.41
N TYR A 55 -25.50 7.49 -5.31
CA TYR A 55 -25.74 7.68 -6.75
C TYR A 55 -26.67 6.59 -7.29
N GLU A 56 -26.66 5.42 -6.66
CA GLU A 56 -27.49 4.31 -7.09
C GLU A 56 -28.93 4.46 -6.59
N LYS A 57 -29.07 4.99 -5.40
CA LYS A 57 -30.38 5.21 -4.81
C LYS A 57 -30.97 6.52 -5.31
N ASN A 58 -30.18 7.57 -5.27
CA ASN A 58 -30.61 8.88 -5.77
C ASN A 58 -29.60 9.41 -6.79
N PRO A 59 -29.76 9.02 -8.07
CA PRO A 59 -28.87 9.43 -9.17
C PRO A 59 -28.81 10.94 -9.36
N GLN A 60 -29.63 11.68 -8.61
CA GLN A 60 -29.63 13.13 -8.64
C GLN A 60 -28.25 13.68 -8.29
N MET A 61 -27.55 12.97 -7.42
CA MET A 61 -26.26 13.42 -6.93
C MET A 61 -25.15 13.10 -7.93
N GLY A 62 -25.49 12.33 -8.95
CA GLY A 62 -24.53 11.98 -9.97
C GLY A 62 -24.70 10.56 -10.46
N ASP A 63 -23.93 10.20 -11.49
CA ASP A 63 -23.95 8.85 -12.03
C ASP A 63 -22.71 8.10 -11.56
N PRO A 64 -22.89 6.88 -11.01
CA PRO A 64 -21.82 6.07 -10.43
C PRO A 64 -20.67 5.80 -11.39
N SER A 65 -20.97 5.76 -12.68
CA SER A 65 -19.95 5.46 -13.68
C SER A 65 -18.89 6.56 -13.71
N SER A 66 -19.32 7.78 -13.44
CA SER A 66 -18.43 8.93 -13.44
C SER A 66 -17.54 8.93 -12.20
N LEU A 67 -17.96 8.22 -11.17
CA LEU A 67 -17.23 8.19 -9.92
C LEU A 67 -16.39 6.91 -9.81
N HIS A 68 -16.66 5.95 -10.70
CA HIS A 68 -15.91 4.69 -10.72
C HIS A 68 -14.41 4.92 -10.83
N PRO A 69 -13.93 5.80 -11.75
CA PRO A 69 -12.50 6.14 -11.84
C PRO A 69 -11.93 6.61 -10.50
N LYS A 70 -12.76 7.26 -9.68
CA LYS A 70 -12.33 7.70 -8.37
C LYS A 70 -12.09 6.49 -7.47
N ILE A 71 -13.08 5.62 -7.37
CA ILE A 71 -12.94 4.40 -6.56
C ILE A 71 -11.79 3.54 -7.07
N ALA A 72 -11.63 3.52 -8.39
CA ALA A 72 -10.57 2.75 -9.03
C ALA A 72 -9.20 3.14 -8.50
N GLU A 73 -8.86 4.42 -8.64
CA GLU A 73 -7.54 4.90 -8.20
C GLU A 73 -7.42 4.83 -6.68
N THR A 74 -8.54 4.96 -6.00
CA THR A 74 -8.56 4.92 -4.55
C THR A 74 -8.38 3.48 -4.05
N THR A 75 -8.72 2.52 -4.90
CA THR A 75 -8.45 1.13 -4.57
C THR A 75 -7.01 0.79 -4.97
N SER A 76 -6.57 1.41 -6.07
CA SER A 76 -5.23 1.20 -6.59
C SER A 76 -4.18 1.65 -5.56
N ASN A 77 -4.41 2.79 -4.92
CA ASN A 77 -3.47 3.30 -3.94
C ASN A 77 -3.43 2.42 -2.70
N ILE A 78 -4.57 1.81 -2.37
CA ILE A 78 -4.67 0.92 -1.23
C ILE A 78 -3.90 -0.36 -1.46
N GLU A 79 -4.17 -1.00 -2.60
CA GLU A 79 -3.48 -2.23 -2.96
C GLU A 79 -1.97 -2.01 -3.00
N ARG A 80 -1.57 -0.88 -3.56
CA ARG A 80 -0.16 -0.52 -3.65
C ARG A 80 0.44 -0.38 -2.26
N LEU A 81 -0.15 0.47 -1.43
CA LEU A 81 0.38 0.74 -0.09
C LEU A 81 0.46 -0.54 0.75
N ARG A 82 -0.54 -1.41 0.61
CA ARG A 82 -0.56 -2.66 1.37
C ARG A 82 0.58 -3.58 0.94
N MET A 83 0.83 -3.66 -0.36
CA MET A 83 1.91 -4.52 -0.86
C MET A 83 3.27 -3.90 -0.53
N GLU A 84 3.31 -2.58 -0.41
CA GLU A 84 4.51 -1.88 0.03
C GLU A 84 4.85 -2.32 1.46
N ILE A 85 3.85 -2.34 2.32
CA ILE A 85 4.02 -2.82 3.68
C ILE A 85 4.45 -4.28 3.67
N HIS A 86 3.79 -5.08 2.84
CA HIS A 86 4.11 -6.49 2.69
C HIS A 86 5.57 -6.69 2.28
N LYS A 87 6.02 -5.87 1.34
CA LYS A 87 7.42 -5.89 0.91
C LYS A 87 8.35 -5.72 2.10
N ASN A 88 8.07 -4.71 2.91
CA ASN A 88 8.92 -4.39 4.05
C ASN A 88 8.86 -5.49 5.10
N GLU A 89 7.68 -6.06 5.31
CA GLU A 89 7.52 -7.16 6.27
C GLU A 89 8.30 -8.39 5.82
N ALA A 90 8.35 -8.60 4.51
CA ALA A 90 9.12 -9.69 3.94
C ALA A 90 10.60 -9.53 4.28
N TRP A 91 11.07 -8.29 4.24
CA TRP A 91 12.45 -7.99 4.58
C TRP A 91 12.65 -7.99 6.08
N LEU A 92 11.61 -7.61 6.83
CA LEU A 92 11.63 -7.70 8.29
C LEU A 92 11.89 -9.12 8.73
N SER A 93 11.21 -10.07 8.09
CA SER A 93 11.39 -11.48 8.36
C SER A 93 12.81 -11.92 8.04
N GLU A 94 13.39 -11.36 6.98
CA GLU A 94 14.77 -11.66 6.61
C GLU A 94 15.73 -11.10 7.66
N VAL A 95 15.35 -9.98 8.27
CA VAL A 95 16.11 -9.41 9.37
C VAL A 95 16.03 -10.32 10.59
N GLU A 96 14.83 -10.81 10.86
CA GLU A 96 14.60 -11.72 11.98
C GLU A 96 15.40 -13.00 11.80
N GLY A 97 15.47 -13.47 10.56
CA GLY A 97 16.18 -14.70 10.27
C GLY A 97 17.69 -14.59 10.42
N LYS A 98 18.16 -13.41 10.80
CA LYS A 98 19.59 -13.20 11.01
C LYS A 98 19.95 -13.30 12.49
N VAL A 99 18.94 -13.21 13.35
CA VAL A 99 19.17 -13.24 14.79
C VAL A 99 18.33 -14.32 15.48
N SER A 100 17.24 -14.73 14.83
CA SER A 100 16.35 -15.71 15.40
C SER A 100 16.11 -16.86 14.41
N GLN A 101 17.19 -17.47 13.96
CA GLN A 101 17.08 -18.56 13.00
C GLN A 101 16.95 -19.90 13.72
N ARG A 102 17.63 -20.02 14.85
CA ARG A 102 17.58 -21.24 15.65
C ARG A 102 16.48 -21.13 16.70
N SER A 103 16.08 -19.91 16.99
CA SER A 103 15.02 -19.65 17.95
C SER A 103 13.65 -19.85 17.29
N GLU A 104 13.42 -21.07 16.82
CA GLU A 104 12.16 -21.44 16.20
C GLU A 104 11.19 -21.98 17.25
N GLY A 1 15.18 -16.83 -22.85
CA GLY A 1 14.06 -16.96 -21.89
C GLY A 1 14.40 -16.33 -20.55
N PRO A 2 13.49 -16.43 -19.57
CA PRO A 2 13.68 -15.82 -18.25
C PRO A 2 14.59 -16.64 -17.34
N LEU A 3 15.87 -16.70 -17.68
CA LEU A 3 16.85 -17.38 -16.84
C LEU A 3 17.37 -16.43 -15.77
N GLY A 4 17.17 -15.14 -16.01
CA GLY A 4 17.58 -14.14 -15.05
C GLY A 4 16.42 -13.25 -14.66
N SER A 5 16.26 -12.14 -15.38
CA SER A 5 15.18 -11.20 -15.14
C SER A 5 15.22 -10.67 -13.71
N HIS A 6 16.32 -10.03 -13.36
CA HIS A 6 16.48 -9.50 -12.01
C HIS A 6 16.25 -8.00 -11.97
N MET A 7 15.38 -7.56 -11.07
CA MET A 7 15.16 -6.14 -10.86
C MET A 7 15.86 -5.69 -9.58
N LYS A 8 16.37 -6.67 -8.83
CA LYS A 8 17.09 -6.39 -7.61
C LYS A 8 18.51 -5.92 -7.91
N GLY A 9 19.07 -5.12 -7.01
CA GLY A 9 20.42 -4.63 -7.19
C GLY A 9 20.81 -3.69 -6.07
N PRO A 10 21.99 -3.07 -6.16
CA PRO A 10 22.46 -2.11 -5.16
C PRO A 10 21.56 -0.88 -5.10
N ALA A 11 21.18 -0.50 -3.88
CA ALA A 11 20.30 0.64 -3.65
C ALA A 11 18.96 0.46 -4.37
N LEU A 12 18.31 -0.67 -4.11
CA LEU A 12 17.01 -0.95 -4.70
C LEU A 12 15.95 -0.05 -4.07
N GLU A 13 15.46 0.90 -4.87
CA GLU A 13 14.50 1.90 -4.43
C GLU A 13 15.07 2.79 -3.33
N ASP A 14 15.20 2.25 -2.13
CA ASP A 14 15.68 3.03 -0.99
C ASP A 14 16.02 2.11 0.19
N PHE A 15 16.29 2.73 1.34
CA PHE A 15 16.66 2.07 2.58
C PHE A 15 17.86 1.14 2.44
N SER A 16 18.64 1.32 1.39
CA SER A 16 19.89 0.59 1.27
C SER A 16 21.01 1.38 1.93
N HIS A 17 20.68 2.62 2.34
CA HIS A 17 21.66 3.54 2.90
C HIS A 17 21.76 3.41 4.42
N LEU A 18 20.95 2.54 5.02
CA LEU A 18 21.06 2.25 6.44
C LEU A 18 21.38 0.78 6.67
N PRO A 19 21.91 0.42 7.85
CA PRO A 19 22.13 -0.98 8.22
C PRO A 19 20.81 -1.75 8.27
N PRO A 20 20.87 -3.05 7.88
CA PRO A 20 19.68 -3.93 7.83
C PRO A 20 18.88 -3.94 9.12
N GLU A 21 19.56 -3.72 10.25
CA GLU A 21 18.91 -3.69 11.55
C GLU A 21 17.94 -2.52 11.63
N GLN A 22 18.33 -1.39 11.08
CA GLN A 22 17.45 -0.23 11.01
C GLN A 22 16.47 -0.38 9.86
N ARG A 23 16.88 -1.10 8.82
CA ARG A 23 16.07 -1.27 7.63
C ARG A 23 14.72 -1.88 7.98
N ARG A 24 14.73 -3.01 8.70
CA ARG A 24 13.49 -3.66 9.08
C ARG A 24 12.61 -2.72 9.89
N LYS A 25 13.22 -1.88 10.72
CA LYS A 25 12.48 -0.94 11.55
C LYS A 25 11.85 0.15 10.68
N ARG A 26 12.65 0.70 9.77
CA ARG A 26 12.18 1.75 8.88
C ARG A 26 11.08 1.22 7.96
N LEU A 27 11.24 -0.02 7.53
CA LEU A 27 10.23 -0.70 6.72
C LEU A 27 8.93 -0.88 7.50
N GLN A 28 9.06 -1.21 8.78
CA GLN A 28 7.90 -1.33 9.65
C GLN A 28 7.22 0.04 9.81
N GLN A 29 8.03 1.08 9.91
CA GLN A 29 7.52 2.45 9.97
C GLN A 29 6.72 2.77 8.72
N ARG A 30 7.27 2.40 7.57
CA ARG A 30 6.62 2.62 6.29
C ARG A 30 5.32 1.82 6.19
N ILE A 31 5.39 0.54 6.53
CA ILE A 31 4.20 -0.31 6.49
C ILE A 31 3.13 0.21 7.45
N ASP A 32 3.57 0.66 8.63
CA ASP A 32 2.67 1.27 9.59
C ASP A 32 1.97 2.48 9.00
N GLU A 33 2.77 3.32 8.34
CA GLU A 33 2.26 4.51 7.67
C GLU A 33 1.28 4.13 6.56
N LEU A 34 1.74 3.25 5.68
CA LEU A 34 0.98 2.86 4.49
C LEU A 34 -0.29 2.11 4.85
N SER A 35 -0.23 1.21 5.83
CA SER A 35 -1.39 0.44 6.23
C SER A 35 -2.43 1.33 6.89
N ARG A 36 -1.97 2.29 7.68
CA ARG A 36 -2.86 3.23 8.34
C ARG A 36 -3.47 4.18 7.32
N GLU A 37 -2.67 4.53 6.31
CA GLU A 37 -3.14 5.36 5.21
C GLU A 37 -4.15 4.57 4.38
N LEU A 38 -3.78 3.33 4.09
CA LEU A 38 -4.65 2.41 3.34
C LEU A 38 -5.98 2.27 4.05
N GLN A 39 -5.93 2.12 5.36
CA GLN A 39 -7.14 2.00 6.18
C GLN A 39 -8.08 3.17 5.94
N LYS A 40 -7.51 4.37 5.87
CA LYS A 40 -8.30 5.58 5.67
C LYS A 40 -8.87 5.65 4.26
N GLU A 41 -8.06 5.30 3.27
CA GLU A 41 -8.46 5.38 1.87
C GLU A 41 -9.44 4.26 1.52
N MET A 42 -9.28 3.10 2.15
CA MET A 42 -10.23 2.00 1.98
C MET A 42 -11.58 2.36 2.57
N ASP A 43 -11.54 2.96 3.76
CA ASP A 43 -12.75 3.42 4.42
C ASP A 43 -13.41 4.52 3.62
N GLN A 44 -12.60 5.33 2.96
CA GLN A 44 -13.08 6.38 2.08
C GLN A 44 -13.93 5.77 0.95
N LYS A 45 -13.46 4.68 0.37
CA LYS A 45 -14.19 4.00 -0.69
C LYS A 45 -15.50 3.44 -0.15
N ASP A 46 -15.46 2.94 1.07
CA ASP A 46 -16.68 2.42 1.71
C ASP A 46 -17.71 3.53 1.85
N ALA A 47 -17.26 4.69 2.31
CA ALA A 47 -18.12 5.85 2.42
C ALA A 47 -18.64 6.27 1.06
N LEU A 48 -17.78 6.22 0.06
CA LEU A 48 -18.15 6.56 -1.31
C LEU A 48 -19.15 5.56 -1.88
N ASN A 49 -18.94 4.28 -1.58
CA ASN A 49 -19.86 3.23 -2.02
C ASN A 49 -21.25 3.47 -1.46
N LYS A 50 -21.31 3.77 -0.16
CA LYS A 50 -22.57 4.06 0.50
C LYS A 50 -23.18 5.33 -0.10
N MET A 51 -22.34 6.32 -0.32
CA MET A 51 -22.76 7.60 -0.91
C MET A 51 -23.40 7.35 -2.28
N LYS A 52 -22.71 6.60 -3.12
CA LYS A 52 -23.21 6.27 -4.45
C LYS A 52 -24.52 5.50 -4.34
N ASP A 53 -24.56 4.56 -3.41
CA ASP A 53 -25.76 3.75 -3.17
C ASP A 53 -26.97 4.62 -2.88
N VAL A 54 -26.77 5.63 -2.03
CA VAL A 54 -27.85 6.55 -1.69
C VAL A 54 -28.24 7.38 -2.91
N TYR A 55 -27.24 7.86 -3.66
CA TYR A 55 -27.48 8.66 -4.85
C TYR A 55 -28.25 7.89 -5.92
N GLU A 56 -27.95 6.60 -6.06
CA GLU A 56 -28.63 5.76 -7.05
C GLU A 56 -30.10 5.60 -6.72
N LYS A 57 -30.38 5.36 -5.45
CA LYS A 57 -31.75 5.15 -5.01
C LYS A 57 -32.47 6.47 -4.83
N ASN A 58 -31.72 7.51 -4.52
CA ASN A 58 -32.30 8.83 -4.30
C ASN A 58 -31.56 9.90 -5.09
N PRO A 59 -31.94 10.08 -6.38
CA PRO A 59 -31.44 11.18 -7.22
C PRO A 59 -31.66 12.56 -6.58
N GLN A 60 -32.37 12.58 -5.46
CA GLN A 60 -32.60 13.80 -4.68
C GLN A 60 -31.28 14.44 -4.30
N MET A 61 -30.27 13.63 -3.99
CA MET A 61 -28.96 14.12 -3.58
C MET A 61 -28.14 14.61 -4.77
N GLY A 62 -28.55 14.21 -5.96
CA GLY A 62 -27.83 14.60 -7.15
C GLY A 62 -27.63 13.44 -8.11
N ASP A 63 -26.42 13.32 -8.62
CA ASP A 63 -26.10 12.26 -9.58
C ASP A 63 -24.94 11.42 -9.08
N PRO A 64 -25.13 10.09 -9.01
CA PRO A 64 -24.06 9.17 -8.61
C PRO A 64 -22.93 9.16 -9.64
N SER A 65 -23.24 9.68 -10.82
CA SER A 65 -22.26 9.79 -11.90
C SER A 65 -21.11 10.74 -11.51
N SER A 66 -21.46 11.80 -10.80
CA SER A 66 -20.48 12.79 -10.38
C SER A 66 -19.58 12.22 -9.28
N LEU A 67 -20.00 11.09 -8.71
CA LEU A 67 -19.25 10.46 -7.64
C LEU A 67 -18.22 9.49 -8.20
N HIS A 68 -18.40 9.12 -9.47
CA HIS A 68 -17.53 8.12 -10.10
C HIS A 68 -16.06 8.52 -10.06
N PRO A 69 -15.69 9.76 -10.49
CA PRO A 69 -14.30 10.22 -10.45
C PRO A 69 -13.71 10.14 -9.04
N LYS A 70 -14.54 10.41 -8.03
CA LYS A 70 -14.10 10.36 -6.65
C LYS A 70 -13.76 8.93 -6.24
N ILE A 71 -14.56 7.98 -6.71
CA ILE A 71 -14.32 6.58 -6.38
C ILE A 71 -13.13 6.05 -7.18
N ALA A 72 -12.98 6.57 -8.40
CA ALA A 72 -11.87 6.20 -9.27
C ALA A 72 -10.53 6.45 -8.59
N GLU A 73 -10.32 7.69 -8.14
CA GLU A 73 -9.08 8.07 -7.47
C GLU A 73 -8.91 7.29 -6.17
N THR A 74 -10.03 6.97 -5.54
CA THR A 74 -10.02 6.29 -4.25
C THR A 74 -9.64 4.81 -4.43
N THR A 75 -9.92 4.25 -5.60
CA THR A 75 -9.47 2.89 -5.90
C THR A 75 -7.99 2.90 -6.29
N SER A 76 -7.56 3.99 -6.91
CA SER A 76 -6.18 4.12 -7.37
C SER A 76 -5.21 4.20 -6.19
N ASN A 77 -5.60 4.91 -5.13
CA ASN A 77 -4.73 5.10 -3.98
C ASN A 77 -4.54 3.80 -3.22
N ILE A 78 -5.57 2.96 -3.24
CA ILE A 78 -5.53 1.67 -2.57
C ILE A 78 -4.48 0.77 -3.20
N GLU A 79 -4.54 0.61 -4.51
CA GLU A 79 -3.58 -0.21 -5.24
C GLU A 79 -2.17 0.36 -5.11
N ARG A 80 -2.08 1.70 -5.11
CA ARG A 80 -0.80 2.38 -4.96
C ARG A 80 -0.14 2.02 -3.62
N LEU A 81 -0.90 2.14 -2.55
CA LEU A 81 -0.38 1.87 -1.22
C LEU A 81 -0.02 0.39 -1.07
N ARG A 82 -0.84 -0.48 -1.68
CA ARG A 82 -0.60 -1.91 -1.60
C ARG A 82 0.74 -2.30 -2.20
N MET A 83 1.09 -1.71 -3.35
CA MET A 83 2.35 -2.05 -4.00
C MET A 83 3.53 -1.51 -3.20
N GLU A 84 3.32 -0.38 -2.53
CA GLU A 84 4.34 0.17 -1.64
C GLU A 84 4.58 -0.76 -0.46
N ILE A 85 3.49 -1.30 0.08
CA ILE A 85 3.59 -2.29 1.15
C ILE A 85 4.34 -3.52 0.65
N HIS A 86 3.96 -3.99 -0.54
CA HIS A 86 4.60 -5.15 -1.17
C HIS A 86 6.10 -4.96 -1.28
N LYS A 87 6.52 -3.75 -1.67
CA LYS A 87 7.94 -3.44 -1.80
C LYS A 87 8.64 -3.56 -0.46
N ASN A 88 8.03 -3.03 0.59
CA ASN A 88 8.59 -3.11 1.94
C ASN A 88 8.65 -4.55 2.41
N GLU A 89 7.62 -5.33 2.10
CA GLU A 89 7.57 -6.74 2.47
C GLU A 89 8.71 -7.51 1.83
N ALA A 90 9.01 -7.16 0.57
CA ALA A 90 10.09 -7.80 -0.17
C ALA A 90 11.44 -7.57 0.50
N TRP A 91 11.69 -6.32 0.87
CA TRP A 91 12.94 -5.96 1.52
C TRP A 91 13.03 -6.58 2.91
N LEU A 92 11.89 -6.64 3.59
CA LEU A 92 11.82 -7.26 4.92
C LEU A 92 12.29 -8.71 4.86
N SER A 93 11.89 -9.41 3.79
CA SER A 93 12.28 -10.80 3.63
C SER A 93 13.79 -10.94 3.55
N GLU A 94 14.45 -9.92 2.98
CA GLU A 94 15.91 -9.94 2.85
C GLU A 94 16.57 -9.63 4.19
N VAL A 95 15.89 -8.84 5.02
CA VAL A 95 16.42 -8.47 6.33
C VAL A 95 16.16 -9.59 7.33
N GLU A 96 14.93 -10.07 7.37
CA GLU A 96 14.53 -11.11 8.31
C GLU A 96 15.14 -12.46 7.94
N GLY A 97 15.53 -12.59 6.67
CA GLY A 97 16.09 -13.83 6.18
C GLY A 97 17.41 -14.20 6.84
N LYS A 98 18.19 -13.20 7.22
CA LYS A 98 19.50 -13.45 7.82
C LYS A 98 19.39 -13.82 9.30
N VAL A 99 18.19 -13.65 9.86
CA VAL A 99 17.98 -13.92 11.27
C VAL A 99 16.85 -14.95 11.46
N SER A 100 16.72 -15.81 10.46
CA SER A 100 15.72 -16.88 10.50
C SER A 100 16.10 -17.90 11.57
N GLN A 101 17.40 -18.14 11.72
CA GLN A 101 17.90 -19.06 12.72
C GLN A 101 18.24 -18.31 13.99
N ARG A 102 17.46 -18.56 15.04
CA ARG A 102 17.65 -17.88 16.32
C ARG A 102 16.89 -18.61 17.43
N SER A 103 17.07 -18.16 18.65
CA SER A 103 16.39 -18.74 19.79
C SER A 103 16.30 -17.70 20.92
N GLU A 104 15.09 -17.40 21.35
CA GLU A 104 14.89 -16.42 22.41
C GLU A 104 15.10 -17.07 23.77
#